data_8K3Y
#
_entry.id   8K3Y
#
_cell.length_a   1.00
_cell.length_b   1.00
_cell.length_c   1.00
_cell.angle_alpha   90.00
_cell.angle_beta   90.00
_cell.angle_gamma   90.00
#
_symmetry.space_group_name_H-M   'P 1'
#
loop_
_entity.id
_entity.type
_entity.pdbx_description
1 polymer 'Lon protease'
2 polymer 'Lon protease'
3 non-polymer "ADENOSINE-5'-DIPHOSPHATE"
#
loop_
_entity_poly.entity_id
_entity_poly.type
_entity_poly.pdbx_seq_one_letter_code
_entity_poly.pdbx_strand_id
1 'polypeptide(L)'
;MRLELPVIPLRNTVILPHTTTPVDVGRAKSKRAVEEAMGADRLIFLVAQRDPEVDDPAPDDLYTWGVQAVVKQAMRLPDG
TLQVMVEARARAQVTDYIPGPYLRARGEVFSEIFPIDEAVVRVLVEELKEAFEKYVANHKSLRLDRYQLEAVKGTSDPAM
LADTIAYHATWTVAEKQEILELTDLEARLKKVLGLLSRDLERFELDKRVAQRVKEQMDTNQRESYLREQMKAIQKELGGE
DGLSDLEALRKKIEEVGMPEAVKTKALKELDRLERMQQGSPEATVARTYLDWLTEVPWSKADPEVLDINHTRQVLDEDHY
GLKDVKERILEYLAVRQLTQGLDVRNKAPILVLVGPPGVGKTSLGRSIARSMNRKFHRISLGGVRDEAEIRGHRRTYIGA
MPGKLIHAMKQVGVINPVILLDEIDKMSSDWRGDPASAMLEVLDPEQNNTFTDHYLDVPYDLSKVFFITTANTLQTIPRP
LLDRMEVIEIPGYTNMEKQAIARQYLWPKQVRESGMEGRIEVTDAAILRVISEYTREAGVRGLERELGKIARKGAKFWLE
GAWEGLRTIDASDIPTYLGIPRYRPDKAETEPQVGTAQGLAWTPVGGTLLTIEVAAVPGSGKLSLTGQLGEVMKESAQAA
LTYLRAHTQDYGLPEDFYNKVDLHVHVPDGATPKDGPSAGITMATAIASALSRRPARMDIAMTGEVSLRGKVMPIGGVKE
KLLAAHQAGIHKIVLPKDNEAQLEELPKEVLEGLEIKLVEDVGEVLEYLLLPEPTMPPVVQPSDNRQQPGAGAHHHHHH
;
A,B,C,D,E
2 'polypeptide(L)'
;HHHHHHSSGENLYFQGHMGLSDLEALRKKIEEVGMPEAVKTKALKELDRLERMQQGSPEATVARTYLDWLTEVPWSKADP
EVLDINHTRQVLDEDHYGLKDVKERILEYLAVRQLTQGLDVRNKAPILVLVGPPGVGKTSLGRSIARSMNRKFHRISLGG
VRDEAEIRGHRRTYIGAMPGKLIHAMKQVGVINPVILLDEIDKMSSDWRGDPASAMLEVLDPEQNNTFTDHYLDVPYDLS
KVFFITTANTLQTIPRPLLDRMEVIEIPGYTNMEKQAIARQYLWPKQVRESGMEGRIEVTDAAILRVISEYTREAGVRGL
ERELGKIARKGAKFWLEGAWEGLRTIDASDIPTYLGIPRYRPDKAETEPQVGTAQGLAWTPVGGTLLTIKVAAVPGSGKL
SLTGQLGEVMKESAQAALTYLRAHTQDYGLPEDFYNKVDLHVHVPDGATPKDGPSAGITMATAIASALSRRPARMDIAMT
GEVSLRGKVMPIGGVKEKLLAAHQAGIHKIVLPKDNEAQLEELPKEVLEGLEIKLVEDVGEVLEYLLLPEPTMPPVVQPS
DNRQQPGAGA
;
F
#
loop_
_chem_comp.id
_chem_comp.type
_chem_comp.name
_chem_comp.formula
ADP non-polymer ADENOSINE-5'-DIPHOSPHATE 'C10 H15 N5 O10 P2'
#
# COMPACT_ATOMS: atom_id res chain seq x y z
N ARG A 2 -15.22 1.50 88.34
CA ARG A 2 -14.03 2.33 88.30
C ARG A 2 -12.79 1.43 88.31
N LEU A 3 -12.16 1.29 89.48
CA LEU A 3 -11.09 0.33 89.75
C LEU A 3 -9.89 0.52 88.83
N GLU A 4 -9.20 1.65 89.04
CA GLU A 4 -7.92 1.90 88.38
C GLU A 4 -6.93 0.81 88.75
N LEU A 5 -6.30 0.23 87.74
CA LEU A 5 -5.48 -0.96 87.87
C LEU A 5 -4.18 -0.79 87.10
N PRO A 6 -3.14 -1.57 87.43
CA PRO A 6 -1.97 -1.64 86.56
C PRO A 6 -2.34 -2.24 85.20
N VAL A 7 -2.33 -1.39 84.18
CA VAL A 7 -2.88 -1.73 82.88
C VAL A 7 -1.87 -2.56 82.09
N ILE A 8 -2.33 -3.69 81.58
CA ILE A 8 -1.47 -4.64 80.87
C ILE A 8 -1.57 -4.32 79.39
N PRO A 9 -0.49 -3.91 78.73
CA PRO A 9 -0.54 -3.70 77.28
C PRO A 9 -0.61 -5.03 76.55
N LEU A 10 -1.56 -5.14 75.63
CA LEU A 10 -1.80 -6.37 74.88
C LEU A 10 -1.56 -6.13 73.41
N ARG A 11 -0.68 -6.94 72.81
CA ARG A 11 -0.41 -6.83 71.39
C ARG A 11 -0.47 -8.18 70.68
N ASN A 12 -0.60 -9.29 71.40
CA ASN A 12 -0.58 -10.61 70.79
C ASN A 12 -1.59 -11.57 71.41
N THR A 13 -2.58 -11.06 72.13
CA THR A 13 -3.52 -11.94 72.83
C THR A 13 -4.94 -11.41 72.70
N VAL A 14 -5.88 -12.36 72.66
CA VAL A 14 -7.31 -12.08 72.63
C VAL A 14 -7.97 -13.03 73.63
N ILE A 15 -8.72 -12.47 74.57
CA ILE A 15 -9.31 -13.24 75.65
C ILE A 15 -10.75 -13.60 75.29
N LEU A 16 -11.34 -14.51 76.06
CA LEU A 16 -12.72 -14.89 75.87
C LEU A 16 -13.49 -14.75 77.18
N PRO A 17 -14.61 -14.02 77.18
CA PRO A 17 -15.43 -13.97 78.40
C PRO A 17 -16.14 -15.28 78.66
N HIS A 18 -16.38 -15.55 79.95
CA HIS A 18 -16.99 -16.78 80.47
C HIS A 18 -16.21 -18.04 80.08
N THR A 19 -14.90 -17.89 79.89
CA THR A 19 -14.01 -19.00 79.53
C THR A 19 -12.62 -18.65 80.05
N THR A 20 -11.94 -19.64 80.64
CA THR A 20 -10.59 -19.43 81.12
C THR A 20 -9.64 -19.27 79.94
N THR A 21 -8.91 -18.14 79.91
CA THR A 21 -8.06 -17.79 78.78
C THR A 21 -6.75 -17.21 79.29
N PRO A 22 -5.60 -17.69 78.80
CA PRO A 22 -4.33 -17.06 79.14
C PRO A 22 -4.16 -15.70 78.46
N VAL A 23 -3.28 -14.88 79.05
CA VAL A 23 -2.92 -13.58 78.51
C VAL A 23 -1.45 -13.62 78.14
N ASP A 24 -1.15 -13.30 76.89
CA ASP A 24 0.22 -13.34 76.38
C ASP A 24 0.86 -11.96 76.48
N VAL A 25 2.06 -11.92 77.07
CA VAL A 25 2.89 -10.72 77.11
C VAL A 25 4.28 -11.13 76.64
N GLY A 26 4.75 -10.51 75.57
CA GLY A 26 6.05 -10.82 75.01
C GLY A 26 7.14 -9.81 75.31
N ARG A 27 6.92 -8.90 76.24
CA ARG A 27 7.88 -7.84 76.55
C ARG A 27 8.37 -7.99 77.98
N ALA A 28 9.63 -7.59 78.19
CA ALA A 28 10.24 -7.72 79.51
C ALA A 28 9.70 -6.70 80.50
N LYS A 29 9.31 -5.52 80.03
CA LYS A 29 8.90 -4.44 80.91
C LYS A 29 7.39 -4.29 81.01
N SER A 30 6.62 -5.20 80.42
CA SER A 30 5.17 -5.21 80.59
C SER A 30 4.71 -6.21 81.65
N LYS A 31 5.59 -7.11 82.09
CA LYS A 31 5.23 -8.09 83.12
C LYS A 31 5.29 -7.52 84.52
N ARG A 32 5.95 -6.37 84.71
CA ARG A 32 5.93 -5.72 86.02
C ARG A 32 4.54 -5.19 86.35
N ALA A 33 3.83 -4.72 85.33
CA ALA A 33 2.42 -4.35 85.51
C ALA A 33 1.56 -5.56 85.82
N VAL A 34 1.94 -6.74 85.32
CA VAL A 34 1.21 -7.97 85.67
C VAL A 34 1.49 -8.34 87.13
N GLU A 35 2.73 -8.20 87.57
CA GLU A 35 3.10 -8.49 88.95
C GLU A 35 2.44 -7.51 89.92
N GLU A 36 2.27 -6.25 89.50
CA GLU A 36 1.51 -5.31 90.31
C GLU A 36 0.01 -5.55 90.21
N ALA A 37 -0.44 -6.18 89.11
CA ALA A 37 -1.88 -6.39 88.92
C ALA A 37 -2.43 -7.49 89.82
N MET A 38 -1.69 -8.60 89.96
CA MET A 38 -2.15 -9.68 90.83
C MET A 38 -2.00 -9.30 92.30
N GLY A 39 -1.08 -8.39 92.61
CA GLY A 39 -0.92 -7.89 93.97
C GLY A 39 -2.08 -7.04 94.46
N ALA A 40 -2.98 -6.63 93.57
CA ALA A 40 -4.21 -5.94 93.95
C ALA A 40 -5.40 -6.89 94.07
N ASP A 41 -5.14 -8.13 94.52
CA ASP A 41 -6.14 -9.17 94.78
C ASP A 41 -6.93 -9.54 93.52
N ARG A 42 -6.18 -10.06 92.53
CA ARG A 42 -6.71 -10.74 91.34
C ARG A 42 -7.59 -9.82 90.49
N LEU A 43 -7.17 -8.57 90.33
CA LEU A 43 -7.91 -7.60 89.53
C LEU A 43 -6.99 -7.09 88.43
N ILE A 44 -7.36 -7.36 87.18
CA ILE A 44 -6.54 -7.02 86.01
C ILE A 44 -7.39 -6.24 85.02
N PHE A 45 -6.88 -5.08 84.60
CA PHE A 45 -7.49 -4.30 83.53
C PHE A 45 -6.67 -4.51 82.27
N LEU A 46 -7.29 -5.06 81.24
CA LEU A 46 -6.62 -5.39 79.99
C LEU A 46 -6.99 -4.36 78.92
N VAL A 47 -6.00 -3.61 78.47
CA VAL A 47 -6.15 -2.68 77.35
C VAL A 47 -5.17 -3.11 76.27
N ALA A 48 -5.68 -3.30 75.06
CA ALA A 48 -4.84 -3.73 73.96
C ALA A 48 -4.33 -2.51 73.17
N GLN A 49 -3.62 -2.78 72.09
CA GLN A 49 -2.97 -1.71 71.35
C GLN A 49 -2.80 -2.10 69.88
N ARG A 50 -2.70 -1.06 69.04
CA ARG A 50 -2.32 -1.21 67.64
C ARG A 50 -1.26 -0.19 67.24
N ASP A 51 -0.77 0.60 68.18
CA ASP A 51 0.23 1.64 67.96
C ASP A 51 1.62 0.99 67.90
N PRO A 52 2.70 1.80 67.69
CA PRO A 52 4.05 1.31 68.01
C PRO A 52 4.17 0.72 69.41
N GLU A 53 4.44 -0.59 69.45
CA GLU A 53 4.32 -1.37 70.67
C GLU A 53 5.58 -1.22 71.51
N VAL A 54 5.45 -0.54 72.65
CA VAL A 54 6.54 -0.37 73.58
C VAL A 54 6.36 -1.33 74.74
N ASP A 55 7.47 -1.67 75.40
CA ASP A 55 7.42 -2.60 76.52
C ASP A 55 6.77 -1.97 77.75
N ASP A 56 6.92 -0.66 77.92
CA ASP A 56 6.24 0.02 79.00
C ASP A 56 4.76 0.22 78.66
N PRO A 57 3.89 0.25 79.65
CA PRO A 57 2.49 0.63 79.40
C PRO A 57 2.38 2.12 79.14
N ALA A 58 2.10 2.50 77.89
CA ALA A 58 1.99 3.89 77.51
C ALA A 58 0.58 4.19 77.01
N PRO A 59 -0.07 5.25 77.52
CA PRO A 59 -1.49 5.46 77.17
C PRO A 59 -1.69 5.97 75.75
N ASP A 60 -0.75 6.74 75.21
CA ASP A 60 -0.83 7.14 73.81
C ASP A 60 -0.50 5.98 72.88
N ASP A 61 0.24 4.98 73.35
CA ASP A 61 0.55 3.81 72.57
C ASP A 61 -0.45 2.67 72.75
N LEU A 62 -1.51 2.90 73.52
CA LEU A 62 -2.54 1.90 73.76
C LEU A 62 -3.84 2.33 73.09
N TYR A 63 -4.91 1.56 73.33
CA TYR A 63 -6.20 1.85 72.76
C TYR A 63 -6.91 2.96 73.55
N THR A 64 -8.08 3.34 73.04
CA THR A 64 -9.04 4.11 73.82
C THR A 64 -10.08 3.22 74.49
N TRP A 65 -9.98 1.90 74.29
CA TRP A 65 -10.93 0.94 74.83
C TRP A 65 -10.18 -0.14 75.59
N GLY A 66 -10.87 -0.80 76.53
CA GLY A 66 -10.26 -1.82 77.36
C GLY A 66 -11.26 -2.88 77.77
N VAL A 67 -10.77 -3.84 78.55
CA VAL A 67 -11.61 -4.92 79.05
C VAL A 67 -11.09 -5.34 80.43
N GLN A 68 -12.02 -5.60 81.34
CA GLN A 68 -11.63 -6.04 82.68
C GLN A 68 -11.34 -7.53 82.68
N ALA A 69 -10.69 -7.98 83.76
CA ALA A 69 -10.29 -9.39 83.87
C ALA A 69 -10.11 -9.74 85.34
N VAL A 70 -10.85 -10.74 85.81
CA VAL A 70 -10.64 -11.30 87.14
C VAL A 70 -9.87 -12.61 86.99
N VAL A 71 -9.24 -13.04 88.07
CA VAL A 71 -8.43 -14.25 88.08
C VAL A 71 -9.08 -15.24 89.03
N LYS A 72 -9.30 -16.46 88.55
CA LYS A 72 -9.88 -17.51 89.39
C LYS A 72 -8.82 -18.34 90.09
N GLN A 73 -7.62 -18.44 89.51
CA GLN A 73 -6.52 -19.20 90.08
C GLN A 73 -5.28 -18.30 90.03
N ALA A 74 -4.95 -17.68 91.15
CA ALA A 74 -3.90 -16.67 91.21
C ALA A 74 -2.54 -17.36 91.15
N MET A 75 -1.90 -17.31 89.98
CA MET A 75 -0.54 -17.81 89.82
C MET A 75 0.10 -17.04 88.68
N ARG A 76 1.18 -16.33 88.99
CA ARG A 76 1.89 -15.53 88.00
C ARG A 76 3.28 -16.12 87.77
N LEU A 77 3.85 -15.82 86.61
CA LEU A 77 5.17 -16.30 86.32
C LEU A 77 6.17 -15.15 86.25
N PRO A 78 7.37 -15.32 86.80
CA PRO A 78 8.40 -14.27 86.66
C PRO A 78 9.12 -14.29 85.32
N ASP A 79 8.87 -15.29 84.48
CA ASP A 79 9.60 -15.43 83.22
C ASP A 79 8.74 -16.21 82.23
N GLY A 80 9.09 -16.05 80.95
CA GLY A 80 8.42 -16.78 79.88
C GLY A 80 7.01 -16.29 79.64
N THR A 81 6.25 -17.12 78.91
CA THR A 81 4.84 -16.85 78.71
C THR A 81 4.08 -17.16 80.00
N LEU A 82 3.46 -16.14 80.57
CA LEU A 82 2.80 -16.29 81.87
C LEU A 82 1.51 -17.07 81.72
N GLN A 83 1.31 -18.05 82.59
CA GLN A 83 0.12 -18.89 82.61
C GLN A 83 -0.80 -18.38 83.71
N VAL A 84 -1.60 -17.36 83.39
CA VAL A 84 -2.61 -16.84 84.29
C VAL A 84 -3.95 -16.87 83.58
N MET A 85 -4.98 -17.34 84.28
CA MET A 85 -6.31 -17.48 83.70
C MET A 85 -7.13 -16.24 84.03
N VAL A 86 -7.63 -15.57 82.99
CA VAL A 86 -8.44 -14.37 83.16
C VAL A 86 -9.86 -14.66 82.70
N GLU A 87 -10.79 -13.84 83.19
CA GLU A 87 -12.19 -13.95 82.82
C GLU A 87 -12.72 -12.54 82.60
N ALA A 88 -13.13 -12.25 81.36
CA ALA A 88 -13.64 -10.92 81.03
C ALA A 88 -15.04 -10.73 81.59
N ARG A 89 -15.13 -10.14 82.79
CA ARG A 89 -16.44 -9.88 83.37
C ARG A 89 -17.15 -8.73 82.67
N ALA A 90 -16.41 -7.73 82.22
CA ALA A 90 -17.03 -6.56 81.61
C ALA A 90 -16.07 -5.90 80.63
N ARG A 91 -16.66 -5.12 79.73
CA ARG A 91 -15.96 -4.27 78.78
C ARG A 91 -15.85 -2.87 79.36
N ALA A 92 -14.80 -2.15 78.94
CA ALA A 92 -14.50 -0.85 79.52
C ALA A 92 -13.80 0.02 78.48
N GLN A 93 -13.24 1.14 78.93
CA GLN A 93 -12.51 2.04 78.05
C GLN A 93 -11.49 2.80 78.89
N VAL A 94 -10.61 3.52 78.20
CA VAL A 94 -9.54 4.30 78.83
C VAL A 94 -9.96 5.76 78.84
N THR A 95 -10.04 6.36 80.02
CA THR A 95 -10.34 7.78 80.17
C THR A 95 -9.23 8.52 80.89
N ASP A 96 -8.72 7.97 82.00
CA ASP A 96 -7.67 8.62 82.77
C ASP A 96 -6.34 8.42 82.07
N TYR A 97 -5.85 9.46 81.40
CA TYR A 97 -4.56 9.41 80.70
C TYR A 97 -3.44 9.67 81.70
N ILE A 98 -3.11 8.64 82.45
CA ILE A 98 -1.99 8.65 83.40
C ILE A 98 -0.86 7.83 82.77
N PRO A 99 0.28 8.43 82.46
CA PRO A 99 1.35 7.68 81.79
C PRO A 99 2.03 6.70 82.73
N GLY A 100 2.35 5.52 82.20
CA GLY A 100 3.01 4.50 82.96
C GLY A 100 4.44 4.28 82.52
N PRO A 101 5.14 3.29 83.12
CA PRO A 101 4.69 2.39 84.19
C PRO A 101 4.75 3.03 85.60
N TYR A 102 3.79 2.74 86.47
CA TYR A 102 2.65 1.87 86.19
C TYR A 102 1.46 2.68 85.70
N LEU A 103 0.88 2.27 84.58
CA LEU A 103 -0.26 2.99 84.01
C LEU A 103 -1.50 2.63 84.81
N ARG A 104 -2.23 3.64 85.26
CA ARG A 104 -3.43 3.46 86.07
C ARG A 104 -4.61 4.08 85.31
N ALA A 105 -5.41 3.22 84.69
CA ALA A 105 -6.59 3.64 83.96
C ALA A 105 -7.81 2.93 84.52
N ARG A 106 -8.93 3.66 84.60
CA ARG A 106 -10.14 3.11 85.18
C ARG A 106 -10.80 2.13 84.23
N GLY A 107 -11.44 1.11 84.80
CA GLY A 107 -12.30 0.23 84.04
C GLY A 107 -13.75 0.60 84.26
N GLU A 108 -14.66 -0.34 84.06
CA GLU A 108 -16.08 -0.11 84.30
C GLU A 108 -16.54 -0.96 85.48
N VAL A 109 -17.84 -0.91 85.76
CA VAL A 109 -18.43 -1.80 86.74
C VAL A 109 -18.36 -3.23 86.23
N PHE A 110 -18.26 -4.19 87.16
CA PHE A 110 -18.05 -5.59 86.80
C PHE A 110 -19.29 -6.27 86.23
N SER A 111 -20.43 -5.61 86.25
CA SER A 111 -21.60 -6.12 85.53
C SER A 111 -21.33 -6.10 84.04
N GLU A 112 -21.81 -7.14 83.35
CA GLU A 112 -21.68 -7.22 81.90
C GLU A 112 -22.48 -6.10 81.24
N ILE A 113 -21.87 -5.46 80.23
CA ILE A 113 -22.58 -4.41 79.52
C ILE A 113 -23.66 -5.03 78.65
N PHE A 114 -24.86 -4.53 78.80
CA PHE A 114 -26.01 -5.12 78.14
C PHE A 114 -26.40 -4.30 76.92
N PRO A 115 -26.94 -4.95 75.88
CA PRO A 115 -27.43 -4.21 74.72
C PRO A 115 -28.67 -3.39 75.06
N ILE A 116 -29.02 -2.51 74.13
CA ILE A 116 -30.11 -1.57 74.32
C ILE A 116 -31.33 -2.00 73.51
N ASP A 117 -31.15 -2.82 72.47
CA ASP A 117 -32.21 -3.31 71.59
C ASP A 117 -32.21 -4.83 71.56
N GLU A 118 -32.23 -5.43 72.76
CA GLU A 118 -31.80 -6.82 72.99
C GLU A 118 -32.61 -7.84 72.19
N ALA A 119 -33.88 -7.55 71.90
CA ALA A 119 -34.67 -8.42 71.03
C ALA A 119 -34.12 -8.43 69.61
N VAL A 120 -33.73 -7.27 69.09
CA VAL A 120 -33.11 -7.21 67.77
C VAL A 120 -31.65 -7.65 67.85
N VAL A 121 -31.00 -7.39 68.98
CA VAL A 121 -29.58 -7.71 69.16
C VAL A 121 -29.36 -9.22 69.19
N ARG A 122 -30.26 -9.99 69.81
CA ARG A 122 -30.09 -11.44 69.81
C ARG A 122 -30.32 -12.05 68.43
N VAL A 123 -31.21 -11.45 67.63
CA VAL A 123 -31.37 -11.89 66.24
C VAL A 123 -30.13 -11.53 65.42
N LEU A 124 -29.54 -10.37 65.71
CA LEU A 124 -28.31 -9.96 65.02
C LEU A 124 -27.15 -10.87 65.39
N VAL A 125 -27.10 -11.33 66.65
CA VAL A 125 -26.09 -12.28 67.08
C VAL A 125 -26.33 -13.65 66.46
N GLU A 126 -27.60 -14.05 66.30
CA GLU A 126 -27.89 -15.34 65.67
C GLU A 126 -27.52 -15.34 64.19
N GLU A 127 -27.80 -14.25 63.47
CA GLU A 127 -27.34 -14.19 62.09
C GLU A 127 -25.83 -13.98 61.99
N LEU A 128 -25.20 -13.42 63.02
CA LEU A 128 -23.74 -13.42 63.10
C LEU A 128 -23.21 -14.85 63.21
N LYS A 129 -23.89 -15.67 64.02
CA LYS A 129 -23.56 -17.10 64.13
C LYS A 129 -23.72 -17.79 62.79
N GLU A 130 -24.81 -17.48 62.06
CA GLU A 130 -25.02 -18.11 60.76
C GLU A 130 -24.01 -17.63 59.72
N ALA A 131 -23.60 -16.35 59.78
CA ALA A 131 -22.58 -15.83 58.87
C ALA A 131 -21.23 -16.49 59.11
N PHE A 132 -20.82 -16.63 60.37
CA PHE A 132 -19.59 -17.36 60.66
C PHE A 132 -19.75 -18.86 60.40
N GLU A 133 -20.97 -19.39 60.51
CA GLU A 133 -21.20 -20.82 60.24
C GLU A 133 -21.06 -21.12 58.75
N LYS A 134 -21.55 -20.23 57.89
CA LYS A 134 -21.25 -20.35 56.47
C LYS A 134 -19.80 -19.99 56.18
N TYR A 135 -19.16 -19.20 57.04
CA TYR A 135 -17.78 -18.81 56.79
C TYR A 135 -16.80 -19.94 57.06
N VAL A 136 -17.03 -20.73 58.11
CA VAL A 136 -16.03 -21.70 58.56
C VAL A 136 -15.78 -22.81 57.54
N ALA A 137 -16.76 -23.11 56.67
CA ALA A 137 -16.51 -24.02 55.56
C ALA A 137 -15.63 -23.36 54.51
N ASN A 138 -15.81 -22.06 54.29
CA ASN A 138 -14.93 -21.31 53.41
C ASN A 138 -13.60 -20.99 54.08
N HIS A 139 -13.57 -20.89 55.41
CA HIS A 139 -12.41 -20.48 56.19
C HIS A 139 -11.34 -21.58 56.29
N LYS A 140 -11.57 -22.76 55.71
CA LYS A 140 -10.80 -23.96 56.01
C LYS A 140 -9.32 -23.88 55.64
N SER A 141 -8.91 -22.90 54.82
CA SER A 141 -7.48 -22.63 54.65
C SER A 141 -6.87 -22.10 55.94
N LEU A 142 -7.59 -21.22 56.65
CA LEU A 142 -7.11 -20.62 57.88
C LEU A 142 -8.05 -20.92 59.04
N ARG A 143 -8.54 -22.16 59.10
CA ARG A 143 -9.68 -22.52 59.94
C ARG A 143 -9.37 -22.40 61.43
N LEU A 144 -10.30 -21.80 62.17
CA LEU A 144 -10.27 -21.78 63.62
C LEU A 144 -11.54 -22.45 64.16
N ASP A 145 -11.47 -22.86 65.43
CA ASP A 145 -12.44 -23.76 66.02
C ASP A 145 -13.76 -23.04 66.35
N ARG A 146 -14.77 -23.86 66.63
CA ARG A 146 -16.05 -23.42 67.18
C ARG A 146 -16.31 -24.02 68.55
N TYR A 147 -15.38 -24.81 69.08
CA TYR A 147 -15.62 -25.54 70.32
C TYR A 147 -15.68 -24.61 71.53
N GLN A 148 -14.91 -23.53 71.51
CA GLN A 148 -15.09 -22.49 72.51
C GLN A 148 -16.33 -21.66 72.22
N LEU A 149 -16.68 -21.51 70.93
CA LEU A 149 -17.89 -20.78 70.57
C LEU A 149 -19.14 -21.58 70.90
N GLU A 150 -19.17 -22.87 70.57
CA GLU A 150 -20.36 -23.67 70.84
C GLU A 150 -20.52 -23.98 72.31
N ALA A 151 -19.46 -23.84 73.11
CA ALA A 151 -19.59 -23.95 74.55
C ALA A 151 -20.19 -22.71 75.19
N VAL A 152 -20.27 -21.60 74.48
CA VAL A 152 -20.76 -20.35 75.05
C VAL A 152 -21.99 -19.83 74.31
N LYS A 153 -22.52 -20.58 73.33
CA LYS A 153 -23.68 -20.11 72.56
C LYS A 153 -24.95 -20.02 73.40
N GLY A 154 -25.03 -20.79 74.49
CA GLY A 154 -26.16 -20.68 75.39
C GLY A 154 -26.14 -19.50 76.33
N THR A 155 -25.04 -18.74 76.35
CA THR A 155 -24.96 -17.58 77.22
C THR A 155 -25.86 -16.47 76.70
N SER A 156 -26.60 -15.84 77.63
CA SER A 156 -27.55 -14.80 77.27
C SER A 156 -26.88 -13.48 76.91
N ASP A 157 -25.59 -13.31 77.17
CA ASP A 157 -24.91 -12.06 76.88
C ASP A 157 -24.52 -12.02 75.41
N PRO A 158 -24.99 -11.06 74.64
CA PRO A 158 -24.73 -11.05 73.19
C PRO A 158 -23.35 -10.52 72.81
N ALA A 159 -22.81 -9.63 73.67
CA ALA A 159 -21.52 -9.00 73.38
C ALA A 159 -20.38 -10.01 73.40
N MET A 160 -20.40 -10.93 74.36
CA MET A 160 -19.35 -11.94 74.42
C MET A 160 -19.49 -12.97 73.32
N LEU A 161 -20.72 -13.23 72.85
CA LEU A 161 -20.91 -14.02 71.64
C LEU A 161 -20.32 -13.32 70.41
N ALA A 162 -20.52 -12.01 70.30
CA ALA A 162 -19.91 -11.25 69.21
C ALA A 162 -18.39 -11.28 69.31
N ASP A 163 -17.85 -11.18 70.52
CA ASP A 163 -16.41 -11.22 70.73
C ASP A 163 -15.83 -12.59 70.37
N THR A 164 -16.54 -13.67 70.72
CA THR A 164 -16.04 -15.01 70.45
C THR A 164 -16.13 -15.34 68.96
N ILE A 165 -17.20 -14.89 68.29
CA ILE A 165 -17.32 -15.04 66.84
C ILE A 165 -16.23 -14.24 66.13
N ALA A 166 -15.95 -13.02 66.62
CA ALA A 166 -14.89 -12.21 66.04
C ALA A 166 -13.51 -12.82 66.25
N TYR A 167 -13.27 -13.44 67.40
CA TYR A 167 -11.99 -14.11 67.63
C TYR A 167 -11.85 -15.35 66.76
N HIS A 168 -12.92 -16.14 66.64
CA HIS A 168 -12.84 -17.40 65.90
C HIS A 168 -12.87 -17.22 64.40
N ALA A 169 -13.31 -16.08 63.91
CA ALA A 169 -13.21 -15.74 62.49
C ALA A 169 -11.96 -14.90 62.31
N THR A 170 -10.96 -15.48 61.66
CA THR A 170 -9.61 -14.93 61.67
C THR A 170 -9.52 -13.69 60.78
N TRP A 171 -9.17 -12.56 61.38
CA TRP A 171 -8.77 -11.34 60.69
C TRP A 171 -7.74 -10.67 61.58
N THR A 172 -7.56 -9.35 61.39
CA THR A 172 -6.57 -8.58 62.14
C THR A 172 -6.81 -8.65 63.64
N VAL A 173 -5.76 -9.02 64.38
CA VAL A 173 -5.85 -9.15 65.83
C VAL A 173 -6.04 -7.78 66.48
N ALA A 174 -5.54 -6.72 65.84
CA ALA A 174 -5.84 -5.37 66.29
C ALA A 174 -7.33 -5.05 66.11
N GLU A 175 -7.91 -5.46 64.98
CA GLU A 175 -9.34 -5.27 64.77
C GLU A 175 -10.15 -6.15 65.71
N LYS A 176 -9.65 -7.36 66.00
CA LYS A 176 -10.31 -8.24 66.97
C LYS A 176 -10.32 -7.63 68.36
N GLN A 177 -9.20 -7.01 68.76
CA GLN A 177 -9.12 -6.39 70.07
C GLN A 177 -9.90 -5.09 70.14
N GLU A 178 -9.98 -4.34 69.03
CA GLU A 178 -10.85 -3.18 68.97
C GLU A 178 -12.32 -3.57 69.08
N ILE A 179 -12.68 -4.71 68.47
CA ILE A 179 -14.04 -5.23 68.61
C ILE A 179 -14.30 -5.64 70.05
N LEU A 180 -13.36 -6.37 70.66
CA LEU A 180 -13.63 -7.02 71.93
C LEU A 180 -13.55 -6.03 73.09
N GLU A 181 -12.67 -5.05 73.03
CA GLU A 181 -12.55 -4.10 74.11
C GLU A 181 -13.54 -2.94 73.96
N LEU A 182 -14.25 -2.86 72.85
CA LEU A 182 -15.34 -1.90 72.71
C LEU A 182 -16.48 -2.28 73.65
N THR A 183 -17.05 -1.27 74.32
CA THR A 183 -18.11 -1.53 75.28
C THR A 183 -19.47 -1.60 74.60
N ASP A 184 -19.72 -0.72 73.64
CA ASP A 184 -21.00 -0.66 72.96
C ASP A 184 -21.18 -1.86 72.03
N LEU A 185 -22.42 -2.35 71.97
CA LEU A 185 -22.75 -3.46 71.08
C LEU A 185 -23.25 -3.01 69.73
N GLU A 186 -23.63 -1.72 69.59
CA GLU A 186 -24.18 -1.23 68.34
C GLU A 186 -23.11 -1.16 67.25
N ALA A 187 -21.91 -0.71 67.60
CA ALA A 187 -20.81 -0.70 66.64
C ALA A 187 -20.14 -2.06 66.56
N ARG A 188 -20.10 -2.81 67.69
CA ARG A 188 -19.42 -4.09 67.73
C ARG A 188 -20.05 -5.12 66.80
N LEU A 189 -21.39 -5.24 66.85
CA LEU A 189 -22.08 -6.28 66.08
C LEU A 189 -22.01 -6.01 64.59
N LYS A 190 -22.20 -4.75 64.18
CA LYS A 190 -22.03 -4.41 62.77
C LYS A 190 -20.57 -4.50 62.34
N LYS A 191 -19.61 -4.33 63.26
CA LYS A 191 -18.21 -4.53 62.89
C LYS A 191 -17.89 -6.00 62.66
N VAL A 192 -18.41 -6.89 63.52
CA VAL A 192 -18.17 -8.33 63.34
C VAL A 192 -18.88 -8.83 62.10
N LEU A 193 -20.11 -8.38 61.85
CA LEU A 193 -20.80 -8.76 60.61
C LEU A 193 -20.12 -8.13 59.39
N GLY A 194 -19.54 -6.95 59.55
CA GLY A 194 -18.82 -6.33 58.46
C GLY A 194 -17.55 -7.06 58.07
N LEU A 195 -16.81 -7.55 59.05
CA LEU A 195 -15.62 -8.33 58.73
C LEU A 195 -15.94 -9.77 58.37
N LEU A 196 -17.07 -10.31 58.86
CA LEU A 196 -17.58 -11.56 58.32
C LEU A 196 -18.10 -11.42 56.90
N SER A 197 -18.47 -10.22 56.47
CA SER A 197 -18.76 -10.01 55.06
C SER A 197 -17.52 -10.13 54.20
N ARG A 198 -16.44 -9.43 54.57
CA ARG A 198 -15.24 -9.44 53.74
C ARG A 198 -14.51 -10.77 53.82
N ASP A 199 -14.56 -11.46 54.96
CA ASP A 199 -13.92 -12.81 55.02
C ASP A 199 -14.68 -13.75 54.08
N LEU A 200 -15.98 -13.93 54.30
CA LEU A 200 -16.81 -14.71 53.38
C LEU A 200 -16.51 -14.37 51.93
N GLU A 201 -16.35 -13.08 51.63
CA GLU A 201 -16.12 -12.70 50.24
C GLU A 201 -14.70 -13.03 49.79
N ARG A 202 -13.70 -12.96 50.69
CA ARG A 202 -12.34 -13.34 50.29
C ARG A 202 -12.26 -14.84 50.07
N PHE A 203 -12.93 -15.64 50.89
CA PHE A 203 -12.80 -17.06 50.72
C PHE A 203 -13.73 -17.58 49.64
N GLU A 204 -14.79 -16.84 49.31
CA GLU A 204 -15.59 -17.18 48.14
C GLU A 204 -14.92 -16.76 46.84
N LEU A 205 -14.15 -15.67 46.84
CA LEU A 205 -13.29 -15.39 45.70
C LEU A 205 -12.23 -16.47 45.57
N ASP A 206 -11.73 -16.98 46.71
CA ASP A 206 -10.84 -18.13 46.68
C ASP A 206 -11.52 -19.37 46.12
N LYS A 207 -12.82 -19.55 46.41
CA LYS A 207 -13.58 -20.66 45.83
C LYS A 207 -13.69 -20.51 44.31
N ARG A 208 -14.06 -19.32 43.83
CA ARG A 208 -14.25 -19.17 42.38
C ARG A 208 -12.92 -19.19 41.64
N VAL A 209 -11.85 -18.69 42.24
CA VAL A 209 -10.53 -18.83 41.63
C VAL A 209 -10.04 -20.28 41.72
N ALA A 210 -10.46 -21.04 42.74
CA ALA A 210 -10.08 -22.44 42.82
C ALA A 210 -10.78 -23.27 41.74
N GLN A 211 -12.07 -23.03 41.52
CA GLN A 211 -12.73 -23.70 40.41
C GLN A 211 -12.25 -23.15 39.06
N ARG A 212 -11.78 -21.91 39.04
CA ARG A 212 -11.14 -21.38 37.84
C ARG A 212 -9.84 -22.12 37.53
N VAL A 213 -9.08 -22.44 38.57
CA VAL A 213 -7.89 -23.28 38.44
C VAL A 213 -8.27 -24.65 37.93
N LYS A 214 -9.35 -25.21 38.48
CA LYS A 214 -9.79 -26.55 38.11
C LYS A 214 -10.24 -26.62 36.65
N GLU A 215 -10.96 -25.61 36.18
CA GLU A 215 -11.31 -25.60 34.75
C GLU A 215 -10.12 -25.24 33.89
N GLN A 216 -9.21 -24.40 34.38
CA GLN A 216 -8.14 -23.89 33.55
C GLN A 216 -7.06 -24.93 33.31
N MET A 217 -6.80 -25.79 34.31
CA MET A 217 -5.85 -26.88 34.11
C MET A 217 -6.31 -27.86 33.04
N ASP A 218 -7.60 -28.21 33.05
CA ASP A 218 -8.13 -29.08 32.01
C ASP A 218 -8.24 -28.35 30.68
N THR A 219 -8.49 -27.04 30.71
CA THR A 219 -8.53 -26.23 29.50
C THR A 219 -7.18 -26.22 28.80
N ASN A 220 -6.11 -25.99 29.57
CA ASN A 220 -4.77 -26.00 28.99
C ASN A 220 -4.32 -27.40 28.62
N GLN A 221 -4.82 -28.43 29.32
CA GLN A 221 -4.53 -29.81 28.94
C GLN A 221 -5.13 -30.15 27.58
N ARG A 222 -6.42 -29.84 27.39
CA ARG A 222 -7.05 -30.09 26.09
C ARG A 222 -6.50 -29.19 25.01
N GLU A 223 -6.07 -27.97 25.37
CA GLU A 223 -5.44 -27.07 24.42
C GLU A 223 -4.10 -27.64 23.95
N SER A 224 -3.32 -28.21 24.87
CA SER A 224 -2.07 -28.88 24.50
C SER A 224 -2.34 -30.10 23.64
N TYR A 225 -3.42 -30.84 23.95
CA TYR A 225 -3.77 -32.02 23.15
C TYR A 225 -4.15 -31.65 21.72
N LEU A 226 -4.92 -30.58 21.54
CA LEU A 226 -5.26 -30.16 20.17
C LEU A 226 -4.07 -29.53 19.44
N ARG A 227 -3.18 -28.85 20.17
CA ARG A 227 -1.96 -28.33 19.54
C ARG A 227 -1.01 -29.46 19.13
N GLU A 228 -1.03 -30.58 19.86
CA GLU A 228 -0.27 -31.74 19.40
C GLU A 228 -0.96 -32.44 18.23
N GLN A 229 -2.29 -32.45 18.23
CA GLN A 229 -3.04 -33.10 17.15
C GLN A 229 -2.85 -32.38 15.83
N MET A 230 -2.81 -31.04 15.85
CA MET A 230 -2.61 -30.30 14.60
C MET A 230 -1.22 -30.52 14.02
N LYS A 231 -0.22 -30.78 14.87
CA LYS A 231 1.05 -31.27 14.37
C LYS A 231 0.91 -32.68 13.81
N ALA A 232 0.11 -33.52 14.46
CA ALA A 232 0.06 -34.93 14.11
C ALA A 232 -0.66 -35.18 12.78
N ILE A 233 -1.63 -34.35 12.42
CA ILE A 233 -2.57 -34.73 11.36
C ILE A 233 -2.36 -33.97 10.05
N GLN A 234 -1.87 -32.73 10.07
CA GLN A 234 -1.79 -31.95 8.84
C GLN A 234 -0.37 -31.82 8.30
N LYS A 235 0.63 -31.70 9.16
CA LYS A 235 2.01 -31.70 8.70
C LYS A 235 2.41 -33.09 8.20
N GLU A 236 1.88 -34.14 8.82
CA GLU A 236 2.17 -35.50 8.40
C GLU A 236 1.51 -35.82 7.06
N LEU A 237 0.22 -35.52 6.94
CA LEU A 237 -0.54 -35.90 5.76
C LEU A 237 -0.61 -34.74 4.77
N GLY A 238 -1.42 -34.91 3.72
CA GLY A 238 -1.47 -33.93 2.65
C GLY A 238 -2.65 -32.98 2.72
N GLY A 239 -2.98 -32.49 3.91
CA GLY A 239 -4.04 -31.52 4.04
C GLY A 239 -3.62 -30.13 3.61
N GLU A 240 -2.68 -29.54 4.35
CA GLU A 240 -2.21 -28.19 4.05
C GLU A 240 -0.83 -28.03 4.65
N ASP A 241 -0.12 -27.01 4.17
CA ASP A 241 1.21 -26.68 4.67
C ASP A 241 1.17 -25.61 5.76
N GLY A 242 0.30 -25.82 6.76
CA GLY A 242 0.23 -24.89 7.89
C GLY A 242 -0.34 -23.54 7.50
N LEU A 243 0.23 -22.49 8.08
CA LEU A 243 -0.08 -21.11 7.70
C LEU A 243 0.41 -20.87 6.27
N SER A 244 -0.51 -20.76 5.32
CA SER A 244 -0.12 -20.65 3.92
C SER A 244 -0.12 -19.22 3.42
N ASP A 245 0.02 -18.23 4.31
CA ASP A 245 0.33 -16.91 3.80
C ASP A 245 1.79 -16.83 3.40
N LEU A 246 2.69 -17.29 4.29
CA LEU A 246 4.10 -17.40 3.93
C LEU A 246 4.30 -18.49 2.88
N GLU A 247 3.55 -19.60 2.98
CA GLU A 247 3.65 -20.65 1.98
C GLU A 247 3.13 -20.18 0.63
N ALA A 248 2.12 -19.31 0.61
CA ALA A 248 1.72 -18.68 -0.65
C ALA A 248 2.78 -17.72 -1.17
N LEU A 249 3.34 -16.92 -0.27
CA LEU A 249 4.37 -15.94 -0.57
C LEU A 249 5.66 -16.59 -1.06
N ARG A 250 5.89 -17.87 -0.76
CA ARG A 250 7.04 -18.59 -1.26
C ARG A 250 6.71 -19.58 -2.36
N LYS A 251 5.48 -20.09 -2.43
CA LYS A 251 5.07 -20.94 -3.52
C LYS A 251 4.82 -20.14 -4.79
N LYS A 252 4.60 -18.84 -4.66
CA LYS A 252 4.67 -17.97 -5.83
C LYS A 252 6.09 -17.77 -6.31
N ILE A 253 7.09 -17.97 -5.43
CA ILE A 253 8.48 -17.89 -5.83
C ILE A 253 8.92 -19.19 -6.47
N GLU A 254 8.48 -20.33 -5.91
CA GLU A 254 8.97 -21.64 -6.31
C GLU A 254 8.45 -22.05 -7.68
N GLU A 255 7.24 -21.63 -8.03
CA GLU A 255 6.53 -22.20 -9.16
C GLU A 255 7.10 -21.79 -10.51
N VAL A 256 7.84 -20.70 -10.59
CA VAL A 256 8.05 -20.01 -11.86
C VAL A 256 9.39 -20.36 -12.53
N GLY A 257 10.48 -20.56 -11.79
CA GLY A 257 11.75 -20.85 -12.42
C GLY A 257 12.47 -19.67 -13.07
N MET A 258 12.41 -18.49 -12.45
CA MET A 258 13.17 -17.34 -12.93
C MET A 258 14.66 -17.53 -12.66
N PRO A 259 15.53 -16.76 -13.31
CA PRO A 259 16.92 -16.67 -12.85
C PRO A 259 16.99 -16.06 -11.46
N GLU A 260 18.01 -16.50 -10.71
CA GLU A 260 18.04 -16.28 -9.27
C GLU A 260 18.36 -14.85 -8.88
N ALA A 261 18.86 -14.04 -9.83
CA ALA A 261 19.02 -12.61 -9.57
C ALA A 261 17.67 -11.95 -9.32
N VAL A 262 16.68 -12.33 -10.13
CA VAL A 262 15.33 -11.83 -9.93
C VAL A 262 14.71 -12.42 -8.66
N LYS A 263 15.12 -13.63 -8.25
CA LYS A 263 14.72 -14.14 -6.94
C LYS A 263 15.28 -13.30 -5.81
N THR A 264 16.54 -12.88 -5.92
CA THR A 264 17.11 -12.01 -4.90
C THR A 264 16.45 -10.64 -4.90
N LYS A 265 16.06 -10.14 -6.08
CA LYS A 265 15.29 -8.90 -6.13
C LYS A 265 13.92 -9.06 -5.49
N ALA A 266 13.27 -10.20 -5.72
CA ALA A 266 11.97 -10.48 -5.12
C ALA A 266 12.07 -10.60 -3.61
N LEU A 267 13.12 -11.25 -3.11
CA LEU A 267 13.30 -11.35 -1.67
C LEU A 267 13.78 -10.03 -1.07
N LYS A 268 14.44 -9.18 -1.87
CA LYS A 268 14.77 -7.83 -1.43
C LYS A 268 13.53 -6.98 -1.25
N GLU A 269 12.62 -7.04 -2.22
CA GLU A 269 11.32 -6.38 -2.07
C GLU A 269 10.50 -7.00 -0.95
N LEU A 270 10.67 -8.31 -0.73
CA LEU A 270 10.07 -8.97 0.42
C LEU A 270 10.59 -8.40 1.73
N ASP A 271 11.90 -8.19 1.84
CA ASP A 271 12.48 -7.59 3.04
C ASP A 271 12.01 -6.16 3.25
N ARG A 272 11.88 -5.41 2.14
CA ARG A 272 11.32 -4.06 2.21
C ARG A 272 9.87 -4.08 2.70
N LEU A 273 9.09 -5.07 2.25
CA LEU A 273 7.71 -5.20 2.66
C LEU A 273 7.54 -5.98 3.96
N GLU A 274 8.62 -6.45 4.57
CA GLU A 274 8.58 -7.02 5.91
C GLU A 274 9.09 -6.07 6.97
N ARG A 275 9.93 -5.09 6.62
CA ARG A 275 10.28 -4.06 7.61
C ARG A 275 9.15 -3.05 7.82
N MET A 276 8.15 -3.04 6.93
CA MET A 276 6.94 -2.24 7.09
C MET A 276 5.72 -3.11 6.86
N GLN A 277 4.57 -2.66 7.39
CA GLN A 277 3.36 -3.48 7.45
C GLN A 277 2.41 -3.18 6.29
N GLN A 278 3.01 -2.93 5.11
CA GLN A 278 2.30 -2.82 3.82
C GLN A 278 1.32 -1.65 3.81
N GLY A 279 1.67 -0.57 4.51
CA GLY A 279 0.77 0.55 4.66
C GLY A 279 1.09 1.74 3.77
N SER A 280 2.28 1.73 3.17
CA SER A 280 2.64 2.78 2.24
C SER A 280 1.83 2.64 0.95
N PRO A 281 1.54 3.75 0.26
CA PRO A 281 0.96 3.64 -1.09
C PRO A 281 1.86 2.91 -2.07
N GLU A 282 3.17 3.07 -1.94
CA GLU A 282 4.12 2.29 -2.74
C GLU A 282 4.30 0.87 -2.23
N ALA A 283 3.83 0.56 -1.01
CA ALA A 283 3.95 -0.79 -0.48
C ALA A 283 3.04 -1.77 -1.21
N THR A 284 1.83 -1.34 -1.59
CA THR A 284 0.96 -2.23 -2.35
C THR A 284 1.42 -2.36 -3.80
N VAL A 285 2.01 -1.29 -4.35
CA VAL A 285 2.68 -1.41 -5.65
C VAL A 285 3.83 -2.39 -5.56
N ALA A 286 4.55 -2.40 -4.44
CA ALA A 286 5.62 -3.35 -4.22
C ALA A 286 5.08 -4.78 -4.07
N ARG A 287 3.92 -4.93 -3.42
CA ARG A 287 3.26 -6.23 -3.31
C ARG A 287 2.87 -6.77 -4.69
N THR A 288 2.16 -5.95 -5.47
CA THR A 288 1.66 -6.39 -6.76
C THR A 288 2.80 -6.52 -7.76
N TYR A 289 3.86 -5.74 -7.58
CA TYR A 289 5.05 -5.87 -8.40
C TYR A 289 5.87 -7.09 -8.03
N LEU A 290 5.90 -7.45 -6.74
CA LEU A 290 6.50 -8.70 -6.32
C LEU A 290 5.77 -9.88 -6.93
N ASP A 291 4.43 -9.80 -6.96
CA ASP A 291 3.61 -10.81 -7.64
C ASP A 291 3.90 -10.85 -9.13
N TRP A 292 3.97 -9.67 -9.77
CA TRP A 292 4.16 -9.55 -11.21
C TRP A 292 5.59 -9.73 -11.65
N LEU A 293 6.51 -9.89 -10.70
CA LEU A 293 7.83 -10.41 -10.94
C LEU A 293 7.90 -11.91 -10.71
N THR A 294 7.14 -12.44 -9.76
CA THR A 294 7.27 -13.84 -9.43
C THR A 294 6.27 -14.72 -10.16
N GLU A 295 5.31 -14.12 -10.87
CA GLU A 295 4.37 -14.89 -11.66
C GLU A 295 4.50 -14.65 -13.14
N VAL A 296 5.31 -13.68 -13.56
CA VAL A 296 5.61 -13.52 -14.98
C VAL A 296 6.46 -14.72 -15.44
N PRO A 297 6.06 -15.42 -16.50
CA PRO A 297 6.59 -16.78 -16.73
C PRO A 297 8.05 -16.82 -17.12
N TRP A 298 8.67 -18.00 -16.92
CA TRP A 298 10.09 -18.16 -17.18
C TRP A 298 10.40 -19.60 -17.54
N SER A 299 11.19 -19.76 -18.61
CA SER A 299 11.87 -21.01 -18.97
C SER A 299 10.91 -22.18 -19.18
N LYS A 300 9.74 -21.90 -19.76
CA LYS A 300 8.73 -22.92 -20.00
C LYS A 300 8.32 -22.89 -21.46
N ALA A 301 8.23 -24.08 -22.07
CA ALA A 301 8.09 -24.20 -23.51
C ALA A 301 6.84 -25.02 -23.86
N ASP A 302 6.50 -24.98 -25.15
CA ASP A 302 5.36 -25.70 -25.71
C ASP A 302 5.78 -26.44 -26.98
N PRO A 303 5.35 -27.72 -27.14
CA PRO A 303 5.85 -28.56 -28.25
C PRO A 303 5.44 -28.14 -29.65
N GLU A 304 5.87 -28.92 -30.64
CA GLU A 304 5.54 -28.68 -32.05
C GLU A 304 5.70 -29.96 -32.85
N VAL A 305 5.06 -29.99 -34.02
CA VAL A 305 5.24 -31.08 -34.98
C VAL A 305 5.87 -30.47 -36.23
N LEU A 306 6.50 -31.31 -37.04
CA LEU A 306 7.48 -30.85 -38.02
C LEU A 306 7.16 -31.29 -39.45
N ASP A 307 5.93 -31.07 -39.92
CA ASP A 307 5.50 -31.47 -41.25
C ASP A 307 5.17 -30.24 -42.09
N ILE A 308 5.58 -30.26 -43.36
CA ILE A 308 5.43 -29.12 -44.26
C ILE A 308 4.37 -29.37 -45.34
N ASN A 309 4.37 -30.57 -45.93
CA ASN A 309 3.37 -30.87 -46.95
C ASN A 309 2.00 -31.10 -46.35
N HIS A 310 1.94 -31.49 -45.07
CA HIS A 310 0.70 -31.39 -44.31
C HIS A 310 0.23 -29.95 -44.21
N THR A 311 1.16 -29.02 -43.96
CA THR A 311 0.80 -27.61 -43.91
C THR A 311 0.44 -27.09 -45.29
N ARG A 312 1.10 -27.60 -46.34
CA ARG A 312 0.74 -27.22 -47.70
C ARG A 312 -0.64 -27.75 -48.08
N GLN A 313 -0.98 -28.95 -47.60
CA GLN A 313 -2.32 -29.49 -47.82
C GLN A 313 -3.37 -28.72 -47.04
N VAL A 314 -3.00 -28.18 -45.87
CA VAL A 314 -3.85 -27.22 -45.18
C VAL A 314 -4.01 -25.96 -46.01
N LEU A 315 -2.92 -25.48 -46.61
CA LEU A 315 -2.90 -24.30 -47.45
C LEU A 315 -3.68 -24.48 -48.75
N ASP A 316 -3.96 -25.73 -49.14
CA ASP A 316 -4.90 -25.98 -50.23
C ASP A 316 -6.25 -25.34 -49.96
N GLU A 317 -6.76 -25.50 -48.73
CA GLU A 317 -7.99 -24.82 -48.36
C GLU A 317 -7.78 -23.34 -48.05
N ASP A 318 -6.59 -22.97 -47.59
CA ASP A 318 -6.32 -21.58 -47.29
C ASP A 318 -6.15 -20.80 -48.58
N HIS A 319 -6.31 -19.46 -48.46
CA HIS A 319 -6.16 -18.45 -49.53
C HIS A 319 -6.78 -18.90 -50.85
N TYR A 320 -8.07 -19.25 -50.77
CA TYR A 320 -8.69 -20.19 -51.70
C TYR A 320 -8.79 -19.62 -53.10
N GLY A 321 -8.09 -20.25 -54.03
CA GLY A 321 -7.96 -19.75 -55.38
C GLY A 321 -6.93 -18.66 -55.55
N LEU A 322 -6.01 -18.50 -54.59
CA LEU A 322 -4.91 -17.55 -54.71
C LEU A 322 -3.60 -18.29 -54.43
N LYS A 323 -3.44 -19.43 -55.09
CA LYS A 323 -2.56 -20.50 -54.61
C LYS A 323 -1.16 -20.43 -55.22
N ASP A 324 -0.67 -19.23 -55.53
CA ASP A 324 0.67 -19.10 -56.10
C ASP A 324 1.74 -19.40 -55.07
N VAL A 325 1.67 -18.75 -53.91
CA VAL A 325 2.75 -18.75 -52.96
C VAL A 325 2.52 -19.76 -51.84
N LYS A 326 1.55 -20.66 -52.01
CA LYS A 326 1.41 -21.80 -51.10
C LYS A 326 2.65 -22.67 -51.12
N GLU A 327 3.17 -22.93 -52.31
CA GLU A 327 4.43 -23.64 -52.43
C GLU A 327 5.60 -22.79 -52.01
N ARG A 328 5.50 -21.46 -52.11
CA ARG A 328 6.52 -20.59 -51.53
C ARG A 328 6.56 -20.72 -50.02
N ILE A 329 5.40 -20.88 -49.39
CA ILE A 329 5.33 -21.16 -47.97
C ILE A 329 5.89 -22.55 -47.67
N LEU A 330 5.64 -23.51 -48.58
CA LEU A 330 6.23 -24.85 -48.44
C LEU A 330 7.75 -24.79 -48.48
N GLU A 331 8.31 -23.99 -49.39
CA GLU A 331 9.76 -23.77 -49.46
C GLU A 331 10.28 -23.07 -48.22
N TYR A 332 9.54 -22.07 -47.73
CA TYR A 332 9.94 -21.31 -46.56
C TYR A 332 9.97 -22.19 -45.32
N LEU A 333 8.92 -22.96 -45.11
CA LEU A 333 8.87 -23.87 -43.98
C LEU A 333 9.75 -25.11 -44.18
N ALA A 334 10.21 -25.38 -45.40
CA ALA A 334 11.28 -26.34 -45.58
C ALA A 334 12.57 -25.86 -44.93
N VAL A 335 12.74 -24.55 -44.76
CA VAL A 335 13.84 -24.01 -43.99
C VAL A 335 13.44 -23.78 -42.53
N ARG A 336 12.17 -23.52 -42.25
CA ARG A 336 11.78 -23.04 -40.92
C ARG A 336 11.10 -24.10 -40.05
N GLN A 337 10.33 -25.02 -40.60
CA GLN A 337 9.67 -26.04 -39.78
C GLN A 337 10.64 -27.09 -39.25
N LEU A 338 11.87 -27.11 -39.75
CA LEU A 338 12.95 -27.80 -39.04
C LEU A 338 13.09 -27.19 -37.65
N THR A 339 13.08 -28.06 -36.64
CA THR A 339 12.93 -27.61 -35.26
C THR A 339 14.19 -26.90 -34.76
N GLN A 340 13.97 -25.96 -33.85
CA GLN A 340 15.04 -25.22 -33.19
C GLN A 340 14.94 -25.35 -31.68
N GLY A 341 14.45 -26.49 -31.20
CA GLY A 341 14.31 -26.74 -29.77
C GLY A 341 13.29 -25.89 -29.07
N LEU A 342 12.14 -25.63 -29.72
CA LEU A 342 11.02 -24.82 -29.23
C LEU A 342 11.42 -23.36 -28.95
N ASP A 343 12.52 -22.92 -29.54
CA ASP A 343 12.92 -21.53 -29.62
C ASP A 343 12.81 -21.08 -31.08
N VAL A 344 12.66 -19.78 -31.27
CA VAL A 344 12.66 -19.19 -32.60
C VAL A 344 13.62 -18.02 -32.61
N ARG A 345 14.66 -18.11 -33.44
CA ARG A 345 15.59 -17.02 -33.66
C ARG A 345 15.64 -16.79 -35.16
N ASN A 346 15.08 -15.66 -35.60
CA ASN A 346 14.82 -15.49 -37.03
C ASN A 346 16.03 -15.00 -37.83
N LYS A 347 16.47 -13.75 -37.60
CA LYS A 347 17.44 -13.04 -38.46
C LYS A 347 17.15 -13.22 -39.96
N ALA A 348 15.88 -13.05 -40.31
CA ALA A 348 15.35 -13.59 -41.56
C ALA A 348 14.05 -12.88 -41.87
N PRO A 349 13.39 -13.15 -43.01
CA PRO A 349 12.02 -12.67 -43.21
C PRO A 349 11.06 -13.14 -42.12
N ILE A 350 10.10 -12.27 -41.77
CA ILE A 350 9.07 -12.64 -40.75
C ILE A 350 7.73 -12.82 -41.48
N LEU A 351 7.68 -12.48 -42.77
CA LEU A 351 6.49 -12.67 -43.61
C LEU A 351 5.39 -11.64 -43.30
N VAL A 352 5.72 -10.39 -43.62
CA VAL A 352 4.74 -9.31 -43.54
C VAL A 352 3.67 -9.51 -44.61
N LEU A 353 2.42 -9.25 -44.23
CA LEU A 353 1.25 -9.54 -45.07
C LEU A 353 0.64 -8.20 -45.52
N VAL A 354 0.58 -8.00 -46.83
CA VAL A 354 0.33 -6.69 -47.40
C VAL A 354 -0.93 -6.77 -48.25
N GLY A 355 -1.77 -5.72 -48.21
CA GLY A 355 -2.89 -5.62 -49.12
C GLY A 355 -4.18 -5.12 -48.51
N PRO A 356 -5.23 -5.92 -48.59
CA PRO A 356 -6.42 -5.68 -47.78
C PRO A 356 -6.42 -6.56 -46.55
N PRO A 357 -7.16 -6.20 -45.51
CA PRO A 357 -7.23 -7.08 -44.32
C PRO A 357 -8.10 -8.30 -44.58
N GLY A 358 -7.73 -9.39 -43.92
CA GLY A 358 -8.57 -10.58 -43.83
C GLY A 358 -8.87 -11.27 -45.15
N VAL A 359 -7.89 -11.40 -46.02
CA VAL A 359 -8.12 -11.98 -47.33
C VAL A 359 -7.30 -13.26 -47.45
N GLY A 360 -7.15 -13.95 -46.34
CA GLY A 360 -6.26 -15.08 -46.29
C GLY A 360 -4.83 -14.74 -45.98
N LYS A 361 -4.54 -13.49 -45.64
CA LYS A 361 -3.26 -13.16 -45.04
C LYS A 361 -3.07 -13.93 -43.74
N THR A 362 -4.03 -13.80 -42.85
CA THR A 362 -3.95 -14.38 -41.52
C THR A 362 -4.11 -15.90 -41.56
N SER A 363 -4.69 -16.43 -42.64
CA SER A 363 -4.77 -17.87 -42.82
C SER A 363 -3.38 -18.48 -42.91
N LEU A 364 -2.44 -17.75 -43.50
CA LEU A 364 -1.08 -18.26 -43.67
C LEU A 364 -0.39 -18.41 -42.32
N GLY A 365 -0.43 -17.34 -41.51
CA GLY A 365 0.16 -17.41 -40.18
C GLY A 365 -0.58 -18.34 -39.25
N ARG A 366 -1.90 -18.50 -39.45
CA ARG A 366 -2.64 -19.47 -38.68
C ARG A 366 -2.25 -20.90 -39.03
N SER A 367 -2.01 -21.17 -40.32
CA SER A 367 -1.52 -22.48 -40.73
C SER A 367 -0.13 -22.74 -40.20
N ILE A 368 0.72 -21.70 -40.16
CA ILE A 368 2.05 -21.83 -39.58
C ILE A 368 1.96 -22.11 -38.07
N ALA A 369 1.09 -21.35 -37.39
CA ALA A 369 0.96 -21.50 -35.92
C ALA A 369 0.64 -22.95 -35.56
N ARG A 370 -0.41 -23.51 -36.16
CA ARG A 370 -0.83 -24.90 -35.83
C ARG A 370 0.32 -25.87 -36.12
N SER A 371 1.11 -25.59 -37.17
CA SER A 371 2.24 -26.48 -37.54
C SER A 371 3.25 -26.53 -36.39
N MET A 372 3.55 -25.38 -35.78
CA MET A 372 4.56 -25.32 -34.69
C MET A 372 3.87 -25.52 -33.33
N ASN A 373 2.58 -25.85 -33.34
CA ASN A 373 1.86 -26.15 -32.06
C ASN A 373 2.16 -25.07 -31.02
N ARG A 374 2.11 -23.79 -31.41
CA ARG A 374 2.32 -22.69 -30.42
C ARG A 374 1.00 -21.90 -30.28
N LYS A 375 0.66 -21.49 -29.06
CA LYS A 375 -0.55 -20.67 -28.84
C LYS A 375 -0.50 -19.44 -29.76
N PHE A 376 -1.36 -19.42 -30.79
CA PHE A 376 -1.41 -18.25 -31.71
C PHE A 376 -2.06 -17.07 -30.97
N HIS A 377 -1.54 -15.86 -31.19
CA HIS A 377 -2.09 -14.65 -30.52
C HIS A 377 -2.11 -13.48 -31.50
N ARG A 378 -2.98 -12.48 -31.25
CA ARG A 378 -3.12 -11.34 -32.19
C ARG A 378 -2.64 -10.06 -31.52
N ILE A 379 -1.60 -9.43 -32.07
CA ILE A 379 -1.11 -8.12 -31.52
C ILE A 379 -0.77 -7.18 -32.68
N SER A 380 -1.38 -6.00 -32.70
CA SER A 380 -1.10 -5.00 -33.78
C SER A 380 -0.12 -3.94 -33.25
N LEU A 381 0.38 -3.09 -34.15
CA LEU A 381 1.32 -2.04 -33.77
C LEU A 381 0.93 -0.66 -34.27
N GLY A 382 -0.17 -0.53 -34.99
CA GLY A 382 -0.56 0.78 -35.50
C GLY A 382 -1.01 1.69 -34.37
N GLY A 383 -0.46 2.91 -34.36
CA GLY A 383 -0.76 3.89 -33.35
C GLY A 383 0.23 4.00 -32.21
N VAL A 384 1.27 3.17 -32.18
CA VAL A 384 2.35 3.36 -31.21
C VAL A 384 3.14 4.59 -31.61
N ARG A 385 3.34 5.49 -30.65
CA ARG A 385 3.99 6.77 -30.93
C ARG A 385 5.21 6.93 -30.04
N ASP A 386 5.18 6.26 -28.88
CA ASP A 386 6.17 6.48 -27.85
C ASP A 386 6.99 5.22 -27.63
N GLU A 387 8.24 5.43 -27.24
CA GLU A 387 9.11 4.33 -26.85
C GLU A 387 8.63 3.71 -25.55
N ALA A 388 8.24 4.56 -24.60
CA ALA A 388 7.68 4.09 -23.33
C ALA A 388 6.28 3.50 -23.48
N GLU A 389 5.65 3.61 -24.65
CA GLU A 389 4.50 2.76 -24.94
C GLU A 389 4.93 1.31 -25.08
N ILE A 390 5.98 1.06 -25.87
CA ILE A 390 6.51 -0.30 -26.00
C ILE A 390 7.14 -0.75 -24.69
N ARG A 391 7.85 0.16 -24.02
CA ARG A 391 8.29 -0.06 -22.64
C ARG A 391 7.10 0.10 -21.69
N GLY A 392 7.38 0.02 -20.39
CA GLY A 392 6.41 0.35 -19.38
C GLY A 392 6.52 1.81 -18.99
N HIS A 393 5.81 2.18 -17.94
CA HIS A 393 6.01 3.46 -17.29
C HIS A 393 6.37 3.22 -15.83
N ARG A 394 6.93 4.25 -15.21
CA ARG A 394 7.56 4.10 -13.90
C ARG A 394 6.53 3.86 -12.81
N ARG A 395 7.00 3.27 -11.72
CA ARG A 395 6.14 2.79 -10.63
C ARG A 395 5.70 3.98 -9.78
N THR A 396 4.79 4.77 -10.35
CA THR A 396 4.42 6.05 -9.79
C THR A 396 3.01 6.08 -9.22
N TYR A 397 2.17 5.10 -9.55
CA TYR A 397 0.82 5.04 -9.02
C TYR A 397 0.48 3.60 -8.72
N ILE A 398 -0.57 3.43 -7.91
CA ILE A 398 -1.10 2.11 -7.59
C ILE A 398 -1.59 1.41 -8.85
N GLY A 399 -1.33 0.11 -8.93
CA GLY A 399 -1.70 -0.69 -10.09
C GLY A 399 -0.97 -0.36 -11.38
N ALA A 400 0.32 -0.04 -11.30
CA ALA A 400 1.12 0.25 -12.48
C ALA A 400 1.52 -1.05 -13.19
N MET A 401 1.80 -0.95 -14.48
CA MET A 401 1.94 -2.12 -15.35
C MET A 401 3.23 -2.09 -16.15
N PRO A 402 3.78 -3.29 -16.53
CA PRO A 402 5.01 -3.35 -17.33
C PRO A 402 4.87 -2.93 -18.79
N GLY A 403 5.89 -3.28 -19.59
CA GLY A 403 5.86 -3.00 -21.00
C GLY A 403 4.93 -3.87 -21.81
N LYS A 404 4.73 -3.44 -23.06
CA LYS A 404 3.84 -4.12 -23.99
C LYS A 404 4.32 -5.51 -24.37
N LEU A 405 5.62 -5.70 -24.52
CA LEU A 405 6.09 -7.00 -24.99
C LEU A 405 6.29 -7.97 -23.83
N ILE A 406 6.53 -7.45 -22.63
CA ILE A 406 6.37 -8.25 -21.42
C ILE A 406 4.90 -8.56 -21.17
N HIS A 407 4.00 -7.61 -21.49
CA HIS A 407 2.58 -7.93 -21.46
C HIS A 407 2.17 -8.96 -22.49
N ALA A 408 2.95 -9.10 -23.57
CA ALA A 408 2.71 -10.17 -24.53
C ALA A 408 2.94 -11.55 -23.92
N MET A 409 3.66 -11.61 -22.79
CA MET A 409 3.78 -12.83 -22.01
C MET A 409 2.68 -12.99 -20.95
N LYS A 410 1.77 -12.03 -20.81
CA LYS A 410 0.63 -12.22 -19.91
C LYS A 410 -0.54 -12.95 -20.55
N GLN A 411 -0.81 -12.76 -21.85
CA GLN A 411 -1.90 -13.54 -22.42
C GLN A 411 -1.51 -14.98 -22.71
N VAL A 412 -0.21 -15.26 -22.71
CA VAL A 412 0.28 -16.60 -22.97
C VAL A 412 0.86 -17.19 -21.68
N GLY A 413 0.88 -18.51 -21.61
CA GLY A 413 1.39 -19.17 -20.41
C GLY A 413 2.84 -19.60 -20.54
N VAL A 414 3.34 -19.63 -21.77
CA VAL A 414 4.69 -20.08 -22.06
C VAL A 414 5.41 -18.96 -22.80
N ILE A 415 6.74 -19.06 -22.84
CA ILE A 415 7.55 -18.04 -23.50
C ILE A 415 7.82 -18.40 -24.96
N ASN A 416 7.09 -19.36 -25.52
CA ASN A 416 7.03 -19.56 -26.97
C ASN A 416 5.59 -19.64 -27.46
N PRO A 417 4.94 -18.49 -27.68
CA PRO A 417 3.73 -18.47 -28.52
C PRO A 417 3.98 -18.11 -29.97
N VAL A 418 2.91 -18.04 -30.75
CA VAL A 418 2.89 -17.41 -32.07
C VAL A 418 2.04 -16.16 -31.94
N ILE A 419 2.67 -15.00 -31.82
CA ILE A 419 1.95 -13.74 -31.78
C ILE A 419 2.17 -13.04 -33.11
N LEU A 420 1.08 -12.64 -33.76
CA LEU A 420 1.17 -12.12 -35.12
C LEU A 420 1.15 -10.60 -35.08
N LEU A 421 2.27 -9.99 -35.47
CA LEU A 421 2.39 -8.55 -35.54
C LEU A 421 1.47 -8.00 -36.62
N ASP A 422 0.97 -6.78 -36.41
CA ASP A 422 0.25 -6.05 -37.45
C ASP A 422 0.70 -4.61 -37.53
N GLU A 423 0.66 -4.10 -38.77
CA GLU A 423 0.48 -2.68 -39.09
C GLU A 423 1.64 -1.82 -38.60
N ILE A 424 2.82 -2.10 -39.14
CA ILE A 424 3.96 -1.20 -38.96
C ILE A 424 3.96 -0.09 -40.00
N ASP A 425 3.09 -0.14 -41.00
CA ASP A 425 2.92 0.96 -41.93
C ASP A 425 2.26 2.17 -41.28
N LYS A 426 1.52 1.98 -40.20
CA LYS A 426 0.95 3.07 -39.43
C LYS A 426 1.91 3.63 -38.39
N MET A 427 3.13 3.10 -38.31
CA MET A 427 4.10 3.65 -37.37
C MET A 427 4.65 5.00 -37.81
N SER A 428 4.60 5.94 -36.87
CA SER A 428 5.49 7.09 -36.80
C SER A 428 5.59 7.43 -35.33
N SER A 429 6.65 8.14 -34.97
CA SER A 429 6.91 8.42 -33.55
C SER A 429 7.09 9.92 -33.39
N ASP A 430 6.09 10.55 -32.77
CA ASP A 430 6.19 11.98 -32.46
C ASP A 430 7.09 12.24 -31.27
N TRP A 431 7.42 11.20 -30.50
CA TRP A 431 8.48 11.29 -29.51
C TRP A 431 9.85 11.35 -30.18
N ARG A 432 10.84 11.74 -29.40
CA ARG A 432 12.23 11.66 -29.85
C ARG A 432 12.57 10.18 -29.96
N GLY A 433 13.21 9.81 -31.06
CA GLY A 433 13.51 8.41 -31.32
C GLY A 433 12.32 7.69 -31.91
N ASP A 434 12.56 6.44 -32.22
CA ASP A 434 11.51 5.53 -32.63
C ASP A 434 11.41 4.39 -31.62
N PRO A 435 10.24 3.77 -31.49
CA PRO A 435 10.18 2.40 -30.98
C PRO A 435 10.62 1.37 -32.00
N ALA A 436 10.99 1.77 -33.22
CA ALA A 436 11.46 0.85 -34.24
C ALA A 436 12.82 0.24 -33.92
N SER A 437 13.55 0.79 -32.95
CA SER A 437 14.66 0.03 -32.38
C SER A 437 14.15 -1.09 -31.48
N ALA A 438 13.03 -0.88 -30.79
CA ALA A 438 12.45 -1.98 -30.03
C ALA A 438 11.75 -2.98 -30.94
N MET A 439 11.18 -2.56 -32.07
CA MET A 439 10.77 -3.56 -33.04
C MET A 439 11.93 -4.14 -33.83
N LEU A 440 13.09 -3.47 -33.86
CA LEU A 440 14.30 -4.12 -34.36
C LEU A 440 14.82 -5.14 -33.36
N GLU A 441 14.63 -4.87 -32.07
CA GLU A 441 14.85 -5.86 -31.04
C GLU A 441 13.90 -7.02 -31.21
N VAL A 442 12.66 -6.74 -31.62
CA VAL A 442 11.74 -7.79 -32.02
C VAL A 442 12.26 -8.52 -33.25
N LEU A 443 12.94 -7.81 -34.15
CA LEU A 443 13.51 -8.47 -35.32
C LEU A 443 14.71 -9.37 -34.99
N ASP A 444 15.19 -9.38 -33.75
CA ASP A 444 16.20 -10.35 -33.31
C ASP A 444 15.88 -10.80 -31.89
N PRO A 445 15.36 -12.03 -31.71
CA PRO A 445 14.70 -12.39 -30.44
C PRO A 445 15.62 -12.42 -29.21
N GLU A 446 16.94 -12.42 -29.41
CA GLU A 446 17.88 -12.31 -28.30
C GLU A 446 18.18 -10.87 -27.93
N GLN A 447 17.88 -9.91 -28.81
CA GLN A 447 17.85 -8.51 -28.40
C GLN A 447 16.64 -8.21 -27.53
N ASN A 448 15.59 -9.02 -27.65
CA ASN A 448 14.47 -8.95 -26.74
C ASN A 448 14.84 -9.40 -25.33
N ASN A 449 15.94 -10.14 -25.18
CA ASN A 449 16.42 -10.58 -23.88
C ASN A 449 17.13 -9.47 -23.11
N THR A 450 17.26 -8.29 -23.68
CA THR A 450 17.70 -7.09 -22.97
C THR A 450 16.69 -5.97 -23.17
N PHE A 451 15.41 -6.27 -23.00
CA PHE A 451 14.34 -5.33 -23.29
C PHE A 451 14.31 -4.24 -22.22
N THR A 452 14.55 -2.99 -22.64
CA THR A 452 14.37 -1.86 -21.75
C THR A 452 12.91 -1.72 -21.34
N ASP A 453 12.70 -1.43 -20.07
CA ASP A 453 11.36 -1.39 -19.50
C ASP A 453 11.43 -0.60 -18.20
N HIS A 454 10.25 -0.29 -17.65
CA HIS A 454 10.15 0.61 -16.51
C HIS A 454 9.55 -0.02 -15.27
N TYR A 455 8.37 -0.63 -15.37
CA TYR A 455 7.72 -1.13 -14.16
C TYR A 455 8.38 -2.43 -13.73
N LEU A 456 8.23 -3.47 -14.53
CA LEU A 456 9.21 -4.55 -14.50
C LEU A 456 10.47 -4.07 -15.18
N ASP A 457 11.62 -4.42 -14.61
CA ASP A 457 12.92 -4.16 -15.24
C ASP A 457 13.55 -5.52 -15.46
N VAL A 458 13.18 -6.19 -16.54
CA VAL A 458 13.51 -7.60 -16.68
C VAL A 458 14.22 -7.87 -18.00
N PRO A 459 15.47 -8.31 -17.97
CA PRO A 459 16.03 -8.99 -19.14
C PRO A 459 15.42 -10.38 -19.27
N TYR A 460 14.52 -10.56 -20.23
CA TYR A 460 13.62 -11.70 -20.24
C TYR A 460 14.17 -12.86 -21.04
N ASP A 461 13.47 -14.00 -20.95
CA ASP A 461 13.61 -15.08 -21.92
C ASP A 461 12.53 -14.98 -22.99
N LEU A 462 12.49 -13.83 -23.66
CA LEU A 462 11.66 -13.61 -24.84
C LEU A 462 12.22 -14.24 -26.11
N SER A 463 13.28 -15.05 -26.01
CA SER A 463 13.90 -15.59 -27.22
C SER A 463 13.04 -16.66 -27.87
N LYS A 464 12.28 -17.44 -27.10
CA LYS A 464 11.63 -18.62 -27.65
C LYS A 464 10.40 -18.31 -28.50
N VAL A 465 9.87 -17.08 -28.45
CA VAL A 465 8.63 -16.73 -29.14
C VAL A 465 8.79 -16.83 -30.65
N PHE A 466 7.81 -17.43 -31.31
CA PHE A 466 7.76 -17.38 -32.76
C PHE A 466 7.23 -16.04 -33.22
N PHE A 467 7.82 -15.52 -34.29
CA PHE A 467 7.54 -14.19 -34.82
C PHE A 467 6.94 -14.28 -36.21
N ILE A 468 5.92 -13.46 -36.44
CA ILE A 468 5.18 -13.42 -37.69
C ILE A 468 4.47 -12.06 -37.75
N THR A 469 4.39 -11.49 -38.95
CA THR A 469 4.10 -10.06 -39.11
C THR A 469 2.97 -9.81 -40.10
N THR A 470 2.47 -8.56 -40.07
CA THR A 470 1.48 -8.04 -41.02
C THR A 470 1.67 -6.53 -41.12
N ALA A 471 1.50 -5.99 -42.34
CA ALA A 471 1.32 -4.56 -42.59
C ALA A 471 0.79 -4.38 -44.01
N ASN A 472 -0.36 -3.74 -44.17
CA ASN A 472 -1.06 -3.77 -45.46
C ASN A 472 -0.49 -2.81 -46.49
N THR A 473 0.62 -2.14 -46.19
CA THR A 473 1.22 -1.14 -47.07
C THR A 473 2.73 -1.19 -46.88
N LEU A 474 3.46 -1.66 -47.89
CA LEU A 474 4.88 -1.90 -47.67
C LEU A 474 5.72 -0.62 -47.78
N GLN A 475 5.23 0.39 -48.50
CA GLN A 475 6.06 1.56 -48.73
C GLN A 475 6.13 2.48 -47.51
N THR A 476 5.02 2.65 -46.80
CA THR A 476 5.00 3.50 -45.61
C THR A 476 5.44 2.77 -44.36
N ILE A 477 5.84 1.50 -44.49
CA ILE A 477 6.67 0.87 -43.47
C ILE A 477 7.98 1.65 -43.37
N PRO A 478 8.45 2.00 -42.17
CA PRO A 478 9.67 2.82 -42.07
C PRO A 478 10.92 2.07 -42.48
N ARG A 479 11.88 2.84 -43.01
CA ARG A 479 13.24 2.43 -43.34
C ARG A 479 14.02 1.73 -42.21
N PRO A 480 13.79 2.02 -40.91
CA PRO A 480 14.32 1.10 -39.88
C PRO A 480 13.81 -0.32 -40.00
N LEU A 481 12.59 -0.51 -40.51
CA LEU A 481 11.96 -1.81 -40.57
C LEU A 481 11.62 -2.17 -42.01
N LEU A 482 12.41 -1.68 -42.96
CA LEU A 482 12.18 -2.00 -44.37
C LEU A 482 13.16 -3.02 -44.92
N ASP A 483 13.93 -3.68 -44.06
CA ASP A 483 14.85 -4.71 -44.48
C ASP A 483 14.47 -6.05 -43.86
N ARG A 484 15.16 -7.08 -44.36
CA ARG A 484 15.07 -8.50 -43.96
C ARG A 484 13.64 -9.01 -43.75
N MET A 485 12.75 -8.64 -44.66
CA MET A 485 11.49 -9.36 -44.84
C MET A 485 11.26 -9.65 -46.31
N GLU A 486 10.41 -10.65 -46.55
CA GLU A 486 10.01 -11.07 -47.88
C GLU A 486 8.57 -10.65 -48.12
N VAL A 487 8.29 -10.12 -49.30
CA VAL A 487 6.99 -9.51 -49.60
C VAL A 487 5.96 -10.63 -49.80
N ILE A 488 5.12 -10.84 -48.80
CA ILE A 488 3.99 -11.79 -48.92
C ILE A 488 2.77 -10.95 -49.28
N GLU A 489 2.56 -10.78 -50.59
CA GLU A 489 1.49 -9.93 -51.10
C GLU A 489 0.21 -10.75 -51.22
N ILE A 490 -0.75 -10.49 -50.34
CA ILE A 490 -1.99 -11.25 -50.27
C ILE A 490 -3.16 -10.31 -50.57
N PRO A 491 -3.64 -10.29 -51.81
CA PRO A 491 -4.89 -9.58 -52.13
C PRO A 491 -6.13 -10.44 -51.89
N GLY A 492 -7.30 -10.01 -52.37
CA GLY A 492 -8.55 -10.70 -52.13
C GLY A 492 -8.73 -11.95 -52.97
N TYR A 493 -9.96 -12.16 -53.43
CA TYR A 493 -10.30 -13.31 -54.27
C TYR A 493 -11.18 -12.85 -55.42
N THR A 494 -11.60 -13.79 -56.24
CA THR A 494 -12.46 -13.48 -57.36
C THR A 494 -13.92 -13.44 -56.93
N ASN A 495 -14.77 -13.11 -57.90
CA ASN A 495 -16.20 -13.33 -57.76
C ASN A 495 -16.50 -14.80 -57.51
N MET A 496 -15.93 -15.67 -58.34
CA MET A 496 -16.25 -17.08 -58.29
C MET A 496 -15.61 -17.77 -57.10
N GLU A 497 -14.42 -17.33 -56.69
CA GLU A 497 -13.80 -17.89 -55.50
C GLU A 497 -14.62 -17.58 -54.25
N LYS A 498 -15.08 -16.34 -54.12
CA LYS A 498 -15.89 -15.97 -52.97
C LYS A 498 -17.25 -16.64 -53.03
N GLN A 499 -17.79 -16.79 -54.25
CA GLN A 499 -19.05 -17.50 -54.44
C GLN A 499 -18.93 -18.96 -54.03
N ALA A 500 -17.81 -19.59 -54.34
CA ALA A 500 -17.58 -20.97 -53.93
C ALA A 500 -17.42 -21.09 -52.43
N ILE A 501 -16.57 -20.24 -51.82
CA ILE A 501 -16.25 -20.41 -50.41
C ILE A 501 -17.39 -19.95 -49.52
N ALA A 502 -18.35 -19.18 -50.04
CA ALA A 502 -19.53 -18.82 -49.27
C ALA A 502 -20.36 -20.05 -48.93
N ARG A 503 -20.72 -20.85 -49.94
CA ARG A 503 -21.44 -22.08 -49.69
C ARG A 503 -20.53 -23.20 -49.20
N GLN A 504 -19.21 -23.04 -49.32
CA GLN A 504 -18.31 -24.02 -48.73
C GLN A 504 -18.25 -23.86 -47.21
N TYR A 505 -17.93 -22.66 -46.74
CA TYR A 505 -17.82 -22.41 -45.31
C TYR A 505 -18.76 -21.35 -44.80
N LEU A 506 -18.87 -20.21 -45.50
CA LEU A 506 -19.45 -19.03 -44.88
C LEU A 506 -20.95 -19.12 -44.73
N TRP A 507 -21.65 -19.63 -45.74
CA TRP A 507 -23.05 -19.94 -45.50
C TRP A 507 -23.20 -21.15 -44.59
N PRO A 508 -22.35 -22.19 -44.64
CA PRO A 508 -22.32 -23.13 -43.52
C PRO A 508 -21.91 -22.50 -42.20
N LYS A 509 -21.16 -21.40 -42.19
CA LYS A 509 -20.97 -20.68 -40.94
C LYS A 509 -22.25 -20.01 -40.50
N GLN A 510 -23.07 -19.54 -41.45
CA GLN A 510 -24.40 -19.09 -41.10
C GLN A 510 -25.29 -20.24 -40.64
N VAL A 511 -24.99 -21.46 -41.08
CA VAL A 511 -25.71 -22.63 -40.61
C VAL A 511 -25.35 -22.94 -39.17
N ARG A 512 -24.06 -23.10 -38.89
CA ARG A 512 -23.65 -23.74 -37.64
C ARG A 512 -23.39 -22.76 -36.51
N GLU A 513 -22.66 -21.66 -36.77
CA GLU A 513 -22.36 -20.74 -35.68
C GLU A 513 -23.58 -19.94 -35.27
N SER A 514 -24.44 -19.58 -36.21
CA SER A 514 -25.76 -19.06 -35.84
C SER A 514 -26.65 -20.15 -35.27
N GLY A 515 -26.43 -21.39 -35.68
CA GLY A 515 -27.08 -22.53 -35.10
C GLY A 515 -28.23 -23.14 -35.89
N MET A 516 -28.41 -22.74 -37.15
CA MET A 516 -29.57 -23.21 -37.90
C MET A 516 -29.17 -24.49 -38.64
N GLU A 517 -30.01 -24.94 -39.58
CA GLU A 517 -29.88 -26.30 -40.10
C GLU A 517 -29.85 -26.34 -41.62
N GLY A 518 -29.50 -25.24 -42.28
CA GLY A 518 -29.52 -25.20 -43.73
C GLY A 518 -30.91 -25.30 -44.31
N ARG A 519 -31.88 -24.70 -43.63
CA ARG A 519 -33.28 -24.76 -44.01
C ARG A 519 -33.67 -23.64 -44.96
N ILE A 520 -32.71 -22.87 -45.44
CA ILE A 520 -32.93 -21.85 -46.46
C ILE A 520 -31.86 -22.00 -47.52
N GLU A 521 -32.26 -22.29 -48.75
CA GLU A 521 -31.33 -22.32 -49.87
C GLU A 521 -31.00 -20.90 -50.29
N VAL A 522 -29.74 -20.66 -50.64
CA VAL A 522 -29.30 -19.43 -51.25
C VAL A 522 -28.79 -19.75 -52.65
N THR A 523 -29.30 -19.07 -53.64
CA THR A 523 -28.78 -19.28 -54.99
C THR A 523 -27.48 -18.52 -55.19
N ASP A 524 -26.61 -19.08 -56.03
CA ASP A 524 -25.35 -18.41 -56.34
C ASP A 524 -25.58 -17.22 -57.26
N ALA A 525 -26.65 -17.22 -58.04
CA ALA A 525 -27.00 -16.06 -58.86
C ALA A 525 -27.40 -14.87 -58.00
N ALA A 526 -28.01 -15.14 -56.84
CA ALA A 526 -28.23 -14.10 -55.86
C ALA A 526 -26.92 -13.49 -55.38
N ILE A 527 -25.92 -14.34 -55.15
CA ILE A 527 -24.59 -13.88 -54.76
C ILE A 527 -23.95 -13.07 -55.88
N LEU A 528 -24.18 -13.47 -57.13
CA LEU A 528 -23.64 -12.74 -58.27
C LEU A 528 -24.29 -11.37 -58.41
N ARG A 529 -25.58 -11.26 -58.09
CA ARG A 529 -26.21 -9.95 -58.08
C ARG A 529 -25.72 -9.11 -56.91
N VAL A 530 -25.44 -9.75 -55.77
CA VAL A 530 -24.93 -9.05 -54.58
C VAL A 530 -23.57 -8.43 -54.86
N ILE A 531 -22.65 -9.20 -55.42
CA ILE A 531 -21.29 -8.71 -55.61
C ILE A 531 -21.21 -7.66 -56.71
N SER A 532 -22.23 -7.57 -57.56
CA SER A 532 -22.32 -6.48 -58.51
C SER A 532 -23.07 -5.27 -57.98
N GLU A 533 -23.96 -5.46 -57.00
CA GLU A 533 -24.86 -4.39 -56.60
C GLU A 533 -24.74 -3.96 -55.14
N TYR A 534 -23.84 -4.57 -54.37
CA TYR A 534 -23.68 -4.21 -52.97
C TYR A 534 -22.26 -3.81 -52.59
N THR A 535 -21.25 -4.49 -53.10
CA THR A 535 -19.91 -4.42 -52.54
C THR A 535 -18.93 -3.80 -53.53
N ARG A 536 -18.12 -2.86 -53.03
CA ARG A 536 -16.92 -2.39 -53.72
C ARG A 536 -15.79 -2.50 -52.69
N GLU A 537 -15.19 -3.70 -52.62
CA GLU A 537 -14.12 -3.98 -51.70
C GLU A 537 -13.08 -4.84 -52.39
N ALA A 538 -11.85 -4.81 -51.88
CA ALA A 538 -10.86 -5.77 -52.34
C ALA A 538 -11.10 -7.16 -51.77
N GLY A 539 -11.76 -7.26 -50.63
CA GLY A 539 -11.90 -8.52 -49.92
C GLY A 539 -13.31 -9.07 -49.89
N VAL A 540 -13.65 -9.68 -48.77
CA VAL A 540 -14.85 -10.50 -48.67
C VAL A 540 -15.92 -9.90 -47.76
N ARG A 541 -15.64 -8.78 -47.10
CA ARG A 541 -16.36 -8.34 -45.91
C ARG A 541 -17.82 -7.97 -46.20
N GLY A 542 -18.03 -7.24 -47.29
CA GLY A 542 -19.38 -6.81 -47.65
C GLY A 542 -20.29 -7.98 -47.96
N LEU A 543 -19.80 -8.93 -48.76
CA LEU A 543 -20.55 -10.16 -49.01
C LEU A 543 -20.71 -10.99 -47.74
N GLU A 544 -19.72 -10.91 -46.82
CA GLU A 544 -19.80 -11.66 -45.57
C GLU A 544 -20.97 -11.18 -44.72
N ARG A 545 -21.08 -9.87 -44.55
CA ARG A 545 -22.23 -9.30 -43.80
C ARG A 545 -23.52 -9.60 -44.56
N GLU A 546 -23.46 -9.52 -45.91
CA GLU A 546 -24.66 -9.86 -46.69
C GLU A 546 -25.17 -11.23 -46.33
N LEU A 547 -24.27 -12.22 -46.26
CA LEU A 547 -24.66 -13.56 -45.84
C LEU A 547 -25.10 -13.59 -44.38
N GLY A 548 -24.50 -12.72 -43.56
CA GLY A 548 -24.94 -12.60 -42.17
C GLY A 548 -26.38 -12.15 -42.04
N LYS A 549 -26.76 -11.12 -42.79
CA LYS A 549 -28.17 -10.75 -42.70
C LYS A 549 -29.08 -11.57 -43.60
N ILE A 550 -28.53 -12.36 -44.53
CA ILE A 550 -29.28 -13.48 -45.11
C ILE A 550 -29.70 -14.44 -44.02
N ALA A 551 -28.75 -14.81 -43.14
CA ALA A 551 -29.07 -15.68 -42.01
C ALA A 551 -30.06 -15.00 -41.06
N ARG A 552 -29.90 -13.70 -40.85
CA ARG A 552 -30.75 -12.96 -39.94
C ARG A 552 -32.19 -12.92 -40.43
N LYS A 553 -32.42 -12.48 -41.66
CA LYS A 553 -33.78 -12.42 -42.15
C LYS A 553 -34.30 -13.76 -42.62
N GLY A 554 -33.43 -14.75 -42.81
CA GLY A 554 -33.89 -16.11 -42.96
C GLY A 554 -34.49 -16.62 -41.67
N ALA A 555 -33.78 -16.44 -40.55
CA ALA A 555 -34.30 -16.82 -39.25
C ALA A 555 -35.54 -16.00 -38.89
N LYS A 556 -35.58 -14.75 -39.37
CA LYS A 556 -36.80 -13.95 -39.24
C LYS A 556 -37.94 -14.54 -40.05
N PHE A 557 -37.63 -15.15 -41.19
CA PHE A 557 -38.66 -15.74 -42.02
C PHE A 557 -38.68 -17.26 -41.91
N TRP A 558 -37.95 -17.83 -40.94
CA TRP A 558 -38.08 -19.25 -40.61
C TRP A 558 -38.53 -19.47 -39.17
N LEU A 559 -37.88 -18.81 -38.21
CA LEU A 559 -38.30 -18.96 -36.82
C LEU A 559 -39.48 -18.05 -36.53
N GLU A 560 -39.29 -16.73 -36.68
CA GLU A 560 -40.42 -15.82 -36.64
C GLU A 560 -41.30 -15.96 -37.87
N GLY A 561 -40.77 -16.50 -38.95
CA GLY A 561 -41.61 -16.94 -40.04
C GLY A 561 -42.03 -18.38 -39.82
N ALA A 562 -42.30 -19.11 -40.89
CA ALA A 562 -42.79 -20.47 -40.80
C ALA A 562 -41.65 -21.46 -41.01
N TRP A 563 -41.86 -22.68 -40.55
CA TRP A 563 -40.86 -23.72 -40.75
C TRP A 563 -40.83 -24.17 -42.20
N GLU A 564 -39.62 -24.35 -42.73
CA GLU A 564 -39.41 -24.97 -44.03
C GLU A 564 -38.25 -25.95 -43.90
N GLY A 565 -38.36 -27.08 -44.60
CA GLY A 565 -37.17 -27.88 -44.83
C GLY A 565 -36.18 -27.16 -45.72
N LEU A 566 -36.68 -26.41 -46.69
CA LEU A 566 -35.83 -25.57 -47.54
C LEU A 566 -36.62 -24.36 -47.99
N ARG A 567 -36.05 -23.18 -47.80
CA ARG A 567 -36.51 -21.97 -48.47
C ARG A 567 -35.56 -21.72 -49.62
N THR A 568 -36.00 -22.09 -50.83
CA THR A 568 -35.22 -21.85 -52.03
C THR A 568 -35.28 -20.36 -52.33
N ILE A 569 -34.29 -19.62 -51.86
CA ILE A 569 -34.30 -18.16 -51.88
C ILE A 569 -33.26 -17.69 -52.89
N ASP A 570 -33.66 -16.76 -53.73
CA ASP A 570 -32.91 -16.41 -54.95
C ASP A 570 -32.60 -14.92 -55.05
N ALA A 571 -32.17 -14.51 -56.24
CA ALA A 571 -31.86 -13.11 -56.51
C ALA A 571 -33.09 -12.22 -56.42
N SER A 572 -34.26 -12.76 -56.74
CA SER A 572 -35.49 -11.96 -56.64
C SER A 572 -35.81 -11.62 -55.19
N ASP A 573 -35.39 -12.47 -54.25
CA ASP A 573 -35.63 -12.22 -52.84
C ASP A 573 -34.45 -11.55 -52.15
N ILE A 574 -33.62 -10.82 -52.90
CA ILE A 574 -32.48 -10.13 -52.29
C ILE A 574 -32.95 -8.99 -51.39
N PRO A 575 -33.73 -7.97 -51.82
CA PRO A 575 -34.16 -6.97 -50.84
C PRO A 575 -35.25 -7.48 -49.92
N THR A 576 -35.81 -8.66 -50.20
CA THR A 576 -36.68 -9.34 -49.26
C THR A 576 -35.92 -9.75 -48.01
N TYR A 577 -34.62 -10.04 -48.16
CA TYR A 577 -33.81 -10.48 -47.05
C TYR A 577 -32.62 -9.58 -46.79
N LEU A 578 -32.28 -8.69 -47.71
CA LEU A 578 -31.19 -7.73 -47.59
C LEU A 578 -31.75 -6.34 -47.81
N GLY A 579 -30.86 -5.38 -47.98
CA GLY A 579 -31.25 -4.03 -48.27
C GLY A 579 -31.60 -3.85 -49.73
N ILE A 580 -31.82 -2.59 -50.09
CA ILE A 580 -32.08 -2.18 -51.47
C ILE A 580 -30.70 -2.18 -52.11
N PRO A 581 -30.57 -2.37 -53.46
CA PRO A 581 -29.24 -2.23 -54.10
C PRO A 581 -28.53 -0.91 -53.86
N ARG A 582 -27.45 -1.00 -53.10
CA ARG A 582 -26.65 0.15 -52.70
C ARG A 582 -25.51 0.44 -53.66
N TYR A 583 -25.27 -0.45 -54.62
CA TYR A 583 -24.35 -0.20 -55.72
C TYR A 583 -24.96 -0.76 -56.99
N ARG A 584 -24.23 -0.63 -58.08
CA ARG A 584 -24.77 -1.00 -59.39
C ARG A 584 -23.69 -1.70 -60.19
N PRO A 585 -24.07 -2.60 -61.11
CA PRO A 585 -23.18 -2.91 -62.23
C PRO A 585 -23.06 -1.74 -63.19
N ASP A 586 -24.02 -0.82 -63.14
CA ASP A 586 -23.94 0.50 -63.74
C ASP A 586 -23.06 1.40 -62.87
N LYS A 587 -22.85 2.62 -63.37
CA LYS A 587 -22.47 3.75 -62.55
C LYS A 587 -23.54 4.84 -62.63
N ALA A 588 -24.80 4.43 -62.76
CA ALA A 588 -25.90 5.39 -62.78
C ALA A 588 -26.13 5.99 -61.41
N GLU A 589 -26.02 5.19 -60.35
CA GLU A 589 -26.06 5.73 -58.99
C GLU A 589 -24.86 6.63 -58.72
N THR A 590 -23.70 6.25 -59.25
CA THR A 590 -22.49 7.07 -59.17
C THR A 590 -22.68 8.29 -60.09
N GLU A 591 -21.85 9.33 -59.89
CA GLU A 591 -21.95 10.57 -60.63
C GLU A 591 -21.75 10.38 -62.14
N PRO A 592 -22.43 11.17 -62.95
CA PRO A 592 -21.93 11.41 -64.31
C PRO A 592 -20.56 12.06 -64.26
N GLN A 593 -19.72 11.68 -65.21
CA GLN A 593 -18.27 11.81 -65.10
C GLN A 593 -17.74 13.05 -65.81
N VAL A 594 -18.47 14.17 -65.72
CA VAL A 594 -18.15 15.37 -66.51
C VAL A 594 -16.86 16.03 -66.01
N GLY A 595 -16.63 16.04 -64.70
CA GLY A 595 -15.37 16.55 -64.18
C GLY A 595 -14.57 15.46 -63.51
N THR A 596 -15.19 14.29 -63.38
CA THR A 596 -14.65 13.19 -62.59
C THR A 596 -14.16 12.09 -63.50
N ALA A 597 -13.05 11.46 -63.11
CA ALA A 597 -12.59 10.23 -63.74
C ALA A 597 -12.55 9.14 -62.68
N GLN A 598 -13.17 8.00 -62.98
CA GLN A 598 -13.17 6.86 -62.06
C GLN A 598 -11.78 6.25 -61.98
N GLY A 599 -11.31 6.01 -60.75
CA GLY A 599 -9.96 5.55 -60.54
C GLY A 599 -9.86 4.48 -59.48
N LEU A 600 -8.69 3.84 -59.46
CA LEU A 600 -8.33 2.83 -58.47
C LEU A 600 -7.04 3.23 -57.79
N ALA A 601 -6.90 2.82 -56.52
CA ALA A 601 -5.67 3.09 -55.81
C ALA A 601 -5.46 2.03 -54.74
N TRP A 602 -4.23 1.55 -54.66
CA TRP A 602 -3.83 0.63 -53.61
C TRP A 602 -3.85 1.36 -52.27
N THR A 603 -4.47 0.73 -51.27
CA THR A 603 -4.66 1.30 -49.95
C THR A 603 -4.31 0.23 -48.93
N PRO A 604 -4.33 0.52 -47.62
CA PRO A 604 -4.32 -0.56 -46.62
C PRO A 604 -5.54 -1.48 -46.65
N VAL A 605 -6.59 -1.17 -47.42
CA VAL A 605 -7.62 -2.14 -47.72
C VAL A 605 -7.43 -2.58 -49.17
N GLY A 606 -6.18 -2.54 -49.63
CA GLY A 606 -5.87 -3.02 -50.95
C GLY A 606 -6.30 -2.04 -52.04
N GLY A 607 -6.56 -2.59 -53.22
CA GLY A 607 -7.13 -1.78 -54.29
C GLY A 607 -8.59 -1.49 -54.00
N THR A 608 -9.00 -0.27 -54.38
CA THR A 608 -10.38 0.17 -54.15
C THR A 608 -10.71 1.29 -55.11
N LEU A 609 -12.01 1.48 -55.34
CA LEU A 609 -12.53 2.41 -56.34
C LEU A 609 -12.45 3.83 -55.82
N LEU A 610 -11.46 4.59 -56.27
CA LEU A 610 -11.26 5.98 -55.85
C LEU A 610 -11.28 6.89 -57.07
N THR A 611 -12.46 7.44 -57.38
CA THR A 611 -12.60 8.37 -58.49
C THR A 611 -11.84 9.65 -58.21
N ILE A 612 -11.23 10.21 -59.24
CA ILE A 612 -10.47 11.44 -59.13
C ILE A 612 -11.13 12.48 -60.03
N GLU A 613 -11.40 13.65 -59.47
CA GLU A 613 -12.18 14.68 -60.12
C GLU A 613 -11.40 15.99 -60.17
N VAL A 614 -11.60 16.76 -61.24
CA VAL A 614 -10.89 18.07 -61.37
C VAL A 614 -11.88 19.13 -61.86
N ALA A 615 -11.80 20.35 -61.33
CA ALA A 615 -12.67 21.46 -61.80
C ALA A 615 -11.83 22.72 -61.97
N ALA A 616 -11.68 23.19 -63.21
CA ALA A 616 -10.88 24.41 -63.49
C ALA A 616 -11.78 25.65 -63.40
N VAL A 617 -11.94 26.22 -62.21
CA VAL A 617 -12.77 27.45 -62.03
C VAL A 617 -12.06 28.63 -62.69
N PRO A 618 -12.74 29.75 -62.99
CA PRO A 618 -12.10 30.92 -63.57
C PRO A 618 -10.87 31.32 -62.74
N GLY A 619 -11.04 31.48 -61.43
CA GLY A 619 -9.91 31.83 -60.55
C GLY A 619 -9.04 32.91 -61.15
N SER A 620 -7.72 32.73 -61.12
CA SER A 620 -6.77 33.72 -61.70
C SER A 620 -5.42 33.06 -61.97
N GLY A 621 -5.42 31.84 -62.51
CA GLY A 621 -4.16 31.11 -62.78
C GLY A 621 -3.68 30.39 -61.54
N LYS A 622 -4.46 30.43 -60.45
CA LYS A 622 -4.07 29.76 -59.18
C LYS A 622 -4.29 28.25 -59.33
N LEU A 623 -3.82 27.46 -58.36
CA LEU A 623 -4.05 25.99 -58.40
C LEU A 623 -4.57 25.51 -57.03
N SER A 624 -5.57 24.64 -57.02
CA SER A 624 -6.12 24.10 -55.75
C SER A 624 -5.80 22.60 -55.66
N LEU A 625 -4.89 22.22 -54.77
CA LEU A 625 -4.49 20.82 -54.68
C LEU A 625 -4.99 20.26 -53.37
N THR A 626 -6.25 20.54 -53.08
CA THR A 626 -6.91 20.13 -51.86
C THR A 626 -7.00 18.61 -51.74
N GLY A 627 -7.34 18.16 -50.54
CA GLY A 627 -7.51 16.75 -50.28
C GLY A 627 -6.35 16.09 -49.57
N GLN A 628 -5.34 16.87 -49.16
CA GLN A 628 -4.09 16.40 -48.55
C GLN A 628 -3.42 15.36 -49.45
N LEU A 629 -3.00 15.83 -50.61
CA LEU A 629 -2.49 14.94 -51.63
C LEU A 629 -1.09 14.46 -51.26
N GLY A 630 -0.89 13.14 -51.36
CA GLY A 630 0.47 12.61 -51.28
C GLY A 630 1.32 13.13 -52.42
N GLU A 631 2.60 13.37 -52.12
CA GLU A 631 3.50 14.03 -53.06
C GLU A 631 3.74 13.18 -54.30
N VAL A 632 3.64 11.86 -54.16
CA VAL A 632 3.66 10.99 -55.32
C VAL A 632 2.45 11.26 -56.23
N MET A 633 1.24 11.37 -55.65
CA MET A 633 0.10 11.76 -56.47
C MET A 633 0.11 13.25 -56.81
N LYS A 634 0.65 14.09 -55.93
CA LYS A 634 0.68 15.53 -56.20
C LYS A 634 1.54 15.85 -57.43
N GLU A 635 2.70 15.23 -57.54
CA GLU A 635 3.46 15.44 -58.76
C GLU A 635 3.11 14.46 -59.87
N SER A 636 2.29 13.44 -59.62
CA SER A 636 1.55 12.83 -60.72
C SER A 636 0.61 13.85 -61.35
N ALA A 637 -0.04 14.66 -60.53
CA ALA A 637 -0.88 15.74 -61.04
C ALA A 637 -0.07 16.84 -61.68
N GLN A 638 1.12 17.14 -61.14
CA GLN A 638 1.99 18.12 -61.79
C GLN A 638 2.46 17.63 -63.16
N ALA A 639 2.78 16.34 -63.28
CA ALA A 639 3.14 15.76 -64.56
C ALA A 639 1.95 15.75 -65.52
N ALA A 640 0.75 15.53 -64.97
CA ALA A 640 -0.47 15.61 -65.75
C ALA A 640 -0.65 17.00 -66.33
N LEU A 641 -0.47 18.03 -65.48
CA LEU A 641 -0.51 19.43 -65.92
C LEU A 641 0.53 19.73 -66.99
N THR A 642 1.75 19.25 -66.77
CA THR A 642 2.86 19.60 -67.64
C THR A 642 2.72 18.94 -69.02
N TYR A 643 2.34 17.67 -69.07
CA TYR A 643 2.16 17.05 -70.37
C TYR A 643 0.84 17.41 -71.03
N LEU A 644 -0.17 17.82 -70.25
CA LEU A 644 -1.37 18.36 -70.86
C LEU A 644 -1.17 19.79 -71.37
N ARG A 645 -0.09 20.45 -70.94
CA ARG A 645 0.21 21.77 -71.48
C ARG A 645 0.77 21.71 -72.91
N ALA A 646 1.35 20.57 -73.30
CA ALA A 646 2.04 20.47 -74.59
C ALA A 646 1.16 19.91 -75.70
N HIS A 647 -0.13 19.68 -75.45
CA HIS A 647 -1.01 19.07 -76.45
C HIS A 647 -2.23 19.93 -76.68
N THR A 648 -2.02 21.23 -76.91
CA THR A 648 -3.05 22.27 -76.89
C THR A 648 -4.15 22.05 -77.92
N GLN A 649 -3.80 22.09 -79.20
CA GLN A 649 -4.76 21.82 -80.25
C GLN A 649 -4.78 20.34 -80.61
N ASP A 650 -3.86 19.56 -80.03
CA ASP A 650 -3.79 18.13 -80.27
C ASP A 650 -5.01 17.39 -79.73
N TYR A 651 -5.69 17.97 -78.74
CA TYR A 651 -6.98 17.45 -78.29
C TYR A 651 -8.04 18.53 -78.17
N GLY A 652 -7.74 19.77 -78.56
CA GLY A 652 -8.74 20.81 -78.61
C GLY A 652 -9.14 21.39 -77.27
N LEU A 653 -8.30 21.23 -76.24
CA LEU A 653 -8.58 21.80 -74.93
C LEU A 653 -8.33 23.30 -74.93
N PRO A 654 -8.87 24.06 -73.91
CA PRO A 654 -8.56 25.49 -73.81
C PRO A 654 -7.06 25.81 -73.74
N GLU A 655 -6.58 26.50 -74.79
CA GLU A 655 -5.14 26.68 -74.97
C GLU A 655 -4.58 27.72 -74.02
N ASP A 656 -5.30 28.82 -73.81
CA ASP A 656 -4.83 29.90 -72.94
C ASP A 656 -5.21 29.59 -71.50
N PHE A 657 -4.62 28.51 -70.98
CA PHE A 657 -4.94 28.04 -69.64
C PHE A 657 -3.77 28.11 -68.67
N TYR A 658 -2.56 28.41 -69.14
CA TYR A 658 -1.43 28.57 -68.23
C TYR A 658 -1.23 30.00 -67.77
N ASN A 659 -2.27 30.85 -67.87
CA ASN A 659 -2.15 32.24 -67.44
C ASN A 659 -3.09 32.59 -66.30
N LYS A 660 -4.41 32.52 -66.51
CA LYS A 660 -5.35 33.16 -65.60
C LYS A 660 -6.58 32.31 -65.34
N VAL A 661 -6.40 31.02 -65.03
CA VAL A 661 -7.52 30.15 -64.71
C VAL A 661 -7.12 29.19 -63.59
N ASP A 662 -8.01 29.03 -62.60
CA ASP A 662 -7.69 28.27 -61.39
C ASP A 662 -8.25 26.86 -61.46
N LEU A 663 -7.38 25.89 -61.26
CA LEU A 663 -7.82 24.50 -61.17
C LEU A 663 -8.36 24.23 -59.76
N HIS A 664 -9.02 23.08 -59.63
CA HIS A 664 -9.37 22.57 -58.31
C HIS A 664 -9.25 21.05 -58.33
N VAL A 665 -8.51 20.52 -57.36
CA VAL A 665 -8.17 19.10 -57.31
C VAL A 665 -8.46 18.58 -55.91
N HIS A 666 -9.18 17.47 -55.82
CA HIS A 666 -9.17 16.61 -54.64
C HIS A 666 -9.05 15.17 -55.09
N VAL A 667 -8.16 14.43 -54.44
CA VAL A 667 -8.05 12.98 -54.60
C VAL A 667 -8.41 12.36 -53.26
N PRO A 668 -9.31 11.36 -53.24
CA PRO A 668 -9.60 10.65 -51.98
C PRO A 668 -8.40 9.96 -51.38
N ASP A 669 -7.49 9.44 -52.19
CA ASP A 669 -6.22 8.96 -51.68
C ASP A 669 -5.28 10.13 -51.43
N GLY A 670 -4.16 9.86 -50.75
CA GLY A 670 -3.27 10.91 -50.31
C GLY A 670 -3.28 11.03 -48.81
N ALA A 671 -4.48 10.88 -48.22
CA ALA A 671 -4.57 10.77 -46.77
C ALA A 671 -4.14 9.39 -46.29
N THR A 672 -4.21 8.38 -47.18
CA THR A 672 -3.87 7.01 -46.84
C THR A 672 -2.36 6.83 -46.77
N PRO A 673 -1.89 5.88 -45.94
CA PRO A 673 -0.52 5.36 -46.13
C PRO A 673 -0.43 4.68 -47.49
N LYS A 674 0.32 5.28 -48.39
CA LYS A 674 0.15 5.05 -49.82
C LYS A 674 1.40 4.40 -50.39
N ASP A 675 1.18 3.39 -51.25
CA ASP A 675 2.27 2.65 -51.89
C ASP A 675 2.69 3.34 -53.19
N GLY A 676 3.16 4.58 -53.05
CA GLY A 676 3.56 5.38 -54.19
C GLY A 676 2.38 5.83 -55.01
N PRO A 677 2.62 6.46 -56.14
CA PRO A 677 1.49 6.96 -56.94
C PRO A 677 0.83 5.85 -57.74
N SER A 678 -0.31 5.35 -57.27
CA SER A 678 -0.97 4.23 -57.94
C SER A 678 -2.30 4.63 -58.55
N ALA A 679 -2.53 5.93 -58.72
CA ALA A 679 -3.74 6.43 -59.38
C ALA A 679 -3.39 7.60 -60.30
N GLY A 680 -2.16 7.63 -60.79
CA GLY A 680 -1.61 8.79 -61.44
C GLY A 680 -1.98 9.03 -62.88
N ILE A 681 -2.84 8.21 -63.49
CA ILE A 681 -3.36 8.50 -64.82
C ILE A 681 -4.82 8.96 -64.77
N THR A 682 -5.36 9.18 -63.59
CA THR A 682 -6.77 9.50 -63.44
C THR A 682 -7.02 11.00 -63.40
N MET A 683 -6.10 11.75 -62.80
CA MET A 683 -6.27 13.19 -62.70
C MET A 683 -6.00 13.92 -64.02
N ALA A 684 -5.18 13.37 -64.92
CA ALA A 684 -5.02 13.99 -66.24
C ALA A 684 -6.32 13.95 -67.02
N THR A 685 -7.00 12.81 -66.97
CA THR A 685 -8.32 12.68 -67.58
C THR A 685 -9.33 13.59 -66.89
N ALA A 686 -9.25 13.70 -65.56
CA ALA A 686 -10.14 14.62 -64.85
C ALA A 686 -9.86 16.09 -65.21
N ILE A 687 -8.59 16.44 -65.45
CA ILE A 687 -8.23 17.79 -65.86
C ILE A 687 -8.81 18.11 -67.24
N ALA A 688 -8.63 17.19 -68.20
CA ALA A 688 -9.19 17.41 -69.54
C ALA A 688 -10.71 17.42 -69.52
N SER A 689 -11.32 16.61 -68.66
CA SER A 689 -12.78 16.59 -68.51
C SER A 689 -13.27 17.90 -67.92
N ALA A 690 -12.52 18.50 -66.99
CA ALA A 690 -12.81 19.85 -66.55
C ALA A 690 -12.62 20.85 -67.68
N LEU A 691 -11.60 20.64 -68.51
CA LEU A 691 -11.20 21.62 -69.52
C LEU A 691 -12.26 21.76 -70.61
N SER A 692 -12.84 20.65 -71.06
CA SER A 692 -13.78 20.71 -72.17
C SER A 692 -15.17 20.24 -71.78
N ARG A 693 -15.47 20.17 -70.48
CA ARG A 693 -16.78 19.79 -69.92
C ARG A 693 -17.24 18.43 -70.41
N ARG A 694 -16.31 17.51 -70.61
CA ARG A 694 -16.59 16.26 -71.28
C ARG A 694 -16.98 15.21 -70.27
N PRO A 695 -18.15 14.60 -70.40
CA PRO A 695 -18.47 13.42 -69.58
C PRO A 695 -17.52 12.28 -69.90
N ALA A 696 -17.14 11.55 -68.87
CA ALA A 696 -16.23 10.42 -69.09
C ALA A 696 -17.02 9.11 -68.96
N ARG A 697 -16.35 8.02 -69.31
CA ARG A 697 -17.01 6.73 -69.45
C ARG A 697 -17.26 6.13 -68.08
N MET A 698 -18.37 5.43 -67.93
CA MET A 698 -18.68 4.77 -66.68
C MET A 698 -18.14 3.34 -66.68
N ASP A 699 -18.04 2.77 -65.47
CA ASP A 699 -17.77 1.36 -65.20
C ASP A 699 -16.42 0.89 -65.73
N ILE A 700 -15.50 1.83 -65.95
CA ILE A 700 -14.11 1.56 -66.31
C ILE A 700 -13.26 2.49 -65.45
N ALA A 701 -12.12 1.99 -65.00
CA ALA A 701 -11.32 2.66 -63.99
C ALA A 701 -9.98 3.13 -64.56
N MET A 702 -9.38 4.11 -63.88
CA MET A 702 -8.12 4.71 -64.33
C MET A 702 -7.09 4.60 -63.21
N THR A 703 -6.05 3.81 -63.44
CA THR A 703 -5.00 3.71 -62.43
C THR A 703 -3.65 3.43 -63.08
N GLY A 704 -2.65 4.21 -62.66
CA GLY A 704 -1.33 4.18 -63.28
C GLY A 704 -0.50 5.31 -62.72
N GLU A 705 0.38 5.86 -63.58
CA GLU A 705 1.09 7.09 -63.22
C GLU A 705 1.50 7.79 -64.51
N VAL A 706 1.06 9.02 -64.70
CA VAL A 706 1.45 9.83 -65.85
C VAL A 706 2.86 10.36 -65.64
N SER A 707 3.74 10.10 -66.61
CA SER A 707 5.07 10.70 -66.63
C SER A 707 5.08 11.93 -67.53
N LEU A 708 6.23 12.59 -67.58
CA LEU A 708 6.32 13.91 -68.19
C LEU A 708 6.30 13.86 -69.72
N ARG A 709 6.59 12.70 -70.31
CA ARG A 709 6.72 12.62 -71.76
C ARG A 709 5.59 11.86 -72.44
N GLY A 710 4.74 11.17 -71.69
CA GLY A 710 3.68 10.39 -72.27
C GLY A 710 3.85 8.88 -72.17
N LYS A 711 4.47 8.38 -71.11
CA LYS A 711 4.69 6.96 -70.90
C LYS A 711 4.18 6.58 -69.51
N VAL A 712 3.33 5.57 -69.43
CA VAL A 712 2.71 5.21 -68.16
C VAL A 712 3.72 4.48 -67.30
N MET A 713 4.03 5.04 -66.14
CA MET A 713 4.96 4.39 -65.23
C MET A 713 4.29 3.21 -64.53
N PRO A 714 5.03 2.12 -64.30
CA PRO A 714 4.45 0.98 -63.57
C PRO A 714 4.19 1.32 -62.11
N ILE A 715 3.13 0.73 -61.57
CA ILE A 715 2.71 1.01 -60.20
C ILE A 715 2.64 -0.30 -59.44
N GLY A 716 2.88 -0.22 -58.13
CA GLY A 716 2.87 -1.41 -57.32
C GLY A 716 1.47 -1.93 -57.06
N GLY A 717 1.38 -3.26 -56.92
CA GLY A 717 0.15 -3.93 -56.52
C GLY A 717 -1.02 -3.77 -57.46
N VAL A 718 -0.82 -4.01 -58.76
CA VAL A 718 -1.95 -3.92 -59.68
C VAL A 718 -2.85 -5.14 -59.54
N LYS A 719 -2.37 -6.19 -58.89
CA LYS A 719 -3.22 -7.29 -58.47
C LYS A 719 -4.29 -6.84 -57.50
N GLU A 720 -3.98 -5.86 -56.66
CA GLU A 720 -4.91 -5.37 -55.66
C GLU A 720 -6.09 -4.67 -56.30
N LYS A 721 -5.81 -3.64 -57.10
CA LYS A 721 -6.85 -2.95 -57.85
C LYS A 721 -7.45 -3.85 -58.91
N LEU A 722 -6.68 -4.86 -59.34
CA LEU A 722 -7.18 -5.84 -60.33
C LEU A 722 -8.34 -6.62 -59.70
N LEU A 723 -8.08 -7.29 -58.58
CA LEU A 723 -9.16 -8.03 -57.90
C LEU A 723 -10.26 -7.12 -57.40
N ALA A 724 -9.96 -5.86 -57.07
CA ALA A 724 -11.04 -4.92 -56.76
C ALA A 724 -11.90 -4.65 -57.97
N ALA A 725 -11.27 -4.60 -59.14
CA ALA A 725 -11.97 -4.36 -60.39
C ALA A 725 -12.83 -5.55 -60.79
N HIS A 726 -12.24 -6.75 -60.74
CA HIS A 726 -13.01 -7.97 -60.99
C HIS A 726 -14.11 -8.15 -59.96
N GLN A 727 -13.86 -7.70 -58.72
CA GLN A 727 -14.82 -7.90 -57.65
C GLN A 727 -16.01 -6.97 -57.79
N ALA A 728 -15.76 -5.71 -58.15
CA ALA A 728 -16.82 -4.72 -58.25
C ALA A 728 -17.68 -4.87 -59.49
N GLY A 729 -17.33 -5.78 -60.40
CA GLY A 729 -17.94 -5.81 -61.70
C GLY A 729 -17.33 -4.84 -62.68
N ILE A 730 -16.28 -4.15 -62.29
CA ILE A 730 -15.59 -3.20 -63.18
C ILE A 730 -14.57 -4.04 -63.93
N HIS A 731 -15.04 -4.74 -64.95
CA HIS A 731 -14.23 -5.78 -65.57
C HIS A 731 -13.37 -5.24 -66.70
N LYS A 732 -13.84 -4.20 -67.37
CA LYS A 732 -13.00 -3.38 -68.22
C LYS A 732 -12.37 -2.30 -67.36
N ILE A 733 -11.04 -2.29 -67.28
CA ILE A 733 -10.28 -1.25 -66.60
C ILE A 733 -9.04 -0.87 -67.40
N VAL A 734 -8.23 0.02 -66.84
CA VAL A 734 -7.01 0.54 -67.45
C VAL A 734 -5.87 0.33 -66.48
N LEU A 735 -4.92 -0.53 -66.84
CA LEU A 735 -3.76 -0.89 -66.02
C LEU A 735 -2.51 -0.92 -66.91
N PRO A 736 -1.34 -0.52 -66.38
CA PRO A 736 -0.14 -0.47 -67.21
C PRO A 736 0.38 -1.84 -67.62
N LYS A 737 0.87 -1.93 -68.86
CA LYS A 737 1.50 -3.15 -69.35
C LYS A 737 2.88 -3.37 -68.75
N ASP A 738 3.48 -2.33 -68.16
CA ASP A 738 4.75 -2.48 -67.48
C ASP A 738 4.60 -3.24 -66.15
N ASN A 739 3.38 -3.35 -65.64
CA ASN A 739 3.08 -4.14 -64.44
C ASN A 739 2.66 -5.56 -64.77
N GLU A 740 3.15 -6.12 -65.88
CA GLU A 740 2.70 -7.43 -66.32
C GLU A 740 3.26 -8.55 -65.45
N ALA A 741 4.32 -8.28 -64.68
CA ALA A 741 4.76 -9.24 -63.66
C ALA A 741 3.70 -9.40 -62.58
N GLN A 742 3.15 -8.30 -62.08
CA GLN A 742 2.08 -8.36 -61.10
C GLN A 742 0.73 -8.71 -61.73
N LEU A 743 0.60 -8.56 -63.05
CA LEU A 743 -0.60 -9.04 -63.75
C LEU A 743 -0.68 -10.57 -63.72
N GLU A 744 0.47 -11.24 -63.66
CA GLU A 744 0.54 -12.70 -63.62
C GLU A 744 1.45 -13.19 -62.49
N GLU A 745 1.24 -12.65 -61.28
CA GLU A 745 1.57 -13.36 -60.05
C GLU A 745 0.33 -13.98 -59.43
N LEU A 746 -0.60 -14.48 -60.26
CA LEU A 746 -1.94 -14.83 -59.82
C LEU A 746 -2.35 -16.20 -60.34
N PRO A 747 -3.39 -16.83 -59.80
CA PRO A 747 -4.12 -17.84 -60.57
C PRO A 747 -5.08 -17.15 -61.52
N LYS A 748 -5.39 -17.82 -62.62
CA LYS A 748 -6.00 -17.14 -63.75
C LYS A 748 -7.50 -17.36 -63.86
N GLU A 749 -8.22 -17.30 -62.73
CA GLU A 749 -9.65 -17.03 -62.78
C GLU A 749 -9.91 -15.56 -63.10
N VAL A 750 -8.92 -14.70 -62.87
CA VAL A 750 -9.19 -13.27 -62.71
C VAL A 750 -9.15 -12.55 -64.05
N LEU A 751 -8.08 -12.76 -64.83
CA LEU A 751 -7.99 -12.13 -66.13
C LEU A 751 -8.94 -12.75 -67.14
N GLU A 752 -9.45 -13.96 -66.87
CA GLU A 752 -10.62 -14.43 -67.57
C GLU A 752 -11.82 -13.54 -67.25
N GLY A 753 -11.98 -13.17 -65.97
CA GLY A 753 -13.06 -12.32 -65.52
C GLY A 753 -12.79 -10.83 -65.61
N LEU A 754 -11.67 -10.42 -66.19
CA LEU A 754 -11.37 -9.02 -66.43
C LEU A 754 -11.10 -8.80 -67.91
N GLU A 755 -11.70 -7.75 -68.45
CA GLU A 755 -11.43 -7.34 -69.82
C GLU A 755 -10.24 -6.41 -69.78
N ILE A 756 -9.07 -6.93 -70.13
CA ILE A 756 -7.84 -6.15 -70.06
C ILE A 756 -7.77 -5.23 -71.27
N LYS A 757 -7.55 -3.94 -71.02
CA LYS A 757 -7.39 -2.95 -72.08
C LYS A 757 -5.94 -2.49 -72.13
N LEU A 758 -5.34 -2.53 -73.31
CA LEU A 758 -3.91 -2.26 -73.45
C LEU A 758 -3.63 -0.77 -73.30
N VAL A 759 -2.58 -0.46 -72.54
CA VAL A 759 -2.08 0.90 -72.41
C VAL A 759 -0.60 0.87 -72.00
N GLU A 760 0.20 1.69 -72.65
CA GLU A 760 1.51 2.03 -72.13
C GLU A 760 1.74 3.53 -72.13
N ASP A 761 0.95 4.30 -72.86
CA ASP A 761 1.20 5.71 -73.08
C ASP A 761 0.12 6.54 -72.42
N VAL A 762 0.50 7.76 -72.04
CA VAL A 762 -0.47 8.74 -71.56
C VAL A 762 -1.38 9.19 -72.69
N GLY A 763 -0.89 9.15 -73.94
CA GLY A 763 -1.74 9.44 -75.08
C GLY A 763 -2.83 8.41 -75.34
N GLU A 764 -2.72 7.22 -74.74
CA GLU A 764 -3.75 6.20 -74.88
C GLU A 764 -4.89 6.39 -73.87
N VAL A 765 -4.64 7.04 -72.74
CA VAL A 765 -5.62 7.03 -71.66
C VAL A 765 -6.74 8.06 -71.83
N LEU A 766 -6.57 9.04 -72.73
CA LEU A 766 -7.59 10.07 -72.91
C LEU A 766 -8.84 9.51 -73.57
N GLU A 767 -8.66 8.53 -74.45
CA GLU A 767 -9.78 7.88 -75.10
C GLU A 767 -10.24 6.64 -74.35
N TYR A 768 -9.92 6.54 -73.06
CA TYR A 768 -10.29 5.39 -72.26
C TYR A 768 -11.38 5.70 -71.24
N LEU A 769 -11.55 7.00 -70.97
CA LEU A 769 -12.64 7.46 -70.07
C LEU A 769 -13.15 8.83 -70.51
N LEU A 770 -13.68 8.96 -71.73
CA LEU A 770 -14.26 10.25 -72.19
C LEU A 770 -15.39 9.97 -73.17
N LEU A 771 -16.60 10.46 -72.90
CA LEU A 771 -17.68 10.26 -73.86
C LEU A 771 -17.44 11.13 -75.10
N PRO A 772 -17.02 12.42 -74.99
CA PRO A 772 -16.31 13.02 -76.14
C PRO A 772 -14.85 12.64 -76.09
N GLU A 773 -14.45 11.73 -76.98
CA GLU A 773 -13.23 10.93 -76.79
C GLU A 773 -11.90 11.70 -76.73
N PRO A 774 -11.62 12.73 -77.57
CA PRO A 774 -10.31 13.34 -77.33
C PRO A 774 -10.33 14.33 -76.18
N ARG B 2 -21.60 -68.53 -57.27
CA ARG B 2 -22.89 -68.23 -56.67
C ARG B 2 -23.69 -69.51 -56.45
N LEU B 3 -23.14 -70.41 -55.63
CA LEU B 3 -23.76 -71.71 -55.41
C LEU B 3 -24.96 -71.57 -54.47
N GLU B 4 -26.13 -71.99 -54.94
CA GLU B 4 -27.35 -71.97 -54.14
C GLU B 4 -27.38 -73.19 -53.23
N LEU B 5 -27.29 -72.96 -51.93
CA LEU B 5 -27.23 -74.01 -50.93
C LEU B 5 -28.25 -73.73 -49.83
N PRO B 6 -28.72 -74.76 -49.14
CA PRO B 6 -29.58 -74.54 -47.97
C PRO B 6 -28.85 -73.81 -46.85
N VAL B 7 -29.60 -72.98 -46.13
CA VAL B 7 -29.05 -72.08 -45.12
C VAL B 7 -29.65 -72.42 -43.77
N ILE B 8 -28.78 -72.67 -42.79
CA ILE B 8 -29.19 -72.79 -41.40
C ILE B 8 -29.13 -71.40 -40.77
N PRO B 9 -30.26 -70.83 -40.36
CA PRO B 9 -30.21 -69.52 -39.67
C PRO B 9 -29.66 -69.65 -38.26
N LEU B 10 -28.47 -69.10 -38.04
CA LEU B 10 -27.83 -69.18 -36.73
C LEU B 10 -28.53 -68.26 -35.74
N ARG B 11 -28.57 -68.69 -34.48
CA ARG B 11 -29.33 -67.99 -33.46
C ARG B 11 -28.60 -66.73 -32.99
N ASN B 12 -27.47 -66.90 -32.30
CA ASN B 12 -26.72 -65.76 -31.79
C ASN B 12 -25.21 -65.85 -31.98
N THR B 13 -24.69 -66.92 -32.56
CA THR B 13 -23.25 -67.10 -32.72
C THR B 13 -22.87 -66.80 -34.16
N VAL B 14 -22.00 -65.80 -34.36
CA VAL B 14 -21.44 -65.50 -35.66
C VAL B 14 -20.32 -66.50 -35.90
N ILE B 15 -20.61 -67.55 -36.68
CA ILE B 15 -19.65 -68.62 -36.90
C ILE B 15 -18.67 -68.16 -37.99
N LEU B 16 -17.40 -68.00 -37.61
CA LEU B 16 -16.37 -67.63 -38.55
C LEU B 16 -16.00 -68.83 -39.42
N PRO B 17 -15.39 -68.60 -40.58
CA PRO B 17 -14.82 -69.71 -41.34
C PRO B 17 -13.65 -70.33 -40.60
N HIS B 18 -13.37 -71.59 -40.96
CA HIS B 18 -12.32 -72.42 -40.35
C HIS B 18 -12.50 -72.56 -38.84
N THR B 19 -13.75 -72.78 -38.42
CA THR B 19 -14.10 -72.94 -37.01
C THR B 19 -14.74 -74.31 -36.80
N THR B 20 -14.34 -74.97 -35.71
CA THR B 20 -14.94 -76.25 -35.32
C THR B 20 -16.12 -75.98 -34.39
N THR B 21 -17.17 -75.39 -34.96
CA THR B 21 -18.34 -74.99 -34.21
C THR B 21 -19.52 -75.87 -34.56
N PRO B 22 -20.03 -76.68 -33.64
CA PRO B 22 -21.27 -77.42 -33.91
C PRO B 22 -22.47 -76.50 -33.99
N VAL B 23 -23.50 -76.96 -34.72
CA VAL B 23 -24.70 -76.18 -34.95
C VAL B 23 -25.89 -76.95 -34.39
N ASP B 24 -26.68 -76.29 -33.54
CA ASP B 24 -27.90 -76.86 -33.00
C ASP B 24 -29.10 -76.18 -33.65
N VAL B 25 -30.04 -76.97 -34.15
CA VAL B 25 -31.23 -76.47 -34.81
C VAL B 25 -32.44 -76.89 -33.98
N GLY B 26 -33.20 -75.92 -33.50
CA GLY B 26 -34.38 -76.19 -32.72
C GLY B 26 -35.64 -75.63 -33.35
N ARG B 27 -35.55 -75.29 -34.64
CA ARG B 27 -36.67 -74.72 -35.38
C ARG B 27 -37.30 -75.78 -36.27
N ALA B 28 -38.63 -75.77 -36.31
CA ALA B 28 -39.34 -76.75 -37.13
C ALA B 28 -39.23 -76.44 -38.61
N LYS B 29 -39.30 -75.15 -38.96
CA LYS B 29 -39.25 -74.75 -40.36
C LYS B 29 -37.84 -74.55 -40.89
N SER B 30 -36.83 -74.57 -40.03
CA SER B 30 -35.45 -74.46 -40.46
C SER B 30 -34.72 -75.81 -40.49
N LYS B 31 -35.32 -76.86 -39.93
CA LYS B 31 -34.73 -78.20 -40.02
C LYS B 31 -34.94 -78.82 -41.39
N ARG B 32 -35.90 -78.32 -42.17
CA ARG B 32 -36.03 -78.75 -43.56
C ARG B 32 -34.83 -78.30 -44.39
N ALA B 33 -34.26 -77.15 -44.05
CA ALA B 33 -33.01 -76.71 -44.67
C ALA B 33 -31.87 -77.66 -44.34
N VAL B 34 -31.82 -78.15 -43.11
CA VAL B 34 -30.77 -79.10 -42.71
C VAL B 34 -30.96 -80.44 -43.42
N GLU B 35 -32.21 -80.88 -43.54
CA GLU B 35 -32.52 -82.13 -44.25
C GLU B 35 -32.22 -82.02 -45.74
N GLU B 36 -32.44 -80.85 -46.34
CA GLU B 36 -32.05 -80.63 -47.73
C GLU B 36 -30.53 -80.53 -47.86
N ALA B 37 -29.87 -79.97 -46.85
CA ALA B 37 -28.42 -79.79 -46.87
C ALA B 37 -27.66 -81.07 -46.61
N MET B 38 -28.30 -82.11 -46.07
CA MET B 38 -27.66 -83.43 -46.03
C MET B 38 -27.44 -83.97 -47.44
N GLY B 39 -28.42 -83.78 -48.32
CA GLY B 39 -28.32 -84.21 -49.70
C GLY B 39 -27.72 -83.19 -50.64
N ALA B 40 -27.19 -82.09 -50.12
CA ALA B 40 -26.61 -81.02 -50.93
C ALA B 40 -25.09 -81.10 -50.96
N ASP B 41 -24.56 -82.33 -51.03
CA ASP B 41 -23.12 -82.65 -51.02
C ASP B 41 -22.44 -82.11 -49.76
N ARG B 42 -23.16 -82.25 -48.62
CA ARG B 42 -22.78 -81.84 -47.25
C ARG B 42 -22.08 -80.48 -47.19
N LEU B 43 -22.67 -79.50 -47.87
CA LEU B 43 -22.15 -78.14 -47.90
C LEU B 43 -23.27 -77.18 -47.51
N ILE B 44 -23.10 -76.51 -46.37
CA ILE B 44 -24.12 -75.62 -45.82
C ILE B 44 -23.54 -74.22 -45.73
N PHE B 45 -24.26 -73.24 -46.28
CA PHE B 45 -23.92 -71.84 -46.07
C PHE B 45 -24.56 -71.36 -44.78
N LEU B 46 -23.73 -71.04 -43.80
CA LEU B 46 -24.21 -70.57 -42.49
C LEU B 46 -24.21 -69.05 -42.52
N VAL B 47 -25.36 -68.46 -42.84
CA VAL B 47 -25.52 -67.01 -42.76
C VAL B 47 -25.60 -66.64 -41.28
N ALA B 48 -24.62 -65.87 -40.83
CA ALA B 48 -24.41 -65.64 -39.40
C ALA B 48 -25.06 -64.34 -38.94
N GLN B 49 -26.37 -64.24 -39.16
CA GLN B 49 -27.13 -63.10 -38.67
C GLN B 49 -27.42 -63.26 -37.18
N ARG B 50 -27.73 -62.15 -36.52
CA ARG B 50 -28.01 -62.14 -35.09
C ARG B 50 -29.45 -62.49 -34.76
N ASP B 51 -30.31 -62.61 -35.76
CA ASP B 51 -31.71 -62.94 -35.53
C ASP B 51 -31.89 -64.46 -35.58
N PRO B 52 -32.40 -65.08 -34.51
CA PRO B 52 -32.66 -66.53 -34.58
C PRO B 52 -33.77 -66.89 -35.54
N GLU B 53 -34.83 -66.07 -35.60
CA GLU B 53 -35.99 -66.23 -36.48
C GLU B 53 -36.66 -67.60 -36.28
N VAL B 54 -37.16 -67.79 -35.06
CA VAL B 54 -37.79 -69.05 -34.70
C VAL B 54 -39.15 -69.15 -35.37
N ASP B 55 -39.35 -70.23 -36.13
CA ASP B 55 -40.57 -70.60 -36.85
C ASP B 55 -41.02 -69.57 -37.91
N ASP B 56 -40.18 -68.59 -38.21
CA ASP B 56 -40.48 -67.55 -39.19
C ASP B 56 -39.17 -67.09 -39.85
N PRO B 57 -38.70 -67.81 -40.86
CA PRO B 57 -37.47 -67.41 -41.54
C PRO B 57 -37.67 -66.15 -42.37
N ALA B 58 -36.68 -65.27 -42.34
CA ALA B 58 -36.75 -63.99 -43.04
C ALA B 58 -35.50 -63.80 -43.89
N PRO B 59 -35.64 -63.52 -45.18
CA PRO B 59 -34.45 -63.32 -46.03
C PRO B 59 -33.84 -61.94 -45.94
N ASP B 60 -34.62 -60.91 -45.58
CA ASP B 60 -34.10 -59.55 -45.54
C ASP B 60 -33.25 -59.27 -44.31
N ASP B 61 -33.39 -60.08 -43.25
CA ASP B 61 -32.58 -59.93 -42.06
C ASP B 61 -31.28 -60.73 -42.13
N LEU B 62 -31.06 -61.42 -43.25
CA LEU B 62 -29.83 -62.18 -43.44
C LEU B 62 -28.68 -61.24 -43.78
N TYR B 63 -27.47 -61.63 -43.37
CA TYR B 63 -26.28 -60.87 -43.71
C TYR B 63 -25.76 -61.21 -45.11
N THR B 64 -25.00 -60.27 -45.66
CA THR B 64 -24.39 -60.45 -46.98
C THR B 64 -23.27 -61.48 -46.93
N TRP B 65 -22.55 -61.55 -45.82
CA TRP B 65 -21.42 -62.48 -45.69
C TRP B 65 -21.92 -63.82 -45.18
N GLY B 66 -21.85 -64.83 -46.04
CA GLY B 66 -22.25 -66.19 -45.70
C GLY B 66 -21.03 -67.07 -45.56
N VAL B 67 -21.07 -68.00 -44.61
CA VAL B 67 -19.94 -68.86 -44.27
C VAL B 67 -20.31 -70.28 -44.65
N GLN B 68 -19.50 -70.89 -45.52
CA GLN B 68 -19.73 -72.27 -45.92
C GLN B 68 -19.16 -73.24 -44.89
N ALA B 69 -19.84 -74.37 -44.74
CA ALA B 69 -19.44 -75.38 -43.77
C ALA B 69 -19.54 -76.77 -44.41
N VAL B 70 -18.79 -77.71 -43.84
CA VAL B 70 -18.79 -79.10 -44.29
C VAL B 70 -19.30 -79.97 -43.14
N VAL B 71 -20.12 -80.96 -43.48
CA VAL B 71 -20.76 -81.82 -42.49
C VAL B 71 -19.91 -83.08 -42.31
N LYS B 72 -19.59 -83.41 -41.06
CA LYS B 72 -18.88 -84.63 -40.72
C LYS B 72 -19.81 -85.74 -40.24
N GLN B 73 -20.61 -85.47 -39.22
CA GLN B 73 -21.56 -86.44 -38.69
C GLN B 73 -22.77 -85.70 -38.14
N ALA B 74 -23.89 -86.42 -38.04
CA ALA B 74 -25.13 -85.83 -37.57
C ALA B 74 -25.97 -86.90 -36.88
N MET B 75 -26.42 -86.59 -35.65
CA MET B 75 -27.30 -87.46 -34.89
C MET B 75 -28.53 -86.66 -34.47
N ARG B 76 -29.58 -87.38 -34.10
CA ARG B 76 -30.84 -86.79 -33.67
C ARG B 76 -30.94 -86.85 -32.15
N LEU B 77 -31.07 -85.68 -31.52
CA LEU B 77 -31.28 -85.61 -30.08
C LEU B 77 -32.73 -85.98 -29.75
N PRO B 78 -32.97 -86.62 -28.60
CA PRO B 78 -34.33 -87.09 -28.29
C PRO B 78 -35.31 -85.97 -27.93
N ASP B 79 -34.85 -84.78 -27.60
CA ASP B 79 -35.75 -83.69 -27.23
C ASP B 79 -36.22 -82.86 -28.41
N GLY B 80 -35.83 -83.21 -29.63
CA GLY B 80 -36.26 -82.51 -30.81
C GLY B 80 -35.30 -81.45 -31.33
N THR B 81 -34.00 -81.58 -31.05
CA THR B 81 -33.00 -80.62 -31.50
C THR B 81 -32.07 -81.31 -32.50
N LEU B 82 -31.82 -80.64 -33.63
CA LEU B 82 -30.94 -81.19 -34.66
C LEU B 82 -29.51 -80.79 -34.32
N GLN B 83 -28.79 -81.67 -33.65
CA GLN B 83 -27.38 -81.45 -33.33
C GLN B 83 -26.53 -82.01 -34.45
N VAL B 84 -25.67 -81.17 -35.03
CA VAL B 84 -24.76 -81.58 -36.09
C VAL B 84 -23.39 -80.99 -35.79
N MET B 85 -22.34 -81.79 -36.00
CA MET B 85 -20.96 -81.37 -35.79
C MET B 85 -20.39 -80.98 -37.15
N VAL B 86 -20.28 -79.68 -37.40
CA VAL B 86 -19.78 -79.16 -38.66
C VAL B 86 -18.53 -78.33 -38.40
N GLU B 87 -17.67 -78.28 -39.41
CA GLU B 87 -16.53 -77.38 -39.43
C GLU B 87 -16.70 -76.43 -40.61
N ALA B 88 -16.57 -75.14 -40.35
CA ALA B 88 -16.79 -74.13 -41.39
C ALA B 88 -15.66 -74.17 -42.42
N ARG B 89 -16.03 -74.02 -43.69
CA ARG B 89 -15.06 -74.16 -44.77
C ARG B 89 -14.45 -72.81 -45.16
N ALA B 90 -15.28 -71.88 -45.62
CA ALA B 90 -14.80 -70.57 -46.07
C ALA B 90 -15.96 -69.57 -46.03
N ARG B 91 -15.64 -68.32 -46.32
CA ARG B 91 -16.62 -67.25 -46.39
C ARG B 91 -17.08 -67.04 -47.83
N ALA B 92 -18.14 -66.24 -47.98
CA ALA B 92 -18.70 -65.96 -49.28
C ALA B 92 -19.47 -64.64 -49.23
N GLN B 93 -19.76 -64.10 -50.40
CA GLN B 93 -20.55 -62.89 -50.56
C GLN B 93 -21.85 -63.24 -51.26
N VAL B 94 -22.97 -62.78 -50.70
CA VAL B 94 -24.29 -63.05 -51.26
C VAL B 94 -24.71 -61.85 -52.11
N THR B 95 -24.95 -62.10 -53.40
CA THR B 95 -25.35 -61.03 -54.30
C THR B 95 -26.82 -60.65 -54.10
N ASP B 96 -27.71 -61.65 -54.17
CA ASP B 96 -29.13 -61.42 -54.01
C ASP B 96 -29.69 -62.35 -52.94
N TYR B 97 -30.60 -61.83 -52.13
CA TYR B 97 -31.23 -62.60 -51.06
C TYR B 97 -32.39 -63.40 -51.66
N ILE B 98 -32.24 -64.72 -51.73
CA ILE B 98 -33.31 -65.58 -52.23
C ILE B 98 -34.37 -65.70 -51.15
N PRO B 99 -35.62 -65.34 -51.44
CA PRO B 99 -36.66 -65.39 -50.40
C PRO B 99 -37.05 -66.81 -50.02
N GLY B 100 -37.52 -66.96 -48.80
CA GLY B 100 -37.98 -68.23 -48.29
C GLY B 100 -39.40 -68.17 -47.78
N PRO B 101 -39.77 -69.08 -46.87
CA PRO B 101 -38.99 -70.19 -46.30
C PRO B 101 -38.91 -71.40 -47.25
N TYR B 102 -37.78 -72.11 -47.29
CA TYR B 102 -36.60 -71.85 -46.48
C TYR B 102 -35.61 -70.93 -47.19
N LEU B 103 -34.67 -70.38 -46.42
CA LEU B 103 -33.75 -69.36 -46.92
C LEU B 103 -32.60 -69.97 -47.71
N ARG B 104 -32.14 -69.23 -48.71
CA ARG B 104 -31.00 -69.62 -49.53
C ARG B 104 -29.98 -68.50 -49.57
N ALA B 105 -28.73 -68.86 -49.88
CA ALA B 105 -27.67 -67.89 -50.05
C ALA B 105 -26.69 -68.41 -51.10
N ARG B 106 -25.98 -67.47 -51.73
CA ARG B 106 -25.05 -67.79 -52.79
C ARG B 106 -23.63 -67.39 -52.39
N GLY B 107 -22.68 -67.73 -53.25
CA GLY B 107 -21.30 -67.35 -53.05
C GLY B 107 -20.37 -68.37 -53.66
N GLU B 108 -19.08 -68.11 -53.47
CA GLU B 108 -18.03 -68.99 -54.00
C GLU B 108 -17.82 -70.18 -53.07
N VAL B 109 -17.13 -71.20 -53.61
CA VAL B 109 -16.77 -72.35 -52.79
C VAL B 109 -15.68 -72.00 -51.79
N PHE B 110 -14.77 -71.07 -52.14
CA PHE B 110 -13.82 -70.51 -51.19
C PHE B 110 -13.40 -69.12 -51.68
N SER B 111 -13.14 -68.23 -50.72
CA SER B 111 -12.69 -66.88 -51.02
C SER B 111 -11.49 -66.50 -50.16
N GLU B 112 -10.83 -67.46 -49.53
CA GLU B 112 -9.68 -67.19 -48.69
C GLU B 112 -8.47 -66.82 -49.53
N ILE B 113 -7.54 -66.11 -48.90
CA ILE B 113 -6.30 -65.67 -49.53
C ILE B 113 -5.15 -66.37 -48.83
N PHE B 114 -4.27 -66.99 -49.62
CA PHE B 114 -3.14 -67.73 -49.08
C PHE B 114 -2.14 -66.78 -48.41
N PRO B 115 -1.46 -67.23 -47.35
CA PRO B 115 -0.52 -66.34 -46.66
C PRO B 115 0.72 -66.05 -47.49
N ILE B 116 1.09 -64.77 -47.55
CA ILE B 116 2.26 -64.30 -48.27
C ILE B 116 3.23 -63.71 -47.27
N ASP B 117 4.52 -64.03 -47.42
CA ASP B 117 5.61 -63.65 -46.51
C ASP B 117 5.32 -64.14 -45.09
N GLU B 118 5.35 -65.48 -44.97
CA GLU B 118 4.85 -66.20 -43.81
C GLU B 118 5.67 -66.01 -42.54
N ALA B 119 6.85 -65.37 -42.61
CA ALA B 119 7.61 -65.09 -41.40
C ALA B 119 6.87 -64.11 -40.49
N VAL B 120 6.31 -63.05 -41.07
CA VAL B 120 5.52 -62.09 -40.29
C VAL B 120 4.25 -62.74 -39.77
N VAL B 121 3.66 -63.65 -40.55
CA VAL B 121 2.49 -64.40 -40.12
C VAL B 121 2.83 -65.30 -38.94
N ARG B 122 4.00 -65.94 -38.98
CA ARG B 122 4.47 -66.78 -37.87
C ARG B 122 4.71 -65.96 -36.61
N VAL B 123 5.30 -64.77 -36.77
CA VAL B 123 5.52 -63.86 -35.63
C VAL B 123 4.19 -63.43 -35.03
N LEU B 124 3.20 -63.11 -35.88
CA LEU B 124 1.88 -62.72 -35.39
C LEU B 124 1.14 -63.88 -34.73
N VAL B 125 1.33 -65.11 -35.22
CA VAL B 125 0.74 -66.30 -34.59
C VAL B 125 1.36 -66.53 -33.22
N GLU B 126 2.69 -66.37 -33.10
CA GLU B 126 3.36 -66.50 -31.80
C GLU B 126 2.90 -65.43 -30.82
N GLU B 127 2.74 -64.19 -31.30
CA GLU B 127 2.25 -63.10 -30.45
C GLU B 127 0.79 -63.33 -30.05
N LEU B 128 -0.02 -63.90 -30.95
CA LEU B 128 -1.40 -64.25 -30.62
C LEU B 128 -1.46 -65.36 -29.59
N LYS B 129 -0.54 -66.33 -29.68
CA LYS B 129 -0.44 -67.38 -28.66
C LYS B 129 -0.08 -66.82 -27.30
N GLU B 130 0.88 -65.87 -27.26
CA GLU B 130 1.24 -65.22 -26.01
C GLU B 130 0.10 -64.38 -25.45
N ALA B 131 -0.65 -63.70 -26.32
CA ALA B 131 -1.79 -62.89 -25.87
C ALA B 131 -2.93 -63.77 -25.35
N PHE B 132 -3.15 -64.93 -25.99
CA PHE B 132 -4.18 -65.85 -25.50
C PHE B 132 -3.75 -66.53 -24.21
N GLU B 133 -2.46 -66.76 -24.01
CA GLU B 133 -1.99 -67.28 -22.73
C GLU B 133 -2.11 -66.24 -21.63
N LYS B 134 -1.85 -64.97 -21.95
CA LYS B 134 -2.01 -63.89 -20.97
C LYS B 134 -3.47 -63.53 -20.72
N TYR B 135 -4.37 -63.87 -21.64
CA TYR B 135 -5.78 -63.57 -21.45
C TYR B 135 -6.41 -64.43 -20.36
N VAL B 136 -6.06 -65.72 -20.34
CA VAL B 136 -6.61 -66.62 -19.33
C VAL B 136 -5.87 -66.48 -18.00
N ALA B 137 -4.68 -65.89 -17.99
CA ALA B 137 -3.87 -65.77 -16.79
C ALA B 137 -4.37 -64.72 -15.81
N ASN B 138 -5.32 -63.88 -16.21
CA ASN B 138 -5.88 -62.84 -15.34
C ASN B 138 -7.12 -63.30 -14.60
N HIS B 139 -7.49 -64.57 -14.72
CA HIS B 139 -8.72 -65.10 -14.16
C HIS B 139 -8.47 -65.69 -12.77
N LYS B 140 -9.16 -65.16 -11.77
CA LYS B 140 -9.13 -65.69 -10.42
C LYS B 140 -10.51 -66.10 -9.91
N SER B 141 -11.53 -65.28 -10.14
CA SER B 141 -12.90 -65.63 -9.80
C SER B 141 -13.79 -65.79 -11.02
N LEU B 142 -13.25 -65.60 -12.23
CA LEU B 142 -13.95 -65.77 -13.49
C LEU B 142 -13.18 -66.73 -14.39
N ARG B 143 -12.84 -67.89 -13.83
CA ARG B 143 -11.93 -68.84 -14.46
C ARG B 143 -12.53 -69.45 -15.72
N LEU B 144 -11.64 -69.85 -16.63
CA LEU B 144 -12.00 -70.41 -17.93
C LEU B 144 -11.48 -71.84 -18.01
N ASP B 145 -11.89 -72.54 -19.06
CA ASP B 145 -11.43 -73.90 -19.29
C ASP B 145 -9.95 -73.91 -19.70
N ARG B 146 -9.20 -74.85 -19.13
CA ARG B 146 -7.78 -74.96 -19.41
C ARG B 146 -7.47 -75.79 -20.65
N TYR B 147 -8.49 -76.38 -21.28
CA TYR B 147 -8.27 -77.24 -22.44
C TYR B 147 -8.26 -76.48 -23.75
N GLN B 148 -8.44 -75.15 -23.72
CA GLN B 148 -8.35 -74.37 -24.95
C GLN B 148 -6.92 -74.19 -25.43
N LEU B 149 -5.93 -74.32 -24.53
CA LEU B 149 -4.54 -74.17 -24.92
C LEU B 149 -4.02 -75.38 -25.68
N GLU B 150 -4.61 -76.55 -25.48
CA GLU B 150 -4.23 -77.76 -26.21
C GLU B 150 -4.95 -77.89 -27.53
N ALA B 151 -5.88 -76.99 -27.84
CA ALA B 151 -6.60 -77.01 -29.11
C ALA B 151 -5.88 -76.27 -30.22
N VAL B 152 -4.77 -75.59 -29.93
CA VAL B 152 -4.03 -74.85 -30.94
C VAL B 152 -2.78 -75.58 -31.40
N LYS B 153 -2.36 -76.65 -30.70
CA LYS B 153 -1.21 -77.43 -31.13
C LYS B 153 -1.52 -78.34 -32.31
N GLY B 154 -2.79 -78.67 -32.53
CA GLY B 154 -3.20 -79.45 -33.68
C GLY B 154 -3.42 -78.65 -34.93
N THR B 155 -3.15 -77.36 -34.90
CA THR B 155 -3.35 -76.46 -36.03
C THR B 155 -2.10 -76.45 -36.90
N SER B 156 -2.24 -76.89 -38.14
CA SER B 156 -1.15 -76.83 -39.11
C SER B 156 -1.16 -75.55 -39.94
N ASP B 157 -2.16 -74.70 -39.75
CA ASP B 157 -2.29 -73.46 -40.52
C ASP B 157 -2.71 -72.34 -39.58
N PRO B 158 -2.29 -71.10 -39.87
CA PRO B 158 -2.76 -69.96 -39.05
C PRO B 158 -4.25 -69.69 -39.17
N ALA B 159 -4.88 -70.08 -40.27
CA ALA B 159 -6.33 -69.92 -40.40
C ALA B 159 -7.10 -70.81 -39.43
N MET B 160 -6.52 -71.97 -39.08
CA MET B 160 -7.07 -72.77 -38.00
C MET B 160 -6.93 -72.05 -36.66
N LEU B 161 -5.72 -71.57 -36.36
CA LEU B 161 -5.36 -71.13 -35.02
C LEU B 161 -6.02 -69.81 -34.64
N ALA B 162 -6.06 -68.86 -35.59
CA ALA B 162 -6.65 -67.54 -35.31
C ALA B 162 -8.14 -67.66 -35.02
N ASP B 163 -8.85 -68.46 -35.81
CA ASP B 163 -10.29 -68.63 -35.60
C ASP B 163 -10.57 -69.51 -34.37
N THR B 164 -9.67 -70.45 -34.05
CA THR B 164 -9.84 -71.22 -32.83
C THR B 164 -9.65 -70.36 -31.58
N ILE B 165 -8.69 -69.44 -31.62
CA ILE B 165 -8.51 -68.50 -30.52
C ILE B 165 -9.67 -67.52 -30.45
N ALA B 166 -10.18 -67.07 -31.61
CA ALA B 166 -11.29 -66.13 -31.65
C ALA B 166 -12.59 -66.73 -31.15
N TYR B 167 -12.79 -68.05 -31.36
CA TYR B 167 -14.02 -68.67 -30.86
C TYR B 167 -14.00 -68.85 -29.34
N HIS B 168 -12.81 -68.93 -28.74
CA HIS B 168 -12.67 -69.20 -27.31
C HIS B 168 -12.64 -67.94 -26.46
N ALA B 169 -12.89 -66.78 -27.04
CA ALA B 169 -13.00 -65.53 -26.30
C ALA B 169 -14.40 -64.95 -26.51
N THR B 170 -14.63 -63.76 -25.97
CA THR B 170 -15.98 -63.18 -25.96
C THR B 170 -15.90 -61.70 -26.31
N TRP B 171 -16.54 -61.32 -27.40
CA TRP B 171 -16.79 -59.91 -27.74
C TRP B 171 -18.06 -59.84 -28.59
N THR B 172 -18.31 -58.68 -29.19
CA THR B 172 -19.56 -58.42 -29.88
C THR B 172 -19.60 -59.08 -31.26
N VAL B 173 -20.75 -58.95 -31.92
CA VAL B 173 -20.94 -59.59 -33.21
C VAL B 173 -20.49 -58.70 -34.38
N ALA B 174 -20.37 -57.39 -34.16
CA ALA B 174 -19.95 -56.49 -35.23
C ALA B 174 -18.48 -56.70 -35.58
N GLU B 175 -17.65 -56.97 -34.57
CA GLU B 175 -16.24 -57.25 -34.83
C GLU B 175 -16.07 -58.59 -35.55
N LYS B 176 -16.92 -59.57 -35.21
CA LYS B 176 -16.92 -60.83 -35.96
C LYS B 176 -17.39 -60.61 -37.40
N GLN B 177 -18.34 -59.70 -37.62
CA GLN B 177 -18.75 -59.39 -38.99
C GLN B 177 -17.65 -58.68 -39.76
N GLU B 178 -16.86 -57.83 -39.08
CA GLU B 178 -15.70 -57.23 -39.73
C GLU B 178 -14.60 -58.26 -40.01
N ILE B 179 -14.51 -59.29 -39.17
CA ILE B 179 -13.63 -60.42 -39.47
C ILE B 179 -14.13 -61.15 -40.73
N LEU B 180 -15.46 -61.32 -40.85
CA LEU B 180 -16.04 -61.88 -42.06
C LEU B 180 -15.77 -61.00 -43.28
N GLU B 181 -15.71 -59.68 -43.10
CA GLU B 181 -15.45 -58.78 -44.21
C GLU B 181 -14.01 -58.92 -44.72
N LEU B 182 -13.06 -59.21 -43.84
CA LEU B 182 -11.66 -59.37 -44.23
C LEU B 182 -11.49 -60.73 -44.92
N THR B 183 -11.33 -60.71 -46.25
CA THR B 183 -11.21 -61.95 -47.00
C THR B 183 -9.87 -62.63 -46.73
N ASP B 184 -8.80 -61.86 -46.64
CA ASP B 184 -7.49 -62.41 -46.34
C ASP B 184 -7.42 -62.86 -44.89
N LEU B 185 -6.80 -64.02 -44.66
CA LEU B 185 -6.68 -64.54 -43.31
C LEU B 185 -5.64 -63.78 -42.49
N GLU B 186 -4.69 -63.11 -43.13
CA GLU B 186 -3.71 -62.32 -42.41
C GLU B 186 -4.34 -61.08 -41.79
N ALA B 187 -5.22 -60.42 -42.54
CA ALA B 187 -5.93 -59.24 -42.02
C ALA B 187 -6.88 -59.62 -40.89
N ARG B 188 -7.58 -60.76 -41.04
CA ARG B 188 -8.47 -61.20 -39.96
C ARG B 188 -7.67 -61.71 -38.77
N LEU B 189 -6.45 -62.20 -38.98
CA LEU B 189 -5.59 -62.59 -37.87
C LEU B 189 -5.11 -61.36 -37.11
N LYS B 190 -4.77 -60.29 -37.84
CA LYS B 190 -4.43 -59.02 -37.20
C LYS B 190 -5.61 -58.43 -36.47
N LYS B 191 -6.82 -58.60 -37.01
CA LYS B 191 -8.04 -58.15 -36.33
C LYS B 191 -8.27 -58.93 -35.04
N VAL B 192 -8.04 -60.25 -35.08
CA VAL B 192 -8.16 -61.09 -33.89
C VAL B 192 -7.13 -60.70 -32.84
N LEU B 193 -5.90 -60.41 -33.27
CA LEU B 193 -4.86 -59.96 -32.36
C LEU B 193 -5.20 -58.62 -31.72
N GLY B 194 -5.75 -57.68 -32.51
CA GLY B 194 -6.17 -56.40 -31.96
C GLY B 194 -7.33 -56.53 -30.99
N LEU B 195 -8.29 -57.40 -31.29
CA LEU B 195 -9.41 -57.63 -30.39
C LEU B 195 -8.96 -58.27 -29.08
N LEU B 196 -8.01 -59.21 -29.15
CA LEU B 196 -7.48 -59.82 -27.93
C LEU B 196 -6.64 -58.85 -27.12
N SER B 197 -5.92 -57.94 -27.80
CA SER B 197 -5.22 -56.87 -27.10
C SER B 197 -6.19 -55.92 -26.42
N ARG B 198 -7.32 -55.63 -27.07
CA ARG B 198 -8.37 -54.83 -26.43
C ARG B 198 -8.97 -55.54 -25.23
N ASP B 199 -9.14 -56.87 -25.32
CA ASP B 199 -9.62 -57.66 -24.18
C ASP B 199 -8.65 -57.60 -23.01
N LEU B 200 -7.36 -57.73 -23.28
CA LEU B 200 -6.33 -57.62 -22.24
C LEU B 200 -6.31 -56.21 -21.64
N GLU B 201 -6.46 -55.19 -22.49
CA GLU B 201 -6.48 -53.81 -22.03
C GLU B 201 -7.67 -53.54 -21.12
N ARG B 202 -8.85 -54.06 -21.47
CA ARG B 202 -10.03 -53.86 -20.63
C ARG B 202 -9.93 -54.68 -19.33
N PHE B 203 -9.37 -55.88 -19.41
CA PHE B 203 -9.26 -56.72 -18.22
C PHE B 203 -8.21 -56.20 -17.25
N GLU B 204 -7.21 -55.46 -17.73
CA GLU B 204 -6.30 -54.77 -16.83
C GLU B 204 -6.84 -53.43 -16.37
N LEU B 205 -7.62 -52.74 -17.21
CA LEU B 205 -8.21 -51.46 -16.82
C LEU B 205 -9.26 -51.63 -15.74
N ASP B 206 -9.98 -52.75 -15.73
CA ASP B 206 -10.94 -53.01 -14.65
C ASP B 206 -10.25 -53.18 -13.31
N LYS B 207 -9.12 -53.89 -13.29
CA LYS B 207 -8.33 -54.03 -12.07
C LYS B 207 -7.74 -52.69 -11.63
N ARG B 208 -7.27 -51.89 -12.59
CA ARG B 208 -6.70 -50.59 -12.28
C ARG B 208 -7.74 -49.64 -11.71
N VAL B 209 -8.94 -49.61 -12.28
CA VAL B 209 -9.97 -48.70 -11.77
C VAL B 209 -10.55 -49.24 -10.45
N ALA B 210 -10.55 -50.57 -10.25
CA ALA B 210 -10.99 -51.11 -8.98
C ALA B 210 -9.99 -50.80 -7.86
N GLN B 211 -8.70 -50.76 -8.18
CA GLN B 211 -7.72 -50.32 -7.20
C GLN B 211 -7.83 -48.82 -6.95
N ARG B 212 -8.00 -48.03 -8.02
CA ARG B 212 -8.00 -46.57 -7.90
C ARG B 212 -9.24 -46.03 -7.19
N VAL B 213 -10.39 -46.71 -7.32
CA VAL B 213 -11.59 -46.31 -6.59
C VAL B 213 -11.35 -46.45 -5.08
N LYS B 214 -10.75 -47.56 -4.66
CA LYS B 214 -10.43 -47.75 -3.25
C LYS B 214 -9.34 -46.79 -2.78
N GLU B 215 -8.38 -46.48 -3.65
CA GLU B 215 -7.32 -45.52 -3.31
C GLU B 215 -7.89 -44.12 -3.09
N GLN B 216 -8.76 -43.67 -4.01
CA GLN B 216 -9.36 -42.35 -3.86
C GLN B 216 -10.39 -42.32 -2.74
N MET B 217 -11.02 -43.45 -2.45
CA MET B 217 -11.95 -43.52 -1.31
C MET B 217 -11.19 -43.43 0.01
N ASP B 218 -10.02 -44.07 0.10
CA ASP B 218 -9.18 -43.95 1.28
C ASP B 218 -8.59 -42.54 1.41
N THR B 219 -8.23 -41.93 0.27
CA THR B 219 -7.78 -40.54 0.30
C THR B 219 -8.89 -39.60 0.74
N ASN B 220 -10.13 -39.88 0.31
CA ASN B 220 -11.26 -39.05 0.70
C ASN B 220 -11.60 -39.20 2.18
N GLN B 221 -11.53 -40.43 2.70
CA GLN B 221 -11.78 -40.60 4.13
C GLN B 221 -10.62 -40.09 4.99
N ARG B 222 -9.41 -39.99 4.43
CA ARG B 222 -8.37 -39.22 5.12
C ARG B 222 -8.69 -37.74 5.09
N GLU B 223 -9.00 -37.20 3.91
CA GLU B 223 -9.16 -35.76 3.72
C GLU B 223 -10.40 -35.22 4.42
N SER B 224 -11.41 -36.04 4.68
CA SER B 224 -12.54 -35.61 5.51
C SER B 224 -12.09 -35.31 6.93
N TYR B 225 -11.26 -36.20 7.50
CA TYR B 225 -10.70 -35.96 8.82
C TYR B 225 -9.71 -34.80 8.80
N LEU B 226 -8.99 -34.64 7.69
CA LEU B 226 -8.12 -33.48 7.50
C LEU B 226 -8.91 -32.18 7.47
N ARG B 227 -10.11 -32.18 6.90
CA ARG B 227 -10.99 -31.00 6.96
C ARG B 227 -11.52 -30.78 8.37
N GLU B 228 -11.84 -31.86 9.08
CA GLU B 228 -12.31 -31.76 10.47
C GLU B 228 -11.27 -31.11 11.37
N GLN B 229 -10.00 -31.45 11.18
CA GLN B 229 -8.95 -30.79 11.94
C GLN B 229 -8.48 -29.48 11.29
N MET B 230 -8.87 -29.24 10.04
CA MET B 230 -8.56 -27.99 9.36
C MET B 230 -9.44 -26.86 9.87
N LYS B 231 -10.68 -27.20 10.28
CA LYS B 231 -11.56 -26.24 10.95
C LYS B 231 -11.10 -25.91 12.37
N ALA B 232 -10.21 -26.73 12.95
CA ALA B 232 -9.86 -26.60 14.36
C ALA B 232 -9.01 -25.37 14.66
N ILE B 233 -8.17 -24.93 13.72
CA ILE B 233 -7.40 -23.71 13.93
C ILE B 233 -8.30 -22.49 13.89
N GLN B 234 -9.29 -22.50 12.99
CA GLN B 234 -10.22 -21.38 12.93
C GLN B 234 -11.17 -21.37 14.13
N LYS B 235 -11.41 -22.52 14.76
CA LYS B 235 -12.19 -22.45 16.00
C LYS B 235 -11.36 -21.84 17.15
N GLU B 236 -10.04 -22.04 17.13
CA GLU B 236 -9.16 -21.37 18.09
C GLU B 236 -9.14 -19.86 17.84
N LEU B 237 -9.16 -19.47 16.57
CA LEU B 237 -9.32 -18.06 16.24
C LEU B 237 -10.70 -17.56 16.66
N GLY B 238 -11.72 -18.42 16.54
CA GLY B 238 -13.08 -18.01 16.85
C GLY B 238 -13.35 -17.93 18.35
N GLY B 239 -12.42 -18.43 19.17
CA GLY B 239 -12.51 -18.19 20.60
C GLY B 239 -12.44 -16.71 20.95
N GLU B 240 -11.50 -15.98 20.34
CA GLU B 240 -11.36 -14.55 20.56
C GLU B 240 -12.08 -13.74 19.49
N ASP B 241 -11.71 -13.94 18.22
CA ASP B 241 -12.30 -13.24 17.08
C ASP B 241 -13.22 -14.24 16.40
N GLY B 242 -14.52 -14.11 16.67
CA GLY B 242 -15.45 -15.21 16.56
C GLY B 242 -15.85 -15.51 15.13
N LEU B 243 -16.83 -16.41 15.02
CA LEU B 243 -17.29 -16.99 13.76
C LEU B 243 -18.00 -16.00 12.86
N SER B 244 -18.33 -14.82 13.41
CA SER B 244 -19.22 -13.77 12.90
C SER B 244 -19.13 -13.50 11.41
N ASP B 245 -17.93 -13.19 10.93
CA ASP B 245 -17.68 -13.11 9.49
C ASP B 245 -16.66 -14.14 9.03
N LEU B 246 -15.71 -14.51 9.87
CA LEU B 246 -14.55 -15.29 9.44
C LEU B 246 -14.95 -16.72 9.07
N GLU B 247 -15.72 -17.38 9.93
CA GLU B 247 -16.19 -18.72 9.64
C GLU B 247 -17.24 -18.69 8.52
N ALA B 248 -17.95 -17.56 8.38
CA ALA B 248 -18.84 -17.41 7.24
C ALA B 248 -18.08 -17.38 5.92
N LEU B 249 -16.88 -16.78 5.94
CA LEU B 249 -16.04 -16.80 4.75
C LEU B 249 -15.50 -18.20 4.52
N ARG B 250 -15.23 -18.92 5.61
CA ARG B 250 -14.90 -20.34 5.50
C ARG B 250 -16.04 -21.13 4.88
N LYS B 251 -17.28 -20.74 5.15
CA LYS B 251 -18.41 -21.45 4.52
C LYS B 251 -18.53 -21.08 3.05
N LYS B 252 -18.32 -19.80 2.70
CA LYS B 252 -18.38 -19.42 1.29
C LYS B 252 -17.21 -19.98 0.48
N ILE B 253 -16.18 -20.50 1.15
CA ILE B 253 -15.12 -21.25 0.48
C ILE B 253 -15.68 -22.48 -0.24
N GLU B 254 -16.48 -23.31 0.44
CA GLU B 254 -16.86 -24.57 -0.20
C GLU B 254 -18.21 -24.58 -0.90
N GLU B 255 -19.33 -24.34 -0.20
CA GLU B 255 -20.62 -24.74 -0.76
C GLU B 255 -21.09 -23.79 -1.86
N VAL B 256 -20.48 -22.61 -1.94
CA VAL B 256 -20.65 -21.82 -3.16
C VAL B 256 -19.81 -22.48 -4.23
N GLY B 257 -20.45 -22.86 -5.34
CA GLY B 257 -19.81 -23.63 -6.37
C GLY B 257 -18.72 -22.90 -7.10
N MET B 258 -17.50 -23.45 -7.08
CA MET B 258 -16.36 -22.94 -7.83
C MET B 258 -15.55 -24.14 -8.34
N PRO B 259 -14.70 -23.95 -9.36
CA PRO B 259 -13.77 -25.03 -9.74
C PRO B 259 -12.76 -25.36 -8.65
N GLU B 260 -12.06 -26.47 -8.88
CA GLU B 260 -11.17 -27.03 -7.86
C GLU B 260 -9.91 -26.19 -7.69
N ALA B 261 -9.50 -25.47 -8.74
CA ALA B 261 -8.38 -24.53 -8.61
C ALA B 261 -8.73 -23.41 -7.64
N VAL B 262 -9.95 -22.88 -7.78
CA VAL B 262 -10.47 -21.89 -6.84
C VAL B 262 -10.61 -22.49 -5.45
N LYS B 263 -11.09 -23.74 -5.38
CA LYS B 263 -11.35 -24.40 -4.11
C LYS B 263 -10.06 -24.60 -3.32
N THR B 264 -9.01 -25.10 -3.98
CA THR B 264 -7.72 -25.28 -3.35
C THR B 264 -7.08 -23.95 -2.99
N LYS B 265 -7.24 -22.94 -3.87
CA LYS B 265 -6.78 -21.59 -3.55
C LYS B 265 -7.50 -21.03 -2.33
N ALA B 266 -8.77 -21.38 -2.15
CA ALA B 266 -9.53 -20.86 -1.02
C ALA B 266 -9.16 -21.56 0.28
N LEU B 267 -8.86 -22.86 0.22
CA LEU B 267 -8.30 -23.54 1.39
C LEU B 267 -6.94 -22.95 1.75
N LYS B 268 -6.11 -22.68 0.73
CA LYS B 268 -4.87 -21.95 0.94
C LYS B 268 -5.11 -20.59 1.55
N GLU B 269 -6.20 -19.93 1.18
CA GLU B 269 -6.46 -18.57 1.65
C GLU B 269 -7.00 -18.54 3.07
N LEU B 270 -7.76 -19.55 3.49
CA LEU B 270 -8.01 -19.70 4.91
C LEU B 270 -6.70 -19.93 5.65
N ASP B 271 -5.83 -20.76 5.08
CA ASP B 271 -4.53 -20.95 5.68
C ASP B 271 -3.61 -19.74 5.51
N ARG B 272 -3.99 -18.73 4.72
CA ARG B 272 -3.30 -17.46 4.73
C ARG B 272 -3.67 -16.64 5.95
N LEU B 273 -4.80 -16.95 6.56
CA LEU B 273 -5.34 -16.28 7.73
C LEU B 273 -4.88 -17.00 8.99
N GLU B 274 -5.56 -16.72 10.11
CA GLU B 274 -5.36 -17.34 11.43
C GLU B 274 -4.02 -16.98 12.05
N ARG B 275 -3.44 -15.85 11.66
CA ARG B 275 -2.23 -15.37 12.32
C ARG B 275 -2.56 -14.64 13.61
N MET B 276 -3.18 -13.46 13.46
CA MET B 276 -3.47 -12.46 14.47
C MET B 276 -4.23 -11.34 13.77
N GLN B 277 -5.14 -10.68 14.48
CA GLN B 277 -5.98 -9.68 13.86
C GLN B 277 -5.93 -8.31 14.54
N GLN B 278 -5.59 -8.25 15.83
CA GLN B 278 -5.49 -6.98 16.55
C GLN B 278 -4.12 -6.37 16.28
N GLY B 279 -4.07 -5.45 15.32
CA GLY B 279 -2.83 -4.82 14.94
C GLY B 279 -2.37 -5.10 13.53
N SER B 280 -3.28 -5.52 12.64
CA SER B 280 -2.91 -5.82 11.27
C SER B 280 -4.09 -5.68 10.32
N PRO B 281 -3.97 -4.86 9.27
CA PRO B 281 -4.91 -4.95 8.15
C PRO B 281 -4.54 -6.03 7.15
N GLU B 282 -3.41 -6.73 7.36
CA GLU B 282 -3.02 -7.80 6.46
C GLU B 282 -3.92 -9.02 6.63
N ALA B 283 -4.36 -9.26 7.86
CA ALA B 283 -5.44 -10.21 8.08
C ALA B 283 -6.72 -9.76 7.39
N THR B 284 -7.02 -8.46 7.44
CA THR B 284 -8.20 -7.95 6.76
C THR B 284 -8.07 -8.05 5.25
N VAL B 285 -6.88 -7.81 4.71
CA VAL B 285 -6.75 -7.87 3.26
C VAL B 285 -6.78 -9.32 2.77
N ALA B 286 -6.29 -10.27 3.60
CA ALA B 286 -6.48 -11.68 3.26
C ALA B 286 -7.96 -12.06 3.35
N ARG B 287 -8.68 -11.48 4.32
CA ARG B 287 -10.12 -11.71 4.44
C ARG B 287 -10.88 -11.19 3.23
N THR B 288 -10.48 -10.03 2.71
CA THR B 288 -11.24 -9.42 1.63
C THR B 288 -10.88 -9.99 0.27
N TYR B 289 -9.63 -10.42 0.09
CA TYR B 289 -9.34 -11.18 -1.11
C TYR B 289 -9.97 -12.56 -1.02
N LEU B 290 -10.13 -13.09 0.19
CA LEU B 290 -10.88 -14.32 0.38
C LEU B 290 -12.36 -14.11 0.07
N ASP B 291 -12.88 -12.90 0.34
CA ASP B 291 -14.21 -12.53 -0.10
C ASP B 291 -14.33 -12.57 -1.60
N TRP B 292 -13.74 -11.57 -2.25
CA TRP B 292 -14.20 -11.13 -3.56
C TRP B 292 -14.03 -12.17 -4.65
N LEU B 293 -13.22 -13.20 -4.37
CA LEU B 293 -12.99 -14.30 -5.34
C LEU B 293 -13.87 -15.50 -4.96
N THR B 294 -14.77 -15.35 -3.99
CA THR B 294 -15.52 -16.52 -3.55
C THR B 294 -17.04 -16.39 -3.49
N GLU B 295 -17.62 -15.19 -3.57
CA GLU B 295 -19.06 -15.13 -3.82
C GLU B 295 -19.37 -15.03 -5.31
N VAL B 296 -18.44 -15.46 -6.16
CA VAL B 296 -18.58 -15.35 -7.61
C VAL B 296 -19.69 -16.29 -8.08
N PRO B 297 -20.64 -15.82 -8.87
CA PRO B 297 -21.76 -16.68 -9.25
C PRO B 297 -21.37 -17.70 -10.31
N TRP B 298 -21.16 -18.93 -9.90
CA TRP B 298 -21.01 -20.04 -10.81
C TRP B 298 -22.21 -20.96 -10.62
N SER B 299 -22.52 -21.72 -11.67
CA SER B 299 -23.49 -22.84 -11.62
C SER B 299 -24.87 -22.39 -11.16
N LYS B 300 -25.30 -21.21 -11.58
CA LYS B 300 -26.62 -20.69 -11.24
C LYS B 300 -27.21 -20.02 -12.47
N ALA B 301 -28.35 -20.53 -12.93
CA ALA B 301 -28.88 -20.17 -14.23
C ALA B 301 -30.18 -19.41 -14.11
N ASP B 302 -30.29 -18.34 -14.87
CA ASP B 302 -31.55 -17.65 -15.09
C ASP B 302 -32.43 -18.48 -16.00
N PRO B 303 -33.75 -18.27 -15.96
CA PRO B 303 -34.59 -18.93 -16.97
C PRO B 303 -34.36 -18.34 -18.34
N GLU B 304 -33.65 -19.09 -19.18
CA GLU B 304 -33.29 -18.65 -20.52
C GLU B 304 -34.50 -18.84 -21.42
N VAL B 305 -35.48 -17.98 -21.23
CA VAL B 305 -36.72 -18.08 -21.97
C VAL B 305 -36.47 -17.57 -23.38
N LEU B 306 -36.52 -18.49 -24.34
CA LEU B 306 -36.24 -18.19 -25.73
C LEU B 306 -37.51 -17.83 -26.50
N ASP B 307 -38.48 -17.19 -25.85
CA ASP B 307 -39.65 -16.75 -26.59
C ASP B 307 -39.31 -15.51 -27.40
N ILE B 308 -39.75 -15.51 -28.65
CA ILE B 308 -39.56 -14.38 -29.53
C ILE B 308 -40.87 -13.64 -29.81
N ASN B 309 -42.03 -14.27 -29.54
CA ASN B 309 -43.30 -13.56 -29.57
C ASN B 309 -43.36 -12.51 -28.48
N HIS B 310 -42.93 -12.89 -27.28
CA HIS B 310 -42.83 -11.94 -26.18
C HIS B 310 -41.82 -10.85 -26.48
N THR B 311 -40.74 -11.20 -27.18
CA THR B 311 -39.74 -10.21 -27.54
C THR B 311 -40.29 -9.20 -28.55
N ARG B 312 -41.15 -9.67 -29.46
CA ARG B 312 -41.87 -8.75 -30.34
C ARG B 312 -42.77 -7.83 -29.54
N GLN B 313 -43.61 -8.42 -28.70
CA GLN B 313 -44.71 -7.65 -28.13
C GLN B 313 -44.24 -6.70 -27.03
N VAL B 314 -43.19 -7.05 -26.27
CA VAL B 314 -42.79 -6.18 -25.17
C VAL B 314 -42.07 -4.95 -25.72
N LEU B 315 -41.39 -5.09 -26.86
CA LEU B 315 -40.76 -3.95 -27.50
C LEU B 315 -41.78 -3.11 -28.25
N ASP B 316 -42.81 -3.76 -28.80
CA ASP B 316 -43.89 -3.01 -29.42
C ASP B 316 -44.69 -2.23 -28.38
N GLU B 317 -44.79 -2.74 -27.16
CA GLU B 317 -45.63 -2.04 -26.19
C GLU B 317 -44.85 -1.01 -25.37
N ASP B 318 -43.56 -1.22 -25.11
CA ASP B 318 -42.86 -0.34 -24.19
C ASP B 318 -41.97 0.66 -24.89
N HIS B 319 -41.57 0.38 -26.12
CA HIS B 319 -40.81 1.35 -26.89
C HIS B 319 -41.45 1.58 -28.24
N TYR B 320 -42.72 1.17 -28.38
CA TYR B 320 -43.68 1.74 -29.31
C TYR B 320 -43.31 1.40 -30.75
N GLY B 321 -42.95 0.14 -30.99
CA GLY B 321 -42.64 -0.36 -32.32
C GLY B 321 -41.26 -0.07 -32.84
N LEU B 322 -40.54 0.86 -32.20
CA LEU B 322 -39.14 1.20 -32.44
C LEU B 322 -38.88 1.74 -33.85
N LYS B 323 -39.94 2.16 -34.56
CA LYS B 323 -39.90 2.39 -36.01
C LYS B 323 -39.32 1.18 -36.75
N ASP B 324 -39.75 0.00 -36.32
CA ASP B 324 -39.48 -1.32 -36.91
C ASP B 324 -38.02 -1.73 -36.87
N VAL B 325 -37.16 -1.03 -36.12
CA VAL B 325 -35.78 -1.48 -36.03
C VAL B 325 -35.61 -2.58 -35.01
N LYS B 326 -36.66 -2.86 -34.22
CA LYS B 326 -36.66 -4.01 -33.33
C LYS B 326 -36.53 -5.31 -34.10
N GLU B 327 -37.08 -5.35 -35.30
CA GLU B 327 -36.98 -6.52 -36.17
C GLU B 327 -35.54 -6.79 -36.56
N ARG B 328 -34.76 -5.73 -36.73
CA ARG B 328 -33.32 -5.84 -36.95
C ARG B 328 -32.57 -6.31 -35.72
N ILE B 329 -33.23 -6.36 -34.57
CA ILE B 329 -32.69 -7.00 -33.39
C ILE B 329 -33.42 -8.30 -33.09
N LEU B 330 -34.68 -8.42 -33.49
CA LEU B 330 -35.41 -9.67 -33.37
C LEU B 330 -34.77 -10.76 -34.24
N GLU B 331 -34.15 -10.37 -35.34
CA GLU B 331 -33.38 -11.33 -36.14
C GLU B 331 -32.15 -11.82 -35.40
N TYR B 332 -31.52 -10.94 -34.61
CA TYR B 332 -30.38 -11.34 -33.80
C TYR B 332 -30.81 -12.32 -32.73
N LEU B 333 -31.92 -12.03 -32.06
CA LEU B 333 -32.37 -12.96 -31.04
C LEU B 333 -32.93 -14.24 -31.65
N ALA B 334 -33.37 -14.20 -32.92
CA ALA B 334 -33.68 -15.43 -33.63
C ALA B 334 -32.44 -16.27 -33.86
N VAL B 335 -31.32 -15.60 -34.17
CA VAL B 335 -30.04 -16.31 -34.23
C VAL B 335 -29.64 -16.85 -32.87
N ARG B 336 -29.90 -16.09 -31.82
CA ARG B 336 -29.42 -16.45 -30.49
C ARG B 336 -30.26 -17.56 -29.86
N GLN B 337 -31.58 -17.56 -30.08
CA GLN B 337 -32.39 -18.72 -29.74
C GLN B 337 -32.10 -19.87 -30.68
N LEU B 338 -31.62 -19.55 -31.88
CA LEU B 338 -31.30 -20.54 -32.89
C LEU B 338 -29.94 -21.17 -32.62
N THR B 339 -29.13 -20.51 -31.79
CA THR B 339 -27.84 -21.04 -31.37
C THR B 339 -28.04 -22.34 -30.61
N GLN B 340 -27.24 -23.35 -30.99
CA GLN B 340 -27.48 -24.74 -30.61
C GLN B 340 -27.22 -24.94 -29.12
N GLY B 341 -28.30 -25.12 -28.36
CA GLY B 341 -28.22 -25.44 -26.95
C GLY B 341 -27.65 -24.36 -26.06
N LEU B 342 -27.56 -23.11 -26.56
CA LEU B 342 -26.88 -22.00 -25.91
C LEU B 342 -25.45 -22.37 -25.52
N ASP B 343 -24.74 -22.98 -26.47
CA ASP B 343 -23.40 -23.47 -26.21
C ASP B 343 -22.41 -22.32 -26.11
N VAL B 344 -21.22 -22.63 -25.57
CA VAL B 344 -20.17 -21.64 -25.47
C VAL B 344 -19.63 -21.27 -26.85
N ARG B 345 -19.53 -22.25 -27.74
CA ARG B 345 -19.05 -22.01 -29.10
C ARG B 345 -20.19 -21.41 -29.90
N ASN B 346 -20.21 -20.09 -30.01
CA ASN B 346 -21.24 -19.37 -30.75
C ASN B 346 -20.70 -18.60 -31.93
N LYS B 347 -19.60 -17.86 -31.74
CA LYS B 347 -19.00 -16.96 -32.72
C LYS B 347 -20.04 -15.98 -33.27
N ALA B 348 -20.72 -15.31 -32.34
CA ALA B 348 -21.79 -14.38 -32.63
C ALA B 348 -21.50 -13.05 -31.94
N PRO B 349 -22.01 -11.94 -32.48
CA PRO B 349 -21.74 -10.63 -31.89
C PRO B 349 -22.40 -10.40 -30.54
N ILE B 350 -21.83 -9.45 -29.80
CA ILE B 350 -22.42 -8.95 -28.60
C ILE B 350 -23.12 -7.63 -28.91
N LEU B 351 -23.88 -7.12 -27.94
CA LEU B 351 -24.92 -6.14 -28.23
C LEU B 351 -24.39 -4.73 -27.99
N VAL B 352 -24.77 -3.81 -28.86
CA VAL B 352 -24.36 -2.42 -28.73
C VAL B 352 -25.46 -1.54 -29.29
N LEU B 353 -25.55 -0.32 -28.80
CA LEU B 353 -26.54 0.63 -29.28
C LEU B 353 -25.97 2.03 -29.19
N VAL B 354 -26.18 2.81 -30.25
CA VAL B 354 -25.62 4.14 -30.39
C VAL B 354 -26.77 5.11 -30.69
N GLY B 355 -26.82 6.22 -29.96
CA GLY B 355 -27.75 7.28 -30.24
C GLY B 355 -27.58 8.43 -29.29
N PRO B 356 -28.60 9.28 -29.13
CA PRO B 356 -28.55 10.26 -28.06
C PRO B 356 -28.73 9.59 -26.71
N PRO B 357 -28.25 10.18 -25.65
CA PRO B 357 -28.63 9.70 -24.32
C PRO B 357 -30.08 10.04 -24.04
N GLY B 358 -30.69 9.25 -23.16
CA GLY B 358 -32.07 9.48 -22.80
C GLY B 358 -33.06 9.24 -23.93
N VAL B 359 -32.84 8.21 -24.74
CA VAL B 359 -33.79 7.83 -25.76
C VAL B 359 -34.33 6.42 -25.54
N GLY B 360 -34.10 5.86 -24.36
CA GLY B 360 -34.71 4.59 -24.01
C GLY B 360 -33.85 3.38 -24.16
N LYS B 361 -32.56 3.55 -24.48
CA LYS B 361 -31.67 2.42 -24.76
C LYS B 361 -31.50 1.54 -23.53
N THR B 362 -31.38 2.13 -22.35
CA THR B 362 -31.29 1.36 -21.12
C THR B 362 -32.58 0.61 -20.85
N SER B 363 -33.70 1.29 -21.04
CA SER B 363 -35.00 0.62 -20.92
C SER B 363 -35.22 -0.36 -22.04
N LEU B 364 -34.63 -0.11 -23.22
CA LEU B 364 -34.74 -1.08 -24.30
C LEU B 364 -34.01 -2.38 -23.94
N GLY B 365 -32.82 -2.25 -23.34
CA GLY B 365 -32.13 -3.41 -22.82
C GLY B 365 -32.88 -4.08 -21.69
N ARG B 366 -33.57 -3.28 -20.87
CA ARG B 366 -34.45 -3.85 -19.85
C ARG B 366 -35.59 -4.65 -20.48
N SER B 367 -36.13 -4.13 -21.59
CA SER B 367 -37.19 -4.83 -22.33
C SER B 367 -36.67 -6.12 -22.92
N ILE B 368 -35.43 -6.09 -23.41
CA ILE B 368 -34.77 -7.29 -23.92
C ILE B 368 -34.57 -8.29 -22.79
N ALA B 369 -34.22 -7.79 -21.61
CA ALA B 369 -34.00 -8.65 -20.45
C ALA B 369 -35.28 -9.37 -20.05
N ARG B 370 -36.38 -8.62 -19.95
CA ARG B 370 -37.64 -9.25 -19.57
C ARG B 370 -38.26 -10.05 -20.69
N SER B 371 -37.93 -9.73 -21.94
CA SER B 371 -38.29 -10.59 -23.05
C SER B 371 -37.57 -11.93 -22.97
N MET B 372 -36.28 -11.87 -22.66
CA MET B 372 -35.46 -13.05 -22.45
C MET B 372 -35.74 -13.69 -21.10
N ASN B 373 -36.34 -12.91 -20.18
CA ASN B 373 -36.67 -13.31 -18.80
C ASN B 373 -35.42 -13.74 -18.04
N ARG B 374 -34.31 -13.08 -18.34
CA ARG B 374 -33.10 -13.11 -17.54
C ARG B 374 -32.79 -11.69 -17.08
N LYS B 375 -32.07 -11.61 -15.97
CA LYS B 375 -32.10 -10.39 -15.15
C LYS B 375 -31.32 -9.24 -15.79
N PHE B 376 -31.94 -8.06 -15.79
CA PHE B 376 -31.27 -6.88 -16.31
C PHE B 376 -30.19 -6.41 -15.35
N HIS B 377 -29.17 -5.77 -15.92
CA HIS B 377 -28.22 -5.00 -15.13
C HIS B 377 -27.63 -3.91 -16.00
N ARG B 378 -27.10 -2.88 -15.34
CA ARG B 378 -26.30 -1.88 -16.01
C ARG B 378 -25.21 -1.42 -15.07
N ILE B 379 -24.04 -1.14 -15.63
CA ILE B 379 -22.95 -0.50 -14.90
C ILE B 379 -22.34 0.60 -15.76
N SER B 380 -22.19 1.78 -15.18
CA SER B 380 -21.68 2.94 -15.89
C SER B 380 -20.19 2.71 -16.13
N LEU B 381 -19.92 2.03 -17.23
CA LEU B 381 -18.55 1.80 -17.63
C LEU B 381 -18.00 2.95 -18.46
N GLY B 382 -18.80 3.99 -18.68
CA GLY B 382 -18.35 5.21 -19.31
C GLY B 382 -17.24 5.89 -18.56
N GLY B 383 -16.21 6.33 -19.29
CA GLY B 383 -15.09 7.02 -18.70
C GLY B 383 -14.12 6.14 -17.94
N VAL B 384 -14.37 4.84 -17.88
CA VAL B 384 -13.54 3.95 -17.07
C VAL B 384 -12.21 3.73 -17.80
N ARG B 385 -11.12 3.95 -17.08
CA ARG B 385 -9.80 4.12 -17.65
C ARG B 385 -8.81 3.04 -17.20
N ASP B 386 -9.21 2.18 -16.27
CA ASP B 386 -8.27 1.42 -15.46
C ASP B 386 -8.56 -0.07 -15.47
N GLU B 387 -7.64 -0.86 -16.04
CA GLU B 387 -7.74 -2.30 -15.90
C GLU B 387 -7.35 -2.77 -14.52
N ALA B 388 -6.67 -1.93 -13.74
CA ALA B 388 -6.48 -2.26 -12.33
C ALA B 388 -7.72 -2.02 -11.50
N GLU B 389 -8.85 -1.67 -12.13
CA GLU B 389 -10.15 -1.66 -11.50
C GLU B 389 -11.19 -2.36 -12.37
N ILE B 390 -10.78 -2.94 -13.50
CA ILE B 390 -11.63 -3.81 -14.31
C ILE B 390 -11.14 -5.25 -14.27
N ARG B 391 -9.85 -5.47 -14.38
CA ARG B 391 -9.28 -6.72 -13.90
C ARG B 391 -8.77 -6.56 -12.48
N GLY B 392 -9.09 -5.44 -11.83
CA GLY B 392 -8.86 -5.23 -10.42
C GLY B 392 -7.39 -5.15 -10.06
N HIS B 393 -7.14 -5.11 -8.76
CA HIS B 393 -5.78 -4.88 -8.30
C HIS B 393 -5.45 -5.82 -7.16
N ARG B 394 -4.34 -6.57 -7.31
CA ARG B 394 -3.91 -7.49 -6.27
C ARG B 394 -3.50 -6.73 -5.02
N ARG B 395 -3.98 -7.19 -3.87
CA ARG B 395 -4.16 -6.36 -2.71
C ARG B 395 -3.31 -6.79 -1.52
N THR B 396 -2.71 -5.80 -0.84
CA THR B 396 -2.19 -5.97 0.50
C THR B 396 -2.73 -4.91 1.46
N TYR B 397 -3.59 -4.01 0.99
CA TYR B 397 -4.19 -2.99 1.84
C TYR B 397 -5.71 -3.11 1.73
N ILE B 398 -6.39 -2.54 2.73
CA ILE B 398 -7.83 -2.51 2.74
C ILE B 398 -8.30 -1.51 1.68
N GLY B 399 -8.82 -1.99 0.55
CA GLY B 399 -9.38 -1.08 -0.42
C GLY B 399 -9.23 -1.35 -1.91
N ALA B 400 -8.33 -2.24 -2.31
CA ALA B 400 -8.26 -2.63 -3.71
C ALA B 400 -9.47 -3.49 -4.07
N MET B 401 -9.97 -3.30 -5.29
CA MET B 401 -11.28 -3.83 -5.65
C MET B 401 -11.26 -4.39 -7.07
N PRO B 402 -11.99 -5.48 -7.32
CA PRO B 402 -12.03 -6.05 -8.68
C PRO B 402 -12.94 -5.28 -9.61
N GLY B 403 -13.23 -5.85 -10.77
CA GLY B 403 -13.92 -5.13 -11.80
C GLY B 403 -15.35 -4.74 -11.46
N LYS B 404 -15.80 -3.68 -12.11
CA LYS B 404 -17.23 -3.40 -12.13
C LYS B 404 -17.96 -4.46 -12.92
N LEU B 405 -17.29 -5.10 -13.87
CA LEU B 405 -17.79 -6.33 -14.45
C LEU B 405 -17.99 -7.39 -13.38
N ILE B 406 -16.97 -7.54 -12.52
CA ILE B 406 -17.05 -8.46 -11.39
C ILE B 406 -18.15 -8.05 -10.43
N HIS B 407 -18.25 -6.76 -10.16
CA HIS B 407 -19.26 -6.25 -9.23
C HIS B 407 -20.67 -6.45 -9.75
N ALA B 408 -20.90 -6.08 -11.02
CA ALA B 408 -22.17 -6.32 -11.69
C ALA B 408 -22.49 -7.80 -11.74
N MET B 409 -21.45 -8.63 -11.91
CA MET B 409 -21.62 -10.06 -11.96
C MET B 409 -22.12 -10.59 -10.63
N LYS B 410 -21.63 -9.99 -9.55
CA LYS B 410 -22.15 -10.31 -8.22
C LYS B 410 -23.58 -9.80 -8.06
N GLN B 411 -23.85 -8.60 -8.58
CA GLN B 411 -25.14 -7.96 -8.34
C GLN B 411 -26.27 -8.68 -9.03
N VAL B 412 -26.02 -9.25 -10.22
CA VAL B 412 -26.98 -10.21 -10.73
C VAL B 412 -26.91 -11.52 -9.96
N GLY B 413 -25.70 -11.99 -9.63
CA GLY B 413 -25.52 -13.27 -8.98
C GLY B 413 -26.06 -14.45 -9.77
N VAL B 414 -25.80 -14.48 -11.07
CA VAL B 414 -26.35 -15.52 -11.94
C VAL B 414 -25.48 -15.60 -13.19
N ILE B 415 -25.16 -16.83 -13.61
CA ILE B 415 -24.15 -17.00 -14.66
C ILE B 415 -24.67 -16.60 -16.02
N ASN B 416 -25.98 -16.46 -16.17
CA ASN B 416 -26.58 -16.03 -17.43
C ASN B 416 -27.50 -14.83 -17.20
N PRO B 417 -26.94 -13.66 -16.96
CA PRO B 417 -27.78 -12.48 -16.84
C PRO B 417 -27.89 -11.75 -18.16
N VAL B 418 -28.61 -10.65 -18.14
CA VAL B 418 -28.70 -9.74 -19.29
C VAL B 418 -28.09 -8.43 -18.78
N ILE B 419 -26.79 -8.25 -18.99
CA ILE B 419 -26.09 -7.11 -18.40
C ILE B 419 -25.76 -6.11 -19.49
N LEU B 420 -26.46 -4.98 -19.46
CA LEU B 420 -26.03 -3.81 -20.21
C LEU B 420 -24.73 -3.28 -19.63
N LEU B 421 -23.83 -2.88 -20.51
CA LEU B 421 -22.66 -2.12 -20.12
C LEU B 421 -22.83 -0.72 -20.70
N ASP B 422 -22.45 0.30 -19.94
CA ASP B 422 -22.85 1.66 -20.29
C ASP B 422 -21.69 2.44 -20.87
N GLU B 423 -21.90 2.95 -22.09
CA GLU B 423 -21.22 4.10 -22.66
C GLU B 423 -19.72 3.86 -22.87
N ILE B 424 -19.44 2.84 -23.68
CA ILE B 424 -18.09 2.35 -23.83
C ILE B 424 -17.35 3.15 -24.91
N ASP B 425 -18.11 3.97 -25.64
CA ASP B 425 -17.50 4.82 -26.70
C ASP B 425 -16.41 5.69 -26.08
N LYS B 426 -16.72 6.37 -24.97
CA LYS B 426 -15.75 7.26 -24.29
C LYS B 426 -14.91 6.44 -23.29
N MET B 427 -14.14 5.47 -23.79
CA MET B 427 -13.30 4.63 -22.91
C MET B 427 -11.93 5.28 -22.71
N SER B 428 -11.79 6.13 -21.68
CA SER B 428 -10.46 6.73 -21.38
C SER B 428 -9.48 5.60 -21.08
N SER B 429 -8.21 5.75 -21.47
CA SER B 429 -7.23 4.66 -21.29
C SER B 429 -5.82 5.22 -21.17
N ASP B 430 -5.43 5.69 -19.98
CA ASP B 430 -4.08 6.19 -19.77
C ASP B 430 -3.27 5.26 -18.87
N TRP B 431 -3.76 5.04 -17.65
CA TRP B 431 -2.96 4.43 -16.60
C TRP B 431 -3.80 3.34 -15.92
N ARG B 432 -3.16 2.66 -14.94
CA ARG B 432 -3.72 1.54 -14.18
C ARG B 432 -4.25 0.44 -15.10
N GLY B 433 -3.53 0.21 -16.19
CA GLY B 433 -3.96 -0.74 -17.20
C GLY B 433 -5.06 -0.23 -18.10
N ASP B 434 -4.98 -0.58 -19.37
CA ASP B 434 -6.09 -0.38 -20.26
C ASP B 434 -7.08 -1.52 -20.07
N PRO B 435 -8.34 -1.26 -19.71
CA PRO B 435 -9.34 -2.33 -19.65
C PRO B 435 -9.80 -2.82 -21.01
N ALA B 436 -9.30 -2.25 -22.12
CA ALA B 436 -9.65 -2.72 -23.45
C ALA B 436 -9.23 -4.16 -23.67
N SER B 437 -8.09 -4.54 -23.11
CA SER B 437 -7.69 -5.94 -23.07
C SER B 437 -8.65 -6.77 -22.22
N ALA B 438 -9.11 -6.22 -21.09
CA ALA B 438 -10.01 -6.97 -20.21
C ALA B 438 -11.36 -7.19 -20.86
N MET B 439 -11.93 -6.15 -21.45
CA MET B 439 -13.19 -6.31 -22.15
C MET B 439 -13.04 -7.08 -23.45
N LEU B 440 -11.85 -7.08 -24.03
CA LEU B 440 -11.59 -7.95 -25.17
C LEU B 440 -11.56 -9.40 -24.74
N GLU B 441 -11.00 -9.66 -23.56
CA GLU B 441 -11.00 -11.00 -22.96
C GLU B 441 -12.43 -11.45 -22.69
N VAL B 442 -13.25 -10.57 -22.13
CA VAL B 442 -14.67 -10.84 -21.92
C VAL B 442 -15.41 -10.92 -23.27
N LEU B 443 -14.91 -10.25 -24.30
CA LEU B 443 -15.62 -10.21 -25.57
C LEU B 443 -15.54 -11.53 -26.30
N ASP B 444 -14.36 -12.12 -26.34
CA ASP B 444 -14.13 -13.38 -27.02
C ASP B 444 -14.86 -14.50 -26.26
N PRO B 445 -15.81 -15.20 -26.89
CA PRO B 445 -16.63 -16.17 -26.15
C PRO B 445 -15.90 -17.45 -25.78
N GLU B 446 -14.69 -17.69 -26.28
CA GLU B 446 -13.86 -18.77 -25.78
C GLU B 446 -12.81 -18.26 -24.83
N GLN B 447 -12.93 -17.00 -24.41
CA GLN B 447 -11.96 -16.34 -23.55
C GLN B 447 -12.60 -15.59 -22.40
N ASN B 448 -13.88 -15.22 -22.50
CA ASN B 448 -14.62 -14.74 -21.33
C ASN B 448 -14.73 -15.82 -20.27
N ASN B 449 -14.82 -17.08 -20.70
CA ASN B 449 -14.85 -18.19 -19.76
C ASN B 449 -13.53 -18.31 -19.02
N THR B 450 -12.42 -18.07 -19.70
CA THR B 450 -11.13 -17.99 -19.04
C THR B 450 -10.66 -16.55 -18.87
N PHE B 451 -11.60 -15.62 -18.71
CA PHE B 451 -11.28 -14.25 -18.32
C PHE B 451 -10.87 -14.25 -16.86
N THR B 452 -9.60 -14.02 -16.61
CA THR B 452 -9.10 -13.82 -15.26
C THR B 452 -8.88 -12.35 -14.99
N ASP B 453 -8.25 -12.05 -13.87
CA ASP B 453 -8.11 -10.69 -13.37
C ASP B 453 -6.69 -10.47 -12.89
N HIS B 454 -6.32 -9.20 -12.66
CA HIS B 454 -5.16 -8.95 -11.82
C HIS B 454 -5.53 -9.15 -10.35
N TYR B 455 -6.75 -8.73 -10.00
CA TYR B 455 -7.25 -8.95 -8.65
C TYR B 455 -7.39 -10.44 -8.38
N LEU B 456 -8.31 -11.10 -9.09
CA LEU B 456 -8.51 -12.53 -8.96
C LEU B 456 -7.34 -13.30 -9.56
N ASP B 457 -7.32 -14.60 -9.30
CA ASP B 457 -6.30 -15.46 -9.87
C ASP B 457 -6.87 -16.48 -10.84
N VAL B 458 -7.80 -17.32 -10.41
CA VAL B 458 -8.37 -18.30 -11.32
C VAL B 458 -9.47 -17.56 -12.05
N PRO B 459 -9.64 -17.75 -13.36
CA PRO B 459 -10.67 -17.01 -14.10
C PRO B 459 -12.09 -17.35 -13.67
N TYR B 460 -13.03 -16.61 -14.26
CA TYR B 460 -14.44 -16.90 -14.11
C TYR B 460 -15.06 -17.21 -15.46
N ASP B 461 -15.90 -18.24 -15.50
CA ASP B 461 -16.66 -18.62 -16.67
C ASP B 461 -17.75 -17.61 -17.01
N LEU B 462 -17.46 -16.67 -17.91
CA LEU B 462 -18.45 -15.73 -18.41
C LEU B 462 -19.08 -16.20 -19.71
N SER B 463 -19.20 -17.51 -19.89
CA SER B 463 -19.71 -18.05 -21.14
C SER B 463 -21.19 -17.72 -21.33
N LYS B 464 -21.99 -17.85 -20.28
CA LYS B 464 -23.43 -17.70 -20.41
C LYS B 464 -23.92 -16.27 -20.23
N VAL B 465 -23.03 -15.32 -19.93
CA VAL B 465 -23.45 -13.95 -19.70
C VAL B 465 -23.81 -13.31 -21.03
N PHE B 466 -25.04 -12.83 -21.14
CA PHE B 466 -25.52 -12.22 -22.36
C PHE B 466 -24.97 -10.79 -22.36
N PHE B 467 -24.25 -10.42 -23.41
CA PHE B 467 -23.30 -9.33 -23.38
C PHE B 467 -23.84 -8.13 -24.13
N ILE B 468 -24.14 -7.05 -23.42
CA ILE B 468 -24.80 -5.88 -23.98
C ILE B 468 -23.99 -4.66 -23.64
N THR B 469 -23.71 -3.84 -24.64
CA THR B 469 -23.01 -2.59 -24.46
C THR B 469 -23.88 -1.47 -25.02
N THR B 470 -23.42 -0.24 -24.88
CA THR B 470 -24.05 0.88 -25.55
C THR B 470 -23.03 1.99 -25.75
N ALA B 471 -23.42 2.95 -26.57
CA ALA B 471 -22.58 4.09 -26.90
C ALA B 471 -23.46 5.25 -27.31
N ASN B 472 -22.84 6.39 -27.56
CA ASN B 472 -23.54 7.53 -28.12
C ASN B 472 -22.91 8.07 -29.39
N THR B 473 -21.61 7.92 -29.56
CA THR B 473 -20.92 8.37 -30.77
C THR B 473 -20.40 7.17 -31.55
N LEU B 474 -19.62 7.44 -32.59
CA LEU B 474 -19.12 6.44 -33.51
C LEU B 474 -17.60 6.32 -33.51
N GLN B 475 -16.89 7.45 -33.60
CA GLN B 475 -15.51 7.43 -34.03
C GLN B 475 -14.50 7.13 -32.93
N THR B 476 -14.84 7.35 -31.66
CA THR B 476 -13.93 7.01 -30.57
C THR B 476 -14.28 5.71 -29.89
N ILE B 477 -15.12 4.89 -30.52
CA ILE B 477 -15.37 3.53 -30.04
C ILE B 477 -14.07 2.73 -30.15
N PRO B 478 -13.66 2.03 -29.09
CA PRO B 478 -12.36 1.34 -29.11
C PRO B 478 -12.29 0.21 -30.12
N ARG B 479 -11.13 0.10 -30.73
CA ARG B 479 -10.76 -0.87 -31.75
C ARG B 479 -10.93 -2.34 -31.32
N PRO B 480 -10.85 -2.72 -30.03
CA PRO B 480 -11.32 -4.08 -29.65
C PRO B 480 -12.81 -4.35 -29.84
N LEU B 481 -13.61 -3.39 -30.28
CA LEU B 481 -14.92 -3.69 -30.83
C LEU B 481 -14.96 -3.40 -32.32
N LEU B 482 -13.89 -3.78 -33.02
CA LEU B 482 -13.98 -3.96 -34.46
C LEU B 482 -14.46 -5.37 -34.80
N ASP B 483 -14.67 -6.20 -33.78
CA ASP B 483 -15.37 -7.47 -33.90
C ASP B 483 -16.59 -7.48 -33.00
N ARG B 484 -17.57 -8.28 -33.42
CA ARG B 484 -18.70 -8.73 -32.58
C ARG B 484 -19.57 -7.57 -32.10
N MET B 485 -20.23 -6.92 -33.07
CA MET B 485 -21.11 -5.80 -32.77
C MET B 485 -22.43 -5.97 -33.51
N GLU B 486 -23.42 -5.18 -33.09
CA GLU B 486 -24.65 -4.95 -33.85
C GLU B 486 -24.90 -3.45 -33.83
N VAL B 487 -24.33 -2.73 -34.78
CA VAL B 487 -24.40 -1.28 -34.78
C VAL B 487 -25.77 -0.81 -35.26
N ILE B 488 -26.44 -0.02 -34.42
CA ILE B 488 -27.82 0.40 -34.62
C ILE B 488 -27.92 1.89 -34.28
N GLU B 489 -28.51 2.68 -35.17
CA GLU B 489 -28.98 4.00 -34.79
C GLU B 489 -30.35 3.87 -34.14
N ILE B 490 -30.48 4.33 -32.91
CA ILE B 490 -31.78 4.48 -32.26
C ILE B 490 -32.31 5.88 -32.59
N PRO B 491 -33.50 5.99 -33.17
CA PRO B 491 -33.98 7.29 -33.66
C PRO B 491 -34.43 8.22 -32.55
N GLY B 492 -34.07 9.50 -32.69
CA GLY B 492 -34.57 10.52 -31.79
C GLY B 492 -35.90 11.03 -32.29
N TYR B 493 -36.98 10.58 -31.65
CA TYR B 493 -38.32 10.52 -32.21
C TYR B 493 -38.86 11.89 -32.60
N THR B 494 -39.79 11.87 -33.55
CA THR B 494 -40.44 13.09 -34.00
C THR B 494 -41.44 13.57 -32.96
N ASN B 495 -41.89 14.82 -33.13
CA ASN B 495 -42.66 15.46 -32.07
C ASN B 495 -44.04 14.84 -31.91
N MET B 496 -44.60 14.28 -32.99
CA MET B 496 -45.82 13.53 -32.80
C MET B 496 -45.51 12.18 -32.15
N GLU B 497 -44.39 11.59 -32.56
CA GLU B 497 -43.93 10.34 -31.94
C GLU B 497 -43.59 10.55 -30.48
N LYS B 498 -42.83 11.60 -30.18
CA LYS B 498 -42.55 11.96 -28.79
C LYS B 498 -43.82 12.35 -28.06
N GLN B 499 -44.79 12.90 -28.76
CA GLN B 499 -46.05 13.26 -28.14
C GLN B 499 -46.83 12.03 -27.70
N ALA B 500 -46.89 11.01 -28.56
CA ALA B 500 -47.51 9.75 -28.17
C ALA B 500 -46.71 9.08 -27.06
N ILE B 501 -45.39 9.20 -27.13
CA ILE B 501 -44.50 8.65 -26.12
C ILE B 501 -44.78 9.30 -24.78
N ALA B 502 -45.04 10.60 -24.79
CA ALA B 502 -45.56 11.27 -23.62
C ALA B 502 -46.94 10.77 -23.25
N ARG B 503 -47.79 10.49 -24.25
CA ARG B 503 -49.21 10.25 -24.01
C ARG B 503 -49.44 8.99 -23.20
N GLN B 504 -48.85 7.88 -23.61
CA GLN B 504 -48.96 6.72 -22.72
C GLN B 504 -47.71 6.38 -21.94
N TYR B 505 -46.53 6.86 -22.34
CA TYR B 505 -45.33 6.52 -21.60
C TYR B 505 -44.94 7.58 -20.59
N LEU B 506 -44.62 8.78 -21.06
CA LEU B 506 -43.85 9.67 -20.21
C LEU B 506 -44.73 10.44 -19.25
N TRP B 507 -45.79 11.07 -19.74
CA TRP B 507 -46.70 11.74 -18.82
C TRP B 507 -47.40 10.81 -17.84
N PRO B 508 -47.87 9.60 -18.20
CA PRO B 508 -48.29 8.68 -17.12
C PRO B 508 -47.19 8.33 -16.15
N LYS B 509 -45.95 8.18 -16.63
CA LYS B 509 -44.86 7.91 -15.71
C LYS B 509 -44.62 9.07 -14.77
N GLN B 510 -44.65 10.30 -15.29
CA GLN B 510 -44.46 11.48 -14.47
C GLN B 510 -45.62 11.75 -13.55
N VAL B 511 -46.80 11.22 -13.86
CA VAL B 511 -47.94 11.40 -12.96
C VAL B 511 -47.96 10.34 -11.86
N ARG B 512 -47.68 9.08 -12.18
CA ARG B 512 -47.44 8.09 -11.12
C ARG B 512 -46.24 8.46 -10.27
N GLU B 513 -45.20 9.00 -10.88
CA GLU B 513 -44.08 9.53 -10.12
C GLU B 513 -44.48 10.79 -9.36
N SER B 514 -45.44 11.55 -9.90
CA SER B 514 -45.89 12.75 -9.23
C SER B 514 -46.68 12.43 -7.97
N GLY B 515 -47.49 11.38 -8.01
CA GLY B 515 -48.33 11.09 -6.87
C GLY B 515 -49.52 12.00 -6.72
N MET B 516 -49.90 12.70 -7.79
CA MET B 516 -51.10 13.54 -7.83
C MET B 516 -51.95 13.06 -9.00
N GLU B 517 -52.14 11.75 -9.03
CA GLU B 517 -52.81 11.09 -10.14
C GLU B 517 -54.31 11.36 -10.12
N GLY B 518 -54.90 11.34 -11.32
CA GLY B 518 -56.31 11.57 -11.49
C GLY B 518 -56.73 13.01 -11.43
N ARG B 519 -55.82 13.92 -11.07
CA ARG B 519 -56.14 15.31 -10.92
C ARG B 519 -55.44 16.19 -11.92
N ILE B 520 -54.25 15.83 -12.37
CA ILE B 520 -53.55 16.52 -13.44
C ILE B 520 -53.94 15.90 -14.77
N GLU B 521 -54.32 16.76 -15.72
CA GLU B 521 -54.72 16.32 -17.06
C GLU B 521 -54.18 17.30 -18.09
N VAL B 522 -52.98 17.04 -18.57
CA VAL B 522 -52.36 17.88 -19.58
C VAL B 522 -52.92 17.51 -20.94
N THR B 523 -53.40 18.51 -21.66
CA THR B 523 -53.86 18.29 -23.03
C THR B 523 -52.67 18.03 -23.95
N ASP B 524 -52.97 17.38 -25.07
CA ASP B 524 -51.90 16.98 -25.97
C ASP B 524 -51.36 18.16 -26.75
N ALA B 525 -52.20 19.16 -27.02
CA ALA B 525 -51.73 20.40 -27.63
C ALA B 525 -50.77 21.12 -26.68
N ALA B 526 -51.05 21.06 -25.39
CA ALA B 526 -50.11 21.58 -24.39
C ALA B 526 -48.81 20.79 -24.41
N ILE B 527 -48.90 19.48 -24.60
CA ILE B 527 -47.70 18.64 -24.66
C ILE B 527 -46.84 19.03 -25.85
N LEU B 528 -47.48 19.23 -27.00
CA LEU B 528 -46.77 19.67 -28.19
C LEU B 528 -46.20 21.07 -28.01
N ARG B 529 -46.90 21.94 -27.29
CA ARG B 529 -46.36 23.27 -27.01
C ARG B 529 -45.19 23.22 -26.05
N VAL B 530 -45.20 22.29 -25.10
CA VAL B 530 -44.08 22.09 -24.18
C VAL B 530 -42.86 21.62 -24.95
N ILE B 531 -43.08 20.71 -25.90
CA ILE B 531 -42.04 20.32 -26.86
C ILE B 531 -41.55 21.53 -27.64
N SER B 532 -42.48 22.33 -28.12
CA SER B 532 -42.18 23.45 -28.99
C SER B 532 -41.60 24.65 -28.27
N GLU B 533 -41.57 24.66 -26.95
CA GLU B 533 -41.20 25.91 -26.27
C GLU B 533 -40.05 25.76 -25.30
N TYR B 534 -39.92 24.60 -24.66
CA TYR B 534 -39.00 24.48 -23.55
C TYR B 534 -37.69 23.81 -23.96
N THR B 535 -37.76 22.59 -24.45
CA THR B 535 -36.59 21.72 -24.60
C THR B 535 -36.42 21.36 -26.07
N ARG B 536 -35.16 21.35 -26.52
CA ARG B 536 -34.85 21.10 -27.92
C ARG B 536 -34.00 19.84 -28.11
N GLU B 537 -33.99 18.94 -27.13
CA GLU B 537 -33.18 17.75 -27.22
C GLU B 537 -33.82 16.71 -28.12
N ALA B 538 -32.97 15.88 -28.74
CA ALA B 538 -33.46 14.70 -29.44
C ALA B 538 -33.76 13.56 -28.48
N GLY B 539 -33.33 13.66 -27.24
CA GLY B 539 -33.76 12.76 -26.20
C GLY B 539 -35.15 13.14 -25.71
N VAL B 540 -35.54 12.53 -24.60
CA VAL B 540 -36.85 12.79 -24.00
C VAL B 540 -36.76 13.23 -22.55
N ARG B 541 -35.59 13.08 -21.91
CA ARG B 541 -35.49 13.29 -20.46
C ARG B 541 -35.71 14.74 -20.08
N GLY B 542 -35.33 15.67 -20.96
CA GLY B 542 -35.63 17.07 -20.73
C GLY B 542 -37.12 17.34 -20.69
N LEU B 543 -37.88 16.66 -21.54
CA LEU B 543 -39.33 16.80 -21.52
C LEU B 543 -39.92 16.16 -20.28
N GLU B 544 -39.31 15.08 -19.79
CA GLU B 544 -39.72 14.51 -18.51
C GLU B 544 -39.47 15.48 -17.38
N ARG B 545 -38.38 16.23 -17.45
CA ARG B 545 -38.13 17.25 -16.44
C ARG B 545 -39.12 18.40 -16.57
N GLU B 546 -39.52 18.74 -17.81
CA GLU B 546 -40.59 19.71 -18.00
C GLU B 546 -41.86 19.25 -17.30
N LEU B 547 -42.29 18.03 -17.57
CA LEU B 547 -43.51 17.50 -16.98
C LEU B 547 -43.37 17.31 -15.48
N GLY B 548 -42.16 17.05 -15.00
CA GLY B 548 -41.93 17.00 -13.58
C GLY B 548 -42.09 18.36 -12.92
N LYS B 549 -41.61 19.42 -13.56
CA LYS B 549 -41.80 20.76 -13.04
C LYS B 549 -43.28 21.15 -13.05
N ILE B 550 -43.99 20.73 -14.11
CA ILE B 550 -45.43 20.92 -14.18
C ILE B 550 -46.10 20.21 -13.01
N ALA B 551 -45.71 18.96 -12.77
CA ALA B 551 -46.26 18.16 -11.68
C ALA B 551 -45.93 18.73 -10.33
N ARG B 552 -44.74 19.30 -10.18
CA ARG B 552 -44.32 19.88 -8.90
C ARG B 552 -45.13 21.13 -8.59
N LYS B 553 -45.28 22.01 -9.57
CA LYS B 553 -46.02 23.25 -9.33
C LYS B 553 -47.50 22.96 -9.16
N GLY B 554 -48.03 21.99 -9.92
CA GLY B 554 -49.40 21.56 -9.72
C GLY B 554 -49.63 20.87 -8.39
N ALA B 555 -48.63 20.16 -7.87
CA ALA B 555 -48.73 19.56 -6.55
C ALA B 555 -48.75 20.64 -5.48
N LYS B 556 -47.96 21.70 -5.69
CA LYS B 556 -48.05 22.87 -4.82
C LYS B 556 -49.44 23.48 -4.87
N PHE B 557 -50.03 23.54 -6.07
CA PHE B 557 -51.33 24.18 -6.22
C PHE B 557 -52.44 23.36 -5.59
N TRP B 558 -52.39 22.03 -5.78
CA TRP B 558 -53.39 21.16 -5.16
C TRP B 558 -53.20 21.07 -3.66
N LEU B 559 -51.98 21.33 -3.19
CA LEU B 559 -51.65 21.18 -1.78
C LEU B 559 -52.45 22.11 -0.88
N GLU B 560 -52.90 23.24 -1.40
CA GLU B 560 -53.88 24.02 -0.66
C GLU B 560 -55.31 23.72 -1.10
N GLY B 561 -55.50 22.83 -2.06
CA GLY B 561 -56.83 22.56 -2.56
C GLY B 561 -56.93 22.60 -4.06
N ALA B 562 -57.85 21.82 -4.62
CA ALA B 562 -58.13 21.86 -6.05
C ALA B 562 -59.00 23.05 -6.39
N TRP B 563 -58.62 23.84 -7.40
CA TRP B 563 -59.65 24.65 -8.02
C TRP B 563 -60.45 23.81 -9.01
N GLU B 564 -59.81 22.76 -9.55
CA GLU B 564 -60.48 21.75 -10.34
C GLU B 564 -59.94 20.39 -9.93
N GLY B 565 -60.83 19.41 -9.85
CA GLY B 565 -60.38 18.05 -9.64
C GLY B 565 -59.79 17.41 -10.87
N LEU B 566 -59.82 18.10 -12.00
CA LEU B 566 -59.23 17.66 -13.26
C LEU B 566 -58.46 18.88 -13.78
N ARG B 567 -57.15 18.92 -13.49
CA ARG B 567 -56.35 20.06 -13.90
C ARG B 567 -56.17 20.03 -15.40
N THR B 568 -57.08 20.68 -16.13
CA THR B 568 -56.97 20.79 -17.57
C THR B 568 -55.80 21.69 -17.87
N ILE B 569 -54.65 21.09 -18.14
CA ILE B 569 -53.44 21.84 -18.45
C ILE B 569 -53.41 21.94 -19.96
N ASP B 570 -53.98 23.03 -20.47
CA ASP B 570 -54.06 23.31 -21.88
C ASP B 570 -52.85 24.15 -22.29
N ALA B 571 -52.90 24.75 -23.48
CA ALA B 571 -51.79 25.57 -23.94
C ALA B 571 -51.69 26.90 -23.19
N SER B 572 -52.72 27.27 -22.43
CA SER B 572 -52.72 28.54 -21.71
C SER B 572 -51.82 28.48 -20.49
N ASP B 573 -52.04 27.51 -19.61
CA ASP B 573 -51.48 27.53 -18.27
C ASP B 573 -50.06 26.96 -18.20
N ILE B 574 -49.34 26.94 -19.32
CA ILE B 574 -47.99 26.36 -19.36
C ILE B 574 -46.98 27.10 -18.49
N PRO B 575 -46.85 28.46 -18.56
CA PRO B 575 -45.90 29.10 -17.62
C PRO B 575 -46.52 29.37 -16.27
N THR B 576 -47.61 28.67 -15.96
CA THR B 576 -48.22 28.77 -14.61
C THR B 576 -47.76 27.55 -13.80
N TYR B 577 -47.40 26.47 -14.49
CA TYR B 577 -46.87 25.25 -13.81
C TYR B 577 -45.38 25.12 -14.13
N LEU B 578 -44.83 26.06 -14.91
CA LEU B 578 -43.39 26.00 -15.31
C LEU B 578 -42.91 27.42 -15.63
N GLY B 579 -41.60 27.59 -15.87
CA GLY B 579 -41.05 28.91 -16.22
C GLY B 579 -41.50 29.35 -17.60
N ILE B 580 -41.38 30.65 -17.92
CA ILE B 580 -41.82 31.19 -19.23
C ILE B 580 -41.13 30.39 -20.35
N PRO B 581 -41.80 30.14 -21.50
CA PRO B 581 -41.22 29.38 -22.62
C PRO B 581 -39.76 29.71 -22.89
N ARG B 582 -38.93 28.68 -22.77
CA ARG B 582 -37.49 28.83 -22.90
C ARG B 582 -37.04 29.09 -24.32
N TYR B 583 -37.90 28.86 -25.31
CA TYR B 583 -37.47 28.99 -26.69
C TYR B 583 -38.70 29.26 -27.54
N ARG B 584 -38.46 29.54 -28.82
CA ARG B 584 -39.49 29.97 -29.75
C ARG B 584 -40.53 28.87 -29.98
N PRO B 585 -41.83 29.16 -29.80
CA PRO B 585 -42.87 28.14 -30.04
C PRO B 585 -42.96 27.72 -31.49
N ASP B 586 -42.47 26.51 -31.77
CA ASP B 586 -42.38 25.92 -33.11
C ASP B 586 -41.61 26.81 -34.08
N LYS B 587 -40.65 27.58 -33.55
CA LYS B 587 -39.78 28.49 -34.31
C LYS B 587 -40.56 29.53 -35.10
N ALA B 588 -41.77 29.87 -34.66
CA ALA B 588 -42.71 30.61 -35.50
C ALA B 588 -42.30 32.06 -35.71
N GLU B 589 -41.47 32.60 -34.83
CA GLU B 589 -41.04 33.98 -34.91
C GLU B 589 -39.60 34.11 -35.40
N THR B 590 -39.10 33.08 -36.09
CA THR B 590 -37.71 33.08 -36.53
C THR B 590 -37.51 34.09 -37.64
N GLU B 591 -36.56 34.98 -37.46
CA GLU B 591 -36.30 35.99 -38.47
C GLU B 591 -35.52 35.35 -39.62
N PRO B 592 -35.91 35.58 -40.87
CA PRO B 592 -35.09 35.11 -41.99
C PRO B 592 -33.73 35.80 -42.02
N GLN B 593 -32.69 35.02 -42.29
CA GLN B 593 -31.35 35.33 -41.82
C GLN B 593 -30.53 36.00 -42.91
N VAL B 594 -30.05 37.21 -42.61
CA VAL B 594 -29.52 38.12 -43.62
C VAL B 594 -28.16 37.67 -44.11
N GLY B 595 -27.36 37.05 -43.26
CA GLY B 595 -26.08 36.52 -43.71
C GLY B 595 -25.77 35.18 -43.08
N THR B 596 -26.81 34.44 -42.71
CA THR B 596 -26.68 33.27 -41.85
C THR B 596 -27.50 32.14 -42.45
N ALA B 597 -27.03 30.90 -42.27
CA ALA B 597 -27.74 29.73 -42.80
C ALA B 597 -27.69 28.60 -41.79
N GLN B 598 -28.84 27.94 -41.59
CA GLN B 598 -29.05 26.98 -40.50
C GLN B 598 -28.63 25.59 -40.96
N GLY B 599 -27.39 25.20 -40.67
CA GLY B 599 -26.96 23.85 -40.97
C GLY B 599 -27.42 22.84 -39.96
N LEU B 600 -27.37 21.58 -40.34
CA LEU B 600 -27.57 20.49 -39.39
C LEU B 600 -26.27 19.82 -39.03
N ALA B 601 -26.15 19.48 -37.76
CA ALA B 601 -25.20 18.49 -37.29
C ALA B 601 -26.00 17.56 -36.38
N TRP B 602 -26.34 16.38 -36.88
CA TRP B 602 -26.94 15.38 -36.01
C TRP B 602 -25.83 14.89 -35.09
N THR B 603 -25.84 15.39 -33.86
CA THR B 603 -24.74 15.19 -32.95
C THR B 603 -24.73 13.75 -32.45
N PRO B 604 -23.63 13.32 -31.82
CA PRO B 604 -23.68 12.08 -31.04
C PRO B 604 -24.74 12.09 -29.95
N VAL B 605 -25.04 13.25 -29.37
CA VAL B 605 -26.05 13.32 -28.33
C VAL B 605 -27.37 13.78 -28.90
N GLY B 606 -27.52 13.71 -30.22
CA GLY B 606 -28.79 14.12 -30.81
C GLY B 606 -28.67 14.83 -32.14
N GLY B 607 -29.20 16.05 -32.18
CA GLY B 607 -29.08 16.89 -33.36
C GLY B 607 -29.18 18.34 -32.98
N THR B 608 -28.70 19.20 -33.88
CA THR B 608 -28.72 20.63 -33.62
C THR B 608 -28.75 21.40 -34.93
N LEU B 609 -29.14 22.67 -34.81
CA LEU B 609 -29.06 23.59 -35.94
C LEU B 609 -27.75 24.36 -35.86
N LEU B 610 -27.08 24.48 -36.99
CA LEU B 610 -25.84 25.25 -37.11
C LEU B 610 -26.17 26.47 -37.95
N THR B 611 -26.57 27.55 -37.30
CA THR B 611 -26.86 28.78 -38.02
C THR B 611 -25.52 29.39 -38.45
N ILE B 612 -25.01 28.90 -39.58
CA ILE B 612 -23.65 29.19 -40.02
C ILE B 612 -23.62 30.56 -40.67
N GLU B 613 -22.61 31.36 -40.33
CA GLU B 613 -22.64 32.78 -40.64
C GLU B 613 -21.25 33.19 -41.14
N VAL B 614 -21.22 34.31 -41.87
CA VAL B 614 -19.99 34.77 -42.52
C VAL B 614 -19.77 36.23 -42.18
N ALA B 615 -18.57 36.56 -41.72
CA ALA B 615 -18.14 37.96 -41.60
C ALA B 615 -17.33 38.32 -42.83
N ALA B 616 -18.06 38.46 -43.94
CA ALA B 616 -17.47 39.00 -45.15
C ALA B 616 -17.31 40.51 -44.98
N VAL B 617 -16.12 41.01 -45.24
CA VAL B 617 -15.77 42.41 -44.99
C VAL B 617 -14.59 42.78 -45.90
N PRO B 618 -14.67 43.90 -46.62
CA PRO B 618 -13.82 44.10 -47.81
C PRO B 618 -12.32 44.15 -47.53
N GLY B 619 -11.56 43.67 -48.51
CA GLY B 619 -10.13 43.55 -48.37
C GLY B 619 -9.43 42.88 -49.55
N SER B 620 -8.55 41.93 -49.26
CA SER B 620 -7.61 41.45 -50.27
C SER B 620 -7.46 39.93 -50.20
N GLY B 621 -8.57 39.20 -50.12
CA GLY B 621 -8.48 37.76 -50.23
C GLY B 621 -8.17 37.00 -48.95
N LYS B 622 -8.50 37.56 -47.80
CA LYS B 622 -8.33 36.87 -46.54
C LYS B 622 -9.50 35.91 -46.35
N LEU B 623 -9.19 34.73 -45.81
CA LEU B 623 -10.14 33.63 -45.62
C LEU B 623 -9.99 33.04 -44.24
N SER B 624 -10.08 33.87 -43.20
CA SER B 624 -10.00 33.34 -41.84
C SER B 624 -11.24 32.53 -41.52
N LEU B 625 -11.02 31.32 -41.04
CA LEU B 625 -12.08 30.36 -40.78
C LEU B 625 -11.92 29.87 -39.35
N THR B 626 -13.00 29.91 -38.58
CA THR B 626 -12.89 29.47 -37.19
C THR B 626 -14.20 28.80 -36.81
N GLY B 627 -14.31 28.43 -35.53
CA GLY B 627 -15.45 27.72 -35.03
C GLY B 627 -15.09 26.29 -34.69
N GLN B 628 -13.90 26.13 -34.08
CA GLN B 628 -13.20 24.88 -33.75
C GLN B 628 -13.28 23.89 -34.91
N LEU B 629 -13.11 24.38 -36.12
CA LEU B 629 -13.67 23.72 -37.27
C LEU B 629 -12.72 22.65 -37.79
N GLY B 630 -13.30 21.55 -38.21
CA GLY B 630 -12.52 20.50 -38.83
C GLY B 630 -12.05 20.87 -40.21
N GLU B 631 -11.13 20.05 -40.72
CA GLU B 631 -10.53 20.30 -42.02
C GLU B 631 -11.56 20.16 -43.13
N VAL B 632 -12.45 19.18 -43.01
CA VAL B 632 -13.43 18.88 -44.07
C VAL B 632 -14.44 20.00 -44.23
N MET B 633 -14.71 20.75 -43.16
CA MET B 633 -15.47 21.98 -43.34
C MET B 633 -14.69 23.03 -44.10
N LYS B 634 -13.37 23.08 -43.97
CA LYS B 634 -12.59 23.96 -44.83
C LYS B 634 -12.55 23.45 -46.26
N GLU B 635 -12.62 22.14 -46.44
CA GLU B 635 -12.71 21.58 -47.79
C GLU B 635 -14.03 21.95 -48.45
N SER B 636 -15.12 21.83 -47.70
CA SER B 636 -16.42 22.27 -48.19
C SER B 636 -16.46 23.78 -48.37
N ALA B 637 -15.65 24.51 -47.59
CA ALA B 637 -15.53 25.94 -47.76
C ALA B 637 -14.92 26.27 -49.12
N GLN B 638 -13.88 25.55 -49.50
CA GLN B 638 -13.28 25.83 -50.80
C GLN B 638 -14.15 25.33 -51.94
N ALA B 639 -14.84 24.21 -51.73
CA ALA B 639 -15.75 23.70 -52.75
C ALA B 639 -16.94 24.63 -52.95
N ALA B 640 -17.46 25.17 -51.85
CA ALA B 640 -18.50 26.17 -51.91
C ALA B 640 -18.01 27.45 -52.56
N LEU B 641 -16.76 27.81 -52.26
CA LEU B 641 -16.13 28.99 -52.83
C LEU B 641 -16.05 28.88 -54.35
N THR B 642 -15.69 27.70 -54.83
CA THR B 642 -15.60 27.48 -56.26
C THR B 642 -16.96 27.30 -56.93
N TYR B 643 -17.95 26.78 -56.21
CA TYR B 643 -19.29 26.73 -56.79
C TYR B 643 -19.89 28.12 -56.89
N LEU B 644 -19.62 28.98 -55.92
CA LEU B 644 -19.99 30.38 -56.03
C LEU B 644 -19.20 31.09 -57.10
N ARG B 645 -17.95 30.67 -57.31
CA ARG B 645 -17.15 31.13 -58.44
C ARG B 645 -17.81 30.77 -59.77
N ALA B 646 -18.41 29.59 -59.83
CA ALA B 646 -19.26 29.28 -60.97
C ALA B 646 -20.51 30.14 -60.99
N HIS B 647 -21.03 30.50 -59.82
CA HIS B 647 -22.36 31.09 -59.71
C HIS B 647 -22.31 32.56 -59.31
N THR B 648 -21.31 33.29 -59.79
CA THR B 648 -21.12 34.70 -59.46
C THR B 648 -22.26 35.56 -59.96
N GLN B 649 -22.31 35.72 -61.28
CA GLN B 649 -23.36 36.45 -61.96
C GLN B 649 -24.61 35.62 -62.14
N ASP B 650 -24.53 34.31 -61.85
CA ASP B 650 -25.73 33.48 -61.84
C ASP B 650 -26.70 33.94 -60.76
N TYR B 651 -26.18 34.55 -59.71
CA TYR B 651 -26.99 35.23 -58.72
C TYR B 651 -26.60 36.70 -58.74
N GLY B 652 -27.13 37.46 -57.79
CA GLY B 652 -26.81 38.88 -57.73
C GLY B 652 -25.45 39.22 -57.20
N LEU B 653 -24.63 38.21 -56.91
CA LEU B 653 -23.29 38.39 -56.39
C LEU B 653 -22.38 39.00 -57.47
N PRO B 654 -21.35 39.75 -57.06
CA PRO B 654 -20.40 40.29 -58.05
C PRO B 654 -19.53 39.18 -58.64
N GLU B 655 -18.88 39.53 -59.75
CA GLU B 655 -18.07 38.54 -60.44
C GLU B 655 -16.80 38.22 -59.64
N ASP B 656 -16.08 39.23 -59.18
CA ASP B 656 -15.02 39.00 -58.20
C ASP B 656 -15.69 39.12 -56.84
N PHE B 657 -15.51 38.11 -56.00
CA PHE B 657 -16.15 38.13 -54.69
C PHE B 657 -15.26 37.66 -53.56
N TYR B 658 -14.18 36.91 -53.82
CA TYR B 658 -13.29 36.58 -52.73
C TYR B 658 -11.94 37.29 -52.78
N ASN B 659 -11.45 37.67 -53.97
CA ASN B 659 -10.18 38.36 -54.04
C ASN B 659 -10.25 39.77 -53.51
N LYS B 660 -11.43 40.39 -53.57
CA LYS B 660 -11.61 41.78 -53.16
C LYS B 660 -12.22 41.89 -51.77
N VAL B 661 -12.35 40.79 -51.04
CA VAL B 661 -12.91 40.82 -49.69
C VAL B 661 -11.80 40.31 -48.80
N ASP B 662 -11.84 40.67 -47.52
CA ASP B 662 -11.17 39.92 -46.49
C ASP B 662 -12.23 39.17 -45.69
N LEU B 663 -12.66 38.03 -46.23
CA LEU B 663 -13.79 37.34 -45.65
C LEU B 663 -13.39 36.60 -44.38
N HIS B 664 -14.30 36.57 -43.43
CA HIS B 664 -14.13 35.72 -42.27
C HIS B 664 -15.35 34.83 -42.13
N VAL B 665 -15.11 33.55 -41.85
CA VAL B 665 -16.19 32.62 -41.56
C VAL B 665 -16.00 32.07 -40.17
N HIS B 666 -17.10 31.99 -39.42
CA HIS B 666 -17.13 31.20 -38.20
C HIS B 666 -18.30 30.25 -38.28
N VAL B 667 -18.09 29.01 -37.84
CA VAL B 667 -19.15 28.02 -37.76
C VAL B 667 -19.56 27.91 -36.30
N PRO B 668 -20.87 27.81 -36.01
CA PRO B 668 -21.31 27.64 -34.60
C PRO B 668 -20.70 26.43 -33.92
N ASP B 669 -20.52 25.34 -34.64
CA ASP B 669 -19.73 24.23 -34.14
C ASP B 669 -19.14 23.51 -35.34
N GLY B 670 -17.81 23.48 -35.41
CA GLY B 670 -17.14 22.70 -36.43
C GLY B 670 -16.52 21.46 -35.83
N ALA B 671 -17.23 20.81 -34.91
CA ALA B 671 -16.70 19.65 -34.19
C ALA B 671 -17.79 18.59 -34.08
N THR B 672 -17.83 17.68 -35.06
CA THR B 672 -18.59 16.43 -34.99
C THR B 672 -17.88 15.41 -35.86
N PRO B 673 -17.36 14.32 -35.29
CA PRO B 673 -16.69 13.32 -36.11
C PRO B 673 -17.66 12.53 -36.98
N LYS B 674 -18.93 12.43 -36.57
CA LYS B 674 -19.97 11.86 -37.41
C LYS B 674 -20.18 12.70 -38.66
N ASP B 675 -20.21 14.02 -38.49
CA ASP B 675 -20.65 14.93 -39.52
C ASP B 675 -19.42 15.58 -40.14
N GLY B 676 -19.05 15.12 -41.32
CA GLY B 676 -17.95 15.70 -42.04
C GLY B 676 -18.40 16.97 -42.75
N PRO B 677 -18.10 17.09 -44.03
CA PRO B 677 -18.59 18.25 -44.77
C PRO B 677 -20.00 18.06 -45.30
N SER B 678 -20.88 17.54 -44.46
CA SER B 678 -22.24 17.18 -44.83
C SER B 678 -23.19 18.37 -44.76
N ALA B 679 -22.67 19.55 -44.49
CA ALA B 679 -23.42 20.81 -44.54
C ALA B 679 -22.63 21.85 -45.31
N GLY B 680 -21.92 21.41 -46.35
CA GLY B 680 -21.22 22.36 -47.20
C GLY B 680 -22.15 23.26 -47.97
N ILE B 681 -23.33 22.76 -48.36
CA ILE B 681 -24.31 23.58 -49.05
C ILE B 681 -24.88 24.66 -48.14
N THR B 682 -24.88 24.43 -46.82
CA THR B 682 -25.33 25.44 -45.87
C THR B 682 -24.45 26.68 -45.93
N MET B 683 -23.15 26.49 -45.80
CA MET B 683 -22.29 27.65 -45.82
C MET B 683 -22.07 28.15 -47.23
N ALA B 684 -22.28 27.29 -48.23
CA ALA B 684 -22.37 27.74 -49.62
C ALA B 684 -23.45 28.79 -49.78
N THR B 685 -24.62 28.53 -49.20
CA THR B 685 -25.67 29.54 -49.17
C THR B 685 -25.26 30.73 -48.30
N ALA B 686 -24.58 30.46 -47.18
CA ALA B 686 -24.33 31.51 -46.20
C ALA B 686 -23.34 32.56 -46.69
N ILE B 687 -22.35 32.16 -47.49
CA ILE B 687 -21.40 33.12 -48.04
C ILE B 687 -22.10 34.07 -48.99
N ALA B 688 -22.87 33.52 -49.92
CA ALA B 688 -23.62 34.31 -50.89
C ALA B 688 -24.64 35.20 -50.20
N SER B 689 -25.28 34.68 -49.15
CA SER B 689 -26.21 35.47 -48.36
C SER B 689 -25.48 36.62 -47.68
N ALA B 690 -24.29 36.36 -47.16
CA ALA B 690 -23.44 37.44 -46.70
C ALA B 690 -22.99 38.31 -47.86
N LEU B 691 -22.73 37.68 -49.01
CA LEU B 691 -22.34 38.45 -50.18
C LEU B 691 -23.50 39.20 -50.80
N SER B 692 -24.73 38.90 -50.41
CA SER B 692 -25.88 39.61 -50.93
C SER B 692 -26.66 40.36 -49.86
N ARG B 693 -26.39 40.11 -48.57
CA ARG B 693 -27.10 40.72 -47.43
C ARG B 693 -28.60 40.46 -47.50
N ARG B 694 -28.96 39.23 -47.84
CA ARG B 694 -30.36 38.94 -48.02
C ARG B 694 -30.85 37.92 -47.01
N PRO B 695 -32.08 38.06 -46.53
CA PRO B 695 -32.57 37.14 -45.51
C PRO B 695 -32.81 35.73 -46.04
N ALA B 696 -31.89 34.83 -45.72
CA ALA B 696 -32.10 33.42 -46.02
C ALA B 696 -33.20 32.88 -45.13
N ARG B 697 -33.92 31.86 -45.62
CA ARG B 697 -35.20 31.46 -45.05
C ARG B 697 -35.08 30.98 -43.62
N MET B 698 -36.00 31.47 -42.78
CA MET B 698 -36.24 30.87 -41.48
C MET B 698 -36.63 29.41 -41.65
N ASP B 699 -36.12 28.58 -40.75
CA ASP B 699 -36.58 27.21 -40.54
C ASP B 699 -36.38 26.35 -41.79
N ILE B 700 -35.15 26.32 -42.26
CA ILE B 700 -34.68 25.22 -43.10
C ILE B 700 -33.50 24.57 -42.38
N ALA B 701 -33.68 23.32 -41.99
CA ALA B 701 -32.66 22.51 -41.33
C ALA B 701 -31.74 22.02 -42.45
N MET B 702 -30.88 22.92 -42.89
CA MET B 702 -30.27 22.77 -44.20
C MET B 702 -29.09 21.82 -44.09
N THR B 703 -29.09 20.78 -44.91
CA THR B 703 -28.00 19.82 -44.85
C THR B 703 -27.72 19.28 -46.24
N GLY B 704 -26.47 18.88 -46.46
CA GLY B 704 -26.06 18.44 -47.77
C GLY B 704 -24.59 18.69 -48.02
N GLU B 705 -23.92 17.71 -48.60
CA GLU B 705 -22.50 17.78 -48.84
C GLU B 705 -22.25 18.22 -50.27
N VAL B 706 -21.44 19.26 -50.44
CA VAL B 706 -21.05 19.68 -51.77
C VAL B 706 -20.13 18.63 -52.39
N SER B 707 -20.19 18.53 -53.70
CA SER B 707 -19.11 17.87 -54.41
C SER B 707 -18.08 18.92 -54.81
N LEU B 708 -16.96 18.44 -55.35
CA LEU B 708 -16.06 19.34 -56.05
C LEU B 708 -16.73 19.86 -57.31
N ARG B 709 -17.58 19.05 -57.93
CA ARG B 709 -18.53 19.51 -58.93
C ARG B 709 -19.50 20.52 -58.36
N GLY B 710 -19.84 20.39 -57.08
CA GLY B 710 -20.81 21.27 -56.46
C GLY B 710 -22.20 20.69 -56.59
N LYS B 711 -22.31 19.41 -56.27
CA LYS B 711 -23.59 18.73 -56.26
C LYS B 711 -23.79 18.11 -54.89
N VAL B 712 -25.05 17.83 -54.57
CA VAL B 712 -25.43 17.49 -53.20
C VAL B 712 -25.21 15.99 -53.02
N MET B 713 -24.20 15.65 -52.22
CA MET B 713 -23.65 14.31 -52.12
C MET B 713 -24.43 13.39 -51.20
N PRO B 714 -24.28 12.07 -51.35
CA PRO B 714 -24.89 11.13 -50.41
C PRO B 714 -24.32 11.31 -49.02
N ILE B 715 -25.22 11.53 -48.07
CA ILE B 715 -24.85 11.83 -46.70
C ILE B 715 -25.54 10.83 -45.79
N GLY B 716 -24.94 10.62 -44.62
CA GLY B 716 -25.46 9.66 -43.68
C GLY B 716 -26.19 10.33 -42.54
N GLY B 717 -27.04 9.58 -41.86
CA GLY B 717 -27.85 10.18 -40.81
C GLY B 717 -28.93 11.10 -41.33
N VAL B 718 -29.36 10.90 -42.57
CA VAL B 718 -30.50 11.66 -43.12
C VAL B 718 -31.75 11.34 -42.32
N LYS B 719 -31.85 10.09 -41.86
CA LYS B 719 -32.72 9.68 -40.77
C LYS B 719 -32.64 10.66 -39.60
N GLU B 720 -31.47 10.75 -38.98
CA GLU B 720 -31.31 11.64 -37.85
C GLU B 720 -31.31 13.12 -38.24
N LYS B 721 -30.95 13.45 -39.49
CA LYS B 721 -31.06 14.83 -39.95
C LYS B 721 -32.50 15.30 -39.97
N LEU B 722 -33.40 14.48 -40.52
CA LEU B 722 -34.80 14.85 -40.61
C LEU B 722 -35.46 14.77 -39.23
N LEU B 723 -35.01 13.80 -38.40
CA LEU B 723 -35.49 13.73 -37.03
C LEU B 723 -35.11 14.99 -36.26
N ALA B 724 -33.87 15.45 -36.41
CA ALA B 724 -33.41 16.66 -35.74
C ALA B 724 -34.07 17.90 -36.34
N ALA B 725 -34.47 17.84 -37.61
CA ALA B 725 -35.30 18.90 -38.16
C ALA B 725 -36.61 19.01 -37.41
N HIS B 726 -37.25 17.87 -37.12
CA HIS B 726 -38.45 17.97 -36.32
C HIS B 726 -38.16 18.25 -34.85
N GLN B 727 -36.97 17.86 -34.35
CA GLN B 727 -36.56 18.26 -33.01
C GLN B 727 -36.40 19.76 -32.93
N ALA B 728 -35.89 20.38 -33.99
CA ALA B 728 -35.88 21.82 -34.12
C ALA B 728 -37.18 22.34 -34.71
N GLY B 729 -38.17 21.47 -34.91
CA GLY B 729 -39.46 21.89 -35.40
C GLY B 729 -39.42 22.39 -36.83
N ILE B 730 -38.45 21.94 -37.60
CA ILE B 730 -38.29 22.39 -38.97
C ILE B 730 -39.10 21.48 -39.85
N HIS B 731 -39.89 22.06 -40.75
CA HIS B 731 -40.72 21.27 -41.63
C HIS B 731 -40.49 21.62 -43.09
N LYS B 732 -39.45 22.38 -43.41
CA LYS B 732 -39.08 22.72 -44.78
C LYS B 732 -37.61 22.38 -44.95
N ILE B 733 -37.33 21.23 -45.55
CA ILE B 733 -36.00 20.63 -45.53
C ILE B 733 -35.54 20.41 -46.96
N VAL B 734 -34.31 20.83 -47.26
CA VAL B 734 -33.67 20.54 -48.54
C VAL B 734 -32.80 19.30 -48.38
N LEU B 735 -32.96 18.33 -49.29
CA LEU B 735 -32.33 17.02 -49.15
C LEU B 735 -31.76 16.57 -50.48
N PRO B 736 -30.72 15.71 -50.47
CA PRO B 736 -30.09 15.30 -51.73
C PRO B 736 -30.97 14.38 -52.57
N LYS B 737 -31.08 14.71 -53.86
CA LYS B 737 -31.83 13.89 -54.80
C LYS B 737 -31.24 12.49 -54.92
N ASP B 738 -29.93 12.37 -54.87
CA ASP B 738 -29.33 11.05 -54.92
C ASP B 738 -29.47 10.28 -53.60
N ASN B 739 -30.00 10.91 -52.56
CA ASN B 739 -30.41 10.21 -51.34
C ASN B 739 -31.86 9.78 -51.34
N GLU B 740 -32.56 9.87 -52.48
CA GLU B 740 -34.01 9.66 -52.45
C GLU B 740 -34.38 8.20 -52.27
N ALA B 741 -33.50 7.28 -52.69
CA ALA B 741 -33.82 5.87 -52.54
C ALA B 741 -33.78 5.45 -51.08
N GLN B 742 -32.87 6.04 -50.33
CA GLN B 742 -32.76 5.81 -48.90
C GLN B 742 -33.61 6.78 -48.11
N LEU B 743 -34.40 7.62 -48.80
CA LEU B 743 -35.53 8.26 -48.15
C LEU B 743 -36.68 7.30 -47.94
N GLU B 744 -36.69 6.17 -48.65
CA GLU B 744 -37.79 5.24 -48.53
C GLU B 744 -37.69 4.39 -47.28
N GLU B 745 -36.53 4.37 -46.62
CA GLU B 745 -36.47 3.71 -45.32
C GLU B 745 -37.09 4.54 -44.24
N LEU B 746 -37.31 5.82 -44.49
CA LEU B 746 -37.83 6.72 -43.48
C LEU B 746 -39.30 6.40 -43.23
N PRO B 747 -39.70 6.13 -42.00
CA PRO B 747 -41.12 5.93 -41.71
C PRO B 747 -41.90 7.23 -41.85
N LYS B 748 -43.21 7.06 -42.04
CA LYS B 748 -44.12 8.20 -41.98
C LYS B 748 -44.12 8.83 -40.59
N GLU B 749 -43.79 8.04 -39.56
CA GLU B 749 -43.52 8.56 -38.23
C GLU B 749 -42.35 9.53 -38.22
N VAL B 750 -41.44 9.43 -39.18
CA VAL B 750 -40.46 10.48 -39.38
C VAL B 750 -40.93 11.45 -40.46
N LEU B 751 -41.75 10.98 -41.40
CA LEU B 751 -42.19 11.80 -42.52
C LEU B 751 -43.50 12.51 -42.25
N GLU B 752 -43.76 12.89 -41.00
CA GLU B 752 -45.10 13.28 -40.55
C GLU B 752 -45.61 14.53 -41.27
N GLY B 753 -44.84 15.60 -41.25
CA GLY B 753 -45.24 16.82 -41.92
C GLY B 753 -44.06 17.57 -42.48
N LEU B 754 -42.92 16.88 -42.51
CA LEU B 754 -41.65 17.52 -42.82
C LEU B 754 -41.46 17.51 -44.33
N GLU B 755 -41.66 18.66 -44.95
CA GLU B 755 -41.55 18.76 -46.40
C GLU B 755 -40.09 18.61 -46.83
N ILE B 756 -39.90 17.96 -47.97
CA ILE B 756 -38.58 17.72 -48.51
C ILE B 756 -38.42 18.49 -49.81
N LYS B 757 -37.43 19.38 -49.85
CA LYS B 757 -37.09 20.11 -51.07
C LYS B 757 -35.95 19.35 -51.73
N LEU B 758 -36.31 18.36 -52.53
CA LEU B 758 -35.37 17.36 -52.99
C LEU B 758 -34.72 17.80 -54.30
N VAL B 759 -33.43 18.14 -54.25
CA VAL B 759 -32.60 18.43 -55.43
C VAL B 759 -31.22 17.83 -55.22
N GLU B 760 -30.43 17.82 -56.29
CA GLU B 760 -29.04 17.38 -56.23
C GLU B 760 -28.03 18.43 -56.64
N ASP B 761 -28.46 19.55 -57.21
CA ASP B 761 -27.57 20.66 -57.46
C ASP B 761 -27.75 21.69 -56.35
N VAL B 762 -26.80 22.62 -56.26
CA VAL B 762 -26.77 23.57 -55.17
C VAL B 762 -27.38 24.91 -55.57
N GLY B 763 -27.54 25.16 -56.88
CA GLY B 763 -28.23 26.36 -57.33
C GLY B 763 -29.68 26.41 -56.89
N GLU B 764 -30.37 25.28 -56.97
CA GLU B 764 -31.75 25.23 -56.48
C GLU B 764 -31.81 25.35 -54.97
N VAL B 765 -30.78 24.87 -54.26
CA VAL B 765 -30.67 25.08 -52.82
C VAL B 765 -30.57 26.57 -52.50
N LEU B 766 -29.79 27.30 -53.30
CA LEU B 766 -29.71 28.75 -53.14
C LEU B 766 -31.04 29.41 -53.44
N GLU B 767 -31.77 28.92 -54.44
CA GLU B 767 -33.08 29.47 -54.72
C GLU B 767 -34.10 29.10 -53.64
N TYR B 768 -33.85 28.02 -52.91
CA TYR B 768 -34.74 27.64 -51.82
C TYR B 768 -34.51 28.50 -50.59
N LEU B 769 -33.26 28.56 -50.13
CA LEU B 769 -33.00 29.14 -48.82
C LEU B 769 -33.05 30.67 -48.82
N LEU B 770 -32.49 31.33 -49.82
CA LEU B 770 -32.50 32.79 -49.81
C LEU B 770 -33.90 33.28 -50.17
N LEU B 771 -34.58 33.90 -49.20
CA LEU B 771 -35.97 34.31 -49.41
C LEU B 771 -36.11 35.42 -50.46
N PRO B 772 -35.29 36.49 -50.48
CA PRO B 772 -35.23 37.26 -51.72
C PRO B 772 -34.15 36.71 -52.63
N GLU B 773 -34.55 36.34 -53.84
CA GLU B 773 -33.61 35.86 -54.84
C GLU B 773 -32.69 36.99 -55.31
N PRO B 774 -33.15 38.25 -55.41
CA PRO B 774 -32.09 39.26 -55.39
C PRO B 774 -31.46 39.34 -54.01
N ARG C 2 60.54 -64.81 25.03
CA ARG C 2 60.25 -66.20 24.71
C ARG C 2 60.15 -66.40 23.20
N LEU C 3 59.02 -66.97 22.76
CA LEU C 3 58.79 -67.27 21.36
C LEU C 3 57.46 -66.66 20.94
N GLU C 4 57.30 -66.48 19.62
CA GLU C 4 56.09 -65.88 19.07
C GLU C 4 54.89 -66.81 19.25
N LEU C 5 54.06 -66.51 20.24
CA LEU C 5 52.83 -67.21 20.51
C LEU C 5 51.65 -66.31 20.11
N PRO C 6 50.55 -66.87 19.61
CA PRO C 6 49.47 -66.04 19.07
C PRO C 6 48.75 -65.25 20.16
N VAL C 7 48.33 -64.04 19.80
CA VAL C 7 47.78 -63.06 20.72
C VAL C 7 46.37 -62.71 20.26
N ILE C 8 45.39 -62.88 21.15
CA ILE C 8 44.04 -62.41 20.85
C ILE C 8 44.03 -60.89 20.87
N PRO C 9 43.58 -60.23 19.80
CA PRO C 9 43.59 -58.76 19.76
C PRO C 9 42.53 -58.17 20.67
N LEU C 10 42.96 -57.50 21.72
CA LEU C 10 42.04 -57.00 22.74
C LEU C 10 41.26 -55.79 22.23
N ARG C 11 39.98 -55.77 22.54
CA ARG C 11 39.08 -54.69 22.14
C ARG C 11 38.37 -54.04 23.31
N ASN C 12 37.96 -54.83 24.31
CA ASN C 12 37.17 -54.29 25.42
C ASN C 12 37.63 -54.73 26.80
N THR C 13 38.45 -55.77 26.92
CA THR C 13 38.79 -56.36 28.21
C THR C 13 40.27 -56.21 28.48
N VAL C 14 40.60 -55.68 29.66
CA VAL C 14 41.97 -55.71 30.16
C VAL C 14 42.17 -57.04 30.86
N ILE C 15 43.13 -57.82 30.38
CA ILE C 15 43.37 -59.15 30.92
C ILE C 15 44.39 -59.01 32.05
N LEU C 16 43.91 -59.16 33.28
CA LEU C 16 44.67 -59.12 34.50
C LEU C 16 44.94 -60.55 34.98
N PRO C 17 45.83 -60.74 35.96
CA PRO C 17 45.99 -62.09 36.53
C PRO C 17 44.72 -62.62 37.16
N HIS C 18 44.32 -63.83 36.72
CA HIS C 18 43.15 -64.58 37.18
C HIS C 18 41.85 -63.80 37.02
N THR C 19 41.50 -63.52 35.76
CA THR C 19 40.20 -62.93 35.45
C THR C 19 39.45 -63.89 34.55
N THR C 20 38.25 -64.28 34.99
CA THR C 20 37.38 -65.13 34.19
C THR C 20 36.78 -64.26 33.08
N THR C 21 37.50 -64.16 31.98
CA THR C 21 37.16 -63.22 30.92
C THR C 21 36.62 -63.97 29.70
N PRO C 22 35.32 -63.88 29.41
CA PRO C 22 34.80 -64.45 28.16
C PRO C 22 35.09 -63.53 26.99
N VAL C 23 36.05 -63.93 26.15
CA VAL C 23 36.41 -63.18 24.96
C VAL C 23 35.76 -63.87 23.77
N ASP C 24 34.95 -63.12 23.02
CA ASP C 24 34.23 -63.65 21.88
C ASP C 24 35.17 -63.71 20.68
N VAL C 25 35.31 -64.90 20.09
CA VAL C 25 36.11 -65.08 18.89
C VAL C 25 35.18 -65.38 17.73
N GLY C 26 34.75 -64.33 17.03
CA GLY C 26 33.85 -64.49 15.91
C GLY C 26 34.48 -64.07 14.60
N ARG C 27 35.75 -63.66 14.66
CA ARG C 27 36.49 -63.24 13.49
C ARG C 27 37.40 -64.38 13.03
N ALA C 28 37.52 -64.54 11.71
CA ALA C 28 38.38 -65.59 11.16
C ALA C 28 39.86 -65.31 11.43
N LYS C 29 40.24 -64.03 11.47
CA LYS C 29 41.61 -63.68 11.85
C LYS C 29 41.84 -63.85 13.34
N SER C 30 40.80 -63.65 14.15
CA SER C 30 40.92 -63.89 15.59
C SER C 30 40.97 -65.38 15.93
N LYS C 31 40.49 -66.23 15.03
CA LYS C 31 40.58 -67.67 15.27
C LYS C 31 42.00 -68.18 15.10
N ARG C 32 42.83 -67.46 14.33
CA ARG C 32 44.25 -67.79 14.24
C ARG C 32 45.00 -67.42 15.52
N ALA C 33 44.39 -66.62 16.38
CA ALA C 33 44.96 -66.35 17.69
C ALA C 33 44.62 -67.41 18.73
N VAL C 34 43.68 -68.30 18.43
CA VAL C 34 43.19 -69.28 19.40
C VAL C 34 43.52 -70.71 18.97
N GLU C 35 43.43 -71.02 17.68
CA GLU C 35 43.68 -72.38 17.22
C GLU C 35 45.14 -72.78 17.36
N GLU C 36 46.06 -71.85 17.09
CA GLU C 36 47.46 -72.08 17.41
C GLU C 36 47.82 -71.72 18.85
N ALA C 37 46.88 -71.17 19.63
CA ALA C 37 47.13 -70.99 21.06
C ALA C 37 47.12 -72.32 21.79
N MET C 38 46.43 -73.32 21.24
CA MET C 38 46.50 -74.68 21.79
C MET C 38 47.90 -75.27 21.65
N GLY C 39 48.58 -74.97 20.54
CA GLY C 39 49.96 -75.31 20.35
C GLY C 39 50.94 -74.37 21.00
N ALA C 40 50.45 -73.32 21.66
CA ALA C 40 51.27 -72.37 22.38
C ALA C 40 51.37 -72.70 23.87
N ASP C 41 51.31 -74.00 24.20
CA ASP C 41 51.28 -74.53 25.58
C ASP C 41 50.08 -73.94 26.34
N ARG C 42 48.97 -73.76 25.61
CA ARG C 42 47.72 -73.15 26.09
C ARG C 42 47.94 -71.77 26.69
N LEU C 43 48.91 -71.02 26.19
CA LEU C 43 49.30 -69.73 26.74
C LEU C 43 49.14 -68.65 25.69
N ILE C 44 48.49 -67.56 26.05
CA ILE C 44 48.27 -66.41 25.17
C ILE C 44 48.89 -65.19 25.84
N PHE C 45 49.74 -64.49 25.08
CA PHE C 45 50.37 -63.26 25.58
C PHE C 45 49.41 -62.10 25.38
N LEU C 46 48.40 -62.04 26.23
CA LEU C 46 47.30 -61.09 26.06
C LEU C 46 47.76 -59.68 26.43
N VAL C 47 48.06 -58.89 25.41
CA VAL C 47 48.50 -57.51 25.56
C VAL C 47 47.45 -56.61 24.92
N ALA C 48 47.09 -55.53 25.63
CA ALA C 48 46.17 -54.56 25.06
C ALA C 48 46.81 -53.81 23.90
N GLN C 49 45.99 -53.47 22.92
CA GLN C 49 46.48 -52.87 21.69
C GLN C 49 46.93 -51.43 21.91
N ARG C 50 47.91 -50.99 21.13
CA ARG C 50 48.35 -49.59 21.20
C ARG C 50 47.59 -48.71 20.22
N ASP C 51 47.16 -49.27 19.10
CA ASP C 51 46.33 -48.57 18.13
C ASP C 51 44.89 -48.50 18.67
N PRO C 52 43.96 -47.83 17.94
CA PRO C 52 42.53 -48.05 18.19
C PRO C 52 42.13 -49.52 18.19
N GLU C 53 41.53 -49.96 19.30
CA GLU C 53 41.42 -51.38 19.59
C GLU C 53 40.39 -52.06 18.71
N VAL C 54 40.82 -53.10 18.01
CA VAL C 54 39.95 -53.98 17.25
C VAL C 54 40.27 -55.41 17.62
N ASP C 55 39.34 -56.32 17.32
CA ASP C 55 39.52 -57.72 17.60
C ASP C 55 40.27 -58.46 16.50
N ASP C 56 40.76 -57.73 15.49
CA ASP C 56 41.59 -58.19 14.39
C ASP C 56 43.06 -57.87 14.67
N PRO C 57 43.98 -58.76 14.30
CA PRO C 57 45.40 -58.50 14.54
C PRO C 57 45.92 -57.35 13.68
N ALA C 58 46.80 -56.54 14.28
CA ALA C 58 47.36 -55.37 13.64
C ALA C 58 48.88 -55.39 13.73
N PRO C 59 49.59 -54.98 12.68
CA PRO C 59 51.06 -55.07 12.71
C PRO C 59 51.66 -53.99 13.60
N ASP C 60 52.44 -54.44 14.60
CA ASP C 60 53.21 -53.60 15.53
C ASP C 60 52.33 -52.60 16.27
N ASP C 61 51.28 -53.11 16.90
CA ASP C 61 50.29 -52.28 17.57
C ASP C 61 49.95 -52.83 18.94
N LEU C 62 50.97 -53.14 19.73
CA LEU C 62 50.80 -53.70 21.07
C LEU C 62 51.43 -52.79 22.12
N TYR C 63 50.88 -52.84 23.32
CA TYR C 63 51.48 -52.18 24.47
C TYR C 63 52.74 -52.92 24.93
N THR C 64 53.46 -52.28 25.85
CA THR C 64 54.58 -52.92 26.52
C THR C 64 54.14 -53.82 27.67
N TRP C 65 52.89 -53.72 28.12
CA TRP C 65 52.42 -54.44 29.29
C TRP C 65 51.30 -55.39 28.92
N GLY C 66 51.49 -56.66 29.22
CA GLY C 66 50.49 -57.68 29.00
C GLY C 66 50.55 -58.73 30.09
N VAL C 67 49.96 -59.91 29.83
CA VAL C 67 50.00 -61.03 30.77
C VAL C 67 50.24 -62.32 30.02
N GLN C 68 50.56 -63.37 30.78
CA GLN C 68 50.61 -64.74 30.26
C GLN C 68 49.30 -65.43 30.63
N ALA C 69 48.28 -65.23 29.80
CA ALA C 69 46.98 -65.84 30.06
C ALA C 69 47.00 -67.31 29.64
N VAL C 70 46.67 -68.20 30.57
CA VAL C 70 46.61 -69.63 30.30
C VAL C 70 45.17 -69.98 29.95
N VAL C 71 44.98 -70.99 29.12
CA VAL C 71 43.66 -71.41 28.67
C VAL C 71 43.19 -72.56 29.55
N LYS C 72 42.17 -72.30 30.37
CA LYS C 72 41.64 -73.35 31.25
C LYS C 72 40.83 -74.36 30.45
N GLN C 73 39.99 -73.90 29.54
CA GLN C 73 39.18 -74.79 28.70
C GLN C 73 39.02 -74.16 27.33
N ALA C 74 38.83 -75.00 26.32
CA ALA C 74 38.68 -74.57 24.93
C ALA C 74 37.41 -75.21 24.37
N MET C 75 36.29 -74.51 24.52
CA MET C 75 35.01 -74.99 24.02
C MET C 75 34.71 -74.37 22.67
N ARG C 76 34.43 -75.21 21.67
CA ARG C 76 34.14 -74.78 20.31
C ARG C 76 32.63 -74.71 20.15
N LEU C 77 32.07 -73.51 20.33
CA LEU C 77 30.63 -73.36 20.21
C LEU C 77 30.21 -73.35 18.74
N PRO C 78 29.15 -74.08 18.38
CA PRO C 78 28.72 -74.14 16.98
C PRO C 78 27.82 -73.00 16.54
N ASP C 79 27.65 -71.95 17.36
CA ASP C 79 26.80 -70.84 16.96
C ASP C 79 27.47 -69.96 15.92
N GLY C 80 28.80 -69.91 15.91
CA GLY C 80 29.53 -69.06 14.99
C GLY C 80 30.59 -68.24 15.68
N THR C 81 30.60 -68.29 17.02
CA THR C 81 31.58 -67.57 17.83
C THR C 81 32.25 -68.54 18.79
N LEU C 82 33.58 -68.55 18.79
CA LEU C 82 34.33 -69.43 19.68
C LEU C 82 34.39 -68.80 21.06
N GLN C 83 34.21 -69.62 22.09
CA GLN C 83 34.30 -69.17 23.49
C GLN C 83 35.66 -69.59 24.03
N VAL C 84 36.64 -68.71 23.91
CA VAL C 84 37.94 -68.94 24.53
C VAL C 84 37.84 -68.58 26.01
N MET C 85 38.51 -69.36 26.85
CA MET C 85 38.57 -69.11 28.28
C MET C 85 40.00 -68.69 28.59
N VAL C 86 40.18 -67.42 28.93
CA VAL C 86 41.50 -66.85 29.17
C VAL C 86 41.62 -66.46 30.63
N GLU C 87 42.76 -66.78 31.22
CA GLU C 87 43.01 -66.54 32.64
C GLU C 87 44.50 -66.51 32.85
N ALA C 88 45.00 -65.48 33.53
CA ALA C 88 46.42 -65.29 33.73
C ALA C 88 46.81 -65.59 35.17
N ARG C 89 48.11 -65.53 35.43
CA ARG C 89 48.66 -65.67 36.76
C ARG C 89 49.57 -64.51 37.13
N ALA C 90 50.30 -63.95 36.17
CA ALA C 90 51.15 -62.80 36.40
C ALA C 90 51.31 -62.04 35.09
N ARG C 91 51.79 -60.80 35.20
CA ARG C 91 51.94 -59.93 34.04
C ARG C 91 53.15 -60.33 33.20
N ALA C 92 53.22 -59.77 32.00
CA ALA C 92 54.30 -60.07 31.06
C ALA C 92 54.50 -58.87 30.15
N GLN C 93 55.60 -58.89 29.41
CA GLN C 93 55.94 -57.81 28.49
C GLN C 93 56.27 -58.39 27.12
N VAL C 94 56.66 -57.52 26.20
CA VAL C 94 57.04 -57.90 24.85
C VAL C 94 58.48 -57.45 24.62
N THR C 95 59.35 -58.41 24.28
CA THR C 95 60.75 -58.08 24.00
C THR C 95 60.90 -57.35 22.68
N ASP C 96 60.28 -57.88 21.62
CA ASP C 96 60.43 -57.32 20.28
C ASP C 96 59.11 -57.42 19.53
N TYR C 97 58.78 -56.37 18.78
CA TYR C 97 57.56 -56.32 17.99
C TYR C 97 57.81 -56.92 16.61
N ILE C 98 56.98 -57.88 16.23
CA ILE C 98 56.99 -58.48 14.90
C ILE C 98 55.73 -58.03 14.17
N PRO C 99 55.84 -57.40 13.00
CA PRO C 99 54.65 -56.94 12.29
C PRO C 99 53.85 -58.11 11.73
N GLY C 100 52.54 -58.06 11.94
CA GLY C 100 51.65 -59.12 11.50
C GLY C 100 51.20 -58.93 10.07
N PRO C 101 50.09 -59.60 9.69
CA PRO C 101 49.23 -60.51 10.47
C PRO C 101 49.79 -61.93 10.58
N TYR C 102 49.50 -62.68 11.64
CA TYR C 102 48.69 -62.22 12.78
C TYR C 102 49.58 -61.66 13.88
N LEU C 103 49.01 -61.45 15.07
CA LEU C 103 49.72 -60.86 16.19
C LEU C 103 50.76 -61.85 16.71
N ARG C 104 52.00 -61.67 16.29
CA ARG C 104 53.14 -62.43 16.80
C ARG C 104 54.10 -61.48 17.48
N ALA C 105 54.57 -61.87 18.67
CA ALA C 105 55.44 -61.00 19.45
C ALA C 105 56.30 -61.86 20.36
N ARG C 106 57.47 -61.32 20.71
CA ARG C 106 58.40 -61.99 21.62
C ARG C 106 57.87 -61.82 23.04
N GLY C 107 57.10 -62.80 23.49
CA GLY C 107 56.52 -62.74 24.82
C GLY C 107 57.56 -62.97 25.92
N GLU C 108 57.12 -62.75 27.15
CA GLU C 108 58.01 -62.79 28.31
C GLU C 108 57.39 -63.63 29.41
N VAL C 109 58.22 -63.95 30.41
CA VAL C 109 57.85 -64.83 31.52
C VAL C 109 56.93 -64.12 32.49
N PHE C 110 56.40 -64.88 33.45
CA PHE C 110 55.51 -64.33 34.47
C PHE C 110 56.24 -63.33 35.35
N SER C 111 55.71 -62.11 35.43
CA SER C 111 56.24 -61.09 36.32
C SER C 111 55.40 -61.11 37.59
N GLU C 112 55.73 -62.06 38.48
CA GLU C 112 54.96 -62.25 39.69
C GLU C 112 55.21 -61.14 40.69
N ILE C 113 54.16 -60.72 41.39
CA ILE C 113 54.22 -59.63 42.34
C ILE C 113 53.61 -60.10 43.66
N PHE C 114 54.25 -59.72 44.77
CA PHE C 114 53.79 -60.08 46.10
C PHE C 114 54.08 -58.89 47.01
N PRO C 115 53.18 -58.55 47.93
CA PRO C 115 53.24 -57.24 48.60
C PRO C 115 54.34 -57.15 49.66
N ILE C 116 54.72 -55.91 49.93
CA ILE C 116 55.70 -55.54 50.95
C ILE C 116 54.97 -54.65 51.95
N ASP C 117 55.39 -54.71 53.22
CA ASP C 117 54.71 -54.08 54.37
C ASP C 117 53.28 -54.60 54.49
N GLU C 118 53.19 -55.90 54.78
CA GLU C 118 51.95 -56.65 54.67
C GLU C 118 50.91 -56.30 55.73
N ALA C 119 51.31 -55.64 56.83
CA ALA C 119 50.31 -55.21 57.82
C ALA C 119 49.43 -54.10 57.26
N VAL C 120 50.06 -53.05 56.71
CA VAL C 120 49.32 -51.95 56.12
C VAL C 120 48.61 -52.39 54.84
N VAL C 121 49.25 -53.30 54.09
CA VAL C 121 48.64 -53.85 52.88
C VAL C 121 47.40 -54.68 53.22
N ARG C 122 47.47 -55.50 54.27
CA ARG C 122 46.32 -56.30 54.69
C ARG C 122 45.20 -55.43 55.22
N VAL C 123 45.55 -54.39 56.00
CA VAL C 123 44.54 -53.44 56.49
C VAL C 123 43.88 -52.71 55.32
N LEU C 124 44.68 -52.28 54.33
CA LEU C 124 44.14 -51.58 53.17
C LEU C 124 43.28 -52.49 52.31
N VAL C 125 43.66 -53.75 52.13
CA VAL C 125 42.88 -54.62 51.26
C VAL C 125 41.61 -55.09 51.98
N GLU C 126 41.63 -55.21 53.31
CA GLU C 126 40.41 -55.55 54.03
C GLU C 126 39.45 -54.36 54.07
N GLU C 127 39.99 -53.14 54.24
CA GLU C 127 39.15 -51.95 54.16
C GLU C 127 38.63 -51.73 52.74
N LEU C 128 39.41 -52.11 51.73
CA LEU C 128 38.94 -52.01 50.35
C LEU C 128 37.89 -53.07 50.05
N LYS C 129 38.02 -54.28 50.63
CA LYS C 129 36.98 -55.29 50.47
C LYS C 129 35.69 -54.86 51.14
N GLU C 130 35.78 -54.23 52.31
CA GLU C 130 34.59 -53.63 52.92
C GLU C 130 34.06 -52.46 52.10
N ALA C 131 34.95 -51.75 51.39
CA ALA C 131 34.51 -50.68 50.49
C ALA C 131 33.75 -51.24 49.29
N PHE C 132 34.20 -52.36 48.72
CA PHE C 132 33.40 -53.05 47.71
C PHE C 132 32.10 -53.57 48.28
N GLU C 133 32.11 -54.01 49.54
CA GLU C 133 30.89 -54.54 50.15
C GLU C 133 29.84 -53.44 50.37
N LYS C 134 30.30 -52.23 50.73
CA LYS C 134 29.38 -51.10 50.79
C LYS C 134 29.02 -50.59 49.40
N TYR C 135 29.95 -50.71 48.44
CA TYR C 135 29.71 -50.28 47.08
C TYR C 135 28.76 -51.21 46.34
N VAL C 136 28.60 -52.45 46.82
CA VAL C 136 27.53 -53.31 46.34
C VAL C 136 26.18 -52.69 46.64
N ALA C 137 25.97 -52.25 47.88
CA ALA C 137 24.72 -51.61 48.25
C ALA C 137 24.57 -50.23 47.60
N ASN C 138 25.68 -49.52 47.41
CA ASN C 138 25.61 -48.19 46.80
C ASN C 138 25.39 -48.26 45.29
N HIS C 139 25.97 -49.25 44.62
CA HIS C 139 26.11 -49.27 43.17
C HIS C 139 25.71 -50.64 42.62
N LYS C 140 24.48 -51.07 42.95
CA LYS C 140 23.95 -52.37 42.53
C LYS C 140 23.94 -52.58 41.01
N SER C 141 23.87 -51.51 40.22
CA SER C 141 23.67 -51.63 38.78
C SER C 141 24.92 -52.08 38.03
N LEU C 142 26.10 -51.99 38.63
CA LEU C 142 27.36 -52.23 37.92
C LEU C 142 27.91 -53.63 38.14
N ARG C 143 27.04 -54.59 38.54
CA ARG C 143 27.36 -56.02 38.65
C ARG C 143 28.49 -56.27 39.64
N LEU C 144 28.27 -55.90 40.89
CA LEU C 144 29.14 -56.26 42.01
C LEU C 144 28.31 -56.94 43.08
N ASP C 145 28.77 -58.10 43.54
CA ASP C 145 28.03 -58.93 44.46
C ASP C 145 28.87 -59.25 45.68
N ARG C 146 28.23 -59.87 46.68
CA ARG C 146 28.96 -60.43 47.81
C ARG C 146 29.57 -61.79 47.49
N TYR C 147 29.18 -62.41 46.38
CA TYR C 147 29.77 -63.68 45.97
C TYR C 147 31.22 -63.49 45.52
N GLN C 148 31.51 -62.35 44.88
CA GLN C 148 32.89 -62.02 44.56
C GLN C 148 33.66 -61.62 45.81
N LEU C 149 32.98 -61.10 46.82
CA LEU C 149 33.63 -60.78 48.08
C LEU C 149 33.91 -62.01 48.94
N GLU C 150 33.12 -63.08 48.77
CA GLU C 150 33.34 -64.29 49.56
C GLU C 150 34.61 -65.03 49.15
N ALA C 151 35.04 -64.89 47.91
CA ALA C 151 36.26 -65.53 47.44
C ALA C 151 37.51 -64.68 47.69
N VAL C 152 37.35 -63.45 48.14
CA VAL C 152 38.49 -62.59 48.43
C VAL C 152 38.61 -62.21 49.90
N LYS C 153 37.52 -62.25 50.68
CA LYS C 153 37.60 -61.99 52.11
C LYS C 153 38.16 -63.22 52.81
N GLY C 154 39.19 -63.04 53.62
CA GLY C 154 39.86 -64.15 54.26
C GLY C 154 40.75 -64.95 53.34
N THR C 155 41.06 -64.43 52.15
CA THR C 155 41.89 -65.12 51.17
C THR C 155 43.24 -64.41 51.07
N SER C 156 44.31 -65.19 50.90
CA SER C 156 45.65 -64.65 50.77
C SER C 156 45.86 -64.11 49.35
N ASP C 157 47.13 -63.77 49.02
CA ASP C 157 47.56 -63.19 47.76
C ASP C 157 46.79 -61.91 47.44
N PRO C 158 47.14 -60.76 48.02
CA PRO C 158 46.41 -59.53 47.68
C PRO C 158 46.55 -59.08 46.22
N ALA C 159 47.53 -59.59 45.46
CA ALA C 159 47.58 -59.34 44.03
C ALA C 159 46.42 -60.02 43.31
N MET C 160 46.09 -61.26 43.71
CA MET C 160 44.84 -61.91 43.32
C MET C 160 43.63 -61.03 43.61
N LEU C 161 43.59 -60.47 44.82
CA LEU C 161 42.41 -59.72 45.27
C LEU C 161 42.27 -58.40 44.51
N ALA C 162 43.41 -57.81 44.11
CA ALA C 162 43.34 -56.58 43.36
C ALA C 162 43.02 -56.84 41.89
N ASP C 163 43.75 -57.76 41.25
CA ASP C 163 43.63 -57.94 39.80
C ASP C 163 42.36 -58.67 39.42
N THR C 164 41.76 -59.44 40.33
CA THR C 164 40.50 -60.10 40.00
C THR C 164 39.35 -59.10 39.93
N ILE C 165 39.30 -58.16 40.87
CA ILE C 165 38.22 -57.19 40.90
C ILE C 165 38.51 -55.96 40.04
N ALA C 166 39.76 -55.75 39.63
CA ALA C 166 40.06 -54.63 38.74
C ALA C 166 39.54 -54.84 37.32
N TYR C 167 39.15 -56.06 36.96
CA TYR C 167 38.49 -56.27 35.67
C TYR C 167 36.98 -56.23 35.80
N HIS C 168 36.43 -56.66 36.94
CA HIS C 168 35.00 -56.91 37.06
C HIS C 168 34.20 -55.61 37.06
N ALA C 169 34.66 -54.60 37.80
CA ALA C 169 33.98 -53.31 37.79
C ALA C 169 34.22 -52.60 36.47
N THR C 170 33.22 -51.85 36.03
CA THR C 170 33.23 -51.24 34.71
C THR C 170 33.52 -49.75 34.82
N TRP C 171 34.67 -49.34 34.30
CA TRP C 171 35.04 -47.94 34.14
C TRP C 171 35.92 -47.86 32.89
N THR C 172 36.70 -46.76 32.78
CA THR C 172 37.62 -46.57 31.68
C THR C 172 38.61 -47.71 31.54
N VAL C 173 38.63 -48.31 30.36
CA VAL C 173 39.43 -49.52 30.10
C VAL C 173 40.93 -49.19 30.14
N ALA C 174 41.30 -47.99 29.66
CA ALA C 174 42.70 -47.56 29.70
C ALA C 174 43.20 -47.40 31.12
N GLU C 175 42.32 -47.01 32.05
CA GLU C 175 42.74 -46.94 33.45
C GLU C 175 42.90 -48.34 34.05
N LYS C 176 42.11 -49.32 33.60
CA LYS C 176 42.34 -50.70 34.00
C LYS C 176 43.68 -51.21 33.46
N GLN C 177 44.02 -50.85 32.23
CA GLN C 177 45.31 -51.24 31.66
C GLN C 177 46.45 -50.52 32.38
N GLU C 178 46.23 -49.29 32.84
CA GLU C 178 47.24 -48.58 33.62
C GLU C 178 47.39 -49.18 35.01
N ILE C 179 46.31 -49.75 35.57
CA ILE C 179 46.39 -50.51 36.81
C ILE C 179 47.22 -51.77 36.60
N LEU C 180 47.03 -52.43 35.44
CA LEU C 180 47.90 -53.54 35.05
C LEU C 180 49.35 -53.10 34.86
N GLU C 181 49.57 -51.87 34.40
CA GLU C 181 50.92 -51.33 34.29
C GLU C 181 51.54 -51.06 35.66
N LEU C 182 50.72 -50.67 36.63
CA LEU C 182 51.22 -50.35 37.97
C LEU C 182 51.51 -51.64 38.72
N THR C 183 52.79 -51.92 38.94
CA THR C 183 53.20 -53.14 39.64
C THR C 183 53.18 -53.01 41.15
N ASP C 184 53.09 -51.79 41.68
CA ASP C 184 53.05 -51.61 43.13
C ASP C 184 51.67 -52.00 43.65
N LEU C 185 51.64 -52.96 44.57
CA LEU C 185 50.38 -53.54 45.01
C LEU C 185 49.59 -52.57 45.89
N GLU C 186 50.26 -51.91 46.84
CA GLU C 186 49.60 -50.94 47.69
C GLU C 186 49.12 -49.74 46.88
N ALA C 187 49.93 -49.32 45.90
CA ALA C 187 49.49 -48.27 44.99
C ALA C 187 48.36 -48.76 44.08
N ARG C 188 48.31 -50.07 43.77
CA ARG C 188 47.18 -50.60 43.01
C ARG C 188 45.89 -50.55 43.81
N LEU C 189 45.96 -50.94 45.09
CA LEU C 189 44.78 -50.87 45.96
C LEU C 189 44.33 -49.42 46.18
N LYS C 190 45.30 -48.52 46.36
CA LYS C 190 44.96 -47.11 46.50
C LYS C 190 44.48 -46.48 45.20
N LYS C 191 44.91 -47.00 44.04
CA LYS C 191 44.39 -46.52 42.77
C LYS C 191 42.95 -46.96 42.57
N VAL C 192 42.63 -48.21 42.94
CA VAL C 192 41.25 -48.68 42.93
C VAL C 192 40.39 -47.85 43.88
N LEU C 193 40.92 -47.56 45.07
CA LEU C 193 40.21 -46.73 46.05
C LEU C 193 40.01 -45.31 45.55
N GLY C 194 41.01 -44.74 44.87
CA GLY C 194 40.90 -43.38 44.38
C GLY C 194 39.94 -43.26 43.20
N LEU C 195 39.95 -44.24 42.30
CA LEU C 195 38.97 -44.26 41.21
C LEU C 195 37.57 -44.49 41.74
N LEU C 196 37.43 -45.34 42.78
CA LEU C 196 36.16 -45.50 43.47
C LEU C 196 35.71 -44.19 44.10
N SER C 197 36.63 -43.44 44.70
CA SER C 197 36.30 -42.16 45.32
C SER C 197 35.89 -41.13 44.26
N ARG C 198 36.56 -41.14 43.10
CA ARG C 198 36.19 -40.25 42.00
C ARG C 198 34.79 -40.55 41.49
N ASP C 199 34.47 -41.82 41.29
CA ASP C 199 33.13 -42.18 40.82
C ASP C 199 32.07 -41.96 41.91
N LEU C 200 32.44 -42.19 43.19
CA LEU C 200 31.51 -41.92 44.28
C LEU C 200 31.22 -40.44 44.43
N GLU C 201 32.23 -39.56 44.33
CA GLU C 201 31.94 -38.12 44.42
C GLU C 201 31.20 -37.63 43.18
N ARG C 202 31.43 -38.28 42.03
CA ARG C 202 30.63 -38.01 40.83
C ARG C 202 29.16 -38.32 41.07
N PHE C 203 28.87 -39.46 41.69
CA PHE C 203 27.46 -39.81 41.91
C PHE C 203 26.85 -39.16 43.16
N GLU C 204 27.65 -38.73 44.13
CA GLU C 204 27.12 -37.88 45.19
C GLU C 204 26.77 -36.50 44.64
N LEU C 205 27.58 -35.97 43.71
CA LEU C 205 27.21 -34.75 43.01
C LEU C 205 25.98 -34.97 42.13
N ASP C 206 25.84 -36.18 41.57
CA ASP C 206 24.63 -36.55 40.83
C ASP C 206 23.39 -36.45 41.70
N LYS C 207 23.42 -37.06 42.89
CA LYS C 207 22.22 -37.00 43.73
C LYS C 207 22.03 -35.63 44.37
N ARG C 208 23.10 -34.85 44.55
CA ARG C 208 22.94 -33.47 45.01
C ARG C 208 22.26 -32.60 43.95
N VAL C 209 22.72 -32.67 42.70
CA VAL C 209 22.06 -31.90 41.63
C VAL C 209 20.67 -32.46 41.35
N ALA C 210 20.45 -33.74 41.59
CA ALA C 210 19.10 -34.32 41.49
C ALA C 210 18.17 -33.75 42.57
N GLN C 211 18.69 -33.56 43.79
CA GLN C 211 17.90 -32.87 44.81
C GLN C 211 17.68 -31.40 44.47
N ARG C 212 18.65 -30.76 43.80
CA ARG C 212 18.44 -29.41 43.30
C ARG C 212 17.30 -29.38 42.30
N VAL C 213 17.26 -30.36 41.39
CA VAL C 213 16.21 -30.45 40.37
C VAL C 213 14.87 -30.78 41.01
N LYS C 214 14.86 -31.60 42.07
CA LYS C 214 13.65 -31.92 42.80
C LYS C 214 13.06 -30.70 43.51
N GLU C 215 13.91 -29.96 44.24
CA GLU C 215 13.44 -28.74 44.87
C GLU C 215 13.10 -27.66 43.83
N GLN C 216 13.77 -27.70 42.69
CA GLN C 216 13.45 -26.76 41.61
C GLN C 216 12.11 -27.05 40.98
N MET C 217 11.74 -28.33 40.82
CA MET C 217 10.42 -28.60 40.26
C MET C 217 9.32 -28.38 41.31
N ASP C 218 9.64 -28.53 42.60
CA ASP C 218 8.70 -28.09 43.64
C ASP C 218 8.48 -26.58 43.56
N THR C 219 9.57 -25.82 43.39
CA THR C 219 9.49 -24.38 43.21
C THR C 219 8.71 -24.01 41.95
N ASN C 220 8.92 -24.78 40.88
CA ASN C 220 8.21 -24.55 39.62
C ASN C 220 6.72 -24.79 39.76
N GLN C 221 6.34 -25.85 40.50
CA GLN C 221 4.93 -26.11 40.79
C GLN C 221 4.31 -24.96 41.58
N ARG C 222 5.01 -24.49 42.62
CA ARG C 222 4.48 -23.40 43.44
C ARG C 222 4.36 -22.10 42.65
N GLU C 223 5.38 -21.79 41.84
CA GLU C 223 5.37 -20.52 41.12
C GLU C 223 4.36 -20.54 39.98
N SER C 224 4.14 -21.70 39.35
CA SER C 224 3.13 -21.79 38.30
C SER C 224 1.73 -21.70 38.90
N TYR C 225 1.53 -22.35 40.06
CA TYR C 225 0.26 -22.30 40.77
C TYR C 225 -0.08 -20.88 41.19
N LEU C 226 0.90 -20.12 41.68
CA LEU C 226 0.62 -18.75 42.06
C LEU C 226 0.49 -17.82 40.85
N ARG C 227 1.34 -18.05 39.84
CA ARG C 227 1.32 -17.19 38.63
C ARG C 227 -0.06 -17.27 37.98
N GLU C 228 -0.60 -18.48 37.81
CA GLU C 228 -1.89 -18.62 37.15
C GLU C 228 -2.98 -17.90 37.94
N GLN C 229 -2.92 -17.92 39.28
CA GLN C 229 -3.92 -17.20 40.07
C GLN C 229 -3.79 -15.69 39.89
N MET C 230 -2.56 -15.19 39.79
CA MET C 230 -2.42 -13.73 39.66
C MET C 230 -2.75 -13.23 38.25
N LYS C 231 -2.42 -14.00 37.20
CA LYS C 231 -3.01 -13.68 35.89
C LYS C 231 -4.51 -13.90 35.83
N ALA C 232 -5.06 -14.81 36.64
CA ALA C 232 -6.52 -14.96 36.70
C ALA C 232 -7.18 -13.73 37.32
N ILE C 233 -6.59 -13.20 38.38
CA ILE C 233 -7.11 -11.98 38.99
C ILE C 233 -6.86 -10.78 38.08
N GLN C 234 -5.77 -10.82 37.30
CA GLN C 234 -5.54 -9.81 36.28
C GLN C 234 -6.62 -9.84 35.20
N LYS C 235 -7.09 -11.04 34.85
CA LYS C 235 -8.25 -11.15 33.95
C LYS C 235 -9.52 -10.64 34.63
N GLU C 236 -9.64 -10.87 35.95
CA GLU C 236 -10.71 -10.22 36.71
C GLU C 236 -10.52 -8.71 36.80
N LEU C 237 -9.29 -8.23 36.66
CA LEU C 237 -9.03 -6.81 36.85
C LEU C 237 -9.01 -6.07 35.53
N GLY C 238 -8.28 -6.58 34.54
CA GLY C 238 -8.17 -5.89 33.26
C GLY C 238 -9.09 -6.40 32.17
N GLY C 239 -9.26 -7.72 32.09
CA GLY C 239 -10.10 -8.29 31.04
C GLY C 239 -11.58 -8.22 31.35
N GLU C 240 -11.94 -8.26 32.63
CA GLU C 240 -13.34 -8.40 33.02
C GLU C 240 -14.10 -7.09 32.83
N ASP C 241 -13.40 -5.95 32.93
CA ASP C 241 -14.04 -4.65 32.70
C ASP C 241 -14.47 -4.51 31.24
N GLY C 242 -13.68 -5.04 30.32
CA GLY C 242 -14.06 -5.06 28.92
C GLY C 242 -15.30 -5.91 28.68
N LEU C 243 -15.36 -7.09 29.30
CA LEU C 243 -16.54 -7.93 29.15
C LEU C 243 -17.77 -7.29 29.78
N SER C 244 -17.59 -6.58 30.89
CA SER C 244 -18.72 -5.92 31.56
C SER C 244 -19.25 -4.74 30.75
N ASP C 245 -18.34 -3.94 30.19
CA ASP C 245 -18.76 -2.76 29.38
C ASP C 245 -19.47 -3.27 28.12
N LEU C 246 -18.95 -4.32 27.50
CA LEU C 246 -19.60 -4.89 26.32
C LEU C 246 -20.96 -5.50 26.69
N GLU C 247 -21.10 -6.02 27.92
CA GLU C 247 -22.43 -6.40 28.41
C GLU C 247 -23.36 -5.21 28.49
N ALA C 248 -22.85 -4.06 28.93
CA ALA C 248 -23.67 -2.85 28.97
C ALA C 248 -24.07 -2.39 27.57
N LEU C 249 -23.21 -2.61 26.59
CA LEU C 249 -23.59 -2.29 25.20
C LEU C 249 -24.65 -3.27 24.68
N ARG C 250 -24.60 -4.52 25.12
CA ARG C 250 -25.72 -5.44 24.85
C ARG C 250 -27.01 -4.92 25.48
N LYS C 251 -26.91 -4.37 26.69
CA LYS C 251 -28.07 -3.78 27.34
C LYS C 251 -28.65 -2.64 26.51
N LYS C 252 -27.79 -1.76 25.97
CA LYS C 252 -28.33 -0.64 25.20
C LYS C 252 -28.89 -1.11 23.85
N ILE C 253 -28.46 -2.28 23.37
CA ILE C 253 -29.23 -2.94 22.31
C ILE C 253 -30.65 -3.23 22.77
N GLU C 254 -30.80 -3.85 23.96
CA GLU C 254 -32.15 -4.24 24.36
C GLU C 254 -33.01 -3.02 24.73
N GLU C 255 -32.40 -1.90 25.11
CA GLU C 255 -33.23 -0.74 25.37
C GLU C 255 -33.49 0.09 24.11
N VAL C 256 -32.61 0.02 23.11
CA VAL C 256 -32.70 0.97 22.00
C VAL C 256 -33.87 0.62 21.07
N GLY C 257 -34.35 -0.61 21.12
CA GLY C 257 -35.44 -1.01 20.25
C GLY C 257 -34.98 -1.17 18.81
N MET C 258 -34.12 -2.15 18.57
CA MET C 258 -33.67 -2.48 17.24
C MET C 258 -34.78 -3.17 16.43
N PRO C 259 -34.75 -3.02 15.11
CA PRO C 259 -35.50 -3.93 14.25
C PRO C 259 -34.88 -5.32 14.28
N GLU C 260 -35.65 -6.33 13.84
CA GLU C 260 -35.22 -7.71 14.02
C GLU C 260 -34.07 -8.08 13.10
N ALA C 261 -33.97 -7.43 11.94
CA ALA C 261 -32.75 -7.56 11.14
C ALA C 261 -31.59 -6.85 11.82
N VAL C 262 -31.89 -5.72 12.46
CA VAL C 262 -30.84 -5.06 13.21
C VAL C 262 -30.62 -5.79 14.54
N LYS C 263 -31.64 -6.53 15.04
CA LYS C 263 -31.36 -7.53 16.07
C LYS C 263 -30.43 -8.63 15.59
N THR C 264 -30.51 -8.99 14.30
CA THR C 264 -29.58 -9.99 13.78
C THR C 264 -28.18 -9.42 13.69
N LYS C 265 -28.06 -8.13 13.38
CA LYS C 265 -26.76 -7.48 13.43
C LYS C 265 -26.26 -7.36 14.86
N ALA C 266 -27.19 -7.24 15.80
CA ALA C 266 -26.84 -7.28 17.21
C ALA C 266 -26.46 -8.68 17.64
N LEU C 267 -26.99 -9.71 16.99
CA LEU C 267 -26.53 -11.07 17.25
C LEU C 267 -25.10 -11.24 16.74
N LYS C 268 -24.80 -10.61 15.62
CA LYS C 268 -23.42 -10.54 15.16
C LYS C 268 -22.54 -9.75 16.12
N GLU C 269 -23.11 -8.71 16.74
CA GLU C 269 -22.43 -8.00 17.82
C GLU C 269 -22.16 -8.92 19.01
N LEU C 270 -23.15 -9.76 19.36
CA LEU C 270 -23.01 -10.70 20.47
C LEU C 270 -21.90 -11.69 20.24
N ASP C 271 -21.60 -11.99 18.98
CA ASP C 271 -20.48 -12.84 18.65
C ASP C 271 -19.22 -12.03 18.35
N ARG C 272 -19.31 -10.70 18.40
CA ARG C 272 -18.17 -9.84 18.18
C ARG C 272 -17.64 -9.19 19.45
N LEU C 273 -18.35 -9.28 20.57
CA LEU C 273 -17.90 -8.64 21.80
C LEU C 273 -17.25 -9.67 22.72
N GLU C 274 -16.10 -10.18 22.28
CA GLU C 274 -15.34 -11.19 23.04
C GLU C 274 -13.84 -10.94 22.95
N ARG C 275 -13.40 -9.69 23.10
CA ARG C 275 -12.02 -9.34 22.79
C ARG C 275 -11.39 -8.55 23.93
N MET C 276 -10.12 -8.85 24.21
CA MET C 276 -9.26 -7.92 24.94
C MET C 276 -8.80 -6.89 23.92
N GLN C 277 -9.20 -5.64 24.12
CA GLN C 277 -9.06 -4.60 23.11
C GLN C 277 -7.73 -3.87 23.32
N GLN C 278 -6.78 -4.11 22.42
CA GLN C 278 -5.55 -3.31 22.39
C GLN C 278 -5.01 -3.27 20.97
N GLY C 279 -5.32 -2.21 20.25
CA GLY C 279 -4.66 -1.94 18.99
C GLY C 279 -5.34 -2.62 17.83
N SER C 280 -5.84 -1.83 16.88
CA SER C 280 -6.79 -2.24 15.83
C SER C 280 -7.88 -3.19 16.32
N PRO C 281 -8.54 -2.94 17.46
CA PRO C 281 -9.28 -4.02 18.10
C PRO C 281 -10.69 -4.19 17.59
N GLU C 282 -11.07 -5.46 17.41
CA GLU C 282 -12.38 -5.80 16.84
C GLU C 282 -13.52 -5.37 17.75
N ALA C 283 -13.35 -5.50 19.06
CA ALA C 283 -14.43 -5.17 19.97
C ALA C 283 -14.68 -3.67 20.02
N THR C 284 -13.62 -2.85 19.93
CA THR C 284 -13.80 -1.41 20.05
C THR C 284 -14.47 -0.82 18.82
N VAL C 285 -14.02 -1.19 17.63
CA VAL C 285 -14.70 -0.67 16.44
C VAL C 285 -16.03 -1.39 16.20
N ALA C 286 -16.17 -2.61 16.72
CA ALA C 286 -17.47 -3.28 16.67
C ALA C 286 -18.48 -2.59 17.57
N ARG C 287 -18.08 -2.23 18.79
CA ARG C 287 -18.98 -1.49 19.64
C ARG C 287 -19.13 -0.06 19.18
N THR C 288 -18.17 0.46 18.40
CA THR C 288 -18.37 1.73 17.72
C THR C 288 -19.48 1.62 16.68
N TYR C 289 -19.51 0.49 15.94
CA TYR C 289 -20.61 0.22 15.03
C TYR C 289 -21.93 0.09 15.78
N LEU C 290 -21.87 -0.51 16.97
CA LEU C 290 -23.05 -0.60 17.82
C LEU C 290 -23.49 0.78 18.30
N ASP C 291 -22.52 1.65 18.61
CA ASP C 291 -22.81 3.03 18.99
C ASP C 291 -23.48 3.78 17.84
N TRP C 292 -22.97 3.60 16.62
CA TRP C 292 -23.60 4.22 15.45
C TRP C 292 -25.01 3.69 15.25
N LEU C 293 -25.17 2.37 15.37
CA LEU C 293 -26.42 1.72 15.02
C LEU C 293 -27.51 2.03 16.02
N THR C 294 -27.17 2.07 17.32
CA THR C 294 -28.12 2.60 18.29
C THR C 294 -28.30 4.10 18.11
N GLU C 295 -27.27 4.78 17.62
CA GLU C 295 -27.20 6.22 17.60
C GLU C 295 -27.74 6.80 16.31
N VAL C 296 -27.75 6.01 15.23
CA VAL C 296 -28.72 6.27 14.19
C VAL C 296 -30.05 5.88 14.86
N PRO C 297 -31.03 6.77 14.88
CA PRO C 297 -32.24 6.52 15.67
C PRO C 297 -33.15 5.49 15.04
N TRP C 298 -34.15 5.07 15.81
CA TRP C 298 -35.02 3.96 15.45
C TRP C 298 -36.45 4.27 15.87
N SER C 299 -37.35 4.32 14.89
CA SER C 299 -38.80 4.47 15.07
C SER C 299 -39.17 5.70 15.90
N LYS C 300 -38.34 6.74 15.74
CA LYS C 300 -38.70 8.03 16.37
C LYS C 300 -39.63 8.64 15.32
N ALA C 301 -40.47 9.59 15.69
CA ALA C 301 -41.44 10.03 14.68
C ALA C 301 -40.99 11.26 13.91
N ASP C 302 -40.55 12.31 14.63
CA ASP C 302 -40.39 13.67 14.12
C ASP C 302 -41.68 14.09 13.43
N PRO C 303 -42.69 14.51 14.18
CA PRO C 303 -44.00 14.79 13.57
C PRO C 303 -43.95 15.98 12.64
N GLU C 304 -43.50 15.69 11.42
CA GLU C 304 -43.28 16.69 10.39
C GLU C 304 -44.57 17.41 10.02
N VAL C 305 -44.55 18.73 10.10
CA VAL C 305 -45.74 19.50 9.76
C VAL C 305 -45.93 19.48 8.25
N LEU C 306 -47.09 19.01 7.82
CA LEU C 306 -47.36 18.79 6.40
C LEU C 306 -47.92 20.05 5.75
N ASP C 307 -47.23 21.16 5.93
CA ASP C 307 -47.70 22.46 5.46
C ASP C 307 -46.61 23.10 4.62
N ILE C 308 -46.91 23.30 3.34
CA ILE C 308 -46.06 24.08 2.46
C ILE C 308 -46.04 25.54 2.92
N ASN C 309 -47.12 26.01 3.52
CA ASN C 309 -47.19 27.41 3.95
C ASN C 309 -46.37 27.64 5.20
N HIS C 310 -46.18 26.60 6.02
CA HIS C 310 -45.27 26.69 7.14
C HIS C 310 -43.85 26.89 6.66
N THR C 311 -43.45 26.14 5.64
CA THR C 311 -42.14 26.37 5.03
C THR C 311 -42.07 27.74 4.37
N ARG C 312 -43.20 28.19 3.79
CA ARG C 312 -43.27 29.49 3.14
C ARG C 312 -42.99 30.62 4.13
N GLN C 313 -43.55 30.53 5.33
CA GLN C 313 -43.25 31.57 6.31
C GLN C 313 -41.88 31.39 6.95
N VAL C 314 -41.37 30.15 7.06
CA VAL C 314 -40.05 29.94 7.64
C VAL C 314 -38.94 30.54 6.77
N LEU C 315 -39.00 30.31 5.45
CA LEU C 315 -37.95 30.86 4.58
C LEU C 315 -37.97 32.38 4.54
N ASP C 316 -39.13 32.99 4.78
CA ASP C 316 -39.18 34.43 4.91
C ASP C 316 -38.68 34.90 6.28
N GLU C 317 -39.01 34.17 7.34
CA GLU C 317 -38.69 34.66 8.67
C GLU C 317 -37.22 34.48 8.99
N ASP C 318 -36.53 33.56 8.32
CA ASP C 318 -35.13 33.32 8.64
C ASP C 318 -34.18 33.86 7.58
N HIS C 319 -34.65 34.07 6.37
CA HIS C 319 -33.82 34.66 5.33
C HIS C 319 -34.63 35.68 4.58
N TYR C 320 -33.93 36.65 4.00
CA TYR C 320 -34.60 37.60 3.13
C TYR C 320 -35.08 36.92 1.86
N GLY C 321 -34.14 36.40 1.06
CA GLY C 321 -34.48 35.63 -0.11
C GLY C 321 -34.92 36.44 -1.30
N LEU C 322 -34.69 35.91 -2.50
CA LEU C 322 -35.03 36.60 -3.73
C LEU C 322 -36.49 36.44 -4.12
N LYS C 323 -37.22 35.56 -3.43
CA LYS C 323 -38.54 35.04 -3.85
C LYS C 323 -38.48 34.43 -5.25
N ASP C 324 -37.29 33.94 -5.62
CA ASP C 324 -37.04 33.31 -6.89
C ASP C 324 -36.45 31.93 -6.73
N VAL C 325 -36.14 31.55 -5.50
CA VAL C 325 -35.57 30.25 -5.21
C VAL C 325 -36.34 29.50 -4.13
N LYS C 326 -37.11 30.20 -3.31
CA LYS C 326 -37.89 29.57 -2.26
C LYS C 326 -38.94 28.65 -2.85
N GLU C 327 -39.57 29.07 -3.94
CA GLU C 327 -40.68 28.32 -4.50
C GLU C 327 -40.25 27.00 -5.12
N ARG C 328 -38.98 26.86 -5.52
CA ARG C 328 -38.52 25.57 -6.01
C ARG C 328 -38.41 24.58 -4.85
N ILE C 329 -37.95 25.07 -3.69
CA ILE C 329 -37.96 24.30 -2.47
C ILE C 329 -39.38 23.92 -2.10
N LEU C 330 -40.30 24.87 -2.25
CA LEU C 330 -41.69 24.60 -1.91
C LEU C 330 -42.32 23.60 -2.87
N GLU C 331 -41.92 23.62 -4.14
CA GLU C 331 -42.37 22.59 -5.09
C GLU C 331 -41.85 21.22 -4.69
N TYR C 332 -40.59 21.17 -4.26
CA TYR C 332 -40.02 19.90 -3.81
C TYR C 332 -40.76 19.37 -2.60
N LEU C 333 -41.00 20.24 -1.62
CA LEU C 333 -41.73 19.80 -0.44
C LEU C 333 -43.20 19.55 -0.75
N ALA C 334 -43.70 20.12 -1.85
CA ALA C 334 -45.04 19.80 -2.31
C ALA C 334 -45.12 18.38 -2.83
N VAL C 335 -44.16 17.98 -3.65
CA VAL C 335 -44.20 16.60 -4.10
C VAL C 335 -43.74 15.64 -3.01
N ARG C 336 -43.06 16.14 -1.97
CA ARG C 336 -42.97 15.39 -0.73
C ARG C 336 -44.34 15.24 -0.09
N GLN C 337 -45.15 16.28 -0.15
CA GLN C 337 -46.46 16.25 0.47
C GLN C 337 -47.50 15.55 -0.40
N LEU C 338 -47.19 15.25 -1.65
CA LEU C 338 -48.11 14.60 -2.56
C LEU C 338 -47.53 13.31 -3.11
N THR C 339 -46.95 12.49 -2.25
CA THR C 339 -46.30 11.26 -2.71
C THR C 339 -47.31 10.19 -3.11
N GLN C 340 -46.95 9.43 -4.15
CA GLN C 340 -47.75 8.28 -4.57
C GLN C 340 -47.76 7.21 -3.49
N GLY C 341 -46.63 6.95 -2.85
CA GLY C 341 -46.65 6.14 -1.66
C GLY C 341 -47.21 6.92 -0.50
N LEU C 342 -47.84 6.18 0.42
CA LEU C 342 -48.16 6.76 1.72
C LEU C 342 -46.89 7.12 2.47
N ASP C 343 -45.88 6.26 2.37
CA ASP C 343 -44.52 6.67 2.67
C ASP C 343 -44.11 7.80 1.75
N VAL C 344 -43.48 8.82 2.33
CA VAL C 344 -42.93 9.90 1.53
C VAL C 344 -41.76 9.36 0.72
N ARG C 345 -41.75 9.67 -0.57
CA ARG C 345 -40.82 9.09 -1.53
C ARG C 345 -39.97 10.18 -2.18
N ASN C 346 -38.88 9.74 -2.80
CA ASN C 346 -37.95 10.65 -3.46
C ASN C 346 -37.47 10.07 -4.78
N LYS C 347 -38.33 9.32 -5.48
CA LYS C 347 -38.00 8.77 -6.78
C LYS C 347 -37.97 9.83 -7.87
N ALA C 348 -38.46 11.03 -7.58
CA ALA C 348 -38.24 12.21 -8.40
C ALA C 348 -36.80 12.70 -8.24
N PRO C 349 -36.34 13.58 -9.15
CA PRO C 349 -35.04 14.23 -8.92
C PRO C 349 -34.96 15.02 -7.63
N ILE C 350 -33.80 14.97 -6.97
CA ILE C 350 -33.63 15.59 -5.68
C ILE C 350 -32.93 16.93 -5.87
N LEU C 351 -33.01 17.76 -4.83
CA LEU C 351 -32.59 19.15 -4.95
C LEU C 351 -31.07 19.28 -4.98
N VAL C 352 -30.61 20.27 -5.74
CA VAL C 352 -29.21 20.71 -5.69
C VAL C 352 -29.19 22.24 -5.71
N LEU C 353 -28.34 22.81 -4.86
CA LEU C 353 -28.17 24.25 -4.76
C LEU C 353 -26.80 24.64 -5.28
N VAL C 354 -26.75 25.69 -6.09
CA VAL C 354 -25.49 26.23 -6.61
C VAL C 354 -25.50 27.74 -6.40
N GLY C 355 -24.44 28.27 -5.79
CA GLY C 355 -24.28 29.69 -5.66
C GLY C 355 -22.95 30.10 -5.07
N PRO C 356 -22.92 31.30 -4.46
CA PRO C 356 -21.77 31.64 -3.63
C PRO C 356 -21.72 30.76 -2.39
N PRO C 357 -20.53 30.55 -1.82
CA PRO C 357 -20.46 29.93 -0.49
C PRO C 357 -21.13 30.76 0.58
N GLY C 358 -21.07 32.09 0.48
CA GLY C 358 -21.56 32.97 1.53
C GLY C 358 -23.06 32.96 1.72
N VAL C 359 -23.80 32.36 0.78
CA VAL C 359 -25.23 32.23 0.94
C VAL C 359 -25.55 31.21 2.02
N GLY C 360 -26.58 31.50 2.82
CA GLY C 360 -26.99 30.69 3.94
C GLY C 360 -27.65 29.37 3.61
N LYS C 361 -26.89 28.51 2.92
CA LYS C 361 -27.37 27.19 2.55
C LYS C 361 -27.62 26.31 3.77
N THR C 362 -26.73 26.38 4.77
CA THR C 362 -26.90 25.58 5.97
C THR C 362 -28.00 26.13 6.85
N SER C 363 -28.09 27.45 6.98
CA SER C 363 -29.22 28.03 7.69
C SER C 363 -30.53 27.83 6.95
N LEU C 364 -30.48 27.65 5.63
CA LEU C 364 -31.67 27.14 4.94
C LEU C 364 -31.93 25.69 5.30
N GLY C 365 -30.88 24.93 5.60
CA GLY C 365 -31.09 23.60 6.16
C GLY C 365 -31.76 23.65 7.52
N ARG C 366 -31.41 24.64 8.32
CA ARG C 366 -32.11 24.87 9.58
C ARG C 366 -33.55 25.31 9.33
N SER C 367 -33.76 26.11 8.29
CA SER C 367 -35.10 26.55 7.94
C SER C 367 -35.97 25.39 7.52
N ILE C 368 -35.42 24.44 6.76
CA ILE C 368 -36.23 23.29 6.39
C ILE C 368 -36.26 22.25 7.50
N ALA C 369 -35.37 22.35 8.48
CA ALA C 369 -35.53 21.58 9.70
C ALA C 369 -36.75 22.05 10.48
N ARG C 370 -36.73 23.31 10.91
CA ARG C 370 -37.83 23.85 11.70
C ARG C 370 -39.11 24.00 10.89
N SER C 371 -39.00 24.06 9.57
CA SER C 371 -40.16 24.28 8.73
C SER C 371 -40.93 23.00 8.50
N MET C 372 -40.28 21.87 8.75
CA MET C 372 -40.88 20.57 8.52
C MET C 372 -40.74 19.77 9.82
N ASN C 373 -40.56 20.49 10.92
CA ASN C 373 -40.30 19.98 12.28
C ASN C 373 -39.09 19.09 12.39
N ARG C 374 -38.22 19.08 11.38
CA ARG C 374 -37.10 18.16 11.33
C ARG C 374 -35.90 18.81 12.02
N LYS C 375 -34.74 18.19 11.90
CA LYS C 375 -33.55 18.62 12.60
C LYS C 375 -32.40 18.73 11.61
N PHE C 376 -31.70 19.85 11.66
CA PHE C 376 -30.61 20.14 10.73
C PHE C 376 -29.29 19.90 11.43
N HIS C 377 -28.34 19.28 10.72
CA HIS C 377 -27.08 18.87 11.34
C HIS C 377 -25.94 19.25 10.42
N ARG C 378 -25.11 20.21 10.85
CA ARG C 378 -24.09 20.81 10.00
C ARG C 378 -23.01 19.78 9.74
N ILE C 379 -23.14 19.08 8.63
CA ILE C 379 -22.08 18.22 8.13
C ILE C 379 -21.59 18.77 6.80
N SER C 380 -20.41 19.36 6.83
CA SER C 380 -19.79 19.92 5.64
C SER C 380 -19.11 18.77 4.91
N LEU C 381 -19.81 18.23 3.91
CA LEU C 381 -19.25 17.13 3.15
C LEU C 381 -18.17 17.58 2.20
N GLY C 382 -18.09 18.89 1.92
CA GLY C 382 -17.26 19.42 0.86
C GLY C 382 -15.77 19.24 1.04
N GLY C 383 -15.33 18.87 2.25
CA GLY C 383 -13.93 18.56 2.45
C GLY C 383 -13.63 17.07 2.34
N VAL C 384 -14.68 16.26 2.36
CA VAL C 384 -14.50 14.81 2.41
C VAL C 384 -14.08 14.31 1.03
N ARG C 385 -13.06 13.46 1.00
CA ARG C 385 -12.50 12.99 -0.27
C ARG C 385 -12.56 11.49 -0.46
N ASP C 386 -12.14 10.70 0.53
CA ASP C 386 -12.00 9.27 0.31
C ASP C 386 -13.31 8.54 0.48
N GLU C 387 -13.52 7.53 -0.37
CA GLU C 387 -14.62 6.62 -0.14
C GLU C 387 -14.38 5.73 1.07
N ALA C 388 -13.13 5.52 1.47
CA ALA C 388 -12.88 4.78 2.70
C ALA C 388 -13.40 5.54 3.91
N GLU C 389 -13.36 6.87 3.86
CA GLU C 389 -14.13 7.68 4.80
C GLU C 389 -15.62 7.44 4.61
N ILE C 390 -16.07 7.42 3.35
CA ILE C 390 -17.51 7.34 3.06
C ILE C 390 -18.02 5.95 3.32
N ARG C 391 -17.52 4.97 2.56
CA ARG C 391 -17.80 3.57 2.86
C ARG C 391 -16.78 3.16 3.89
N GLY C 392 -17.12 3.39 5.16
CA GLY C 392 -16.27 2.92 6.24
C GLY C 392 -16.15 1.41 6.21
N HIS C 393 -14.93 0.93 6.45
CA HIS C 393 -14.62 -0.46 6.18
C HIS C 393 -15.11 -1.34 7.33
N ARG C 394 -14.66 -2.58 7.36
CA ARG C 394 -15.20 -3.54 8.32
C ARG C 394 -14.77 -3.22 9.74
N ARG C 395 -15.62 -3.56 10.70
CA ARG C 395 -15.29 -3.39 12.11
C ARG C 395 -14.31 -4.46 12.59
N THR C 396 -13.14 -4.51 11.96
CA THR C 396 -12.03 -5.32 12.37
C THR C 396 -10.83 -4.48 12.78
N TYR C 397 -10.86 -3.19 12.45
CA TYR C 397 -9.78 -2.27 12.76
C TYR C 397 -10.43 -0.96 13.15
N ILE C 398 -9.92 -0.35 14.22
CA ILE C 398 -10.36 0.99 14.58
C ILE C 398 -9.88 1.96 13.51
N GLY C 399 -10.70 2.95 13.19
CA GLY C 399 -10.53 3.71 11.98
C GLY C 399 -11.50 3.32 10.89
N ALA C 400 -12.30 2.28 11.10
CA ALA C 400 -13.44 1.98 10.24
C ALA C 400 -14.56 2.92 10.66
N MET C 401 -14.46 4.16 10.18
CA MET C 401 -15.26 5.26 10.65
C MET C 401 -16.09 5.78 9.48
N PRO C 402 -17.40 5.94 9.63
CA PRO C 402 -18.24 6.28 8.48
C PRO C 402 -18.08 7.73 8.06
N GLY C 403 -18.61 8.01 6.88
CA GLY C 403 -18.74 9.38 6.44
C GLY C 403 -19.76 10.12 7.28
N LYS C 404 -19.80 11.44 7.06
CA LYS C 404 -20.46 12.38 7.96
C LYS C 404 -21.97 12.23 8.03
N LEU C 405 -22.58 11.39 7.19
CA LEU C 405 -24.02 11.17 7.28
C LEU C 405 -24.38 10.36 8.53
N ILE C 406 -23.63 9.29 8.83
CA ILE C 406 -23.89 8.54 10.06
C ILE C 406 -23.44 9.35 11.27
N HIS C 407 -22.49 10.25 11.08
CA HIS C 407 -22.10 11.17 12.14
C HIS C 407 -23.17 12.22 12.42
N ALA C 408 -23.91 12.66 11.40
CA ALA C 408 -25.05 13.53 11.65
C ALA C 408 -26.29 12.77 12.06
N MET C 409 -26.33 11.48 11.76
CA MET C 409 -27.52 10.73 12.08
C MET C 409 -27.40 10.30 13.53
N LYS C 410 -26.14 10.16 13.99
CA LYS C 410 -25.79 10.30 15.39
C LYS C 410 -26.33 11.58 15.99
N GLN C 411 -26.17 12.70 15.28
CA GLN C 411 -26.56 14.00 15.80
C GLN C 411 -28.07 14.20 15.84
N VAL C 412 -28.84 13.23 15.36
CA VAL C 412 -30.29 13.27 15.47
C VAL C 412 -30.76 12.08 16.30
N GLY C 413 -31.88 12.28 16.97
CA GLY C 413 -32.55 11.20 17.67
C GLY C 413 -33.95 10.97 17.13
N VAL C 414 -34.21 11.45 15.91
CA VAL C 414 -35.42 11.08 15.18
C VAL C 414 -35.01 10.66 13.78
N ILE C 415 -35.71 9.66 13.27
CA ILE C 415 -35.22 8.88 12.14
C ILE C 415 -35.30 9.60 10.81
N ASN C 416 -35.96 10.76 10.75
CA ASN C 416 -36.14 11.49 9.51
C ASN C 416 -35.65 12.92 9.70
N PRO C 417 -34.33 13.13 9.62
CA PRO C 417 -33.79 14.48 9.79
C PRO C 417 -33.54 15.23 8.51
N VAL C 418 -33.22 16.50 8.64
CA VAL C 418 -32.67 17.28 7.53
C VAL C 418 -31.17 17.01 7.51
N ILE C 419 -30.71 16.36 6.45
CA ILE C 419 -29.31 16.03 6.25
C ILE C 419 -28.86 16.66 4.94
N LEU C 420 -27.79 17.44 4.98
CA LEU C 420 -27.40 18.23 3.84
C LEU C 420 -26.18 17.60 3.20
N LEU C 421 -26.10 17.71 1.88
CA LEU C 421 -24.96 17.19 1.13
C LEU C 421 -24.27 18.37 0.49
N ASP C 422 -22.95 18.46 0.68
CA ASP C 422 -22.26 19.72 0.56
C ASP C 422 -21.14 19.63 -0.46
N GLU C 423 -21.21 20.52 -1.45
CA GLU C 423 -20.10 20.87 -2.33
C GLU C 423 -19.56 19.66 -3.10
N ILE C 424 -20.43 19.16 -3.98
CA ILE C 424 -20.13 17.96 -4.73
C ILE C 424 -19.26 18.31 -5.93
N ASP C 425 -19.35 19.56 -6.40
CA ASP C 425 -18.32 20.14 -7.25
C ASP C 425 -16.96 20.09 -6.57
N LYS C 426 -16.92 20.36 -5.26
CA LYS C 426 -15.67 20.40 -4.52
C LYS C 426 -15.18 19.02 -4.11
N MET C 427 -16.01 17.99 -4.19
CA MET C 427 -15.44 16.65 -4.28
C MET C 427 -14.84 16.44 -5.67
N SER C 428 -13.52 16.60 -5.74
CA SER C 428 -12.72 16.05 -6.81
C SER C 428 -12.21 14.68 -6.35
N SER C 429 -12.25 13.70 -7.25
CA SER C 429 -11.96 12.31 -6.89
C SER C 429 -10.45 12.14 -6.70
N ASP C 430 -10.00 12.45 -5.48
CA ASP C 430 -8.59 12.34 -5.11
C ASP C 430 -8.26 11.00 -4.46
N TRP C 431 -9.09 9.98 -4.68
CA TRP C 431 -8.93 8.72 -3.98
C TRP C 431 -9.36 7.55 -4.84
N ARG C 432 -8.80 6.39 -4.48
CA ARG C 432 -9.22 5.15 -5.15
C ARG C 432 -10.67 4.93 -4.70
N GLY C 433 -11.50 4.43 -5.59
CA GLY C 433 -12.92 4.28 -5.33
C GLY C 433 -13.66 5.57 -5.58
N ASP C 434 -14.95 5.46 -5.91
CA ASP C 434 -15.76 6.63 -6.21
C ASP C 434 -16.76 6.87 -5.10
N PRO C 435 -16.55 7.84 -4.22
CA PRO C 435 -17.61 8.21 -3.26
C PRO C 435 -18.84 8.81 -3.92
N ALA C 436 -18.77 9.25 -5.17
CA ALA C 436 -19.97 9.62 -5.90
C ALA C 436 -20.83 8.40 -6.20
N SER C 437 -20.21 7.24 -6.46
CA SER C 437 -20.97 6.00 -6.59
C SER C 437 -21.62 5.62 -5.27
N ALA C 438 -20.91 5.81 -4.15
CA ALA C 438 -21.48 5.57 -2.83
C ALA C 438 -22.61 6.53 -2.53
N MET C 439 -22.49 7.77 -2.98
CA MET C 439 -23.61 8.71 -2.91
C MET C 439 -24.78 8.25 -3.76
N LEU C 440 -24.52 7.75 -4.97
CA LEU C 440 -25.59 7.21 -5.79
C LEU C 440 -26.27 6.01 -5.14
N GLU C 441 -25.51 5.26 -4.33
CA GLU C 441 -26.12 4.22 -3.50
C GLU C 441 -26.99 4.82 -2.40
N VAL C 442 -26.76 6.07 -2.00
CA VAL C 442 -27.65 6.68 -1.01
C VAL C 442 -28.54 7.75 -1.61
N LEU C 443 -28.35 8.09 -2.89
CA LEU C 443 -29.17 9.10 -3.55
C LEU C 443 -30.42 8.50 -4.19
N ASP C 444 -30.29 7.36 -4.84
CA ASP C 444 -31.45 6.72 -5.42
C ASP C 444 -32.27 6.11 -4.28
N PRO C 445 -33.55 6.49 -4.13
CA PRO C 445 -34.33 5.99 -3.00
C PRO C 445 -34.70 4.52 -3.10
N GLU C 446 -34.52 3.91 -4.26
CA GLU C 446 -34.63 2.47 -4.36
C GLU C 446 -33.41 1.74 -3.81
N GLN C 447 -32.33 2.46 -3.46
CA GLN C 447 -31.17 1.81 -2.90
C GLN C 447 -30.56 2.47 -1.67
N ASN C 448 -31.02 3.65 -1.26
CA ASN C 448 -30.58 4.16 0.03
C ASN C 448 -31.15 3.34 1.17
N ASN C 449 -32.37 2.85 0.98
CA ASN C 449 -33.00 1.90 1.88
C ASN C 449 -32.34 0.53 1.82
N THR C 450 -31.58 0.25 0.76
CA THR C 450 -30.75 -0.93 0.70
C THR C 450 -29.27 -0.58 0.81
N PHE C 451 -28.95 0.65 1.18
CA PHE C 451 -27.55 1.04 1.26
C PHE C 451 -26.89 0.42 2.47
N THR C 452 -25.84 -0.34 2.23
CA THR C 452 -24.84 -0.57 3.25
C THR C 452 -23.49 -0.12 2.71
N ASP C 453 -22.64 0.26 3.63
CA ASP C 453 -21.20 0.32 3.35
C ASP C 453 -20.63 -1.04 3.74
N HIS C 454 -19.32 -1.14 3.91
CA HIS C 454 -18.77 -2.34 4.54
C HIS C 454 -19.30 -2.46 5.97
N TYR C 455 -19.31 -1.34 6.68
CA TYR C 455 -19.51 -1.32 8.13
C TYR C 455 -20.95 -1.64 8.49
N LEU C 456 -21.90 -1.09 7.75
CA LEU C 456 -23.29 -1.57 7.80
C LEU C 456 -23.40 -2.90 7.05
N ASP C 457 -24.26 -3.77 7.55
CA ASP C 457 -24.65 -4.96 6.79
C ASP C 457 -26.15 -5.06 6.60
N VAL C 458 -26.95 -4.73 7.60
CA VAL C 458 -28.36 -4.42 7.40
C VAL C 458 -28.44 -2.92 7.12
N PRO C 459 -29.11 -2.53 6.04
CA PRO C 459 -29.15 -1.12 5.65
C PRO C 459 -29.96 -0.27 6.62
N TYR C 460 -29.38 0.84 7.05
CA TYR C 460 -30.19 1.93 7.57
C TYR C 460 -30.96 2.53 6.39
N ASP C 461 -32.28 2.52 6.48
CA ASP C 461 -33.08 3.04 5.38
C ASP C 461 -33.04 4.55 5.40
N LEU C 462 -32.74 5.14 4.24
CA LEU C 462 -32.56 6.57 4.15
C LEU C 462 -33.63 7.24 3.31
N SER C 463 -34.71 6.53 3.01
CA SER C 463 -35.89 7.16 2.42
C SER C 463 -36.46 8.19 3.38
N LYS C 464 -36.50 7.86 4.66
CA LYS C 464 -36.86 8.81 5.69
C LYS C 464 -35.76 9.86 5.89
N VAL C 465 -34.50 9.49 5.67
CA VAL C 465 -33.39 10.39 5.97
C VAL C 465 -33.12 11.23 4.73
N PHE C 466 -33.77 12.39 4.65
CA PHE C 466 -33.71 13.20 3.44
C PHE C 466 -32.34 13.83 3.25
N PHE C 467 -31.85 13.77 2.02
CA PHE C 467 -30.58 14.35 1.63
C PHE C 467 -30.84 15.47 0.63
N ILE C 468 -30.51 16.69 1.01
CA ILE C 468 -30.45 17.80 0.07
C ILE C 468 -28.99 17.99 -0.34
N THR C 469 -28.76 18.03 -1.63
CA THR C 469 -27.43 18.30 -2.15
C THR C 469 -27.29 19.79 -2.39
N THR C 470 -26.05 20.27 -2.34
CA THR C 470 -25.78 21.70 -2.44
C THR C 470 -24.33 21.89 -2.85
N ALA C 471 -24.10 22.70 -3.89
CA ALA C 471 -22.78 22.94 -4.43
C ALA C 471 -22.57 24.44 -4.59
N ASN C 472 -21.45 24.81 -5.21
CA ASN C 472 -21.21 26.21 -5.56
C ASN C 472 -20.82 26.39 -7.02
N THR C 473 -20.06 25.45 -7.58
CA THR C 473 -19.62 25.49 -8.97
C THR C 473 -20.48 24.51 -9.75
N LEU C 474 -20.81 24.88 -10.98
CA LEU C 474 -21.76 24.14 -11.80
C LEU C 474 -21.23 22.83 -12.35
N GLN C 475 -19.92 22.61 -12.35
CA GLN C 475 -19.46 21.64 -13.33
C GLN C 475 -18.76 20.42 -12.76
N THR C 476 -17.93 20.58 -11.73
CA THR C 476 -17.10 19.47 -11.27
C THR C 476 -17.82 18.50 -10.35
N ILE C 477 -19.15 18.55 -10.32
CA ILE C 477 -19.95 17.44 -9.79
C ILE C 477 -19.71 16.22 -10.66
N PRO C 478 -19.49 15.04 -10.09
CA PRO C 478 -19.33 13.84 -10.92
C PRO C 478 -20.60 13.46 -11.67
N ARG C 479 -20.38 12.84 -12.82
CA ARG C 479 -21.48 12.30 -13.64
C ARG C 479 -22.42 11.33 -12.92
N PRO C 480 -21.97 10.37 -12.08
CA PRO C 480 -22.96 9.53 -11.37
C PRO C 480 -23.79 10.26 -10.34
N LEU C 481 -23.61 11.56 -10.14
CA LEU C 481 -24.47 12.36 -9.29
C LEU C 481 -25.23 13.45 -10.02
N LEU C 482 -25.00 13.63 -11.33
CA LEU C 482 -25.85 14.55 -12.08
C LEU C 482 -27.24 14.00 -12.32
N ASP C 483 -27.43 12.69 -12.14
CA ASP C 483 -28.76 12.11 -12.22
C ASP C 483 -29.56 12.46 -10.98
N ARG C 484 -30.88 12.48 -11.14
CA ARG C 484 -31.85 12.82 -10.10
C ARG C 484 -31.58 14.19 -9.49
N MET C 485 -31.18 15.14 -10.32
CA MET C 485 -30.95 16.51 -9.90
C MET C 485 -32.08 17.42 -10.40
N GLU C 486 -32.48 18.35 -9.55
CA GLU C 486 -33.23 19.52 -9.98
C GLU C 486 -32.43 20.74 -9.54
N VAL C 487 -32.11 21.61 -10.48
CA VAL C 487 -31.10 22.65 -10.30
C VAL C 487 -31.73 23.89 -9.68
N ILE C 488 -31.04 24.44 -8.68
CA ILE C 488 -31.39 25.74 -8.11
C ILE C 488 -30.13 26.60 -8.11
N GLU C 489 -30.16 27.70 -8.84
CA GLU C 489 -29.03 28.60 -8.98
C GLU C 489 -29.35 29.88 -8.24
N ILE C 490 -28.51 30.23 -7.26
CA ILE C 490 -28.69 31.43 -6.46
C ILE C 490 -27.50 32.36 -6.72
N PRO C 491 -27.73 33.61 -7.02
CA PRO C 491 -26.63 34.56 -7.10
C PRO C 491 -26.28 35.13 -5.74
N GLY C 492 -25.44 36.15 -5.72
CA GLY C 492 -25.22 36.88 -4.50
C GLY C 492 -26.37 37.82 -4.15
N TYR C 493 -26.05 38.92 -3.49
CA TYR C 493 -27.08 39.84 -3.07
C TYR C 493 -26.72 41.23 -3.59
N THR C 494 -27.75 41.98 -3.99
CA THR C 494 -27.52 43.37 -4.33
C THR C 494 -27.13 44.12 -3.08
N ASN C 495 -26.47 45.26 -3.29
CA ASN C 495 -25.93 46.01 -2.17
C ASN C 495 -27.04 46.53 -1.28
N MET C 496 -28.19 46.85 -1.86
CA MET C 496 -29.38 47.10 -1.06
C MET C 496 -29.84 45.85 -0.33
N GLU C 497 -29.79 44.69 -1.00
CA GLU C 497 -30.19 43.45 -0.34
C GLU C 497 -29.15 43.04 0.69
N LYS C 498 -27.89 43.37 0.42
CA LYS C 498 -26.86 43.21 1.43
C LYS C 498 -27.15 44.07 2.64
N GLN C 499 -27.60 45.32 2.42
CA GLN C 499 -28.04 46.18 3.51
C GLN C 499 -29.22 45.58 4.26
N ALA C 500 -30.15 44.99 3.51
CA ALA C 500 -31.35 44.42 4.11
C ALA C 500 -31.00 43.25 5.00
N ILE C 501 -30.24 42.29 4.47
CA ILE C 501 -29.83 41.11 5.22
C ILE C 501 -28.96 41.51 6.40
N ALA C 502 -28.12 42.53 6.21
CA ALA C 502 -27.33 43.05 7.32
C ALA C 502 -28.22 43.63 8.41
N ARG C 503 -29.14 44.53 8.03
CA ARG C 503 -29.85 45.34 8.99
C ARG C 503 -30.91 44.55 9.73
N GLN C 504 -31.49 43.53 9.10
CA GLN C 504 -32.48 42.74 9.82
C GLN C 504 -31.90 41.43 10.35
N TYR C 505 -30.84 40.91 9.77
CA TYR C 505 -30.26 39.67 10.24
C TYR C 505 -28.85 39.86 10.77
N LEU C 506 -27.91 40.31 9.94
CA LEU C 506 -26.50 40.14 10.25
C LEU C 506 -26.03 41.12 11.32
N TRP C 507 -26.39 42.39 11.18
CA TRP C 507 -26.13 43.32 12.27
C TRP C 507 -26.91 43.00 13.54
N PRO C 508 -28.19 42.59 13.53
CA PRO C 508 -28.78 42.04 14.77
C PRO C 508 -28.09 40.79 15.28
N LYS C 509 -27.55 39.97 14.38
CA LYS C 509 -26.72 38.86 14.84
C LYS C 509 -25.49 39.36 15.56
N GLN C 510 -24.86 40.42 15.05
CA GLN C 510 -23.71 40.98 15.73
C GLN C 510 -24.10 41.67 17.03
N VAL C 511 -25.34 42.17 17.11
CA VAL C 511 -25.91 42.62 18.39
C VAL C 511 -25.93 41.48 19.38
N ARG C 512 -26.51 40.35 19.00
CA ARG C 512 -26.65 39.26 19.94
C ARG C 512 -25.45 38.34 19.97
N GLU C 513 -24.38 38.67 19.25
CA GLU C 513 -23.24 37.79 19.12
C GLU C 513 -21.97 38.43 19.66
N SER C 514 -21.60 39.61 19.16
CA SER C 514 -20.28 40.18 19.41
C SER C 514 -20.19 40.88 20.75
N GLY C 515 -21.08 40.60 21.68
CA GLY C 515 -21.17 41.37 22.90
C GLY C 515 -21.85 42.70 22.72
N MET C 516 -22.41 42.96 21.54
CA MET C 516 -22.87 44.29 21.17
C MET C 516 -24.33 44.40 21.60
N GLU C 517 -24.60 44.11 22.87
CA GLU C 517 -25.96 44.11 23.40
C GLU C 517 -26.22 45.49 23.99
N GLY C 518 -26.77 46.37 23.17
CA GLY C 518 -27.06 47.72 23.62
C GLY C 518 -25.82 48.57 23.82
N ARG C 519 -24.75 48.29 23.11
CA ARG C 519 -23.49 48.98 23.35
C ARG C 519 -23.08 49.87 22.19
N ILE C 520 -23.10 49.35 20.97
CA ILE C 520 -22.90 50.20 19.80
C ILE C 520 -23.90 49.80 18.72
N GLU C 521 -24.22 50.73 17.83
CA GLU C 521 -25.16 50.50 16.76
C GLU C 521 -24.70 51.27 15.54
N VAL C 522 -24.93 50.70 14.37
CA VAL C 522 -24.33 51.18 13.14
C VAL C 522 -25.40 51.84 12.28
N THR C 523 -25.13 53.07 11.85
CA THR C 523 -25.96 53.68 10.82
C THR C 523 -25.74 52.98 9.49
N ASP C 524 -26.79 52.99 8.67
CA ASP C 524 -26.74 52.27 7.40
C ASP C 524 -26.10 53.07 6.29
N ALA C 525 -25.98 54.39 6.46
CA ALA C 525 -25.11 55.17 5.58
C ALA C 525 -23.67 54.73 5.73
N ALA C 526 -23.26 54.46 6.97
CA ALA C 526 -21.95 53.86 7.21
C ALA C 526 -21.86 52.47 6.59
N ILE C 527 -22.97 51.73 6.60
CA ILE C 527 -22.97 50.38 6.04
C ILE C 527 -22.77 50.43 4.52
N LEU C 528 -23.47 51.34 3.84
CA LEU C 528 -23.26 51.46 2.40
C LEU C 528 -21.91 52.09 2.09
N ARG C 529 -21.35 52.86 3.03
CA ARG C 529 -19.96 53.31 2.85
C ARG C 529 -18.99 52.13 2.93
N VAL C 530 -19.24 51.18 3.83
CA VAL C 530 -18.48 49.95 3.92
C VAL C 530 -18.61 49.15 2.62
N ILE C 531 -19.83 49.11 2.10
CA ILE C 531 -20.11 48.50 0.79
C ILE C 531 -19.28 49.18 -0.30
N SER C 532 -19.26 50.51 -0.28
CA SER C 532 -18.64 51.28 -1.34
C SER C 532 -17.11 51.20 -1.29
N GLU C 533 -16.53 51.05 -0.11
CA GLU C 533 -15.09 51.26 0.04
C GLU C 533 -14.31 50.06 0.55
N TYR C 534 -14.92 49.09 1.22
CA TYR C 534 -14.16 48.07 1.94
C TYR C 534 -14.26 46.70 1.30
N THR C 535 -15.44 46.14 1.14
CA THR C 535 -15.60 44.81 0.55
C THR C 535 -16.62 44.86 -0.57
N ARG C 536 -16.39 44.03 -1.59
CA ARG C 536 -17.31 43.94 -2.73
C ARG C 536 -17.49 42.50 -3.22
N GLU C 537 -17.43 41.51 -2.32
CA GLU C 537 -17.70 40.17 -2.82
C GLU C 537 -19.20 39.94 -2.91
N ALA C 538 -19.58 38.86 -3.59
CA ALA C 538 -21.00 38.51 -3.66
C ALA C 538 -21.49 37.90 -2.36
N GLY C 539 -20.63 37.21 -1.64
CA GLY C 539 -21.01 36.62 -0.38
C GLY C 539 -21.19 37.66 0.70
N VAL C 540 -21.79 37.21 1.81
CA VAL C 540 -21.96 38.09 2.97
C VAL C 540 -20.83 37.95 3.96
N ARG C 541 -19.99 36.92 3.83
CA ARG C 541 -18.92 36.73 4.80
C ARG C 541 -17.81 37.74 4.62
N GLY C 542 -17.66 38.30 3.41
CA GLY C 542 -16.78 39.44 3.25
C GLY C 542 -17.33 40.66 3.97
N LEU C 543 -18.64 40.81 3.98
CA LEU C 543 -19.25 41.82 4.83
C LEU C 543 -19.21 41.39 6.29
N GLU C 544 -19.27 40.09 6.56
CA GLU C 544 -19.19 39.65 7.96
C GLU C 544 -17.79 39.83 8.53
N ARG C 545 -16.77 39.86 7.66
CA ARG C 545 -15.46 40.35 8.05
C ARG C 545 -15.56 41.75 8.62
N GLU C 546 -16.26 42.62 7.87
CA GLU C 546 -16.37 44.02 8.26
C GLU C 546 -17.19 44.17 9.53
N LEU C 547 -18.26 43.37 9.64
CA LEU C 547 -19.12 43.42 10.80
C LEU C 547 -18.43 42.85 12.03
N GLY C 548 -17.49 41.91 11.85
CA GLY C 548 -16.65 41.53 12.96
C GLY C 548 -15.69 42.62 13.36
N LYS C 549 -15.03 43.24 12.37
CA LYS C 549 -13.96 44.20 12.62
C LYS C 549 -14.47 45.42 13.36
N ILE C 550 -15.57 46.00 12.89
CA ILE C 550 -16.07 47.24 13.47
C ILE C 550 -16.64 46.98 14.86
N ALA C 551 -17.31 45.84 15.05
CA ALA C 551 -17.86 45.49 16.35
C ALA C 551 -16.77 45.30 17.38
N ARG C 552 -15.70 44.58 17.02
CA ARG C 552 -14.63 44.38 17.97
C ARG C 552 -13.79 45.64 18.15
N LYS C 553 -13.76 46.51 17.14
CA LYS C 553 -13.04 47.76 17.26
C LYS C 553 -13.75 48.69 18.24
N GLY C 554 -15.06 48.84 18.08
CA GLY C 554 -15.84 49.64 19.01
C GLY C 554 -16.07 48.98 20.35
N ALA C 555 -15.80 47.68 20.48
CA ALA C 555 -15.89 47.02 21.77
C ALA C 555 -14.89 47.60 22.76
N LYS C 556 -13.67 47.90 22.29
CA LYS C 556 -12.70 48.60 23.12
C LYS C 556 -13.19 49.99 23.49
N PHE C 557 -13.67 50.73 22.52
CA PHE C 557 -14.00 52.13 22.78
C PHE C 557 -15.26 52.28 23.62
N TRP C 558 -16.11 51.25 23.68
CA TRP C 558 -17.12 51.18 24.72
C TRP C 558 -16.50 50.76 26.05
N LEU C 559 -15.55 49.81 26.00
CA LEU C 559 -14.88 49.33 27.20
C LEU C 559 -13.99 50.42 27.80
N GLU C 560 -13.19 51.10 26.98
CA GLU C 560 -12.63 52.39 27.39
C GLU C 560 -13.64 53.49 27.08
N GLY C 561 -14.73 53.48 27.84
CA GLY C 561 -15.59 54.64 27.96
C GLY C 561 -16.88 54.59 27.17
N ALA C 562 -17.96 54.19 27.84
CA ALA C 562 -19.30 54.34 27.29
C ALA C 562 -19.79 55.73 27.67
N TRP C 563 -19.92 56.61 26.68
CA TRP C 563 -20.58 57.89 26.95
C TRP C 563 -22.02 57.69 27.35
N GLU C 564 -22.73 56.81 26.66
CA GLU C 564 -23.98 56.26 27.16
C GLU C 564 -24.03 54.81 26.71
N GLY C 565 -25.21 54.21 26.79
CA GLY C 565 -25.36 52.80 26.46
C GLY C 565 -25.04 52.47 25.02
N LEU C 566 -25.86 52.90 24.06
CA LEU C 566 -25.76 52.45 22.68
C LEU C 566 -24.99 53.49 21.87
N ARG C 567 -23.67 53.36 21.89
CA ARG C 567 -22.76 54.35 21.32
C ARG C 567 -22.84 54.35 19.79
N THR C 568 -23.12 55.51 19.20
CA THR C 568 -23.49 55.57 17.79
C THR C 568 -22.28 55.33 16.89
N ILE C 569 -22.44 54.41 15.94
CA ILE C 569 -21.43 54.15 14.94
C ILE C 569 -21.98 54.66 13.62
N ASP C 570 -21.36 55.71 13.12
CA ASP C 570 -21.76 56.39 11.91
C ASP C 570 -20.59 56.42 10.93
N ALA C 571 -20.83 57.00 9.75
CA ALA C 571 -19.80 57.05 8.70
C ALA C 571 -18.59 57.88 9.10
N SER C 572 -18.72 58.73 10.13
CA SER C 572 -17.56 59.45 10.64
C SER C 572 -16.55 58.50 11.28
N ASP C 573 -17.00 57.62 12.17
CA ASP C 573 -16.05 56.85 12.95
C ASP C 573 -15.70 55.51 12.30
N ILE C 574 -16.23 55.22 11.12
CA ILE C 574 -15.78 54.04 10.38
C ILE C 574 -14.30 54.10 10.01
N PRO C 575 -13.75 55.22 9.50
CA PRO C 575 -12.28 55.28 9.37
C PRO C 575 -11.54 55.33 10.69
N THR C 576 -12.21 55.61 11.81
CA THR C 576 -11.56 55.43 13.10
C THR C 576 -11.33 53.96 13.40
N TYR C 577 -12.13 53.07 12.78
CA TYR C 577 -12.02 51.68 13.13
C TYR C 577 -11.27 50.83 12.12
N LEU C 578 -11.29 51.20 10.84
CA LEU C 578 -10.34 50.63 9.89
C LEU C 578 -9.48 51.68 9.21
N GLY C 579 -10.07 52.68 8.56
CA GLY C 579 -9.31 53.75 7.96
C GLY C 579 -8.75 53.48 6.59
N ILE C 580 -8.94 52.29 6.04
CA ILE C 580 -8.29 51.97 4.77
C ILE C 580 -9.35 51.59 3.74
N PRO C 581 -9.85 52.55 2.96
CA PRO C 581 -10.77 52.20 1.88
C PRO C 581 -10.05 51.47 0.76
N ARG C 582 -10.31 50.17 0.64
CA ARG C 582 -9.78 49.39 -0.47
C ARG C 582 -10.41 49.78 -1.79
N TYR C 583 -11.56 50.43 -1.75
CA TYR C 583 -12.19 50.99 -2.92
C TYR C 583 -12.49 52.47 -2.68
N ARG C 584 -12.60 53.22 -3.77
CA ARG C 584 -12.94 54.67 -3.68
C ARG C 584 -14.41 54.80 -3.22
N PRO C 585 -14.99 56.01 -3.15
CA PRO C 585 -16.41 56.16 -2.81
C PRO C 585 -17.29 55.21 -3.61
N ASP C 586 -16.90 54.89 -4.85
CA ASP C 586 -17.67 53.94 -5.70
C ASP C 586 -16.83 53.58 -6.94
N LYS C 587 -16.41 52.33 -7.04
CA LYS C 587 -15.61 51.91 -8.20
C LYS C 587 -16.39 52.03 -9.49
N ALA C 588 -17.72 52.04 -9.43
CA ALA C 588 -18.50 52.38 -10.62
C ALA C 588 -18.35 53.86 -10.97
N GLU C 589 -18.21 54.73 -9.97
CA GLU C 589 -17.98 56.15 -10.19
C GLU C 589 -16.53 56.48 -10.52
N THR C 590 -15.69 55.48 -10.75
CA THR C 590 -14.39 55.71 -11.35
C THR C 590 -14.58 56.31 -12.73
N GLU C 591 -13.68 57.21 -13.10
CA GLU C 591 -13.83 58.03 -14.29
C GLU C 591 -13.77 57.19 -15.56
N PRO C 592 -14.35 57.69 -16.66
CA PRO C 592 -14.33 56.93 -17.92
C PRO C 592 -12.93 56.60 -18.40
N GLN C 593 -12.78 55.38 -18.92
CA GLN C 593 -11.47 54.79 -19.18
C GLN C 593 -11.28 54.57 -20.66
N VAL C 594 -10.15 55.00 -21.17
CA VAL C 594 -9.80 54.73 -22.57
C VAL C 594 -9.41 53.26 -22.65
N GLY C 595 -9.77 52.59 -23.74
CA GLY C 595 -9.19 51.31 -24.05
C GLY C 595 -9.66 50.13 -23.23
N THR C 596 -10.53 50.33 -22.24
CA THR C 596 -10.96 49.25 -21.37
C THR C 596 -12.34 49.56 -20.83
N ALA C 597 -12.99 48.53 -20.27
CA ALA C 597 -14.39 48.63 -19.92
C ALA C 597 -14.71 47.77 -18.70
N GLN C 598 -15.83 48.10 -18.06
CA GLN C 598 -16.31 47.40 -16.88
C GLN C 598 -17.05 46.14 -17.32
N GLY C 599 -16.41 44.99 -17.16
CA GLY C 599 -17.04 43.74 -17.53
C GLY C 599 -17.90 43.16 -16.43
N LEU C 600 -18.56 42.06 -16.76
CA LEU C 600 -19.42 41.37 -15.81
C LEU C 600 -19.04 39.91 -15.75
N ALA C 601 -18.79 39.42 -14.55
CA ALA C 601 -18.35 38.04 -14.37
C ALA C 601 -19.37 37.25 -13.58
N TRP C 602 -19.16 35.93 -13.57
CA TRP C 602 -19.67 35.08 -12.50
C TRP C 602 -18.65 33.97 -12.27
N THR C 603 -17.75 34.19 -11.33
CA THR C 603 -17.10 33.08 -10.67
C THR C 603 -18.12 32.44 -9.74
N PRO C 604 -18.02 31.13 -9.49
CA PRO C 604 -18.97 30.47 -8.59
C PRO C 604 -18.98 31.03 -7.18
N VAL C 605 -17.85 31.56 -6.71
CA VAL C 605 -17.82 32.26 -5.44
C VAL C 605 -18.30 33.70 -5.57
N GLY C 606 -18.47 34.21 -6.78
CA GLY C 606 -19.00 35.55 -6.95
C GLY C 606 -18.57 36.29 -8.20
N GLY C 607 -19.49 37.05 -8.78
CA GLY C 607 -19.18 37.79 -9.99
C GLY C 607 -18.47 39.09 -9.71
N THR C 608 -17.63 39.49 -10.65
CA THR C 608 -16.77 40.65 -10.48
C THR C 608 -16.86 41.57 -11.69
N LEU C 609 -16.34 42.79 -11.51
CA LEU C 609 -16.02 43.62 -12.64
C LEU C 609 -14.88 43.00 -13.43
N LEU C 610 -14.92 43.15 -14.75
CA LEU C 610 -13.85 42.62 -15.60
C LEU C 610 -13.30 43.79 -16.41
N THR C 611 -12.24 44.39 -15.91
CA THR C 611 -11.59 45.50 -16.61
C THR C 611 -10.71 44.91 -17.69
N ILE C 612 -11.32 44.69 -18.86
CA ILE C 612 -10.65 44.02 -19.95
C ILE C 612 -9.79 45.05 -20.65
N GLU C 613 -8.49 45.00 -20.41
CA GLU C 613 -7.61 46.06 -20.85
C GLU C 613 -6.88 45.65 -22.12
N VAL C 614 -6.76 46.61 -23.03
CA VAL C 614 -6.28 46.38 -24.39
C VAL C 614 -5.23 47.44 -24.70
N ALA C 615 -4.06 46.99 -25.13
CA ALA C 615 -3.01 47.89 -25.60
C ALA C 615 -3.08 47.93 -27.12
N ALA C 616 -3.54 49.06 -27.65
CA ALA C 616 -3.53 49.28 -29.09
C ALA C 616 -2.11 49.61 -29.51
N VAL C 617 -1.32 48.56 -29.70
CA VAL C 617 0.09 48.74 -30.02
C VAL C 617 0.29 48.74 -31.53
N PRO C 618 1.14 49.63 -32.06
CA PRO C 618 1.26 49.75 -33.52
C PRO C 618 1.93 48.54 -34.13
N GLY C 619 1.89 48.50 -35.46
CA GLY C 619 2.40 47.36 -36.18
C GLY C 619 1.63 47.07 -37.45
N SER C 620 1.13 45.85 -37.58
CA SER C 620 0.37 45.49 -38.77
C SER C 620 -0.85 44.64 -38.48
N GLY C 621 -1.21 44.42 -37.22
CA GLY C 621 -2.25 43.48 -36.86
C GLY C 621 -1.66 42.21 -36.32
N LYS C 622 -1.60 42.13 -34.99
CA LYS C 622 -1.01 40.98 -34.31
C LYS C 622 -1.81 40.80 -33.02
N LEU C 623 -2.57 39.71 -32.94
CA LEU C 623 -3.46 39.46 -31.83
C LEU C 623 -2.62 39.05 -30.63
N SER C 624 -2.05 40.05 -29.97
CA SER C 624 -1.20 39.81 -28.80
C SER C 624 -2.05 39.70 -27.54
N LEU C 625 -2.90 38.68 -27.56
CA LEU C 625 -3.76 38.36 -26.44
C LEU C 625 -2.95 37.87 -25.27
N THR C 626 -3.41 38.16 -24.06
CA THR C 626 -2.78 37.63 -22.87
C THR C 626 -3.77 37.60 -21.72
N GLY C 627 -3.27 37.20 -20.57
CA GLY C 627 -4.06 37.10 -19.37
C GLY C 627 -4.82 35.79 -19.29
N GLN C 628 -4.08 34.68 -19.43
CA GLN C 628 -4.57 33.28 -19.51
C GLN C 628 -5.83 33.18 -20.39
N LEU C 629 -5.71 33.72 -21.60
CA LEU C 629 -6.87 34.00 -22.43
C LEU C 629 -7.26 32.78 -23.24
N GLY C 630 -8.50 32.32 -23.06
CA GLY C 630 -9.03 31.28 -23.92
C GLY C 630 -9.49 31.85 -25.25
N GLU C 631 -9.24 31.09 -26.31
CA GLU C 631 -9.35 31.60 -27.67
C GLU C 631 -10.78 31.82 -28.13
N VAL C 632 -11.77 31.37 -27.37
CA VAL C 632 -13.13 31.77 -27.68
C VAL C 632 -13.32 33.25 -27.40
N MET C 633 -12.64 33.80 -26.38
CA MET C 633 -12.64 35.25 -26.21
C MET C 633 -11.86 35.93 -27.32
N LYS C 634 -10.81 35.27 -27.82
CA LYS C 634 -10.10 35.77 -28.98
C LYS C 634 -11.01 35.92 -30.18
N GLU C 635 -11.82 34.90 -30.45
CA GLU C 635 -12.69 35.02 -31.61
C GLU C 635 -13.88 35.92 -31.34
N SER C 636 -14.26 36.09 -30.08
CA SER C 636 -15.23 37.12 -29.73
C SER C 636 -14.68 38.49 -30.07
N ALA C 637 -13.42 38.73 -29.69
CA ALA C 637 -12.73 39.96 -30.04
C ALA C 637 -12.51 40.05 -31.54
N GLN C 638 -12.43 38.92 -32.23
CA GLN C 638 -12.29 38.98 -33.67
C GLN C 638 -13.59 39.32 -34.36
N ALA C 639 -14.71 38.83 -33.82
CA ALA C 639 -16.02 39.26 -34.31
C ALA C 639 -16.20 40.75 -34.04
N ALA C 640 -15.72 41.20 -32.89
CA ALA C 640 -15.66 42.62 -32.60
C ALA C 640 -14.78 43.35 -33.61
N LEU C 641 -13.65 42.75 -33.96
CA LEU C 641 -12.69 43.39 -34.84
C LEU C 641 -13.26 43.54 -36.23
N THR C 642 -13.88 42.49 -36.75
CA THR C 642 -14.49 42.59 -38.06
C THR C 642 -15.76 43.41 -38.05
N TYR C 643 -16.41 43.57 -36.91
CA TYR C 643 -17.50 44.54 -36.86
C TYR C 643 -16.97 45.95 -36.93
N LEU C 644 -15.85 46.21 -36.27
CA LEU C 644 -15.19 47.50 -36.40
C LEU C 644 -14.70 47.73 -37.81
N ARG C 645 -14.28 46.65 -38.47
CA ARG C 645 -13.98 46.71 -39.89
C ARG C 645 -15.23 47.04 -40.68
N ALA C 646 -16.37 46.51 -40.26
CA ALA C 646 -17.64 46.90 -40.86
C ALA C 646 -18.04 48.31 -40.43
N HIS C 647 -17.64 48.72 -39.24
CA HIS C 647 -18.12 49.99 -38.71
C HIS C 647 -16.98 50.96 -38.47
N THR C 648 -16.08 51.03 -39.45
CA THR C 648 -14.95 51.95 -39.40
C THR C 648 -15.39 53.41 -39.43
N GLN C 649 -16.39 53.75 -40.25
CA GLN C 649 -16.87 55.11 -40.32
C GLN C 649 -18.04 55.35 -39.38
N ASP C 650 -18.57 54.30 -38.76
CA ASP C 650 -19.43 54.51 -37.60
C ASP C 650 -18.62 55.11 -36.46
N TYR C 651 -17.35 54.72 -36.34
CA TYR C 651 -16.53 55.14 -35.21
C TYR C 651 -15.27 55.88 -35.65
N GLY C 652 -15.27 56.40 -36.89
CA GLY C 652 -14.19 57.24 -37.36
C GLY C 652 -12.86 56.55 -37.50
N LEU C 653 -12.87 55.23 -37.62
CA LEU C 653 -11.64 54.46 -37.62
C LEU C 653 -10.93 54.60 -38.96
N PRO C 654 -9.61 54.40 -39.01
CA PRO C 654 -8.90 54.49 -40.28
C PRO C 654 -9.29 53.36 -41.23
N GLU C 655 -8.88 53.52 -42.49
CA GLU C 655 -9.40 52.70 -43.58
C GLU C 655 -8.98 51.25 -43.44
N ASP C 656 -7.76 51.00 -42.98
CA ASP C 656 -7.36 49.65 -42.60
C ASP C 656 -6.52 49.66 -41.31
N PHE C 657 -7.22 49.69 -40.17
CA PHE C 657 -6.52 49.75 -38.88
C PHE C 657 -5.84 48.42 -38.58
N TYR C 658 -6.53 47.30 -38.77
CA TYR C 658 -6.02 45.99 -38.43
C TYR C 658 -4.92 45.55 -39.38
N ASN C 659 -4.74 46.24 -40.49
CA ASN C 659 -3.59 46.06 -41.35
C ASN C 659 -2.39 46.87 -40.89
N LYS C 660 -2.57 47.79 -39.93
CA LYS C 660 -1.45 48.65 -39.54
C LYS C 660 -1.37 48.91 -38.03
N VAL C 661 -2.12 48.21 -37.19
CA VAL C 661 -1.95 48.34 -35.75
C VAL C 661 -2.18 46.97 -35.12
N ASP C 662 -1.31 46.58 -34.21
CA ASP C 662 -1.39 45.24 -33.63
C ASP C 662 -2.35 45.24 -32.45
N LEU C 663 -2.78 44.04 -32.08
CA LEU C 663 -3.91 43.87 -31.19
C LEU C 663 -3.41 43.22 -29.91
N HIS C 664 -2.91 44.03 -28.99
CA HIS C 664 -2.53 43.50 -27.69
C HIS C 664 -3.68 43.69 -26.73
N VAL C 665 -4.30 42.57 -26.34
CA VAL C 665 -5.47 42.58 -25.48
C VAL C 665 -5.16 41.72 -24.27
N HIS C 666 -6.00 41.85 -23.25
CA HIS C 666 -5.76 41.17 -22.01
C HIS C 666 -7.04 41.05 -21.22
N VAL C 667 -7.27 39.87 -20.67
CA VAL C 667 -8.32 39.61 -19.69
C VAL C 667 -7.67 39.32 -18.35
N PRO C 668 -8.07 40.00 -17.27
CA PRO C 668 -7.48 39.75 -15.96
C PRO C 668 -7.68 38.35 -15.43
N ASP C 669 -8.77 37.69 -15.78
CA ASP C 669 -9.07 36.37 -15.29
C ASP C 669 -8.90 35.35 -16.41
N GLY C 670 -9.22 34.09 -16.10
CA GLY C 670 -9.29 33.05 -17.10
C GLY C 670 -10.64 33.01 -17.78
N ALA C 671 -10.82 31.97 -18.59
CA ALA C 671 -12.13 31.67 -19.13
C ALA C 671 -13.07 31.29 -18.00
N THR C 672 -14.25 31.89 -17.98
CA THR C 672 -15.24 31.57 -16.98
C THR C 672 -15.73 30.14 -17.18
N PRO C 673 -16.04 29.41 -16.09
CA PRO C 673 -16.52 28.02 -16.23
C PRO C 673 -17.81 27.90 -17.02
N LYS C 674 -18.67 28.91 -16.99
CA LYS C 674 -19.78 29.02 -17.91
C LYS C 674 -19.58 30.30 -18.72
N ASP C 675 -19.68 30.17 -20.05
CA ASP C 675 -19.74 31.28 -21.00
C ASP C 675 -18.50 32.17 -20.88
N GLY C 676 -17.37 31.61 -21.31
CA GLY C 676 -16.21 32.38 -21.67
C GLY C 676 -16.52 33.68 -22.41
N PRO C 677 -17.23 33.62 -23.57
CA PRO C 677 -17.65 34.84 -24.25
C PRO C 677 -18.97 35.42 -23.73
N SER C 678 -19.09 35.53 -22.41
CA SER C 678 -20.23 36.24 -21.85
C SER C 678 -20.07 37.74 -21.92
N ALA C 679 -18.84 38.23 -22.06
CA ALA C 679 -18.56 39.65 -22.05
C ALA C 679 -18.11 40.13 -23.43
N GLY C 680 -18.71 39.58 -24.48
CA GLY C 680 -18.29 39.82 -25.85
C GLY C 680 -18.33 41.26 -26.29
N ILE C 681 -19.13 42.10 -25.64
CA ILE C 681 -19.07 43.52 -25.91
C ILE C 681 -17.97 44.22 -25.12
N THR C 682 -17.47 43.61 -24.05
CA THR C 682 -16.57 44.34 -23.15
C THR C 682 -15.23 44.57 -23.81
N MET C 683 -14.64 43.52 -24.37
CA MET C 683 -13.43 43.74 -25.15
C MET C 683 -13.73 44.41 -26.48
N ALA C 684 -14.96 44.30 -26.99
CA ALA C 684 -15.34 45.04 -28.19
C ALA C 684 -15.24 46.53 -27.95
N THR C 685 -15.87 46.96 -26.87
CA THR C 685 -15.82 48.35 -26.49
C THR C 685 -14.43 48.75 -26.03
N ALA C 686 -13.69 47.82 -25.45
CA ALA C 686 -12.32 48.11 -25.02
C ALA C 686 -11.42 48.40 -26.22
N ILE C 687 -11.48 47.54 -27.25
CA ILE C 687 -10.62 47.76 -28.40
C ILE C 687 -11.09 48.97 -29.18
N ALA C 688 -12.38 49.27 -29.17
CA ALA C 688 -12.82 50.44 -29.91
C ALA C 688 -12.46 51.73 -29.18
N SER C 689 -12.57 51.72 -27.85
CA SER C 689 -12.15 52.87 -27.05
C SER C 689 -10.65 53.07 -27.13
N ALA C 690 -9.90 51.98 -27.34
CA ALA C 690 -8.51 52.13 -27.74
C ALA C 690 -8.40 52.74 -29.14
N LEU C 691 -9.22 52.27 -30.08
CA LEU C 691 -9.12 52.75 -31.45
C LEU C 691 -9.67 54.15 -31.60
N SER C 692 -10.72 54.49 -30.84
CA SER C 692 -11.13 55.88 -30.78
C SER C 692 -10.14 56.71 -29.98
N ARG C 693 -9.31 56.06 -29.17
CA ARG C 693 -8.42 56.68 -28.18
C ARG C 693 -9.22 57.51 -27.18
N ARG C 694 -10.43 57.07 -26.88
CA ARG C 694 -11.36 57.87 -26.10
C ARG C 694 -11.87 57.08 -24.91
N PRO C 695 -12.23 57.76 -23.82
CA PRO C 695 -12.71 57.04 -22.65
C PRO C 695 -14.16 56.62 -22.81
N ALA C 696 -14.40 55.31 -22.83
CA ALA C 696 -15.76 54.82 -22.72
C ALA C 696 -16.29 55.10 -21.33
N ARG C 697 -17.57 55.44 -21.24
CA ARG C 697 -18.16 55.81 -19.96
C ARG C 697 -18.22 54.63 -19.01
N MET C 698 -17.77 54.85 -17.79
CA MET C 698 -17.84 53.83 -16.76
C MET C 698 -19.18 53.97 -16.05
N ASP C 699 -19.35 53.25 -14.93
CA ASP C 699 -20.64 52.99 -14.27
C ASP C 699 -21.63 52.32 -15.23
N ILE C 700 -21.13 51.55 -16.19
CA ILE C 700 -21.98 50.96 -17.21
C ILE C 700 -21.65 49.47 -17.21
N ALA C 701 -22.68 48.62 -17.21
CA ALA C 701 -22.47 47.18 -17.09
C ALA C 701 -22.38 46.54 -18.48
N MET C 702 -21.26 45.88 -18.76
CA MET C 702 -21.03 45.24 -20.04
C MET C 702 -21.01 43.73 -19.88
N THR C 703 -21.80 43.05 -20.71
CA THR C 703 -21.67 41.62 -20.97
C THR C 703 -22.33 41.34 -22.31
N GLY C 704 -21.65 40.59 -23.18
CA GLY C 704 -22.10 40.51 -24.56
C GLY C 704 -21.78 39.21 -25.25
N GLU C 705 -22.38 39.03 -26.42
CA GLU C 705 -22.20 37.81 -27.21
C GLU C 705 -22.49 38.18 -28.66
N VAL C 706 -21.43 38.37 -29.45
CA VAL C 706 -21.48 39.16 -30.66
C VAL C 706 -21.63 38.27 -31.89
N SER C 707 -22.53 38.64 -32.79
CA SER C 707 -22.67 37.91 -34.04
C SER C 707 -21.60 38.36 -35.03
N LEU C 708 -21.43 37.57 -36.07
CA LEU C 708 -20.58 37.99 -37.18
C LEU C 708 -21.27 39.04 -38.03
N ARG C 709 -22.59 39.07 -38.03
CA ARG C 709 -23.34 40.11 -38.70
C ARG C 709 -23.55 41.32 -37.81
N GLY C 710 -23.03 41.28 -36.58
CA GLY C 710 -23.06 42.44 -35.72
C GLY C 710 -24.30 42.53 -34.86
N LYS C 711 -24.69 41.41 -34.27
CA LYS C 711 -25.84 41.33 -33.41
C LYS C 711 -25.42 40.76 -32.08
N VAL C 712 -26.03 41.22 -31.01
CA VAL C 712 -25.80 40.57 -29.74
C VAL C 712 -26.63 39.29 -29.70
N MET C 713 -26.08 38.26 -29.12
CA MET C 713 -26.98 37.16 -28.89
C MET C 713 -27.30 37.10 -27.41
N PRO C 714 -28.50 36.64 -27.05
CA PRO C 714 -28.87 36.58 -25.64
C PRO C 714 -28.01 35.60 -24.86
N ILE C 715 -27.62 36.00 -23.66
CA ILE C 715 -26.87 35.15 -22.76
C ILE C 715 -27.75 34.79 -21.59
N GLY C 716 -27.42 33.68 -20.95
CA GLY C 716 -28.01 33.34 -19.68
C GLY C 716 -27.18 33.88 -18.54
N GLY C 717 -27.61 33.58 -17.32
CA GLY C 717 -26.86 34.01 -16.16
C GLY C 717 -26.89 35.49 -15.90
N VAL C 718 -27.87 36.21 -16.45
CA VAL C 718 -28.05 37.61 -16.14
C VAL C 718 -28.48 37.79 -14.70
N LYS C 719 -29.07 36.75 -14.10
CA LYS C 719 -29.24 36.65 -12.66
C LYS C 719 -27.91 36.78 -11.92
N GLU C 720 -26.81 36.35 -12.54
CA GLU C 720 -25.52 36.43 -11.88
C GLU C 720 -24.81 37.73 -12.23
N LYS C 721 -24.83 38.09 -13.52
CA LYS C 721 -24.12 39.27 -14.01
C LYS C 721 -24.72 40.55 -13.46
N LEU C 722 -26.04 40.63 -13.39
CA LEU C 722 -26.69 41.83 -12.87
C LEU C 722 -26.47 41.96 -11.37
N LEU C 723 -26.42 40.84 -10.66
CA LEU C 723 -26.08 40.86 -9.24
C LEU C 723 -24.65 41.34 -9.02
N ALA C 724 -23.73 40.91 -9.89
CA ALA C 724 -22.37 41.43 -9.83
C ALA C 724 -22.32 42.92 -10.15
N ALA C 725 -23.13 43.36 -11.12
CA ALA C 725 -23.16 44.77 -11.51
C ALA C 725 -23.67 45.65 -10.39
N HIS C 726 -24.73 45.20 -9.71
CA HIS C 726 -25.19 45.91 -8.52
C HIS C 726 -24.15 45.84 -7.42
N GLN C 727 -23.48 44.70 -7.28
CA GLN C 727 -22.36 44.60 -6.36
C GLN C 727 -21.18 45.44 -6.82
N ALA C 728 -21.06 45.67 -8.12
CA ALA C 728 -20.13 46.67 -8.61
C ALA C 728 -20.63 48.09 -8.39
N GLY C 729 -21.86 48.26 -7.92
CA GLY C 729 -22.42 49.57 -7.81
C GLY C 729 -22.85 50.14 -9.14
N ILE C 730 -22.91 49.32 -10.17
CA ILE C 730 -23.32 49.76 -11.49
C ILE C 730 -24.82 49.64 -11.60
N HIS C 731 -25.47 50.75 -11.95
CA HIS C 731 -26.92 50.81 -12.03
C HIS C 731 -27.39 51.18 -13.42
N LYS C 732 -26.47 51.27 -14.37
CA LYS C 732 -26.78 51.55 -15.77
C LYS C 732 -26.30 50.36 -16.58
N ILE C 733 -27.23 49.62 -17.18
CA ILE C 733 -26.95 48.31 -17.76
C ILE C 733 -27.21 48.36 -19.25
N VAL C 734 -26.42 47.60 -20.00
CA VAL C 734 -26.76 47.23 -21.36
C VAL C 734 -26.90 45.71 -21.40
N LEU C 735 -28.03 45.24 -21.92
CA LEU C 735 -28.32 43.82 -22.06
C LEU C 735 -28.84 43.56 -23.47
N PRO C 736 -28.73 42.31 -23.94
CA PRO C 736 -29.42 41.96 -25.19
C PRO C 736 -30.92 42.13 -25.04
N LYS C 737 -31.53 42.79 -26.03
CA LYS C 737 -32.94 43.12 -25.93
C LYS C 737 -33.85 41.90 -26.01
N ASP C 738 -33.33 40.77 -26.46
CA ASP C 738 -34.09 39.54 -26.44
C ASP C 738 -34.06 38.88 -25.07
N ASN C 739 -33.23 39.37 -24.16
CA ASN C 739 -33.32 38.99 -22.76
C ASN C 739 -34.29 39.86 -22.00
N GLU C 740 -35.20 40.56 -22.69
CA GLU C 740 -36.19 41.35 -21.97
C GLU C 740 -37.19 40.42 -21.28
N ALA C 741 -37.41 39.24 -21.84
CA ALA C 741 -38.19 38.22 -21.17
C ALA C 741 -37.41 37.60 -20.02
N GLN C 742 -36.08 37.76 -20.03
CA GLN C 742 -35.23 37.31 -18.96
C GLN C 742 -35.08 38.35 -17.86
N LEU C 743 -36.05 39.25 -17.71
CA LEU C 743 -35.99 40.30 -16.70
C LEU C 743 -37.07 40.16 -15.64
N GLU C 744 -38.27 39.74 -16.01
CA GLU C 744 -39.43 39.87 -15.14
C GLU C 744 -39.41 38.88 -13.99
N GLU C 745 -38.70 37.78 -14.15
CA GLU C 745 -38.57 36.80 -13.08
C GLU C 745 -37.71 37.30 -11.94
N LEU C 746 -36.86 38.27 -12.20
CA LEU C 746 -35.97 38.83 -11.20
C LEU C 746 -36.71 39.87 -10.37
N PRO C 747 -36.43 39.98 -9.07
CA PRO C 747 -37.23 40.86 -8.23
C PRO C 747 -36.85 42.32 -8.43
N LYS C 748 -37.83 43.18 -8.10
CA LYS C 748 -37.60 44.62 -8.12
C LYS C 748 -36.62 45.07 -7.05
N GLU C 749 -36.38 44.22 -6.05
CA GLU C 749 -35.23 44.35 -5.15
C GLU C 749 -33.95 44.58 -5.95
N VAL C 750 -33.67 43.67 -6.86
CA VAL C 750 -32.52 43.83 -7.74
C VAL C 750 -32.75 44.97 -8.73
N LEU C 751 -33.95 45.05 -9.30
CA LEU C 751 -34.18 45.86 -10.49
C LEU C 751 -34.20 47.36 -10.21
N GLU C 752 -34.40 47.77 -8.97
CA GLU C 752 -34.53 49.20 -8.68
C GLU C 752 -33.19 49.92 -8.84
N GLY C 753 -32.09 49.25 -8.53
CA GLY C 753 -30.78 49.86 -8.63
C GLY C 753 -30.15 49.48 -9.93
N LEU C 754 -30.96 49.50 -10.99
CA LEU C 754 -30.58 49.08 -12.32
C LEU C 754 -31.38 49.89 -13.31
N GLU C 755 -30.72 50.39 -14.36
CA GLU C 755 -31.42 50.81 -15.56
C GLU C 755 -30.78 50.08 -16.72
N ILE C 756 -31.60 49.44 -17.55
CA ILE C 756 -31.11 48.52 -18.56
C ILE C 756 -31.38 49.11 -19.93
N LYS C 757 -30.31 49.37 -20.67
CA LYS C 757 -30.41 49.83 -22.05
C LYS C 757 -30.34 48.59 -22.93
N LEU C 758 -31.50 48.02 -23.22
CA LEU C 758 -31.57 46.78 -23.98
C LEU C 758 -31.12 47.01 -25.41
N VAL C 759 -30.29 46.08 -25.92
CA VAL C 759 -29.58 46.33 -27.16
C VAL C 759 -29.80 45.13 -28.08
N GLU C 760 -29.64 45.37 -29.37
CA GLU C 760 -29.72 44.28 -30.34
C GLU C 760 -28.46 44.26 -31.19
N ASP C 761 -27.85 45.42 -31.40
CA ASP C 761 -26.74 45.54 -32.31
C ASP C 761 -25.51 46.06 -31.59
N VAL C 762 -24.36 45.60 -32.07
CA VAL C 762 -23.08 45.97 -31.48
C VAL C 762 -22.80 47.45 -31.74
N GLY C 763 -23.22 47.94 -32.90
CA GLY C 763 -23.05 49.35 -33.22
C GLY C 763 -23.81 50.27 -32.29
N GLU C 764 -24.96 49.80 -31.79
CA GLU C 764 -25.76 50.59 -30.86
C GLU C 764 -25.04 50.77 -29.53
N VAL C 765 -24.66 49.67 -28.88
CA VAL C 765 -23.97 49.73 -27.59
C VAL C 765 -22.63 50.44 -27.71
N LEU C 766 -21.95 50.27 -28.84
CA LEU C 766 -20.69 50.96 -29.03
C LEU C 766 -20.89 52.45 -29.28
N GLU C 767 -22.01 52.82 -29.89
CA GLU C 767 -22.36 54.23 -30.00
C GLU C 767 -22.66 54.83 -28.64
N TYR C 768 -23.29 54.05 -27.76
CA TYR C 768 -23.64 54.61 -26.46
C TYR C 768 -22.43 54.73 -25.55
N LEU C 769 -21.52 53.75 -25.60
CA LEU C 769 -20.64 53.58 -24.46
C LEU C 769 -19.42 54.51 -24.52
N LEU C 770 -18.97 54.90 -25.70
CA LEU C 770 -17.89 55.87 -25.75
C LEU C 770 -18.42 57.23 -25.30
N LEU C 771 -17.93 57.68 -24.15
CA LEU C 771 -18.43 58.91 -23.53
C LEU C 771 -18.26 60.17 -24.39
N PRO C 772 -17.08 60.53 -24.93
CA PRO C 772 -17.01 61.78 -25.69
C PRO C 772 -17.54 61.56 -27.11
N GLU C 773 -17.43 62.61 -27.91
CA GLU C 773 -17.89 62.60 -29.29
C GLU C 773 -17.13 61.59 -30.15
N PRO C 774 -15.90 61.13 -29.79
CA PRO C 774 -15.61 59.87 -30.46
C PRO C 774 -15.67 58.69 -29.51
N ARG D 2 -65.19 37.02 94.52
CA ARG D 2 -64.36 36.18 93.67
C ARG D 2 -62.94 36.74 93.58
N LEU D 3 -61.95 35.90 93.87
CA LEU D 3 -60.55 36.28 93.79
C LEU D 3 -59.99 35.90 92.43
N GLU D 4 -59.30 36.84 91.79
CA GLU D 4 -58.74 36.62 90.46
C GLU D 4 -57.50 35.74 90.57
N LEU D 5 -57.52 34.59 89.89
CA LEU D 5 -56.41 33.65 89.97
C LEU D 5 -55.23 34.15 89.14
N PRO D 6 -54.00 33.99 89.63
CA PRO D 6 -52.83 34.41 88.84
C PRO D 6 -52.60 33.50 87.66
N VAL D 7 -51.99 34.05 86.63
CA VAL D 7 -51.72 33.34 85.37
C VAL D 7 -50.25 32.95 85.37
N ILE D 8 -49.99 31.65 85.25
CA ILE D 8 -48.63 31.14 85.18
C ILE D 8 -48.10 31.29 83.75
N PRO D 9 -46.97 31.96 83.56
CA PRO D 9 -46.33 31.92 82.23
C PRO D 9 -45.71 30.55 81.99
N LEU D 10 -46.35 29.75 81.14
CA LEU D 10 -45.98 28.35 80.98
C LEU D 10 -44.95 28.22 79.87
N ARG D 11 -43.75 27.77 80.24
CA ARG D 11 -42.68 27.51 79.27
C ARG D 11 -42.54 26.01 79.00
N ASN D 12 -43.60 25.25 79.23
CA ASN D 12 -43.59 23.80 79.08
C ASN D 12 -44.92 23.40 78.45
N THR D 13 -45.25 22.11 78.53
CA THR D 13 -46.51 21.61 78.01
C THR D 13 -47.69 22.16 78.82
N VAL D 14 -48.76 22.52 78.11
CA VAL D 14 -49.93 23.15 78.70
C VAL D 14 -50.71 22.08 79.47
N ILE D 15 -51.15 22.44 80.69
CA ILE D 15 -51.95 21.54 81.51
C ILE D 15 -53.32 21.39 80.86
N LEU D 16 -53.57 20.23 80.28
CA LEU D 16 -54.81 19.88 79.61
C LEU D 16 -55.84 19.41 80.65
N PRO D 17 -57.14 19.53 80.34
CA PRO D 17 -58.16 19.16 81.33
C PRO D 17 -58.16 17.67 81.68
N HIS D 18 -58.34 17.40 82.98
CA HIS D 18 -58.38 16.05 83.57
C HIS D 18 -57.15 15.23 83.22
N THR D 19 -55.98 15.87 83.30
CA THR D 19 -54.71 15.22 83.01
C THR D 19 -53.79 15.39 84.21
N THR D 20 -53.08 14.32 84.57
CA THR D 20 -52.14 14.37 85.67
C THR D 20 -50.90 15.13 85.23
N THR D 21 -50.92 16.45 85.38
CA THR D 21 -49.83 17.31 84.95
C THR D 21 -49.60 18.44 85.95
N PRO D 22 -48.40 18.55 86.52
CA PRO D 22 -48.12 19.66 87.43
C PRO D 22 -47.95 20.97 86.68
N VAL D 23 -48.14 22.06 87.41
CA VAL D 23 -47.95 23.40 86.87
C VAL D 23 -46.46 23.71 86.89
N ASP D 24 -45.90 23.97 85.71
CA ASP D 24 -44.47 24.17 85.57
C ASP D 24 -44.13 25.65 85.52
N VAL D 25 -42.89 25.96 85.93
CA VAL D 25 -42.38 27.33 85.96
C VAL D 25 -41.21 27.43 84.99
N GLY D 26 -40.88 28.67 84.62
CA GLY D 26 -39.76 28.90 83.73
C GLY D 26 -38.94 30.13 84.09
N ARG D 27 -39.30 30.79 85.18
CA ARG D 27 -38.66 32.04 85.58
C ARG D 27 -38.85 32.20 87.09
N ALA D 28 -37.98 33.01 87.71
CA ALA D 28 -38.04 33.23 89.14
C ALA D 28 -39.29 33.99 89.56
N LYS D 29 -39.87 34.79 88.66
CA LYS D 29 -41.13 35.46 88.96
C LYS D 29 -42.32 34.51 88.95
N SER D 30 -42.18 33.34 88.33
CA SER D 30 -43.28 32.37 88.27
C SER D 30 -43.49 31.65 89.60
N LYS D 31 -42.51 31.68 90.50
CA LYS D 31 -42.68 31.08 91.83
C LYS D 31 -43.70 31.87 92.65
N ARG D 32 -43.68 33.20 92.53
CA ARG D 32 -44.65 34.05 93.22
C ARG D 32 -46.06 33.81 92.69
N ALA D 33 -46.20 33.56 91.38
CA ALA D 33 -47.49 33.27 90.80
C ALA D 33 -48.04 31.93 91.29
N VAL D 34 -47.16 30.93 91.43
CA VAL D 34 -47.58 29.62 91.96
C VAL D 34 -47.97 29.74 93.43
N GLU D 35 -47.20 30.51 94.20
CA GLU D 35 -47.52 30.72 95.62
C GLU D 35 -48.80 31.52 95.79
N GLU D 36 -49.10 32.43 94.86
CA GLU D 36 -50.38 33.13 94.88
C GLU D 36 -51.53 32.24 94.44
N ALA D 37 -51.27 31.30 93.54
CA ALA D 37 -52.30 30.34 93.13
C ALA D 37 -52.61 29.35 94.25
N MET D 38 -51.63 29.06 95.11
CA MET D 38 -51.91 28.24 96.28
C MET D 38 -52.77 28.98 97.31
N GLY D 39 -52.68 30.32 97.32
CA GLY D 39 -53.51 31.12 98.19
C GLY D 39 -54.75 31.64 97.48
N ALA D 40 -55.06 31.06 96.33
CA ALA D 40 -56.21 31.45 95.51
C ALA D 40 -57.37 30.48 95.64
N ASP D 41 -57.59 29.98 96.87
CA ASP D 41 -58.65 29.02 97.21
C ASP D 41 -58.55 27.73 96.40
N ARG D 42 -57.30 27.28 96.20
CA ARG D 42 -56.95 26.04 95.47
C ARG D 42 -57.48 26.04 94.04
N LEU D 43 -57.54 27.22 93.42
CA LEU D 43 -57.96 27.36 92.03
C LEU D 43 -56.90 28.16 91.29
N ILE D 44 -56.69 27.81 90.03
CA ILE D 44 -55.61 28.40 89.24
C ILE D 44 -56.05 28.48 87.79
N PHE D 45 -55.89 29.65 87.19
CA PHE D 45 -56.24 29.90 85.79
C PHE D 45 -54.95 30.15 85.02
N LEU D 46 -54.70 29.32 84.01
CA LEU D 46 -53.42 29.31 83.31
C LEU D 46 -53.59 29.73 81.86
N VAL D 47 -52.77 30.69 81.43
CA VAL D 47 -52.65 31.07 80.02
C VAL D 47 -51.18 30.98 79.65
N ALA D 48 -50.85 30.09 78.73
CA ALA D 48 -49.46 29.94 78.31
C ALA D 48 -49.10 31.00 77.27
N GLN D 49 -47.81 31.04 76.95
CA GLN D 49 -47.28 32.01 75.99
C GLN D 49 -46.95 31.31 74.68
N ARG D 50 -46.34 32.05 73.76
CA ARG D 50 -45.89 31.50 72.49
C ARG D 50 -44.51 30.88 72.65
N ASP D 51 -43.99 30.34 71.56
CA ASP D 51 -42.63 29.79 71.57
C ASP D 51 -41.54 30.84 71.80
N PRO D 52 -41.52 32.04 71.18
CA PRO D 52 -40.56 33.05 71.63
C PRO D 52 -41.00 33.67 72.95
N GLU D 53 -40.06 33.79 73.88
CA GLU D 53 -40.32 34.37 75.19
C GLU D 53 -40.00 35.86 75.13
N VAL D 54 -41.04 36.69 75.25
CA VAL D 54 -40.90 38.14 75.24
C VAL D 54 -41.39 38.66 76.59
N ASP D 55 -40.52 39.38 77.30
CA ASP D 55 -40.91 39.96 78.59
C ASP D 55 -41.86 41.13 78.42
N ASP D 56 -41.83 41.80 77.27
CA ASP D 56 -42.74 42.89 77.00
C ASP D 56 -44.16 42.34 76.77
N PRO D 57 -45.19 43.09 77.15
CA PRO D 57 -46.57 42.66 76.88
C PRO D 57 -46.88 42.72 75.39
N ALA D 58 -47.20 41.56 74.82
CA ALA D 58 -47.47 41.43 73.40
C ALA D 58 -48.77 40.67 73.18
N PRO D 59 -49.52 41.00 72.11
CA PRO D 59 -50.73 40.23 71.81
C PRO D 59 -50.48 38.79 71.41
N ASP D 60 -49.28 38.47 70.90
CA ASP D 60 -48.96 37.09 70.56
C ASP D 60 -48.56 36.26 71.77
N ASP D 61 -48.07 36.90 72.83
CA ASP D 61 -47.77 36.18 74.06
C ASP D 61 -49.06 35.69 74.73
N LEU D 62 -50.02 36.58 74.92
CA LEU D 62 -51.26 36.22 75.56
C LEU D 62 -52.23 35.60 74.56
N TYR D 63 -53.19 34.85 75.08
CA TYR D 63 -54.17 34.17 74.25
C TYR D 63 -55.55 34.31 74.88
N THR D 64 -56.57 34.23 74.03
CA THR D 64 -57.95 34.41 74.45
C THR D 64 -58.60 33.15 74.99
N TRP D 65 -57.87 32.03 75.00
CA TRP D 65 -58.41 30.74 75.48
C TRP D 65 -57.48 30.19 76.53
N GLY D 66 -57.81 30.41 77.81
CA GLY D 66 -57.07 29.85 78.92
C GLY D 66 -57.64 28.52 79.37
N VAL D 67 -57.12 28.06 80.51
CA VAL D 67 -57.58 26.82 81.13
C VAL D 67 -57.73 27.05 82.63
N GLN D 68 -58.84 26.57 83.19
CA GLN D 68 -59.10 26.65 84.62
C GLN D 68 -58.77 25.31 85.27
N ALA D 69 -58.12 25.37 86.43
CA ALA D 69 -57.70 24.16 87.12
C ALA D 69 -57.96 24.31 88.62
N VAL D 70 -58.21 23.18 89.26
CA VAL D 70 -58.38 23.09 90.70
C VAL D 70 -57.19 22.33 91.27
N VAL D 71 -56.87 22.59 92.53
CA VAL D 71 -55.71 22.00 93.19
C VAL D 71 -56.18 20.91 94.13
N LYS D 72 -55.68 19.69 93.94
CA LYS D 72 -56.01 18.57 94.79
C LYS D 72 -55.00 18.39 95.92
N GLN D 73 -53.71 18.43 95.60
CA GLN D 73 -52.65 18.28 96.59
C GLN D 73 -51.45 19.09 96.14
N ALA D 74 -50.50 19.25 97.06
CA ALA D 74 -49.27 19.98 96.75
C ALA D 74 -48.14 19.40 97.56
N MET D 75 -47.07 18.98 96.88
CA MET D 75 -45.89 18.45 97.53
C MET D 75 -44.66 19.18 97.02
N ARG D 76 -43.61 19.19 97.85
CA ARG D 76 -42.36 19.88 97.53
C ARG D 76 -41.28 18.84 97.32
N LEU D 77 -41.18 18.35 96.09
CA LEU D 77 -40.08 17.47 95.70
C LEU D 77 -38.85 18.31 95.41
N PRO D 78 -37.70 18.03 96.05
CA PRO D 78 -36.53 18.90 95.87
C PRO D 78 -35.83 18.71 94.53
N ASP D 79 -36.06 19.64 93.61
CA ASP D 79 -35.35 19.65 92.33
C ASP D 79 -34.97 21.04 91.86
N GLY D 80 -35.23 22.09 92.64
CA GLY D 80 -35.04 23.45 92.19
C GLY D 80 -36.17 24.01 91.36
N THR D 81 -37.26 23.26 91.17
CA THR D 81 -38.38 23.68 90.35
C THR D 81 -39.65 23.60 91.18
N LEU D 82 -40.43 24.67 91.19
CA LEU D 82 -41.65 24.73 91.98
C LEU D 82 -42.83 24.24 91.14
N GLN D 83 -43.51 23.21 91.62
CA GLN D 83 -44.64 22.60 90.93
C GLN D 83 -45.77 22.37 91.92
N VAL D 84 -47.00 22.34 91.39
CA VAL D 84 -48.19 22.04 92.18
C VAL D 84 -49.07 21.08 91.39
N MET D 85 -49.62 20.08 92.08
CA MET D 85 -50.48 19.09 91.45
C MET D 85 -51.86 19.66 91.22
N VAL D 86 -52.32 19.69 89.97
CA VAL D 86 -53.61 20.25 89.63
C VAL D 86 -54.41 19.24 88.81
N GLU D 87 -55.72 19.43 88.81
CA GLU D 87 -56.66 18.62 88.02
C GLU D 87 -57.62 19.58 87.31
N ALA D 88 -57.28 19.95 86.08
CA ALA D 88 -58.08 20.90 85.33
C ALA D 88 -59.39 20.28 84.85
N ARG D 89 -60.44 21.10 84.80
CA ARG D 89 -61.76 20.64 84.40
C ARG D 89 -62.05 20.90 82.93
N ALA D 90 -61.95 22.16 82.49
CA ALA D 90 -62.20 22.54 81.11
C ALA D 90 -61.47 23.85 80.83
N ARG D 91 -61.51 24.26 79.56
CA ARG D 91 -60.92 25.52 79.14
C ARG D 91 -61.84 26.69 79.46
N ALA D 92 -61.28 27.90 79.39
CA ALA D 92 -62.03 29.11 79.70
C ALA D 92 -61.47 30.26 78.86
N GLN D 93 -62.29 31.30 78.72
CA GLN D 93 -61.89 32.49 77.98
C GLN D 93 -61.25 33.52 78.92
N VAL D 94 -60.58 34.50 78.32
CA VAL D 94 -59.86 35.53 79.04
C VAL D 94 -60.54 36.87 78.78
N THR D 95 -60.87 37.58 79.86
CA THR D 95 -61.50 38.89 79.77
C THR D 95 -60.66 40.03 80.32
N ASP D 96 -59.67 39.75 81.16
CA ASP D 96 -58.80 40.78 81.73
C ASP D 96 -57.39 40.59 81.20
N TYR D 97 -56.77 41.67 80.75
CA TYR D 97 -55.43 41.65 80.18
C TYR D 97 -54.54 42.66 80.89
N ILE D 98 -54.59 42.64 82.22
CA ILE D 98 -53.69 43.49 83.02
C ILE D 98 -52.27 42.92 82.94
N PRO D 99 -51.28 43.71 82.55
CA PRO D 99 -49.90 43.19 82.49
C PRO D 99 -49.34 42.91 83.88
N GLY D 100 -48.44 41.94 83.93
CA GLY D 100 -47.83 41.54 85.18
C GLY D 100 -46.32 41.49 85.08
N PRO D 101 -45.70 40.38 85.53
CA PRO D 101 -46.29 39.20 86.18
C PRO D 101 -46.57 39.44 87.67
N TYR D 102 -47.60 38.82 88.25
CA TYR D 102 -48.52 37.91 87.57
C TYR D 102 -49.74 38.66 87.02
N LEU D 103 -50.62 37.92 86.35
CA LEU D 103 -51.79 38.51 85.69
C LEU D 103 -53.04 38.19 86.49
N ARG D 104 -53.81 39.23 86.81
CA ARG D 104 -55.07 39.09 87.54
C ARG D 104 -56.22 38.95 86.55
N ALA D 105 -56.23 37.82 85.84
CA ALA D 105 -57.25 37.50 84.87
C ALA D 105 -58.17 36.43 85.43
N ARG D 106 -59.48 36.69 85.38
CA ARG D 106 -60.47 35.75 85.87
C ARG D 106 -60.96 34.89 84.71
N GLY D 107 -60.94 33.56 84.91
CA GLY D 107 -61.38 32.66 83.86
C GLY D 107 -62.88 32.71 83.64
N GLU D 108 -63.28 32.41 82.42
CA GLU D 108 -64.68 32.44 82.01
C GLU D 108 -65.31 31.06 82.23
N VAL D 109 -66.48 30.85 81.64
CA VAL D 109 -67.22 29.60 81.76
C VAL D 109 -66.50 28.49 81.00
N PHE D 110 -66.91 27.24 81.26
CA PHE D 110 -66.28 26.09 80.63
C PHE D 110 -66.60 26.05 79.15
N SER D 111 -65.56 25.92 78.32
CA SER D 111 -65.71 25.96 76.88
C SER D 111 -65.41 24.63 76.19
N GLU D 112 -64.94 23.63 76.94
CA GLU D 112 -64.69 22.32 76.35
C GLU D 112 -66.01 21.63 76.05
N ILE D 113 -66.16 21.12 74.83
CA ILE D 113 -67.41 20.52 74.38
C ILE D 113 -67.13 19.11 73.88
N PHE D 114 -68.09 18.21 74.10
CA PHE D 114 -67.98 16.84 73.60
C PHE D 114 -68.24 16.83 72.10
N PRO D 115 -67.37 16.22 71.31
CA PRO D 115 -67.56 16.21 69.85
C PRO D 115 -68.74 15.34 69.42
N ILE D 116 -69.31 15.71 68.28
CA ILE D 116 -70.43 14.96 67.70
C ILE D 116 -69.88 13.66 67.12
N ASP D 117 -70.71 12.60 67.18
CA ASP D 117 -70.39 11.25 66.72
C ASP D 117 -69.17 10.69 67.45
N GLU D 118 -69.39 10.46 68.76
CA GLU D 118 -68.33 10.04 69.68
C GLU D 118 -67.74 8.67 69.35
N ALA D 119 -68.44 7.84 68.57
CA ALA D 119 -67.89 6.55 68.19
C ALA D 119 -66.71 6.70 67.23
N VAL D 120 -66.84 7.59 66.24
CA VAL D 120 -65.75 7.85 65.30
C VAL D 120 -64.58 8.52 66.01
N VAL D 121 -64.89 9.40 66.98
CA VAL D 121 -63.86 10.03 67.81
C VAL D 121 -63.13 8.99 68.63
N ARG D 122 -63.86 8.03 69.21
CA ARG D 122 -63.24 6.95 69.98
C ARG D 122 -62.37 6.05 69.11
N VAL D 123 -62.82 5.80 67.86
CA VAL D 123 -62.01 5.02 66.91
C VAL D 123 -60.71 5.77 66.59
N LEU D 124 -60.79 7.08 66.41
CA LEU D 124 -59.58 7.87 66.15
C LEU D 124 -58.66 7.94 67.36
N VAL D 125 -59.22 7.99 68.58
CA VAL D 125 -58.42 7.94 69.81
C VAL D 125 -57.71 6.60 69.94
N GLU D 126 -58.40 5.50 69.64
CA GLU D 126 -57.76 4.18 69.69
C GLU D 126 -56.70 4.02 68.60
N GLU D 127 -56.92 4.61 67.42
CA GLU D 127 -55.90 4.56 66.37
C GLU D 127 -54.66 5.35 66.76
N LEU D 128 -54.84 6.54 67.37
CA LEU D 128 -53.69 7.29 67.85
C LEU D 128 -53.05 6.60 69.05
N LYS D 129 -53.82 5.86 69.84
CA LYS D 129 -53.26 5.08 70.94
C LYS D 129 -52.37 3.95 70.42
N GLU D 130 -52.79 3.28 69.35
CA GLU D 130 -51.95 2.27 68.71
C GLU D 130 -50.72 2.91 68.07
N ALA D 131 -50.88 4.09 67.46
CA ALA D 131 -49.74 4.79 66.86
C ALA D 131 -48.73 5.22 67.93
N PHE D 132 -49.21 5.69 69.08
CA PHE D 132 -48.32 6.07 70.17
C PHE D 132 -47.66 4.84 70.80
N GLU D 133 -48.39 3.73 70.86
CA GLU D 133 -47.81 2.48 71.34
C GLU D 133 -46.68 2.01 70.46
N LYS D 134 -46.87 2.06 69.13
CA LYS D 134 -45.79 1.71 68.22
C LYS D 134 -44.67 2.76 68.22
N TYR D 135 -45.01 4.01 68.54
CA TYR D 135 -44.00 5.06 68.64
C TYR D 135 -43.05 4.82 69.81
N VAL D 136 -43.60 4.46 70.97
CA VAL D 136 -42.75 4.12 72.12
C VAL D 136 -42.08 2.76 71.88
N ALA D 137 -42.74 1.86 71.15
CA ALA D 137 -42.15 0.56 70.83
C ALA D 137 -40.96 0.67 69.89
N ASN D 138 -40.92 1.68 69.03
CA ASN D 138 -39.70 1.93 68.25
C ASN D 138 -38.63 2.56 69.12
N HIS D 139 -39.03 3.35 70.11
CA HIS D 139 -38.12 3.89 71.10
C HIS D 139 -37.72 2.86 72.15
N LYS D 140 -38.35 1.69 72.16
CA LYS D 140 -37.89 0.57 72.98
C LYS D 140 -36.56 0.01 72.49
N SER D 141 -36.18 0.32 71.24
CA SER D 141 -34.81 0.09 70.79
C SER D 141 -33.81 0.92 71.60
N LEU D 142 -34.23 2.09 72.08
CA LEU D 142 -33.45 2.90 73.01
C LEU D 142 -33.77 2.57 74.46
N ARG D 143 -34.35 1.38 74.72
CA ARG D 143 -34.70 0.88 76.06
C ARG D 143 -35.62 1.84 76.82
N LEU D 144 -36.57 2.43 76.11
CA LEU D 144 -37.58 3.25 76.74
C LEU D 144 -38.69 2.37 77.30
N ASP D 145 -39.02 2.57 78.58
CA ASP D 145 -40.06 1.80 79.22
C ASP D 145 -41.44 2.25 78.76
N ARG D 146 -42.44 1.41 78.98
CA ARG D 146 -43.80 1.63 78.53
C ARG D 146 -44.65 2.01 79.74
N TYR D 147 -44.69 3.30 80.06
CA TYR D 147 -45.51 3.80 81.15
C TYR D 147 -46.51 4.87 80.75
N GLN D 148 -46.26 5.61 79.67
CA GLN D 148 -47.23 6.60 79.21
C GLN D 148 -48.43 5.93 78.54
N LEU D 149 -48.23 4.73 78.01
CA LEU D 149 -49.35 3.97 77.44
C LEU D 149 -50.33 3.55 78.52
N GLU D 150 -49.83 3.16 79.70
CA GLU D 150 -50.71 2.87 80.82
C GLU D 150 -51.39 4.12 81.35
N ALA D 151 -50.75 5.28 81.17
CA ALA D 151 -51.39 6.54 81.55
C ALA D 151 -52.51 6.90 80.59
N VAL D 152 -52.33 6.62 79.29
CA VAL D 152 -53.39 6.89 78.31
C VAL D 152 -54.35 5.72 78.15
N LYS D 153 -54.25 4.69 78.97
CA LYS D 153 -55.22 3.61 79.01
C LYS D 153 -55.88 3.55 80.39
N GLY D 154 -56.94 2.74 80.47
CA GLY D 154 -57.66 2.56 81.71
C GLY D 154 -58.91 3.41 81.86
N THR D 155 -59.09 4.42 81.02
CA THR D 155 -60.28 5.26 81.05
C THR D 155 -61.04 5.08 79.74
N SER D 156 -62.38 5.03 79.84
CA SER D 156 -63.22 4.70 78.70
C SER D 156 -63.89 5.91 78.06
N ASP D 157 -63.97 7.05 78.75
CA ASP D 157 -64.52 8.26 78.17
C ASP D 157 -63.45 8.94 77.33
N PRO D 158 -63.71 9.24 76.05
CA PRO D 158 -62.66 9.84 75.20
C PRO D 158 -62.29 11.27 75.57
N ALA D 159 -63.07 11.95 76.42
CA ALA D 159 -62.79 13.33 76.79
C ALA D 159 -61.47 13.46 77.55
N MET D 160 -61.20 12.54 78.49
CA MET D 160 -59.89 12.55 79.13
C MET D 160 -58.86 11.82 78.30
N LEU D 161 -59.29 10.90 77.43
CA LEU D 161 -58.35 10.10 76.63
C LEU D 161 -57.61 10.96 75.62
N ALA D 162 -58.34 11.80 74.88
CA ALA D 162 -57.70 12.68 73.90
C ALA D 162 -56.81 13.70 74.58
N ASP D 163 -57.22 14.17 75.76
CA ASP D 163 -56.41 15.13 76.52
C ASP D 163 -55.11 14.50 77.01
N THR D 164 -55.16 13.28 77.54
CA THR D 164 -53.91 12.67 78.03
C THR D 164 -53.03 12.19 76.88
N ILE D 165 -53.60 11.84 75.73
CA ILE D 165 -52.77 11.51 74.57
C ILE D 165 -52.09 12.77 74.03
N ALA D 166 -52.83 13.89 73.97
CA ALA D 166 -52.24 15.14 73.51
C ALA D 166 -51.22 15.69 74.50
N TYR D 167 -51.37 15.39 75.80
CA TYR D 167 -50.34 15.75 76.76
C TYR D 167 -49.10 14.88 76.61
N HIS D 168 -49.29 13.56 76.50
CA HIS D 168 -48.14 12.66 76.48
C HIS D 168 -47.42 12.67 75.13
N ALA D 169 -48.03 13.22 74.09
CA ALA D 169 -47.34 13.55 72.85
C ALA D 169 -46.86 14.97 72.98
N THR D 170 -45.56 15.15 73.22
CA THR D 170 -45.01 16.46 73.54
C THR D 170 -44.70 17.24 72.27
N TRP D 171 -45.24 18.45 72.17
CA TRP D 171 -45.01 19.33 71.02
C TRP D 171 -44.59 20.71 71.49
N THR D 172 -44.54 21.67 70.56
CA THR D 172 -44.19 23.04 70.89
C THR D 172 -45.32 23.71 71.67
N VAL D 173 -44.96 24.79 72.36
CA VAL D 173 -45.91 25.48 73.24
C VAL D 173 -46.97 26.21 72.42
N ALA D 174 -46.60 26.74 71.25
CA ALA D 174 -47.57 27.43 70.40
C ALA D 174 -48.60 26.46 69.82
N GLU D 175 -48.15 25.27 69.38
CA GLU D 175 -49.10 24.28 68.89
C GLU D 175 -49.95 23.71 70.01
N LYS D 176 -49.41 23.63 71.24
CA LYS D 176 -50.23 23.23 72.37
C LYS D 176 -51.26 24.30 72.71
N GLN D 177 -50.92 25.58 72.50
CA GLN D 177 -51.91 26.65 72.62
C GLN D 177 -52.98 26.54 71.55
N GLU D 178 -52.60 26.14 70.33
CA GLU D 178 -53.59 25.89 69.28
C GLU D 178 -54.49 24.71 69.64
N ILE D 179 -53.95 23.70 70.31
CA ILE D 179 -54.75 22.60 70.84
C ILE D 179 -55.71 23.11 71.91
N LEU D 180 -55.22 24.00 72.79
CA LEU D 180 -56.05 24.50 73.89
C LEU D 180 -57.18 25.40 73.40
N GLU D 181 -56.92 26.18 72.35
CA GLU D 181 -57.95 27.07 71.80
C GLU D 181 -59.10 26.27 71.17
N LEU D 182 -58.76 25.25 70.38
CA LEU D 182 -59.76 24.45 69.71
C LEU D 182 -60.44 23.51 70.70
N THR D 183 -61.73 23.29 70.50
CA THR D 183 -62.48 22.36 71.34
C THR D 183 -62.73 21.02 70.67
N ASP D 184 -62.68 20.96 69.35
CA ASP D 184 -62.79 19.69 68.64
C ASP D 184 -61.51 18.87 68.81
N LEU D 185 -61.65 17.56 68.65
CA LEU D 185 -60.54 16.65 68.88
C LEU D 185 -60.02 15.96 67.62
N GLU D 186 -60.77 16.01 66.52
CA GLU D 186 -60.41 15.23 65.32
C GLU D 186 -59.11 15.73 64.68
N ALA D 187 -58.96 17.05 64.59
CA ALA D 187 -57.81 17.64 63.90
C ALA D 187 -56.50 17.35 64.63
N ARG D 188 -56.50 17.46 65.96
CA ARG D 188 -55.28 17.16 66.71
C ARG D 188 -54.96 15.66 66.69
N LEU D 189 -55.98 14.80 66.63
CA LEU D 189 -55.74 13.36 66.53
C LEU D 189 -55.08 13.01 65.20
N LYS D 190 -55.60 13.55 64.10
CA LYS D 190 -55.00 13.31 62.78
C LYS D 190 -53.61 13.92 62.68
N LYS D 191 -53.41 15.11 63.26
CA LYS D 191 -52.11 15.78 63.22
C LYS D 191 -51.04 14.99 63.98
N VAL D 192 -51.37 14.55 65.20
CA VAL D 192 -50.42 13.79 66.00
C VAL D 192 -50.15 12.42 65.37
N LEU D 193 -51.17 11.81 64.76
CA LEU D 193 -50.98 10.52 64.08
C LEU D 193 -50.05 10.67 62.88
N GLY D 194 -50.23 11.72 62.08
CA GLY D 194 -49.35 11.95 60.95
C GLY D 194 -47.91 12.26 61.37
N LEU D 195 -47.75 13.08 62.42
CA LEU D 195 -46.42 13.43 62.90
C LEU D 195 -45.68 12.20 63.46
N LEU D 196 -46.40 11.37 64.23
CA LEU D 196 -45.77 10.17 64.79
C LEU D 196 -45.41 9.16 63.70
N SER D 197 -46.28 9.02 62.69
CA SER D 197 -45.98 8.12 61.57
C SER D 197 -44.76 8.60 60.78
N ARG D 198 -44.65 9.91 60.58
CA ARG D 198 -43.48 10.47 59.90
C ARG D 198 -42.21 10.27 60.72
N ASP D 199 -42.31 10.39 62.05
CA ASP D 199 -41.17 10.14 62.92
C ASP D 199 -40.71 8.68 62.86
N LEU D 200 -41.66 7.75 62.84
CA LEU D 200 -41.32 6.32 62.71
C LEU D 200 -40.63 6.04 61.38
N GLU D 201 -41.14 6.64 60.30
CA GLU D 201 -40.51 6.47 58.99
C GLU D 201 -39.09 7.03 58.98
N ARG D 202 -38.86 8.18 59.63
CA ARG D 202 -37.52 8.76 59.69
C ARG D 202 -36.56 7.89 60.49
N PHE D 203 -36.99 7.37 61.64
CA PHE D 203 -36.09 6.55 62.47
C PHE D 203 -35.74 5.23 61.79
N GLU D 204 -36.74 4.57 61.19
CA GLU D 204 -36.48 3.32 60.49
C GLU D 204 -35.62 3.55 59.25
N LEU D 205 -35.83 4.67 58.56
CA LEU D 205 -34.99 5.03 57.41
C LEU D 205 -33.54 5.28 57.84
N ASP D 206 -33.35 5.93 58.99
CA ASP D 206 -31.99 6.17 59.50
C ASP D 206 -31.28 4.86 59.84
N LYS D 207 -32.01 3.91 60.44
CA LYS D 207 -31.41 2.61 60.74
C LYS D 207 -31.03 1.85 59.46
N ARG D 208 -31.90 1.89 58.44
CA ARG D 208 -31.58 1.21 57.17
C ARG D 208 -30.41 1.87 56.45
N VAL D 209 -30.32 3.21 56.50
CA VAL D 209 -29.16 3.90 55.91
C VAL D 209 -27.88 3.54 56.64
N ALA D 210 -27.92 3.44 57.98
CA ALA D 210 -26.73 3.05 58.74
C ALA D 210 -26.26 1.64 58.40
N GLN D 211 -27.20 0.70 58.30
CA GLN D 211 -26.82 -0.67 57.96
C GLN D 211 -26.34 -0.79 56.52
N ARG D 212 -26.94 -0.01 55.61
CA ARG D 212 -26.53 -0.06 54.21
C ARG D 212 -25.14 0.54 54.02
N VAL D 213 -24.84 1.63 54.75
CA VAL D 213 -23.51 2.22 54.72
C VAL D 213 -22.48 1.26 55.30
N LYS D 214 -22.87 0.51 56.34
CA LYS D 214 -21.99 -0.53 56.89
C LYS D 214 -21.68 -1.61 55.84
N GLU D 215 -22.71 -2.09 55.13
CA GLU D 215 -22.45 -3.11 54.11
C GLU D 215 -21.70 -2.55 52.91
N GLN D 216 -21.89 -1.25 52.63
CA GLN D 216 -21.14 -0.60 51.56
C GLN D 216 -19.65 -0.52 51.90
N MET D 217 -19.33 -0.21 53.16
CA MET D 217 -17.91 -0.20 53.52
C MET D 217 -17.36 -1.62 53.65
N ASP D 218 -18.23 -2.62 53.85
CA ASP D 218 -17.78 -4.01 53.68
C ASP D 218 -17.38 -4.30 52.25
N THR D 219 -18.17 -3.81 51.28
CA THR D 219 -17.83 -3.99 49.88
C THR D 219 -16.55 -3.24 49.52
N ASN D 220 -16.38 -2.04 50.08
CA ASN D 220 -15.17 -1.26 49.81
C ASN D 220 -13.94 -1.90 50.44
N GLN D 221 -14.06 -2.45 51.66
CA GLN D 221 -12.91 -3.10 52.28
C GLN D 221 -12.63 -4.44 51.61
N ARG D 222 -13.65 -4.97 50.93
CA ARG D 222 -13.42 -6.21 50.13
C ARG D 222 -12.61 -5.84 48.89
N GLU D 223 -12.96 -4.71 48.23
CA GLU D 223 -12.20 -4.28 47.06
C GLU D 223 -10.78 -3.89 47.46
N SER D 224 -10.62 -3.30 48.65
CA SER D 224 -9.28 -3.00 49.15
C SER D 224 -8.48 -4.27 49.37
N TYR D 225 -9.04 -5.26 50.08
CA TYR D 225 -8.27 -6.45 50.45
C TYR D 225 -7.91 -7.28 49.22
N LEU D 226 -8.78 -7.32 48.22
CA LEU D 226 -8.39 -7.95 46.97
C LEU D 226 -7.30 -7.12 46.27
N ARG D 227 -7.27 -5.80 46.49
CA ARG D 227 -6.16 -5.03 45.93
C ARG D 227 -4.83 -5.27 46.65
N GLU D 228 -4.81 -5.46 47.99
CA GLU D 228 -3.48 -5.75 48.55
C GLU D 228 -3.12 -7.23 48.47
N GLN D 229 -4.06 -8.11 48.12
CA GLN D 229 -3.60 -9.44 47.70
C GLN D 229 -3.12 -9.41 46.25
N MET D 230 -3.66 -8.51 45.45
CA MET D 230 -3.11 -8.23 44.12
C MET D 230 -1.71 -7.64 44.23
N LYS D 231 -1.51 -6.74 45.19
CA LYS D 231 -0.21 -6.12 45.40
C LYS D 231 0.75 -7.05 46.15
N ALA D 232 0.22 -7.87 47.06
CA ALA D 232 1.05 -8.80 47.80
C ALA D 232 1.63 -9.87 46.90
N ILE D 233 0.89 -10.22 45.84
CA ILE D 233 1.43 -11.15 44.87
C ILE D 233 2.27 -10.39 43.84
N GLN D 234 2.20 -9.06 43.83
CA GLN D 234 3.18 -8.30 43.05
C GLN D 234 4.53 -8.28 43.75
N LYS D 235 4.55 -8.41 45.08
CA LYS D 235 5.76 -8.88 45.74
C LYS D 235 5.97 -10.36 45.41
N GLU D 236 7.23 -10.79 45.54
CA GLU D 236 7.79 -12.11 45.20
C GLU D 236 7.68 -12.48 43.72
N LEU D 237 7.13 -11.62 42.84
CA LEU D 237 6.88 -11.98 41.46
C LEU D 237 7.28 -10.85 40.53
N GLY D 238 7.89 -11.22 39.40
CA GLY D 238 8.27 -10.28 38.36
C GLY D 238 9.27 -9.25 38.81
N GLY D 239 8.84 -8.00 38.87
CA GLY D 239 9.64 -6.96 39.47
C GLY D 239 8.78 -6.06 40.33
N GLU D 240 9.07 -6.00 41.62
CA GLU D 240 8.39 -5.04 42.47
C GLU D 240 8.79 -3.62 42.13
N ASP D 241 10.08 -3.39 41.85
CA ASP D 241 10.47 -2.18 41.15
C ASP D 241 9.86 -2.20 39.75
N GLY D 242 9.39 -1.04 39.32
CA GLY D 242 8.60 -1.00 38.11
C GLY D 242 7.12 -1.13 38.42
N LEU D 243 6.70 -2.20 39.08
CA LEU D 243 5.28 -2.36 39.40
C LEU D 243 4.87 -1.47 40.56
N SER D 244 5.74 -1.28 41.55
CA SER D 244 5.45 -0.29 42.59
C SER D 244 5.50 1.13 42.02
N ASP D 245 6.34 1.34 41.01
CA ASP D 245 6.27 2.57 40.22
C ASP D 245 4.92 2.70 39.55
N LEU D 246 4.37 1.59 39.04
CA LEU D 246 3.05 1.65 38.43
C LEU D 246 1.95 1.93 39.44
N GLU D 247 2.08 1.43 40.67
CA GLU D 247 1.03 1.69 41.67
C GLU D 247 1.11 3.11 42.21
N ALA D 248 2.32 3.62 42.49
CA ALA D 248 2.45 5.03 42.86
C ALA D 248 2.10 5.93 41.68
N LEU D 249 2.44 5.45 40.47
CA LEU D 249 2.07 6.20 39.24
C LEU D 249 0.56 6.30 39.16
N ARG D 250 -0.14 5.16 39.34
CA ARG D 250 -1.58 5.18 39.23
C ARG D 250 -2.23 5.93 40.37
N LYS D 251 -1.55 6.06 41.51
CA LYS D 251 -2.04 6.95 42.55
C LYS D 251 -1.90 8.40 42.15
N LYS D 252 -0.79 8.74 41.46
CA LYS D 252 -0.66 10.05 40.84
C LYS D 252 -1.71 10.24 39.76
N ILE D 253 -2.05 9.16 39.06
CA ILE D 253 -3.05 9.22 38.01
C ILE D 253 -4.42 9.53 38.59
N GLU D 254 -4.76 8.87 39.70
CA GLU D 254 -6.05 9.10 40.36
C GLU D 254 -6.10 10.48 41.01
N GLU D 255 -4.99 10.93 41.60
CA GLU D 255 -5.06 12.11 42.45
C GLU D 255 -5.03 13.42 41.67
N VAL D 256 -4.57 13.44 40.42
CA VAL D 256 -4.88 14.55 39.54
C VAL D 256 -6.37 14.47 39.23
N GLY D 257 -7.04 15.62 39.20
CA GLY D 257 -8.49 15.59 39.25
C GLY D 257 -9.16 15.39 37.92
N MET D 258 -9.52 14.14 37.64
CA MET D 258 -10.17 13.78 36.39
C MET D 258 -11.64 14.20 36.40
N PRO D 259 -12.18 14.61 35.26
CA PRO D 259 -13.63 14.59 35.06
C PRO D 259 -14.14 13.15 35.10
N GLU D 260 -15.43 13.03 35.39
CA GLU D 260 -15.97 11.72 35.78
C GLU D 260 -16.06 10.76 34.60
N ALA D 261 -16.44 11.25 33.41
CA ALA D 261 -16.33 10.41 32.22
C ALA D 261 -14.88 10.09 31.90
N VAL D 262 -14.01 11.10 32.05
CA VAL D 262 -12.58 10.92 31.88
C VAL D 262 -12.05 9.93 32.91
N LYS D 263 -12.50 10.04 34.16
CA LYS D 263 -12.04 9.13 35.22
C LYS D 263 -12.52 7.71 34.99
N THR D 264 -13.79 7.54 34.61
CA THR D 264 -14.33 6.19 34.40
C THR D 264 -13.71 5.52 33.19
N LYS D 265 -13.53 6.24 32.08
CA LYS D 265 -12.85 5.62 30.96
C LYS D 265 -11.35 5.56 31.15
N ALA D 266 -10.82 6.25 32.16
CA ALA D 266 -9.46 6.02 32.60
C ALA D 266 -9.35 4.84 33.54
N LEU D 267 -10.45 4.42 34.17
CA LEU D 267 -10.38 3.34 35.14
C LEU D 267 -10.16 1.98 34.48
N LYS D 268 -10.76 1.76 33.30
CA LYS D 268 -10.48 0.54 32.54
C LYS D 268 -9.03 0.50 32.09
N GLU D 269 -8.52 1.65 31.65
CA GLU D 269 -7.13 1.79 31.25
C GLU D 269 -6.20 1.66 32.45
N LEU D 270 -6.71 2.02 33.63
CA LEU D 270 -5.98 1.94 34.88
C LEU D 270 -5.84 0.49 35.33
N ASP D 271 -6.94 -0.26 35.25
CA ASP D 271 -6.91 -1.67 35.59
C ASP D 271 -6.30 -2.53 34.48
N ARG D 272 -6.13 -1.96 33.29
CA ARG D 272 -5.30 -2.56 32.25
C ARG D 272 -3.83 -2.22 32.38
N LEU D 273 -3.49 -1.09 33.01
CA LEU D 273 -2.11 -0.80 33.39
C LEU D 273 -1.64 -1.70 34.53
N GLU D 274 -2.58 -2.36 35.23
CA GLU D 274 -2.26 -3.36 36.24
C GLU D 274 -1.57 -4.59 35.68
N ARG D 275 -1.58 -4.78 34.36
CA ARG D 275 -0.77 -5.79 33.71
C ARG D 275 0.70 -5.56 34.01
N MET D 276 1.47 -6.65 34.10
CA MET D 276 2.89 -6.52 34.39
C MET D 276 3.60 -5.99 33.15
N GLN D 277 4.49 -5.02 33.37
CA GLN D 277 4.93 -4.11 32.32
C GLN D 277 5.74 -4.80 31.22
N GLN D 278 6.64 -5.70 31.61
CA GLN D 278 7.49 -6.33 30.60
C GLN D 278 6.75 -7.41 29.83
N GLY D 279 6.25 -8.43 30.55
CA GLY D 279 5.60 -9.56 29.91
C GLY D 279 4.29 -9.20 29.22
N SER D 280 3.56 -8.25 29.78
CA SER D 280 2.41 -7.65 29.09
C SER D 280 2.82 -6.22 28.74
N PRO D 281 3.43 -6.01 27.57
CA PRO D 281 3.94 -4.68 27.23
C PRO D 281 2.87 -3.69 26.79
N GLU D 282 1.60 -4.10 26.81
CA GLU D 282 0.50 -3.17 26.68
C GLU D 282 0.49 -2.18 27.84
N ALA D 283 0.81 -2.67 29.04
CA ALA D 283 0.94 -1.82 30.21
C ALA D 283 2.09 -0.84 30.07
N THR D 284 3.13 -1.20 29.32
CA THR D 284 4.27 -0.32 29.13
C THR D 284 3.90 0.94 28.36
N VAL D 285 3.10 0.79 27.29
CA VAL D 285 2.59 1.98 26.62
C VAL D 285 1.44 2.58 27.41
N ALA D 286 0.80 1.81 28.28
CA ALA D 286 -0.23 2.38 29.14
C ALA D 286 0.37 3.32 30.18
N ARG D 287 1.62 3.10 30.58
CA ARG D 287 2.33 4.09 31.41
C ARG D 287 2.45 5.40 30.67
N THR D 288 2.99 5.32 29.44
CA THR D 288 3.16 6.50 28.61
C THR D 288 1.85 7.04 28.07
N TYR D 289 0.74 6.36 28.36
CA TYR D 289 -0.57 6.88 28.09
C TYR D 289 -1.20 7.53 29.33
N LEU D 290 -1.12 6.89 30.48
CA LEU D 290 -1.86 7.41 31.62
C LEU D 290 -1.05 8.44 32.39
N ASP D 291 0.28 8.39 32.31
CA ASP D 291 1.08 9.53 32.70
C ASP D 291 0.82 10.70 31.79
N TRP D 292 0.69 10.43 30.50
CA TRP D 292 0.37 11.44 29.48
C TRP D 292 -1.12 11.72 29.43
N LEU D 293 -1.83 11.33 30.49
CA LEU D 293 -3.28 11.60 30.59
C LEU D 293 -3.53 12.28 31.93
N THR D 294 -2.73 11.94 32.95
CA THR D 294 -2.90 12.53 34.30
C THR D 294 -1.79 13.56 34.56
N GLU D 295 -0.54 13.24 34.20
CA GLU D 295 0.51 14.29 34.31
C GLU D 295 -0.04 15.47 33.51
N VAL D 296 -0.73 15.17 32.41
CA VAL D 296 -1.42 16.27 31.66
C VAL D 296 -2.39 16.91 32.67
N PRO D 297 -2.27 18.21 32.96
CA PRO D 297 -3.09 18.84 34.02
C PRO D 297 -4.60 18.60 33.91
N TRP D 298 -5.23 18.15 35.01
CA TRP D 298 -6.71 17.97 35.04
C TRP D 298 -7.21 18.61 36.34
N SER D 299 -8.11 19.59 36.25
CA SER D 299 -8.55 20.34 37.44
C SER D 299 -7.43 21.13 38.09
N LYS D 300 -6.60 21.80 37.27
CA LYS D 300 -5.50 22.63 37.76
C LYS D 300 -5.56 23.97 37.05
N ALA D 301 -5.47 25.07 37.80
CA ALA D 301 -5.72 26.39 37.25
C ALA D 301 -4.57 27.35 37.51
N ASP D 302 -4.56 28.45 36.75
CA ASP D 302 -3.72 29.63 36.85
C ASP D 302 -4.51 30.84 37.32
N PRO D 303 -3.84 31.87 37.83
CA PRO D 303 -4.47 33.19 37.90
C PRO D 303 -4.80 33.69 36.51
N GLU D 304 -5.93 34.41 36.41
CA GLU D 304 -6.47 34.82 35.13
C GLU D 304 -6.68 36.32 35.17
N VAL D 305 -5.81 37.06 34.50
CA VAL D 305 -5.83 38.52 34.57
C VAL D 305 -5.95 39.07 33.15
N LEU D 306 -7.15 39.53 32.80
CA LEU D 306 -7.40 40.25 31.55
C LEU D 306 -7.54 41.74 31.77
N ASP D 307 -6.75 42.32 32.67
CA ASP D 307 -6.83 43.74 32.93
C ASP D 307 -6.24 44.50 31.75
N ILE D 308 -7.10 45.26 31.06
CA ILE D 308 -6.83 45.74 29.71
C ILE D 308 -5.66 46.72 29.68
N ASN D 309 -5.61 47.66 30.63
CA ASN D 309 -4.50 48.60 30.66
C ASN D 309 -3.23 47.93 31.16
N HIS D 310 -3.37 47.02 32.14
CA HIS D 310 -2.23 46.26 32.64
C HIS D 310 -1.60 45.39 31.55
N THR D 311 -2.44 44.65 30.83
CA THR D 311 -1.95 43.83 29.73
C THR D 311 -1.33 44.69 28.63
N ARG D 312 -1.94 45.84 28.36
CA ARG D 312 -1.42 46.78 27.37
C ARG D 312 -0.03 47.27 27.74
N GLN D 313 0.13 47.72 28.98
CA GLN D 313 1.41 48.28 29.39
C GLN D 313 2.47 47.21 29.60
N VAL D 314 2.07 46.00 29.99
CA VAL D 314 3.04 44.93 30.16
C VAL D 314 3.55 44.48 28.79
N LEU D 315 2.65 44.44 27.80
CA LEU D 315 3.03 44.06 26.44
C LEU D 315 4.01 45.05 25.81
N ASP D 316 3.86 46.34 26.10
CA ASP D 316 4.69 47.34 25.45
C ASP D 316 6.09 47.45 26.04
N GLU D 317 6.37 46.76 27.14
CA GLU D 317 7.66 46.89 27.81
C GLU D 317 8.80 46.29 27.00
N ASP D 318 8.74 44.99 26.79
CA ASP D 318 9.85 44.26 26.19
C ASP D 318 9.89 44.37 24.68
N HIS D 319 8.90 45.03 24.08
CA HIS D 319 8.79 45.04 22.64
C HIS D 319 8.44 46.44 22.16
N TYR D 320 8.82 46.71 20.92
CA TYR D 320 8.24 47.83 20.20
C TYR D 320 7.08 47.36 19.35
N GLY D 321 7.27 46.22 18.68
CA GLY D 321 6.42 45.86 17.57
C GLY D 321 6.50 46.95 16.53
N LEU D 322 5.34 47.28 15.96
CA LEU D 322 5.16 48.54 15.28
C LEU D 322 4.11 49.37 15.98
N LYS D 323 3.54 48.83 17.07
CA LYS D 323 2.35 49.36 17.75
C LYS D 323 1.20 49.52 16.75
N ASP D 324 1.11 48.57 15.84
CA ASP D 324 -0.01 48.41 14.94
C ASP D 324 -0.74 47.10 15.17
N VAL D 325 -0.08 46.13 15.79
CA VAL D 325 -0.52 44.75 15.78
C VAL D 325 -0.73 44.26 17.21
N LYS D 326 -0.08 44.92 18.17
CA LYS D 326 -0.35 44.59 19.56
C LYS D 326 -1.74 45.01 19.97
N GLU D 327 -2.22 46.09 19.38
CA GLU D 327 -3.60 46.53 19.56
C GLU D 327 -4.57 45.50 18.99
N ARG D 328 -4.16 44.80 17.92
CA ARG D 328 -4.95 43.69 17.42
C ARG D 328 -5.00 42.53 18.40
N ILE D 329 -4.04 42.43 19.31
CA ILE D 329 -4.15 41.44 20.38
C ILE D 329 -5.03 41.97 21.49
N LEU D 330 -4.89 43.27 21.79
CA LEU D 330 -5.66 43.91 22.85
C LEU D 330 -7.16 43.88 22.57
N GLU D 331 -7.54 44.03 21.30
CA GLU D 331 -8.96 43.99 20.97
C GLU D 331 -9.52 42.59 21.15
N TYR D 332 -8.74 41.56 20.82
CA TYR D 332 -9.20 40.20 21.00
C TYR D 332 -9.35 39.87 22.48
N LEU D 333 -8.40 40.32 23.29
CA LEU D 333 -8.54 40.07 24.71
C LEU D 333 -9.63 40.93 25.33
N ALA D 334 -9.99 42.06 24.72
CA ALA D 334 -11.18 42.78 25.14
C ALA D 334 -12.45 42.06 24.73
N VAL D 335 -12.41 41.33 23.62
CA VAL D 335 -13.53 40.45 23.26
C VAL D 335 -13.67 39.34 24.28
N ARG D 336 -12.54 38.78 24.72
CA ARG D 336 -12.55 37.80 25.80
C ARG D 336 -13.03 38.41 27.12
N GLN D 337 -12.71 39.70 27.32
CA GLN D 337 -13.20 40.44 28.48
C GLN D 337 -14.71 40.56 28.47
N LEU D 338 -15.28 41.03 27.36
CA LEU D 338 -16.71 41.29 27.32
C LEU D 338 -17.51 40.04 27.00
N THR D 339 -17.25 39.43 25.85
CA THR D 339 -17.97 38.22 25.47
C THR D 339 -17.44 37.07 26.31
N GLN D 340 -17.98 36.93 27.52
CA GLN D 340 -17.50 35.90 28.43
C GLN D 340 -18.68 35.47 29.29
N GLY D 341 -19.38 34.42 28.86
CA GLY D 341 -20.44 33.83 29.64
C GLY D 341 -19.93 32.63 30.41
N LEU D 342 -18.68 32.75 30.90
CA LEU D 342 -17.92 31.68 31.56
C LEU D 342 -17.81 30.44 30.66
N ASP D 343 -17.68 30.68 29.36
CA ASP D 343 -17.47 29.62 28.38
C ASP D 343 -16.83 30.25 27.15
N VAL D 344 -16.19 29.41 26.35
CA VAL D 344 -15.68 29.87 25.06
C VAL D 344 -16.85 29.93 24.10
N ARG D 345 -17.11 31.13 23.58
CA ARG D 345 -18.20 31.30 22.63
C ARG D 345 -17.83 30.66 21.30
N ASN D 346 -18.86 30.28 20.55
CA ASN D 346 -18.71 30.09 19.12
C ASN D 346 -18.48 31.40 18.38
N LYS D 347 -18.68 32.54 19.05
CA LYS D 347 -18.37 33.84 18.48
C LYS D 347 -16.89 34.14 18.42
N ALA D 348 -16.04 33.34 19.07
CA ALA D 348 -14.67 33.74 19.36
C ALA D 348 -13.65 33.02 18.48
N PRO D 349 -13.15 33.64 17.43
CA PRO D 349 -12.25 32.96 16.50
C PRO D 349 -10.84 32.86 17.04
N ILE D 350 -9.97 32.20 16.26
CA ILE D 350 -8.64 31.79 16.71
C ILE D 350 -7.59 32.50 15.86
N LEU D 351 -6.54 32.98 16.50
CA LEU D 351 -5.72 34.06 15.96
C LEU D 351 -4.51 33.48 15.25
N VAL D 352 -4.26 33.94 14.04
CA VAL D 352 -3.11 33.48 13.29
C VAL D 352 -2.11 34.62 13.17
N LEU D 353 -0.84 34.26 13.10
CA LEU D 353 0.25 35.22 12.97
C LEU D 353 1.10 34.82 11.79
N VAL D 354 1.51 35.79 10.99
CA VAL D 354 2.25 35.52 9.76
C VAL D 354 3.18 36.69 9.50
N GLY D 355 4.34 36.40 8.93
CA GLY D 355 5.28 37.42 8.55
C GLY D 355 6.63 36.83 8.22
N PRO D 356 7.70 37.58 8.46
CA PRO D 356 9.02 37.00 8.39
C PRO D 356 9.20 35.92 9.45
N PRO D 357 9.92 34.86 9.14
CA PRO D 357 10.42 33.99 10.21
C PRO D 357 11.37 34.70 11.14
N GLY D 358 12.11 35.69 10.63
CA GLY D 358 13.13 36.36 11.40
C GLY D 358 12.63 37.17 12.57
N VAL D 359 11.39 37.64 12.53
CA VAL D 359 10.94 38.59 13.54
C VAL D 359 10.66 37.86 14.84
N GLY D 360 10.82 38.59 15.95
CA GLY D 360 10.55 38.00 17.25
C GLY D 360 9.09 37.69 17.42
N LYS D 361 8.78 36.45 17.78
CA LYS D 361 7.39 36.05 17.92
C LYS D 361 7.14 35.42 19.28
N THR D 362 8.13 34.68 19.79
CA THR D 362 7.91 33.86 20.98
C THR D 362 7.77 34.72 22.22
N SER D 363 8.54 35.80 22.31
CA SER D 363 8.42 36.64 23.49
C SER D 363 7.17 37.49 23.47
N LEU D 364 6.47 37.57 22.35
CA LEU D 364 5.12 38.13 22.36
C LEU D 364 4.21 37.28 23.22
N GLY D 365 4.21 35.97 22.97
CA GLY D 365 3.43 35.07 23.79
C GLY D 365 3.96 34.95 25.20
N ARG D 366 5.26 35.15 25.38
CA ARG D 366 5.80 35.20 26.73
C ARG D 366 5.32 36.44 27.47
N SER D 367 5.19 37.56 26.76
CA SER D 367 4.62 38.76 27.35
C SER D 367 3.14 38.56 27.68
N ILE D 368 2.44 37.81 26.83
CA ILE D 368 1.06 37.44 27.12
C ILE D 368 0.97 36.56 28.37
N ALA D 369 1.92 35.64 28.53
CA ALA D 369 1.96 34.80 29.72
C ALA D 369 2.28 35.62 30.97
N ARG D 370 3.10 36.67 30.82
CA ARG D 370 3.30 37.62 31.91
C ARG D 370 2.00 38.35 32.22
N SER D 371 1.29 38.79 31.18
CA SER D 371 0.11 39.62 31.35
C SER D 371 -1.04 38.86 31.98
N MET D 372 -1.33 37.68 31.44
CA MET D 372 -2.49 36.90 31.81
C MET D 372 -2.21 36.06 33.05
N ASN D 373 -0.94 36.02 33.45
CA ASN D 373 -0.42 35.24 34.58
C ASN D 373 -0.73 33.75 34.39
N ARG D 374 -0.35 33.24 33.23
CA ARG D 374 -0.56 31.85 32.89
C ARG D 374 0.75 31.19 32.50
N LYS D 375 0.79 29.87 32.69
CA LYS D 375 1.89 29.07 32.18
C LYS D 375 1.77 28.94 30.65
N PHE D 376 2.85 28.48 30.04
CA PHE D 376 2.79 28.11 28.64
C PHE D 376 3.76 26.97 28.39
N HIS D 377 3.64 26.38 27.21
CA HIS D 377 4.67 25.49 26.70
C HIS D 377 4.60 25.56 25.18
N ARG D 378 5.57 26.23 24.57
CA ARG D 378 5.62 26.29 23.12
C ARG D 378 5.98 24.93 22.55
N ILE D 379 5.63 24.75 21.27
CA ILE D 379 5.92 23.51 20.56
C ILE D 379 6.04 23.84 19.08
N SER D 380 6.80 23.01 18.37
CA SER D 380 7.17 23.28 16.99
C SER D 380 6.39 22.39 16.05
N LEU D 381 5.83 23.01 15.00
CA LEU D 381 4.89 22.34 14.09
C LEU D 381 5.39 22.53 12.66
N GLY D 382 6.65 22.20 12.42
CA GLY D 382 7.17 22.28 11.07
C GLY D 382 7.49 20.93 10.49
N GLY D 383 6.99 20.66 9.28
CA GLY D 383 7.32 19.44 8.57
C GLY D 383 6.77 18.16 9.18
N VAL D 384 5.70 18.26 9.96
CA VAL D 384 5.14 17.12 10.66
C VAL D 384 4.04 16.54 9.79
N ARG D 385 4.00 15.22 9.68
CA ARG D 385 3.26 14.55 8.62
C ARG D 385 2.22 13.56 9.10
N ASP D 386 2.40 12.96 10.28
CA ASP D 386 1.63 11.80 10.67
C ASP D 386 0.80 12.12 11.90
N GLU D 387 -0.47 11.70 11.89
CA GLU D 387 -1.30 11.72 13.09
C GLU D 387 -0.98 10.59 14.04
N ALA D 388 0.08 9.83 13.80
CA ALA D 388 0.77 9.16 14.89
C ALA D 388 1.40 10.17 15.84
N GLU D 389 1.73 11.36 15.34
CA GLU D 389 2.35 12.39 16.15
C GLU D 389 1.57 13.71 16.10
N ILE D 390 0.87 13.96 15.00
CA ILE D 390 -0.06 15.09 14.96
C ILE D 390 -1.21 14.85 15.92
N ARG D 391 -1.83 13.69 15.80
CA ARG D 391 -2.73 13.13 16.78
C ARG D 391 -1.91 12.07 17.52
N GLY D 392 -2.48 11.46 18.55
CA GLY D 392 -1.83 10.32 19.14
C GLY D 392 -1.79 9.13 18.20
N HIS D 393 -0.79 8.28 18.40
CA HIS D 393 -0.70 7.03 17.65
C HIS D 393 -1.57 5.98 18.35
N ARG D 394 -2.08 5.03 17.57
CA ARG D 394 -2.88 3.96 18.16
C ARG D 394 -2.00 3.07 19.03
N ARG D 395 -2.39 2.90 20.29
CA ARG D 395 -1.62 2.16 21.27
C ARG D 395 -1.71 0.67 20.98
N THR D 396 -1.01 0.21 19.96
CA THR D 396 -1.08 -1.19 19.58
C THR D 396 -0.33 -2.06 20.58
N TYR D 397 0.83 -1.61 21.00
CA TYR D 397 1.63 -2.23 22.06
C TYR D 397 2.60 -1.17 22.56
N ILE D 398 3.61 -1.65 23.31
CA ILE D 398 4.71 -0.85 23.82
C ILE D 398 5.35 0.03 22.74
N GLY D 399 5.69 1.27 23.11
CA GLY D 399 6.41 2.14 22.22
C GLY D 399 5.56 2.84 21.20
N ALA D 400 4.24 2.75 21.29
CA ALA D 400 3.36 3.59 20.49
C ALA D 400 3.54 5.02 20.99
N MET D 401 3.97 5.90 20.12
CA MET D 401 4.26 7.21 20.65
C MET D 401 3.35 8.27 20.04
N PRO D 402 2.71 9.06 20.88
CA PRO D 402 1.63 9.91 20.40
C PRO D 402 2.08 11.26 19.86
N GLY D 403 3.33 11.61 20.11
CA GLY D 403 3.90 12.79 19.49
C GLY D 403 3.97 14.00 20.39
N LYS D 404 4.20 15.15 19.73
CA LYS D 404 4.66 16.35 20.40
C LYS D 404 3.58 17.00 21.24
N LEU D 405 2.33 16.85 20.81
CA LEU D 405 1.25 17.65 21.40
C LEU D 405 0.96 17.22 22.83
N ILE D 406 0.90 15.91 23.08
CA ILE D 406 0.46 15.41 24.37
C ILE D 406 1.57 15.56 25.39
N HIS D 407 2.82 15.40 24.96
CA HIS D 407 3.94 15.76 25.81
C HIS D 407 3.95 17.25 26.10
N ALA D 408 3.62 18.06 25.10
CA ALA D 408 3.71 19.52 25.21
C ALA D 408 2.71 20.05 26.22
N MET D 409 1.47 19.58 26.15
CA MET D 409 0.48 19.90 27.16
C MET D 409 0.46 18.89 28.30
N LYS D 410 1.50 18.04 28.38
CA LYS D 410 1.84 17.35 29.61
C LYS D 410 2.84 18.14 30.43
N GLN D 411 3.66 18.96 29.76
CA GLN D 411 4.66 19.74 30.48
C GLN D 411 4.03 20.85 31.29
N VAL D 412 2.87 21.34 30.87
CA VAL D 412 2.14 22.32 31.65
C VAL D 412 1.56 21.62 32.88
N GLY D 413 1.24 22.39 33.91
CA GLY D 413 0.66 21.81 35.10
C GLY D 413 -0.65 22.46 35.46
N VAL D 414 -1.31 23.08 34.48
CA VAL D 414 -2.63 23.67 34.63
C VAL D 414 -3.52 23.35 33.43
N ILE D 415 -4.84 23.33 33.66
CA ILE D 415 -5.78 23.20 32.55
C ILE D 415 -5.95 24.50 31.79
N ASN D 416 -5.39 25.61 32.28
CA ASN D 416 -5.39 26.87 31.55
C ASN D 416 -3.97 27.38 31.28
N PRO D 417 -3.23 26.75 30.36
CA PRO D 417 -2.08 27.44 29.79
C PRO D 417 -2.43 28.08 28.46
N VAL D 418 -1.58 28.99 28.04
CA VAL D 418 -1.63 29.50 26.69
C VAL D 418 -0.66 28.65 25.87
N ILE D 419 -1.05 28.27 24.66
CA ILE D 419 -0.30 27.27 23.91
C ILE D 419 0.17 27.90 22.61
N LEU D 420 1.47 27.85 22.38
CA LEU D 420 2.13 28.58 21.32
C LEU D 420 2.25 27.64 20.12
N LEU D 421 1.36 27.81 19.16
CA LEU D 421 1.33 26.94 17.99
C LEU D 421 2.13 27.64 16.90
N ASP D 422 3.19 26.99 16.44
CA ASP D 422 4.29 27.70 15.81
C ASP D 422 4.61 27.12 14.43
N GLU D 423 5.05 28.01 13.53
CA GLU D 423 5.43 27.75 12.12
C GLU D 423 4.50 26.75 11.44
N ILE D 424 3.21 27.08 11.47
CA ILE D 424 2.18 26.13 11.08
C ILE D 424 2.11 26.03 9.57
N ASP D 425 2.63 27.01 8.85
CA ASP D 425 2.67 26.97 7.39
C ASP D 425 3.64 25.91 6.84
N LYS D 426 4.48 25.32 7.69
CA LYS D 426 5.49 24.38 7.24
C LYS D 426 5.03 22.92 7.24
N MET D 427 3.72 22.65 7.25
CA MET D 427 3.24 21.27 7.32
C MET D 427 3.56 20.49 6.05
N SER D 428 3.65 19.16 6.21
CA SER D 428 3.64 18.21 5.11
C SER D 428 2.45 17.28 5.28
N SER D 429 1.31 17.65 4.69
CA SER D 429 0.05 16.98 4.93
C SER D 429 -0.02 15.73 4.06
N ASP D 430 -0.10 14.57 4.70
CA ASP D 430 -0.13 13.31 3.96
C ASP D 430 -0.80 12.27 4.86
N TRP D 431 -0.62 10.99 4.53
CA TRP D 431 -1.33 9.91 5.22
C TRP D 431 -0.69 9.64 6.57
N ARG D 432 -1.11 8.52 7.19
CA ARG D 432 -1.09 8.32 8.64
C ARG D 432 -1.74 9.53 9.32
N GLY D 433 -2.92 9.87 8.82
CA GLY D 433 -3.72 10.95 9.36
C GLY D 433 -3.21 12.33 8.97
N ASP D 434 -4.11 13.28 9.04
CA ASP D 434 -3.93 14.60 8.47
C ASP D 434 -3.77 15.65 9.55
N PRO D 435 -2.87 16.63 9.34
CA PRO D 435 -2.73 17.72 10.32
C PRO D 435 -3.97 18.58 10.46
N ALA D 436 -4.57 18.98 9.34
CA ALA D 436 -5.75 19.84 9.38
C ALA D 436 -6.96 19.14 9.99
N SER D 437 -6.98 17.80 9.97
CA SER D 437 -8.07 17.06 10.58
C SER D 437 -8.09 17.24 12.10
N ALA D 438 -6.99 16.86 12.77
CA ALA D 438 -6.91 16.99 14.21
C ALA D 438 -6.94 18.45 14.63
N MET D 439 -6.32 19.32 13.84
CA MET D 439 -6.37 20.74 14.18
C MET D 439 -7.78 21.31 14.02
N LEU D 440 -8.52 20.90 13.00
CA LEU D 440 -9.90 21.34 12.84
C LEU D 440 -10.79 20.80 13.95
N GLU D 441 -10.45 19.62 14.47
CA GLU D 441 -11.09 19.16 15.70
C GLU D 441 -10.82 20.12 16.86
N VAL D 442 -9.57 20.59 16.97
CA VAL D 442 -9.25 21.59 17.99
C VAL D 442 -9.96 22.92 17.71
N LEU D 443 -10.24 23.25 16.43
CA LEU D 443 -10.83 24.53 16.08
C LEU D 443 -12.27 24.67 16.52
N ASP D 444 -12.97 23.57 16.78
CA ASP D 444 -14.38 23.64 17.10
C ASP D 444 -14.55 24.05 18.55
N PRO D 445 -15.23 25.18 18.84
CA PRO D 445 -15.03 25.86 20.13
C PRO D 445 -15.59 25.13 21.34
N GLU D 446 -16.80 24.59 21.26
CA GLU D 446 -17.31 23.76 22.34
C GLU D 446 -17.04 22.29 22.10
N GLN D 447 -16.67 21.91 20.88
CA GLN D 447 -16.49 20.51 20.57
C GLN D 447 -15.07 20.04 20.86
N ASN D 448 -14.07 20.94 20.81
CA ASN D 448 -12.72 20.53 21.19
C ASN D 448 -12.59 20.29 22.68
N ASN D 449 -13.59 20.71 23.48
CA ASN D 449 -13.74 20.29 24.86
C ASN D 449 -13.78 18.77 25.00
N THR D 450 -14.25 18.08 23.96
CA THR D 450 -13.86 16.70 23.75
C THR D 450 -12.62 16.67 22.86
N PHE D 451 -11.55 16.03 23.30
CA PHE D 451 -10.41 15.83 22.41
C PHE D 451 -9.94 14.39 22.48
N THR D 452 -10.51 13.54 21.63
CA THR D 452 -10.19 12.13 21.61
C THR D 452 -9.23 11.84 20.46
N ASP D 453 -8.15 11.13 20.78
CA ASP D 453 -7.13 10.74 19.83
C ASP D 453 -7.09 9.22 19.71
N HIS D 454 -6.20 8.73 18.85
CA HIS D 454 -5.95 7.29 18.79
C HIS D 454 -5.32 6.83 20.09
N TYR D 455 -4.30 7.56 20.53
CA TYR D 455 -3.69 7.35 21.84
C TYR D 455 -4.72 7.77 22.88
N LEU D 456 -5.03 9.07 22.88
CA LEU D 456 -5.99 9.61 23.84
C LEU D 456 -7.38 9.18 23.47
N ASP D 457 -7.76 7.97 23.89
CA ASP D 457 -9.16 7.58 23.88
C ASP D 457 -9.99 8.48 24.76
N VAL D 458 -9.36 9.02 25.80
CA VAL D 458 -9.92 10.08 26.64
C VAL D 458 -10.17 11.33 25.80
N PRO D 459 -11.25 12.06 26.05
CA PRO D 459 -11.40 13.41 25.50
C PRO D 459 -10.77 14.44 26.43
N TYR D 460 -9.88 15.29 25.88
CA TYR D 460 -9.34 16.37 26.68
C TYR D 460 -10.22 17.61 26.60
N ASP D 461 -10.39 18.26 27.75
CA ASP D 461 -11.07 19.54 27.84
C ASP D 461 -10.23 20.71 27.34
N LEU D 462 -10.24 20.92 26.01
CA LEU D 462 -9.50 22.03 25.42
C LEU D 462 -10.24 23.36 25.52
N SER D 463 -11.47 23.36 26.03
CA SER D 463 -12.27 24.58 26.08
C SER D 463 -11.81 25.57 27.14
N LYS D 464 -10.88 25.18 28.02
CA LYS D 464 -10.31 26.12 28.98
C LYS D 464 -8.82 26.30 28.76
N VAL D 465 -8.33 25.89 27.59
CA VAL D 465 -6.94 26.08 27.19
C VAL D 465 -6.93 27.13 26.10
N PHE D 466 -6.02 28.09 26.20
CA PHE D 466 -5.86 29.07 25.15
C PHE D 466 -4.83 28.57 24.15
N PHE D 467 -5.06 28.85 22.88
CA PHE D 467 -4.15 28.47 21.83
C PHE D 467 -3.84 29.70 20.99
N ILE D 468 -2.56 29.91 20.71
CA ILE D 468 -2.15 30.98 19.83
C ILE D 468 -1.32 30.37 18.70
N THR D 469 -1.68 30.72 17.48
CA THR D 469 -1.19 30.05 16.29
C THR D 469 -0.35 31.01 15.48
N THR D 470 0.86 30.61 15.13
CA THR D 470 1.77 31.47 14.38
C THR D 470 2.33 30.71 13.18
N ALA D 471 2.44 31.43 12.06
CA ALA D 471 3.04 30.90 10.84
C ALA D 471 3.91 31.99 10.24
N ASN D 472 4.39 31.75 9.01
CA ASN D 472 5.22 32.73 8.32
C ASN D 472 4.95 32.84 6.82
N THR D 473 3.98 32.12 6.27
CA THR D 473 3.67 32.21 4.85
C THR D 473 2.21 31.87 4.64
N LEU D 474 1.44 32.84 4.14
CA LEU D 474 -0.02 32.79 4.25
C LEU D 474 -0.68 31.83 3.26
N GLN D 475 -0.10 31.63 2.08
CA GLN D 475 -0.83 30.92 1.03
C GLN D 475 -0.82 29.40 1.21
N THR D 476 -0.05 28.87 2.16
CA THR D 476 0.08 27.43 2.30
C THR D 476 -0.83 26.83 3.36
N ILE D 477 -1.50 27.64 4.15
CA ILE D 477 -2.44 27.11 5.15
C ILE D 477 -3.65 26.52 4.46
N PRO D 478 -4.08 25.31 4.81
CA PRO D 478 -5.32 24.76 4.26
C PRO D 478 -6.54 25.57 4.67
N ARG D 479 -7.50 25.63 3.75
CA ARG D 479 -8.78 26.28 4.02
C ARG D 479 -9.55 25.72 5.23
N PRO D 480 -9.57 24.41 5.54
CA PRO D 480 -10.19 23.98 6.82
C PRO D 480 -9.49 24.48 8.05
N LEU D 481 -8.26 24.96 7.95
CA LEU D 481 -7.66 25.66 9.06
C LEU D 481 -7.95 27.15 9.02
N LEU D 482 -8.53 27.65 7.93
CA LEU D 482 -9.11 28.99 7.93
C LEU D 482 -10.59 28.94 8.28
N ASP D 483 -10.91 28.27 9.38
CA ASP D 483 -12.27 28.09 9.85
C ASP D 483 -12.41 28.82 11.18
N ARG D 484 -13.09 29.96 11.13
CA ARG D 484 -13.28 30.86 12.28
C ARG D 484 -11.92 31.33 12.83
N MET D 485 -11.23 32.08 11.98
CA MET D 485 -9.93 32.68 12.25
C MET D 485 -10.03 34.19 12.41
N GLU D 486 -8.89 34.80 12.68
CA GLU D 486 -8.63 36.20 12.37
C GLU D 486 -7.12 36.38 12.22
N VAL D 487 -6.75 37.35 11.39
CA VAL D 487 -5.40 37.45 10.84
C VAL D 487 -4.70 38.65 11.46
N ILE D 488 -3.52 38.42 12.02
CA ILE D 488 -2.61 39.50 12.40
C ILE D 488 -1.30 39.23 11.69
N GLU D 489 -1.01 39.99 10.64
CA GLU D 489 0.29 39.91 10.00
C GLU D 489 1.34 40.55 10.90
N ILE D 490 2.56 40.04 10.84
CA ILE D 490 3.66 40.58 11.63
C ILE D 490 4.57 41.37 10.67
N PRO D 491 4.57 42.69 10.74
CA PRO D 491 5.53 43.46 9.93
C PRO D 491 6.95 43.26 10.43
N GLY D 492 7.89 43.39 9.50
CA GLY D 492 9.29 43.40 9.86
C GLY D 492 9.68 44.70 10.53
N TYR D 493 10.77 44.66 11.29
CA TYR D 493 11.28 45.86 11.92
C TYR D 493 11.99 46.71 10.90
N THR D 494 12.01 48.02 11.13
CA THR D 494 12.83 48.83 10.26
C THR D 494 14.27 48.72 10.72
N ASN D 495 15.17 49.25 9.88
CA ASN D 495 16.60 49.21 10.17
C ASN D 495 16.92 49.95 11.46
N MET D 496 16.37 51.14 11.62
CA MET D 496 16.55 51.88 12.87
C MET D 496 15.80 51.24 14.02
N GLU D 497 14.67 50.58 13.73
CA GLU D 497 14.00 49.80 14.76
C GLU D 497 14.87 48.65 15.21
N LYS D 498 15.56 48.01 14.27
CA LYS D 498 16.55 47.00 14.62
C LYS D 498 17.67 47.60 15.45
N GLN D 499 18.10 48.82 15.12
CA GLN D 499 19.13 49.49 15.89
C GLN D 499 18.70 49.72 17.33
N ALA D 500 17.54 50.32 17.52
CA ALA D 500 17.05 50.63 18.86
C ALA D 500 16.75 49.37 19.64
N ILE D 501 16.15 48.38 18.99
CA ILE D 501 15.82 47.12 19.64
C ILE D 501 17.07 46.38 20.02
N ALA D 502 18.11 46.44 19.17
CA ALA D 502 19.41 45.87 19.51
C ALA D 502 19.98 46.52 20.75
N ARG D 503 20.10 47.85 20.73
CA ARG D 503 20.76 48.57 21.81
C ARG D 503 19.97 48.57 23.11
N GLN D 504 18.68 48.30 23.07
CA GLN D 504 17.89 48.26 24.28
C GLN D 504 17.60 46.83 24.73
N TYR D 505 16.98 46.03 23.87
CA TYR D 505 16.62 44.68 24.22
C TYR D 505 17.80 43.74 24.04
N LEU D 506 18.45 43.77 22.87
CA LEU D 506 19.22 42.63 22.42
C LEU D 506 20.68 42.69 22.79
N TRP D 507 21.36 43.80 22.46
CA TRP D 507 22.75 43.93 22.88
C TRP D 507 22.94 43.91 24.40
N PRO D 508 22.10 44.54 25.24
CA PRO D 508 22.20 44.24 26.67
C PRO D 508 21.95 42.78 27.00
N LYS D 509 20.96 42.14 26.38
CA LYS D 509 20.80 40.71 26.63
C LYS D 509 21.87 39.89 25.94
N GLN D 510 22.52 40.45 24.91
CA GLN D 510 23.69 39.78 24.36
C GLN D 510 24.81 39.73 25.38
N VAL D 511 25.24 40.90 25.85
CA VAL D 511 26.38 40.99 26.74
C VAL D 511 26.06 40.41 28.11
N ARG D 512 24.78 40.27 28.45
CA ARG D 512 24.43 39.50 29.64
C ARG D 512 24.50 38.01 29.37
N GLU D 513 23.81 37.56 28.31
CA GLU D 513 23.75 36.14 28.02
C GLU D 513 25.01 35.60 27.39
N SER D 514 25.89 36.44 26.85
CA SER D 514 27.22 35.98 26.50
C SER D 514 28.17 36.01 27.68
N GLY D 515 27.71 36.44 28.84
CA GLY D 515 28.57 36.56 30.00
C GLY D 515 29.63 37.63 29.86
N MET D 516 29.28 38.76 29.26
CA MET D 516 30.28 39.73 28.83
C MET D 516 29.89 41.05 29.49
N GLU D 517 30.22 41.19 30.77
CA GLU D 517 29.54 42.17 31.61
C GLU D 517 30.42 43.38 31.89
N GLY D 518 29.99 44.53 31.35
CA GLY D 518 30.70 45.78 31.56
C GLY D 518 32.10 45.75 30.98
N ARG D 519 32.27 45.14 29.83
CA ARG D 519 33.59 44.89 29.28
C ARG D 519 33.80 45.49 27.91
N ILE D 520 32.73 45.70 27.14
CA ILE D 520 32.79 46.21 25.78
C ILE D 520 31.84 47.38 25.65
N GLU D 521 32.24 48.39 24.88
CA GLU D 521 31.28 49.36 24.41
C GLU D 521 30.99 49.08 22.96
N VAL D 522 29.72 49.11 22.59
CA VAL D 522 29.30 48.99 21.20
C VAL D 522 28.32 50.13 20.94
N THR D 523 28.62 50.96 19.96
CA THR D 523 27.72 52.04 19.63
C THR D 523 26.62 51.55 18.70
N ASP D 524 25.60 52.38 18.55
CA ASP D 524 24.60 52.12 17.53
C ASP D 524 25.14 52.38 16.13
N ALA D 525 26.20 53.18 16.02
CA ALA D 525 26.90 53.29 14.74
C ALA D 525 27.60 51.98 14.38
N ALA D 526 28.17 51.31 15.38
CA ALA D 526 28.76 50.00 15.17
C ALA D 526 27.72 49.00 14.70
N ILE D 527 26.58 48.97 15.40
CA ILE D 527 25.47 48.09 15.03
C ILE D 527 24.94 48.45 13.65
N LEU D 528 24.94 49.75 13.33
CA LEU D 528 24.50 50.22 12.02
C LEU D 528 25.40 49.70 10.92
N ARG D 529 26.72 49.77 11.11
CA ARG D 529 27.63 49.27 10.10
C ARG D 529 27.57 47.75 9.97
N VAL D 530 27.43 47.04 11.10
CA VAL D 530 27.29 45.58 11.08
C VAL D 530 26.05 45.15 10.32
N ILE D 531 24.91 45.78 10.62
CA ILE D 531 23.67 45.40 9.97
C ILE D 531 23.67 45.83 8.51
N SER D 532 24.11 47.07 8.23
CA SER D 532 24.10 47.62 6.89
C SER D 532 25.10 46.94 5.97
N GLU D 533 26.13 46.29 6.51
CA GLU D 533 27.17 45.73 5.69
C GLU D 533 27.34 44.23 5.83
N TYR D 534 26.60 43.59 6.71
CA TYR D 534 26.91 42.20 7.05
C TYR D 534 25.71 41.26 6.93
N THR D 535 24.52 41.70 7.27
CA THR D 535 23.35 40.82 7.24
C THR D 535 22.12 41.67 6.97
N ARG D 536 21.41 41.37 5.89
CA ARG D 536 20.22 42.12 5.50
C ARG D 536 18.95 41.32 5.79
N GLU D 537 18.94 40.56 6.88
CA GLU D 537 17.72 39.94 7.36
C GLU D 537 16.82 40.98 8.00
N ALA D 538 15.57 41.06 7.53
CA ALA D 538 14.65 42.07 8.04
C ALA D 538 14.21 41.72 9.46
N GLY D 539 14.03 40.44 9.75
CA GLY D 539 13.73 40.03 11.09
C GLY D 539 14.97 39.92 11.94
N VAL D 540 14.78 39.60 13.22
CA VAL D 540 15.91 39.46 14.14
C VAL D 540 16.28 37.98 14.17
N ARG D 541 16.97 37.53 13.12
CA ARG D 541 17.49 36.17 13.15
C ARG D 541 18.91 36.10 12.60
N GLY D 542 19.26 37.02 11.71
CA GLY D 542 20.64 37.12 11.29
C GLY D 542 21.36 38.13 12.17
N LEU D 543 20.56 39.04 12.73
CA LEU D 543 21.09 40.06 13.62
C LEU D 543 21.60 39.46 14.91
N GLU D 544 20.90 38.47 15.45
CA GLU D 544 21.38 37.80 16.65
C GLU D 544 22.65 37.03 16.38
N ARG D 545 22.78 36.49 15.15
CA ARG D 545 24.01 35.83 14.75
C ARG D 545 25.17 36.81 14.67
N GLU D 546 24.93 37.98 14.07
CA GLU D 546 25.94 39.03 14.00
C GLU D 546 26.34 39.50 15.39
N LEU D 547 25.35 39.69 16.26
CA LEU D 547 25.59 40.26 17.57
C LEU D 547 26.31 39.29 18.48
N GLY D 548 25.91 38.01 18.44
CA GLY D 548 26.66 36.99 19.16
C GLY D 548 28.04 36.79 18.60
N LYS D 549 28.23 36.99 17.31
CA LYS D 549 29.56 36.92 16.71
C LYS D 549 30.45 38.07 17.17
N ILE D 550 29.88 39.26 17.30
CA ILE D 550 30.63 40.41 17.81
C ILE D 550 31.04 40.18 19.25
N ALA D 551 30.08 39.75 20.08
CA ALA D 551 30.37 39.39 21.46
C ALA D 551 31.31 38.20 21.54
N ARG D 552 31.30 37.35 20.53
CA ARG D 552 32.18 36.20 20.48
C ARG D 552 33.63 36.64 20.34
N LYS D 553 33.84 37.54 19.37
CA LYS D 553 35.16 38.14 19.16
C LYS D 553 35.64 38.86 20.40
N GLY D 554 34.81 39.76 20.93
CA GLY D 554 35.17 40.52 22.11
C GLY D 554 35.39 39.67 23.35
N ALA D 555 34.65 38.56 23.48
CA ALA D 555 34.85 37.63 24.57
C ALA D 555 36.21 36.96 24.49
N LYS D 556 36.63 36.60 23.27
CA LYS D 556 37.97 36.04 23.13
C LYS D 556 39.01 37.09 23.48
N PHE D 557 38.80 38.34 23.02
CA PHE D 557 39.77 39.41 23.27
C PHE D 557 39.91 39.72 24.76
N TRP D 558 38.79 39.71 25.48
CA TRP D 558 38.86 39.90 26.94
C TRP D 558 39.44 38.69 27.64
N LEU D 559 39.36 37.50 27.04
CA LEU D 559 39.98 36.34 27.68
C LEU D 559 41.50 36.46 27.74
N GLU D 560 42.15 36.98 26.70
CA GLU D 560 43.57 37.26 26.87
C GLU D 560 43.85 38.55 27.64
N GLY D 561 42.84 39.23 28.17
CA GLY D 561 43.12 40.31 29.11
C GLY D 561 41.96 41.19 29.53
N ALA D 562 41.93 41.52 30.81
CA ALA D 562 40.97 42.48 31.36
C ALA D 562 41.65 43.85 31.48
N TRP D 563 42.04 44.39 30.33
CA TRP D 563 42.85 45.61 30.33
C TRP D 563 41.96 46.82 30.57
N GLU D 564 41.06 47.06 29.62
CA GLU D 564 40.22 48.24 29.66
C GLU D 564 39.01 48.00 30.52
N GLY D 565 38.45 49.09 31.05
CA GLY D 565 37.14 48.99 31.67
C GLY D 565 36.03 48.75 30.68
N LEU D 566 36.27 49.04 29.40
CA LEU D 566 35.25 48.90 28.37
C LEU D 566 35.97 48.84 27.03
N ARG D 567 35.81 47.74 26.29
CA ARG D 567 36.48 47.62 25.01
C ARG D 567 35.81 48.53 23.98
N THR D 568 36.62 49.29 23.28
CA THR D 568 36.12 50.25 22.30
C THR D 568 35.78 49.51 21.02
N ILE D 569 34.49 49.45 20.70
CA ILE D 569 34.02 48.97 19.41
C ILE D 569 33.07 50.02 18.87
N ASP D 570 33.35 50.52 17.67
CA ASP D 570 32.50 51.51 17.04
C ASP D 570 32.36 51.21 15.56
N ALA D 571 31.82 52.14 14.78
CA ALA D 571 31.68 51.93 13.35
C ALA D 571 33.02 51.96 12.64
N SER D 572 34.00 52.68 13.19
CA SER D 572 35.31 52.79 12.54
C SER D 572 36.06 51.47 12.56
N ASP D 573 36.13 50.83 13.72
CA ASP D 573 36.88 49.59 13.89
C ASP D 573 36.04 48.35 13.63
N ILE D 574 35.02 48.47 12.75
CA ILE D 574 34.24 47.30 12.35
C ILE D 574 35.06 46.20 11.67
N PRO D 575 35.88 46.46 10.64
CA PRO D 575 36.64 45.34 10.06
C PRO D 575 37.83 44.89 10.90
N THR D 576 38.04 45.48 12.07
CA THR D 576 39.04 44.99 13.00
C THR D 576 38.51 43.80 13.80
N TYR D 577 37.32 43.94 14.37
CA TYR D 577 36.72 42.86 15.14
C TYR D 577 35.93 41.89 14.28
N LEU D 578 36.02 42.00 12.96
CA LEU D 578 35.21 41.15 12.10
C LEU D 578 35.85 41.08 10.73
N GLY D 579 35.36 40.16 9.91
CA GLY D 579 35.91 39.97 8.58
C GLY D 579 35.44 41.00 7.57
N ILE D 580 35.21 40.59 6.34
CA ILE D 580 34.76 41.53 5.31
C ILE D 580 33.28 41.83 5.50
N PRO D 581 32.91 43.11 5.51
CA PRO D 581 31.53 43.51 5.24
C PRO D 581 30.97 42.89 3.98
N ARG D 582 29.95 42.04 4.13
CA ARG D 582 29.33 41.36 3.00
C ARG D 582 28.51 42.29 2.13
N TYR D 583 28.27 43.51 2.57
CA TYR D 583 27.45 44.45 1.83
C TYR D 583 28.08 45.84 1.90
N ARG D 584 27.75 46.63 0.91
CA ARG D 584 27.89 48.06 1.06
C ARG D 584 26.77 48.56 1.99
N PRO D 585 27.02 49.62 2.77
CA PRO D 585 26.07 49.97 3.84
C PRO D 585 24.69 50.45 3.41
N ASP D 586 24.61 51.45 2.54
CA ASP D 586 23.33 52.09 2.27
C ASP D 586 22.52 51.38 1.19
N LYS D 587 23.08 50.37 0.54
CA LYS D 587 22.57 49.68 -0.65
C LYS D 587 22.42 50.61 -1.86
N ALA D 588 23.02 51.80 -1.82
CA ALA D 588 23.02 52.73 -2.94
C ALA D 588 24.43 53.08 -3.36
N GLU D 589 25.44 52.44 -2.77
CA GLU D 589 26.82 52.59 -3.21
C GLU D 589 27.08 51.92 -4.55
N THR D 590 26.14 51.11 -5.03
CA THR D 590 26.10 50.76 -6.43
C THR D 590 25.98 52.04 -7.25
N GLU D 591 26.79 52.16 -8.28
CA GLU D 591 26.66 53.27 -9.21
C GLU D 591 25.44 53.01 -10.10
N PRO D 592 24.85 54.05 -10.69
CA PRO D 592 23.68 53.86 -11.55
C PRO D 592 23.96 52.94 -12.73
N GLN D 593 23.04 52.02 -12.99
CA GLN D 593 23.36 50.84 -13.78
C GLN D 593 22.37 50.65 -14.92
N VAL D 594 22.92 50.37 -16.11
CA VAL D 594 22.13 49.92 -17.24
C VAL D 594 21.51 48.58 -16.89
N GLY D 595 20.19 48.48 -17.04
CA GLY D 595 19.55 47.19 -16.98
C GLY D 595 19.37 46.58 -15.61
N THR D 596 19.75 47.29 -14.56
CA THR D 596 19.64 46.72 -13.22
C THR D 596 19.16 47.79 -12.25
N ALA D 597 18.11 47.46 -11.52
CA ALA D 597 17.54 48.32 -10.51
C ALA D 597 17.32 47.50 -9.25
N GLN D 598 17.06 48.20 -8.16
CA GLN D 598 16.84 47.54 -6.89
C GLN D 598 15.39 47.11 -6.80
N GLY D 599 15.15 45.82 -6.58
CA GLY D 599 13.82 45.30 -6.68
C GLY D 599 13.19 44.92 -5.37
N LEU D 600 12.23 45.72 -4.92
CA LEU D 600 11.48 45.43 -3.71
C LEU D 600 10.55 44.25 -3.97
N ALA D 601 10.87 43.10 -3.40
CA ALA D 601 10.04 41.93 -3.58
C ALA D 601 9.98 41.16 -2.28
N TRP D 602 9.27 40.05 -2.32
CA TRP D 602 8.98 39.29 -1.11
C TRP D 602 9.52 37.88 -1.26
N THR D 603 10.43 37.54 -0.37
CA THR D 603 10.62 36.14 -0.04
C THR D 603 9.50 35.71 0.89
N PRO D 604 9.29 34.41 1.05
CA PRO D 604 8.60 33.94 2.25
C PRO D 604 9.36 34.27 3.52
N VAL D 605 10.68 34.43 3.42
CA VAL D 605 11.47 35.04 4.48
C VAL D 605 11.03 36.48 4.71
N GLY D 606 10.60 37.17 3.66
CA GLY D 606 9.95 38.44 3.83
C GLY D 606 10.32 39.39 2.72
N GLY D 607 10.07 40.67 2.98
CA GLY D 607 10.46 41.73 2.07
C GLY D 607 11.96 41.78 1.85
N THR D 608 12.38 41.67 0.59
CA THR D 608 13.78 41.56 0.24
C THR D 608 14.07 42.34 -1.03
N LEU D 609 15.34 42.75 -1.19
CA LEU D 609 15.79 43.36 -2.43
C LEU D 609 16.08 42.29 -3.46
N LEU D 610 15.00 41.69 -3.97
CA LEU D 610 15.15 40.80 -5.12
C LEU D 610 15.27 41.70 -6.34
N THR D 611 16.51 42.10 -6.61
CA THR D 611 16.79 43.05 -7.66
C THR D 611 16.62 42.39 -9.02
N ILE D 612 16.72 43.22 -10.05
CA ILE D 612 16.28 42.84 -11.38
C ILE D 612 17.46 42.73 -12.34
N GLU D 613 17.46 41.65 -13.12
CA GLU D 613 18.54 41.29 -14.02
C GLU D 613 17.94 41.04 -15.40
N VAL D 614 18.39 41.79 -16.41
CA VAL D 614 17.81 41.69 -17.73
C VAL D 614 18.93 41.42 -18.72
N ALA D 615 18.53 41.02 -19.92
CA ALA D 615 19.49 40.82 -21.01
C ALA D 615 18.75 41.12 -22.31
N ALA D 616 19.12 42.23 -22.94
CA ALA D 616 18.47 42.72 -24.15
C ALA D 616 19.52 42.77 -25.26
N VAL D 617 19.46 41.78 -26.16
CA VAL D 617 20.39 41.70 -27.29
C VAL D 617 19.58 41.53 -28.56
N PRO D 618 20.08 41.98 -29.72
CA PRO D 618 19.34 41.82 -30.97
C PRO D 618 19.12 40.36 -31.34
N GLY D 619 17.99 40.11 -32.01
CA GLY D 619 17.51 38.78 -32.25
C GLY D 619 16.17 38.79 -32.96
N SER D 620 15.20 38.05 -32.43
CA SER D 620 13.86 37.99 -32.98
C SER D 620 12.86 38.79 -32.17
N GLY D 621 13.31 39.58 -31.20
CA GLY D 621 12.35 40.24 -30.34
C GLY D 621 11.75 39.33 -29.30
N LYS D 622 12.36 38.17 -29.08
CA LYS D 622 11.79 37.16 -28.20
C LYS D 622 11.98 37.58 -26.74
N LEU D 623 11.08 37.08 -25.90
CA LEU D 623 11.06 37.41 -24.48
C LEU D 623 11.29 36.14 -23.68
N SER D 624 12.54 35.86 -23.35
CA SER D 624 12.86 34.78 -22.42
C SER D 624 12.77 35.29 -21.00
N LEU D 625 12.29 34.38 -20.14
CA LEU D 625 12.27 34.63 -18.68
C LEU D 625 13.34 33.65 -18.18
N THR D 626 14.35 34.12 -17.47
CA THR D 626 15.50 33.30 -17.13
C THR D 626 15.52 33.11 -15.61
N GLY D 627 15.47 31.85 -15.18
CA GLY D 627 15.54 31.58 -13.75
C GLY D 627 14.21 31.25 -13.13
N GLN D 628 13.44 30.38 -13.80
CA GLN D 628 12.17 29.82 -13.31
C GLN D 628 11.10 30.90 -13.14
N LEU D 629 11.21 31.98 -13.92
CA LEU D 629 10.24 33.05 -13.81
C LEU D 629 8.93 32.65 -14.49
N GLY D 630 7.83 32.83 -13.76
CA GLY D 630 6.52 32.36 -14.17
C GLY D 630 5.84 33.24 -15.18
N GLU D 631 4.66 32.76 -15.61
CA GLU D 631 3.88 33.36 -16.68
C GLU D 631 3.37 34.76 -16.32
N VAL D 632 3.04 34.98 -15.06
CA VAL D 632 2.58 36.30 -14.64
C VAL D 632 3.70 37.32 -14.77
N MET D 633 4.95 36.91 -14.51
CA MET D 633 6.09 37.75 -14.85
C MET D 633 6.25 37.91 -16.36
N LYS D 634 5.90 36.89 -17.14
CA LYS D 634 6.00 36.99 -18.59
C LYS D 634 5.06 38.05 -19.14
N GLU D 635 3.80 38.02 -18.70
CA GLU D 635 2.85 39.00 -19.18
C GLU D 635 3.10 40.36 -18.57
N SER D 636 3.70 40.43 -17.37
CA SER D 636 4.13 41.71 -16.83
C SER D 636 5.20 42.32 -17.72
N ALA D 637 6.13 41.49 -18.20
CA ALA D 637 7.12 41.94 -19.15
C ALA D 637 6.47 42.37 -20.46
N GLN D 638 5.38 41.69 -20.84
CA GLN D 638 4.65 42.09 -22.04
C GLN D 638 4.01 43.46 -21.85
N ALA D 639 3.45 43.71 -20.67
CA ALA D 639 2.82 44.99 -20.38
C ALA D 639 3.85 46.11 -20.37
N ALA D 640 5.02 45.83 -19.79
CA ALA D 640 6.12 46.78 -19.83
C ALA D 640 6.59 47.02 -21.26
N LEU D 641 6.69 45.94 -22.03
CA LEU D 641 7.08 45.99 -23.43
C LEU D 641 6.14 46.87 -24.22
N THR D 642 4.84 46.69 -24.01
CA THR D 642 3.85 47.43 -24.77
C THR D 642 3.71 48.85 -24.29
N TYR D 643 4.03 49.12 -23.02
CA TYR D 643 4.09 50.51 -22.57
C TYR D 643 5.25 51.23 -23.24
N LEU D 644 6.38 50.54 -23.38
CA LEU D 644 7.49 51.08 -24.14
C LEU D 644 7.12 51.26 -25.60
N ARG D 645 6.32 50.34 -26.12
CA ARG D 645 5.79 50.47 -27.47
C ARG D 645 4.92 51.71 -27.59
N ALA D 646 4.17 52.01 -26.53
CA ALA D 646 3.37 53.22 -26.51
C ALA D 646 4.22 54.47 -26.31
N HIS D 647 5.46 54.31 -25.88
CA HIS D 647 6.31 55.44 -25.51
C HIS D 647 7.68 55.29 -26.14
N THR D 648 7.68 54.98 -27.44
CA THR D 648 8.91 54.61 -28.12
C THR D 648 9.77 55.84 -28.41
N GLN D 649 9.26 56.77 -29.21
CA GLN D 649 9.98 58.01 -29.44
C GLN D 649 9.85 58.95 -28.26
N ASP D 650 8.91 58.67 -27.36
CA ASP D 650 8.89 59.32 -26.06
C ASP D 650 10.16 58.99 -25.29
N TYR D 651 10.65 57.76 -25.39
CA TYR D 651 11.85 57.35 -24.69
C TYR D 651 13.04 57.20 -25.63
N GLY D 652 12.93 57.68 -26.87
CA GLY D 652 14.03 57.60 -27.81
C GLY D 652 14.40 56.21 -28.26
N LEU D 653 13.48 55.26 -28.14
CA LEU D 653 13.75 53.86 -28.43
C LEU D 653 13.82 53.62 -29.93
N PRO D 654 14.43 52.51 -30.37
CA PRO D 654 14.31 52.13 -31.78
C PRO D 654 12.87 51.82 -32.14
N GLU D 655 12.52 52.14 -33.39
CA GLU D 655 11.14 52.03 -33.84
C GLU D 655 10.67 50.59 -33.96
N ASP D 656 11.60 49.64 -34.08
CA ASP D 656 11.28 48.22 -34.02
C ASP D 656 12.21 47.53 -33.03
N PHE D 657 11.70 47.23 -31.85
CA PHE D 657 12.57 46.70 -30.81
C PHE D 657 11.99 45.39 -30.29
N TYR D 658 10.66 45.31 -30.25
CA TYR D 658 9.95 44.15 -29.75
C TYR D 658 9.98 42.98 -30.73
N ASN D 659 10.48 43.21 -31.94
CA ASN D 659 10.46 42.22 -33.00
C ASN D 659 11.84 41.81 -33.46
N LYS D 660 12.89 42.47 -32.98
CA LYS D 660 14.22 42.06 -33.37
C LYS D 660 15.25 42.11 -32.26
N VAL D 661 14.86 42.37 -31.02
CA VAL D 661 15.80 42.42 -29.91
C VAL D 661 15.33 41.41 -28.87
N ASP D 662 16.08 40.33 -28.71
CA ASP D 662 15.67 39.27 -27.81
C ASP D 662 15.91 39.66 -26.35
N LEU D 663 14.97 39.29 -25.50
CA LEU D 663 14.88 39.79 -24.14
C LEU D 663 14.92 38.62 -23.17
N HIS D 664 15.80 38.72 -22.17
CA HIS D 664 16.09 37.62 -21.25
C HIS D 664 16.23 38.21 -19.87
N VAL D 665 15.36 37.81 -18.94
CA VAL D 665 15.23 38.57 -17.70
C VAL D 665 15.27 37.62 -16.51
N HIS D 666 15.74 38.12 -15.37
CA HIS D 666 15.92 37.29 -14.21
C HIS D 666 15.44 37.98 -12.95
N VAL D 667 14.97 37.16 -12.00
CA VAL D 667 14.79 37.49 -10.60
C VAL D 667 15.57 36.40 -9.85
N PRO D 668 16.33 36.74 -8.81
CA PRO D 668 17.02 35.67 -8.04
C PRO D 668 16.07 34.66 -7.41
N ASP D 669 14.91 35.11 -6.93
CA ASP D 669 13.84 34.16 -6.64
C ASP D 669 13.36 33.55 -7.95
N GLY D 670 13.06 32.25 -7.91
CA GLY D 670 12.68 31.54 -9.11
C GLY D 670 11.38 32.06 -9.71
N ALA D 671 10.28 31.78 -9.03
CA ALA D 671 9.01 32.41 -9.31
C ALA D 671 8.49 33.02 -8.01
N THR D 672 7.76 34.11 -8.12
CA THR D 672 7.27 34.77 -6.93
C THR D 672 6.09 33.98 -6.35
N PRO D 673 6.20 33.48 -5.13
CA PRO D 673 5.04 32.80 -4.51
C PRO D 673 3.92 33.74 -4.16
N LYS D 674 4.19 35.03 -4.08
CA LYS D 674 3.22 36.05 -3.76
C LYS D 674 2.31 36.34 -4.94
N ASP D 675 1.48 37.36 -4.78
CA ASP D 675 0.53 37.77 -5.79
C ASP D 675 1.21 38.41 -7.00
N GLY D 676 1.48 37.57 -8.01
CA GLY D 676 2.23 37.99 -9.16
C GLY D 676 3.62 38.43 -8.78
N PRO D 677 4.21 39.29 -9.59
CA PRO D 677 5.54 39.79 -9.25
C PRO D 677 5.51 40.93 -8.26
N SER D 678 4.39 41.68 -8.25
CA SER D 678 4.17 42.91 -7.49
C SER D 678 5.17 44.02 -7.82
N ALA D 679 6.02 43.83 -8.82
CA ALA D 679 7.10 44.73 -9.19
C ALA D 679 7.23 44.77 -10.71
N GLY D 680 6.11 44.90 -11.40
CA GLY D 680 6.13 44.94 -12.86
C GLY D 680 6.89 46.15 -13.37
N ILE D 681 6.77 47.28 -12.68
CA ILE D 681 7.52 48.47 -13.02
C ILE D 681 9.01 48.29 -12.76
N THR D 682 9.40 47.31 -11.95
CA THR D 682 10.82 47.05 -11.77
C THR D 682 11.43 46.42 -13.01
N MET D 683 10.73 45.45 -13.60
CA MET D 683 11.13 44.92 -14.90
C MET D 683 11.09 46.00 -15.95
N ALA D 684 10.06 46.85 -15.91
CA ALA D 684 9.93 47.95 -16.87
C ALA D 684 11.11 48.89 -16.78
N THR D 685 11.52 49.21 -15.56
CA THR D 685 12.63 50.12 -15.34
C THR D 685 13.93 49.52 -15.83
N ALA D 686 14.14 48.23 -15.57
CA ALA D 686 15.38 47.60 -15.97
C ALA D 686 15.48 47.46 -17.48
N ILE D 687 14.38 47.09 -18.14
CA ILE D 687 14.44 47.00 -19.58
C ILE D 687 14.44 48.38 -20.21
N ALA D 688 13.95 49.40 -19.50
CA ALA D 688 14.08 50.75 -19.99
C ALA D 688 15.52 51.21 -19.96
N SER D 689 16.22 50.96 -18.85
CA SER D 689 17.62 51.31 -18.75
C SER D 689 18.46 50.50 -19.73
N ALA D 690 18.08 49.24 -19.95
CA ALA D 690 18.76 48.41 -20.92
C ALA D 690 18.57 48.92 -22.34
N LEU D 691 17.33 49.22 -22.71
CA LEU D 691 17.06 49.64 -24.08
C LEU D 691 17.52 51.06 -24.36
N SER D 692 17.55 51.91 -23.34
CA SER D 692 18.06 53.26 -23.51
C SER D 692 19.57 53.32 -23.72
N ARG D 693 20.28 52.26 -23.33
CA ARG D 693 21.74 52.23 -23.14
C ARG D 693 22.19 53.35 -22.20
N ARG D 694 21.35 53.67 -21.22
CA ARG D 694 21.55 54.80 -20.32
C ARG D 694 21.28 54.25 -18.93
N PRO D 695 22.24 54.33 -18.01
CA PRO D 695 22.06 53.68 -16.71
C PRO D 695 21.05 54.38 -15.82
N ALA D 696 20.07 53.63 -15.35
CA ALA D 696 19.12 54.13 -14.38
C ALA D 696 19.75 54.20 -13.01
N ARG D 697 19.22 55.10 -12.17
CA ARG D 697 19.81 55.46 -10.88
C ARG D 697 19.76 54.28 -9.90
N MET D 698 20.45 54.44 -8.78
CA MET D 698 20.26 53.57 -7.64
C MET D 698 19.53 54.32 -6.52
N ASP D 699 19.46 53.68 -5.35
CA ASP D 699 18.51 54.00 -4.28
C ASP D 699 17.09 54.07 -4.82
N ILE D 700 16.75 53.10 -5.67
CA ILE D 700 15.40 52.98 -6.21
C ILE D 700 14.57 52.19 -5.22
N ALA D 701 13.65 52.88 -4.54
CA ALA D 701 12.70 52.26 -3.62
C ALA D 701 11.37 52.19 -4.35
N MET D 702 11.25 51.06 -5.06
CA MET D 702 10.07 50.92 -5.94
C MET D 702 9.65 49.47 -6.14
N THR D 703 8.38 49.27 -6.38
CA THR D 703 7.69 48.03 -6.72
C THR D 703 6.26 48.41 -7.09
N GLY D 704 5.67 47.65 -7.99
CA GLY D 704 4.32 47.96 -8.42
C GLY D 704 3.99 47.27 -9.73
N GLU D 705 2.71 47.33 -10.07
CA GLU D 705 2.21 46.54 -11.19
C GLU D 705 1.74 47.44 -12.33
N VAL D 706 2.50 47.33 -13.43
CA VAL D 706 2.17 47.99 -14.68
C VAL D 706 0.84 47.46 -15.22
N SER D 707 0.08 48.35 -15.83
CA SER D 707 -0.99 47.93 -16.72
C SER D 707 -0.51 48.08 -18.16
N LEU D 708 -1.00 47.19 -19.01
CA LEU D 708 -0.92 47.44 -20.45
C LEU D 708 -1.70 48.68 -20.85
N ARG D 709 -2.74 49.02 -20.09
CA ARG D 709 -3.34 50.34 -20.23
C ARG D 709 -2.41 51.45 -19.79
N GLY D 710 -1.39 51.14 -19.02
CA GLY D 710 -0.42 52.14 -18.63
C GLY D 710 -0.70 52.71 -17.27
N LYS D 711 -1.02 51.84 -16.33
CA LYS D 711 -1.43 52.31 -15.01
C LYS D 711 -0.72 51.48 -13.96
N VAL D 712 -0.15 52.16 -12.98
CA VAL D 712 0.56 51.49 -11.89
C VAL D 712 -0.50 50.97 -10.93
N MET D 713 -0.83 49.69 -11.03
CA MET D 713 -1.75 49.05 -10.11
C MET D 713 -1.26 49.11 -8.66
N PRO D 714 -2.17 49.34 -7.71
CA PRO D 714 -1.79 49.33 -6.29
C PRO D 714 -1.30 47.97 -5.84
N ILE D 715 -0.38 47.99 -4.92
CA ILE D 715 0.21 46.79 -4.37
C ILE D 715 -0.57 46.33 -3.16
N GLY D 716 -0.75 45.02 -3.06
CA GLY D 716 -1.23 44.42 -1.83
C GLY D 716 -0.02 44.16 -0.96
N GLY D 717 -0.12 44.57 0.31
CA GLY D 717 1.02 44.45 1.19
C GLY D 717 2.07 45.49 0.88
N VAL D 718 1.74 46.76 1.12
CA VAL D 718 2.73 47.83 1.00
C VAL D 718 3.80 47.73 2.09
N LYS D 719 3.49 47.02 3.18
CA LYS D 719 4.24 47.13 4.42
C LYS D 719 5.64 46.53 4.26
N GLU D 720 5.72 45.24 3.95
CA GLU D 720 7.02 44.59 3.85
C GLU D 720 7.80 45.03 2.63
N LYS D 721 7.13 45.48 1.56
CA LYS D 721 7.85 46.03 0.41
C LYS D 721 8.56 47.32 0.79
N LEU D 722 7.86 48.23 1.45
CA LEU D 722 8.52 49.46 1.86
C LEU D 722 9.47 49.23 3.03
N LEU D 723 9.30 48.14 3.77
CA LEU D 723 10.33 47.72 4.72
C LEU D 723 11.60 47.30 3.99
N ALA D 724 11.46 46.50 2.93
CA ALA D 724 12.59 46.09 2.10
C ALA D 724 13.29 47.27 1.47
N ALA D 725 12.55 48.35 1.21
CA ALA D 725 13.19 49.61 0.89
C ALA D 725 13.95 50.18 2.08
N HIS D 726 13.25 50.42 3.18
CA HIS D 726 13.76 51.25 4.26
C HIS D 726 14.83 50.53 5.09
N GLN D 727 14.66 49.22 5.30
CA GLN D 727 15.70 48.45 5.98
C GLN D 727 16.96 48.37 5.15
N ALA D 728 16.83 48.45 3.83
CA ALA D 728 18.01 48.46 2.96
C ALA D 728 18.74 49.79 2.98
N GLY D 729 18.20 50.81 3.64
CA GLY D 729 18.77 52.12 3.47
C GLY D 729 18.41 52.73 2.14
N ILE D 730 17.33 52.25 1.52
CA ILE D 730 16.87 52.74 0.23
C ILE D 730 15.62 53.56 0.48
N HIS D 731 15.59 54.77 -0.08
CA HIS D 731 14.76 55.81 0.48
C HIS D 731 13.86 56.53 -0.50
N LYS D 732 14.12 56.44 -1.81
CA LYS D 732 13.29 57.15 -2.77
C LYS D 732 12.04 56.36 -3.13
N ILE D 733 11.02 56.43 -2.28
CA ILE D 733 9.85 55.56 -2.41
C ILE D 733 9.01 55.97 -3.61
N VAL D 734 8.70 54.99 -4.46
CA VAL D 734 7.69 55.13 -5.50
C VAL D 734 6.46 54.36 -5.04
N LEU D 735 5.31 55.02 -5.05
CA LEU D 735 4.10 54.33 -4.66
C LEU D 735 3.02 54.48 -5.72
N PRO D 736 2.12 53.50 -5.84
CA PRO D 736 0.86 53.79 -6.49
C PRO D 736 0.07 54.80 -5.67
N LYS D 737 -0.64 55.69 -6.38
CA LYS D 737 -1.45 56.71 -5.72
C LYS D 737 -2.57 56.09 -4.89
N ASP D 738 -3.03 54.89 -5.27
CA ASP D 738 -4.08 54.25 -4.49
C ASP D 738 -3.58 53.78 -3.13
N ASN D 739 -2.29 53.58 -2.97
CA ASN D 739 -1.76 53.23 -1.66
C ASN D 739 -1.43 54.46 -0.83
N GLU D 740 -1.95 55.62 -1.20
CA GLU D 740 -1.85 56.79 -0.34
C GLU D 740 -2.59 56.57 0.96
N ALA D 741 -3.76 55.95 0.90
CA ALA D 741 -4.44 55.52 2.12
C ALA D 741 -3.62 54.49 2.86
N GLN D 742 -2.89 53.66 2.13
CA GLN D 742 -1.94 52.76 2.77
C GLN D 742 -0.62 53.43 3.09
N LEU D 743 -0.38 54.64 2.58
CA LEU D 743 0.88 55.31 2.88
C LEU D 743 0.87 55.88 4.30
N GLU D 744 -0.18 56.61 4.66
CA GLU D 744 -0.23 57.29 5.95
C GLU D 744 -0.64 56.37 7.08
N GLU D 745 -1.04 55.14 6.78
CA GLU D 745 -1.26 54.18 7.86
C GLU D 745 0.04 53.62 8.40
N LEU D 746 1.13 53.82 7.70
CA LEU D 746 2.41 53.33 8.17
C LEU D 746 2.93 54.21 9.29
N PRO D 747 3.64 53.65 10.25
CA PRO D 747 4.25 54.47 11.31
C PRO D 747 5.35 55.35 10.74
N LYS D 748 5.55 56.50 11.41
CA LYS D 748 6.28 57.60 10.81
C LYS D 748 7.77 57.30 10.66
N GLU D 749 8.34 56.57 11.62
CA GLU D 749 9.77 56.23 11.59
C GLU D 749 10.13 55.37 10.39
N VAL D 750 9.16 54.66 9.81
CA VAL D 750 9.34 54.13 8.47
C VAL D 750 9.47 55.28 7.49
N LEU D 751 8.43 56.10 7.40
CA LEU D 751 8.33 57.17 6.42
C LEU D 751 9.31 58.31 6.68
N GLU D 752 9.89 58.36 7.88
CA GLU D 752 10.88 59.38 8.21
C GLU D 752 12.10 59.26 7.31
N GLY D 753 12.68 58.07 7.22
CA GLY D 753 13.82 57.88 6.37
C GLY D 753 13.49 57.53 4.94
N LEU D 754 12.35 57.98 4.44
CA LEU D 754 11.91 57.69 3.08
C LEU D 754 11.46 58.96 2.38
N GLU D 755 11.58 58.96 1.06
CA GLU D 755 11.05 60.03 0.22
C GLU D 755 10.07 59.41 -0.75
N ILE D 756 8.80 59.75 -0.58
CA ILE D 756 7.70 59.00 -1.17
C ILE D 756 7.12 59.79 -2.32
N LYS D 757 6.93 59.14 -3.46
CA LYS D 757 6.12 59.67 -4.54
C LYS D 757 4.97 58.70 -4.79
N LEU D 758 3.78 59.24 -5.00
CA LEU D 758 2.65 58.45 -5.41
C LEU D 758 2.49 58.62 -6.92
N VAL D 759 2.58 57.51 -7.65
CA VAL D 759 2.44 57.56 -9.10
C VAL D 759 1.20 56.78 -9.48
N GLU D 760 0.73 57.00 -10.70
CA GLU D 760 -0.23 56.05 -11.24
C GLU D 760 0.17 55.71 -12.65
N ASP D 761 0.82 56.66 -13.31
CA ASP D 761 1.32 56.44 -14.65
C ASP D 761 2.61 55.63 -14.60
N VAL D 762 2.71 54.69 -15.53
CA VAL D 762 3.92 53.89 -15.65
C VAL D 762 5.08 54.74 -16.18
N GLY D 763 4.80 55.81 -16.92
CA GLY D 763 5.87 56.64 -17.42
C GLY D 763 6.43 57.63 -16.43
N GLU D 764 5.61 58.10 -15.48
CA GLU D 764 6.04 59.20 -14.62
C GLU D 764 7.10 58.77 -13.61
N VAL D 765 7.14 57.48 -13.27
CA VAL D 765 8.22 56.98 -12.44
C VAL D 765 9.52 56.92 -13.25
N LEU D 766 9.41 56.79 -14.57
CA LEU D 766 10.56 56.44 -15.39
C LEU D 766 11.53 57.61 -15.55
N GLU D 767 11.03 58.85 -15.63
CA GLU D 767 11.97 59.96 -15.64
C GLU D 767 12.58 60.18 -14.27
N TYR D 768 11.93 59.73 -13.20
CA TYR D 768 12.56 59.80 -11.89
C TYR D 768 13.70 58.81 -11.77
N LEU D 769 13.53 57.63 -12.36
CA LEU D 769 14.46 56.55 -12.04
C LEU D 769 15.63 56.52 -13.02
N LEU D 770 15.37 56.28 -14.29
CA LEU D 770 16.37 56.60 -15.28
C LEU D 770 16.36 58.11 -15.47
N LEU D 771 17.51 58.73 -15.30
CA LEU D 771 17.51 60.18 -15.20
C LEU D 771 17.42 60.81 -16.60
N PRO D 772 18.21 60.35 -17.62
CA PRO D 772 17.78 60.63 -19.02
C PRO D 772 16.90 59.52 -19.58
N GLU D 773 15.60 59.60 -19.25
CA GLU D 773 14.66 58.56 -19.67
C GLU D 773 14.50 58.42 -21.19
N PRO D 774 14.41 59.50 -22.00
CA PRO D 774 14.84 59.28 -23.38
C PRO D 774 16.27 58.75 -23.52
N ARG E 2 -47.36 -53.27 5.84
CA ARG E 2 -47.86 -53.21 4.47
C ARG E 2 -48.87 -52.09 4.29
N LEU E 3 -50.15 -52.47 4.25
CA LEU E 3 -51.24 -51.52 4.05
C LEU E 3 -52.22 -51.59 5.20
N GLU E 4 -52.81 -50.42 5.50
CA GLU E 4 -53.70 -50.19 6.64
C GLU E 4 -53.05 -50.57 7.97
N LEU E 5 -51.74 -50.32 8.07
CA LEU E 5 -50.97 -50.46 9.29
C LEU E 5 -50.39 -49.11 9.68
N PRO E 6 -50.36 -48.78 10.98
CA PRO E 6 -49.90 -47.45 11.39
C PRO E 6 -48.42 -47.25 11.15
N VAL E 7 -48.03 -45.99 11.11
CA VAL E 7 -46.66 -45.60 10.83
C VAL E 7 -46.11 -44.88 12.04
N ILE E 8 -45.02 -45.40 12.59
CA ILE E 8 -44.25 -44.72 13.63
C ILE E 8 -43.01 -44.13 12.96
N PRO E 9 -42.85 -42.81 12.94
CA PRO E 9 -41.60 -42.22 12.40
C PRO E 9 -40.45 -42.50 13.36
N LEU E 10 -39.49 -43.30 12.90
CA LEU E 10 -38.35 -43.61 13.75
C LEU E 10 -37.42 -42.43 13.88
N ARG E 11 -36.94 -42.21 15.10
CA ARG E 11 -36.24 -40.98 15.46
C ARG E 11 -34.81 -41.06 14.95
N ASN E 12 -34.57 -40.48 13.77
CA ASN E 12 -33.28 -40.22 13.13
C ASN E 12 -32.53 -41.49 12.72
N THR E 13 -33.10 -42.67 12.87
CA THR E 13 -32.42 -43.91 12.50
C THR E 13 -33.45 -44.95 12.11
N VAL E 14 -33.32 -45.49 10.89
CA VAL E 14 -34.21 -46.55 10.44
C VAL E 14 -33.92 -47.82 11.23
N ILE E 15 -34.93 -48.67 11.37
CA ILE E 15 -34.77 -49.94 12.07
C ILE E 15 -34.45 -51.00 11.02
N LEU E 16 -33.21 -51.46 11.04
CA LEU E 16 -32.81 -52.53 10.14
C LEU E 16 -33.39 -53.85 10.64
N PRO E 17 -33.75 -54.75 9.73
CA PRO E 17 -34.51 -55.94 10.13
C PRO E 17 -33.70 -56.94 10.95
N HIS E 18 -34.45 -57.81 11.63
CA HIS E 18 -33.92 -58.90 12.46
C HIS E 18 -32.99 -58.38 13.56
N THR E 19 -33.37 -57.26 14.16
CA THR E 19 -32.60 -56.63 15.21
C THR E 19 -33.51 -56.25 16.37
N THR E 20 -33.07 -56.55 17.59
CA THR E 20 -33.81 -56.18 18.78
C THR E 20 -33.55 -54.70 19.07
N THR E 21 -34.47 -53.84 18.63
CA THR E 21 -34.31 -52.41 18.77
C THR E 21 -35.45 -51.81 19.59
N PRO E 22 -35.18 -50.76 20.35
CA PRO E 22 -36.26 -50.02 21.00
C PRO E 22 -36.80 -48.91 20.12
N VAL E 23 -38.13 -48.76 20.13
CA VAL E 23 -38.82 -47.73 19.38
C VAL E 23 -39.56 -46.86 20.39
N ASP E 24 -39.20 -45.58 20.45
CA ASP E 24 -39.71 -44.66 21.46
C ASP E 24 -40.62 -43.63 20.81
N VAL E 25 -41.79 -43.43 21.41
CA VAL E 25 -42.78 -42.48 20.93
C VAL E 25 -43.13 -41.55 22.08
N GLY E 26 -42.86 -40.26 21.90
CA GLY E 26 -43.16 -39.27 22.91
C GLY E 26 -44.29 -38.33 22.50
N ARG E 27 -44.36 -38.03 21.20
CA ARG E 27 -45.40 -37.16 20.70
C ARG E 27 -46.76 -37.86 20.70
N ALA E 28 -47.81 -37.09 20.97
CA ALA E 28 -49.16 -37.66 21.04
C ALA E 28 -49.68 -38.05 19.67
N LYS E 29 -49.19 -37.40 18.61
CA LYS E 29 -49.68 -37.70 17.27
C LYS E 29 -49.19 -39.06 16.80
N SER E 30 -47.96 -39.43 17.15
CA SER E 30 -47.51 -40.81 16.93
C SER E 30 -47.96 -41.74 18.03
N LYS E 31 -48.38 -41.22 19.19
CA LYS E 31 -49.05 -42.06 20.18
C LYS E 31 -50.41 -42.54 19.67
N ARG E 32 -51.05 -41.74 18.79
CA ARG E 32 -52.26 -42.21 18.13
C ARG E 32 -51.97 -43.40 17.23
N ALA E 33 -50.84 -43.38 16.52
CA ALA E 33 -50.45 -44.54 15.73
C ALA E 33 -50.00 -45.70 16.61
N VAL E 34 -49.49 -45.41 17.81
CA VAL E 34 -49.17 -46.47 18.77
C VAL E 34 -50.45 -47.16 19.24
N GLU E 35 -51.47 -46.37 19.60
CA GLU E 35 -52.74 -46.93 20.03
C GLU E 35 -53.47 -47.64 18.90
N GLU E 36 -53.26 -47.19 17.66
CA GLU E 36 -53.76 -47.92 16.51
C GLU E 36 -52.95 -49.19 16.24
N ALA E 37 -51.70 -49.25 16.72
CA ALA E 37 -50.84 -50.39 16.43
C ALA E 37 -51.26 -51.65 17.18
N MET E 38 -51.90 -51.49 18.35
CA MET E 38 -52.49 -52.66 19.00
C MET E 38 -53.75 -53.13 18.28
N GLY E 39 -54.36 -52.28 17.46
CA GLY E 39 -55.41 -52.70 16.57
C GLY E 39 -54.94 -53.27 15.25
N ALA E 40 -53.62 -53.37 15.06
CA ALA E 40 -53.03 -53.89 13.83
C ALA E 40 -52.31 -55.21 14.05
N ASP E 41 -52.71 -55.97 15.07
CA ASP E 41 -52.17 -57.30 15.42
C ASP E 41 -50.66 -57.27 15.66
N ARG E 42 -50.20 -56.21 16.34
CA ARG E 42 -48.80 -55.98 16.72
C ARG E 42 -47.85 -56.01 15.53
N LEU E 43 -48.33 -55.54 14.38
CA LEU E 43 -47.53 -55.47 13.16
C LEU E 43 -47.59 -54.03 12.67
N ILE E 44 -46.56 -53.25 13.00
CA ILE E 44 -46.52 -51.83 12.68
C ILE E 44 -45.72 -51.65 11.40
N PHE E 45 -46.28 -50.92 10.45
CA PHE E 45 -45.53 -50.51 9.26
C PHE E 45 -44.62 -49.35 9.67
N LEU E 46 -43.48 -49.71 10.25
CA LEU E 46 -42.56 -48.73 10.79
C LEU E 46 -41.82 -48.00 9.67
N VAL E 47 -42.48 -47.00 9.09
CA VAL E 47 -41.83 -46.14 8.10
C VAL E 47 -41.18 -44.99 8.86
N ALA E 48 -39.87 -44.83 8.68
CA ALA E 48 -39.13 -43.80 9.36
C ALA E 48 -39.21 -42.50 8.59
N GLN E 49 -39.25 -41.39 9.32
CA GLN E 49 -39.20 -40.07 8.72
C GLN E 49 -37.76 -39.71 8.38
N ARG E 50 -37.55 -38.48 7.93
CA ARG E 50 -36.21 -38.00 7.64
C ARG E 50 -35.49 -37.62 8.93
N ASP E 51 -34.28 -37.06 8.77
CA ASP E 51 -33.54 -36.57 9.93
C ASP E 51 -34.22 -35.39 10.64
N PRO E 52 -34.81 -34.39 9.98
CA PRO E 52 -35.69 -33.47 10.74
C PRO E 52 -37.11 -34.04 10.86
N GLU E 53 -37.63 -34.04 12.08
CA GLU E 53 -38.98 -34.52 12.35
C GLU E 53 -39.72 -33.49 13.19
N VAL E 54 -40.89 -33.08 12.72
CA VAL E 54 -41.74 -32.14 13.43
C VAL E 54 -42.60 -32.89 14.44
N ASP E 55 -43.25 -32.13 15.34
CA ASP E 55 -44.05 -32.74 16.40
C ASP E 55 -45.30 -33.43 15.85
N ASP E 56 -45.94 -32.83 14.84
CA ASP E 56 -47.03 -33.46 14.11
C ASP E 56 -46.45 -34.06 12.85
N PRO E 57 -46.15 -35.37 12.82
CA PRO E 57 -45.32 -35.92 11.73
C PRO E 57 -46.04 -36.00 10.39
N ALA E 58 -45.57 -35.21 9.43
CA ALA E 58 -46.13 -35.26 8.09
C ALA E 58 -45.69 -36.53 7.38
N PRO E 59 -46.57 -37.15 6.59
CA PRO E 59 -46.16 -38.35 5.84
C PRO E 59 -45.23 -38.04 4.68
N ASP E 60 -45.15 -36.78 4.24
CA ASP E 60 -44.22 -36.40 3.19
C ASP E 60 -42.77 -36.46 3.66
N ASP E 61 -42.53 -36.37 4.97
CA ASP E 61 -41.19 -36.49 5.51
C ASP E 61 -40.72 -37.93 5.65
N LEU E 62 -41.59 -38.90 5.37
CA LEU E 62 -41.23 -40.31 5.49
C LEU E 62 -40.30 -40.73 4.36
N TYR E 63 -39.55 -41.80 4.61
CA TYR E 63 -38.70 -42.39 3.60
C TYR E 63 -39.52 -43.25 2.64
N THR E 64 -38.86 -43.73 1.59
CA THR E 64 -39.48 -44.62 0.63
C THR E 64 -39.29 -46.09 0.97
N TRP E 65 -38.65 -46.41 2.09
CA TRP E 65 -38.46 -47.77 2.55
C TRP E 65 -38.99 -47.89 3.97
N GLY E 66 -39.99 -48.75 4.16
CA GLY E 66 -40.58 -48.95 5.47
C GLY E 66 -40.46 -50.37 5.96
N VAL E 67 -40.00 -50.55 7.19
CA VAL E 67 -39.82 -51.87 7.77
C VAL E 67 -41.09 -52.24 8.53
N GLN E 68 -41.36 -53.54 8.61
CA GLN E 68 -42.51 -54.07 9.34
C GLN E 68 -42.01 -55.00 10.43
N ALA E 69 -42.51 -54.79 11.65
CA ALA E 69 -42.01 -55.47 12.83
C ALA E 69 -43.14 -56.14 13.58
N VAL E 70 -42.92 -57.39 13.97
CA VAL E 70 -43.81 -58.07 14.92
C VAL E 70 -43.38 -57.66 16.32
N VAL E 71 -44.31 -57.07 17.08
CA VAL E 71 -43.97 -56.48 18.38
C VAL E 71 -43.80 -57.59 19.41
N LYS E 72 -42.62 -57.64 20.02
CA LYS E 72 -42.39 -58.57 21.12
C LYS E 72 -43.18 -58.16 22.36
N GLN E 73 -43.08 -56.90 22.76
CA GLN E 73 -43.81 -56.37 23.89
C GLN E 73 -43.89 -54.85 23.76
N ALA E 74 -44.86 -54.27 24.47
CA ALA E 74 -45.10 -52.82 24.47
C ALA E 74 -45.22 -52.37 25.92
N MET E 75 -44.09 -51.99 26.52
CA MET E 75 -44.07 -51.56 27.91
C MET E 75 -44.57 -50.12 27.98
N ARG E 76 -45.83 -49.95 28.37
CA ARG E 76 -46.41 -48.63 28.58
C ARG E 76 -45.91 -48.06 29.90
N LEU E 77 -45.67 -46.75 29.91
CA LEU E 77 -45.21 -46.05 31.10
C LEU E 77 -46.06 -44.80 31.32
N PRO E 78 -46.30 -44.41 32.57
CA PRO E 78 -47.08 -43.20 32.84
C PRO E 78 -46.29 -41.90 32.80
N ASP E 79 -45.05 -41.92 32.31
CA ASP E 79 -44.24 -40.70 32.27
C ASP E 79 -44.69 -39.76 31.15
N GLY E 80 -45.07 -40.32 30.00
CA GLY E 80 -45.50 -39.51 28.88
C GLY E 80 -44.81 -39.87 27.58
N THR E 81 -44.07 -40.97 27.60
CA THR E 81 -43.37 -41.48 26.42
C THR E 81 -43.64 -42.97 26.31
N LEU E 82 -44.28 -43.39 25.22
CA LEU E 82 -44.63 -44.79 25.01
C LEU E 82 -43.52 -45.44 24.20
N GLN E 83 -42.68 -46.22 24.87
CA GLN E 83 -41.59 -46.93 24.22
C GLN E 83 -42.00 -48.37 23.97
N VAL E 84 -41.83 -48.81 22.71
CA VAL E 84 -42.22 -50.15 22.30
C VAL E 84 -40.99 -50.90 21.79
N MET E 85 -40.84 -52.14 22.25
CA MET E 85 -39.78 -53.03 21.81
C MET E 85 -40.25 -53.78 20.58
N VAL E 86 -39.45 -53.77 19.52
CA VAL E 86 -39.81 -54.42 18.27
C VAL E 86 -38.72 -55.42 17.89
N GLU E 87 -39.09 -56.33 16.99
CA GLU E 87 -38.14 -57.23 16.33
C GLU E 87 -38.56 -57.26 14.86
N ALA E 88 -37.85 -56.51 14.04
CA ALA E 88 -38.25 -56.29 12.65
C ALA E 88 -37.97 -57.53 11.80
N ARG E 89 -38.63 -57.59 10.64
CA ARG E 89 -38.59 -58.77 9.78
C ARG E 89 -37.87 -58.50 8.46
N ALA E 90 -38.37 -57.55 7.67
CA ALA E 90 -37.75 -57.22 6.39
C ALA E 90 -38.23 -55.83 5.95
N ARG E 91 -37.48 -55.23 5.04
CA ARG E 91 -37.82 -53.92 4.50
C ARG E 91 -38.93 -54.04 3.47
N ALA E 92 -39.62 -52.93 3.23
CA ALA E 92 -40.65 -52.86 2.20
C ALA E 92 -40.64 -51.46 1.58
N GLN E 93 -40.81 -51.41 0.26
CA GLN E 93 -40.81 -50.13 -0.45
C GLN E 93 -42.15 -49.43 -0.24
N VAL E 94 -42.10 -48.22 0.31
CA VAL E 94 -43.31 -47.44 0.53
C VAL E 94 -43.75 -46.84 -0.80
N THR E 95 -44.99 -47.15 -1.21
CA THR E 95 -45.48 -46.70 -2.50
C THR E 95 -45.89 -45.24 -2.48
N ASP E 96 -46.76 -44.87 -1.54
CA ASP E 96 -47.27 -43.50 -1.46
C ASP E 96 -47.55 -43.19 0.00
N TYR E 97 -48.08 -42.00 0.28
CA TYR E 97 -48.27 -41.51 1.62
C TYR E 97 -49.74 -41.16 1.85
N ILE E 98 -50.16 -41.21 3.11
CA ILE E 98 -51.53 -40.86 3.49
C ILE E 98 -51.47 -39.86 4.65
N PRO E 99 -52.14 -38.71 4.54
CA PRO E 99 -52.04 -37.70 5.60
C PRO E 99 -52.79 -38.09 6.86
N GLY E 100 -52.35 -37.52 7.98
CA GLY E 100 -52.98 -37.73 9.26
C GLY E 100 -53.45 -36.43 9.88
N PRO E 101 -53.38 -36.33 11.22
CA PRO E 101 -52.96 -37.34 12.19
C PRO E 101 -54.06 -38.37 12.50
N TYR E 102 -53.73 -39.64 12.76
CA TYR E 102 -52.37 -40.19 12.76
C TYR E 102 -51.83 -40.47 11.36
N LEU E 103 -50.53 -40.33 11.17
CA LEU E 103 -49.93 -40.45 9.86
C LEU E 103 -49.93 -41.90 9.38
N ARG E 104 -49.98 -42.07 8.07
CA ARG E 104 -50.05 -43.38 7.45
C ARG E 104 -49.20 -43.40 6.20
N ALA E 105 -48.79 -44.59 5.80
CA ALA E 105 -48.07 -44.80 4.55
C ALA E 105 -48.39 -46.18 4.04
N ARG E 106 -48.47 -46.32 2.72
CA ARG E 106 -48.82 -47.58 2.08
C ARG E 106 -47.63 -48.11 1.30
N GLY E 107 -47.25 -49.35 1.61
CA GLY E 107 -46.08 -49.95 1.00
C GLY E 107 -46.39 -51.15 0.14
N GLU E 108 -45.61 -52.21 0.29
CA GLU E 108 -45.74 -53.41 -0.53
C GLU E 108 -45.32 -54.60 0.31
N VAL E 109 -45.07 -55.72 -0.36
CA VAL E 109 -44.54 -56.94 0.27
C VAL E 109 -43.08 -56.73 0.66
N PHE E 110 -42.52 -57.68 1.41
CA PHE E 110 -41.13 -57.61 1.83
C PHE E 110 -40.20 -57.65 0.63
N SER E 111 -39.36 -56.61 0.50
CA SER E 111 -38.51 -56.44 -0.65
C SER E 111 -37.10 -56.99 -0.45
N GLU E 112 -36.83 -57.62 0.69
CA GLU E 112 -35.53 -58.24 0.96
C GLU E 112 -35.57 -59.66 0.40
N ILE E 113 -34.71 -59.94 -0.59
CA ILE E 113 -34.71 -61.21 -1.30
C ILE E 113 -33.30 -61.82 -1.19
N PHE E 114 -33.25 -63.12 -0.92
CA PHE E 114 -31.99 -63.84 -0.97
C PHE E 114 -31.58 -64.04 -2.42
N PRO E 115 -30.39 -63.63 -2.82
CA PRO E 115 -30.03 -63.64 -4.25
C PRO E 115 -29.48 -64.97 -4.70
N ILE E 116 -29.01 -65.03 -5.95
CA ILE E 116 -28.47 -66.24 -6.54
C ILE E 116 -27.08 -66.51 -5.98
N ASP E 117 -26.61 -67.74 -6.17
CA ASP E 117 -25.27 -68.21 -5.77
C ASP E 117 -25.04 -68.03 -4.28
N GLU E 118 -25.84 -68.76 -3.49
CA GLU E 118 -25.89 -68.57 -2.03
C GLU E 118 -24.61 -68.97 -1.32
N ALA E 119 -23.72 -69.74 -1.97
CA ALA E 119 -22.41 -70.00 -1.39
C ALA E 119 -21.59 -68.72 -1.30
N VAL E 120 -21.58 -67.92 -2.39
CA VAL E 120 -20.87 -66.64 -2.39
C VAL E 120 -21.53 -65.67 -1.43
N VAL E 121 -22.86 -65.71 -1.33
CA VAL E 121 -23.59 -64.87 -0.37
C VAL E 121 -23.19 -65.21 1.05
N ARG E 122 -23.12 -66.51 1.36
CA ARG E 122 -22.75 -66.92 2.72
C ARG E 122 -21.29 -66.63 3.03
N VAL E 123 -20.41 -66.75 2.03
CA VAL E 123 -19.00 -66.39 2.22
C VAL E 123 -18.86 -64.90 2.52
N LEU E 124 -19.61 -64.06 1.80
CA LEU E 124 -19.64 -62.64 2.09
C LEU E 124 -20.28 -62.35 3.45
N VAL E 125 -21.23 -63.20 3.88
CA VAL E 125 -21.83 -63.09 5.21
C VAL E 125 -20.79 -63.33 6.31
N GLU E 126 -19.97 -64.39 6.18
CA GLU E 126 -18.96 -64.57 7.23
C GLU E 126 -17.82 -63.55 7.11
N GLU E 127 -17.52 -63.09 5.89
CA GLU E 127 -16.52 -62.04 5.73
C GLU E 127 -16.96 -60.76 6.42
N LEU E 128 -18.22 -60.38 6.27
CA LEU E 128 -18.76 -59.23 6.97
C LEU E 128 -18.94 -59.52 8.47
N LYS E 129 -19.06 -60.79 8.86
CA LYS E 129 -19.14 -61.13 10.28
C LYS E 129 -17.81 -60.90 10.99
N GLU E 130 -16.70 -61.40 10.43
CA GLU E 130 -15.42 -61.03 11.04
C GLU E 130 -15.02 -59.59 10.76
N ALA E 131 -15.60 -58.95 9.73
CA ALA E 131 -15.43 -57.50 9.57
C ALA E 131 -16.06 -56.75 10.74
N PHE E 132 -17.24 -57.18 11.18
CA PHE E 132 -17.85 -56.55 12.36
C PHE E 132 -17.16 -56.98 13.65
N GLU E 133 -16.58 -58.17 13.68
CA GLU E 133 -15.76 -58.57 14.82
C GLU E 133 -14.55 -57.65 14.98
N LYS E 134 -13.89 -57.34 13.86
CA LYS E 134 -12.83 -56.33 13.87
C LYS E 134 -13.38 -54.94 14.15
N TYR E 135 -14.61 -54.66 13.72
CA TYR E 135 -15.24 -53.35 13.92
C TYR E 135 -15.61 -53.13 15.38
N VAL E 136 -15.86 -54.19 16.14
CA VAL E 136 -16.18 -54.06 17.55
C VAL E 136 -14.94 -54.14 18.42
N ALA E 137 -14.11 -55.16 18.19
CA ALA E 137 -12.95 -55.41 19.06
C ALA E 137 -11.92 -54.30 18.99
N ASN E 138 -11.72 -53.70 17.81
CA ASN E 138 -10.82 -52.56 17.71
C ASN E 138 -11.44 -51.30 18.28
N HIS E 139 -12.70 -51.02 17.95
CA HIS E 139 -13.30 -49.70 18.25
C HIS E 139 -13.67 -49.61 19.74
N LYS E 140 -12.64 -49.45 20.56
CA LYS E 140 -12.86 -48.90 21.88
C LYS E 140 -12.77 -47.38 21.87
N SER E 141 -12.44 -46.80 20.72
CA SER E 141 -12.37 -45.35 20.61
C SER E 141 -13.64 -44.77 19.99
N LEU E 142 -14.30 -45.55 19.12
CA LEU E 142 -15.55 -45.13 18.51
C LEU E 142 -16.78 -45.81 19.12
N ARG E 143 -16.60 -46.49 20.27
CA ARG E 143 -17.67 -47.01 21.13
C ARG E 143 -18.55 -48.02 20.38
N LEU E 144 -17.95 -49.16 20.09
CA LEU E 144 -18.65 -50.30 19.53
C LEU E 144 -18.80 -51.34 20.64
N ASP E 145 -20.03 -51.78 20.87
CA ASP E 145 -20.40 -52.42 22.11
C ASP E 145 -20.19 -53.93 22.05
N ARG E 146 -19.93 -54.52 23.22
CA ARG E 146 -19.79 -55.97 23.32
C ARG E 146 -21.12 -56.67 23.13
N TYR E 147 -22.22 -56.06 23.60
CA TYR E 147 -23.53 -56.63 23.37
C TYR E 147 -23.95 -56.51 21.91
N GLN E 148 -23.40 -55.51 21.20
CA GLN E 148 -23.55 -55.47 19.75
C GLN E 148 -22.79 -56.62 19.09
N LEU E 149 -21.68 -57.04 19.68
CA LEU E 149 -20.91 -58.16 19.12
C LEU E 149 -21.61 -59.49 19.37
N GLU E 150 -22.14 -59.70 20.57
CA GLU E 150 -22.82 -60.97 20.84
C GLU E 150 -24.25 -60.99 20.32
N ALA E 151 -24.82 -59.83 19.97
CA ALA E 151 -26.14 -59.81 19.37
C ALA E 151 -26.12 -60.26 17.92
N VAL E 152 -24.97 -60.17 17.24
CA VAL E 152 -24.84 -60.60 15.86
C VAL E 152 -24.20 -61.98 15.73
N LYS E 153 -23.90 -62.63 16.84
CA LYS E 153 -23.43 -64.01 16.81
C LYS E 153 -24.63 -64.96 16.90
N GLY E 154 -24.46 -66.13 16.29
CA GLY E 154 -25.55 -67.10 16.24
C GLY E 154 -26.64 -66.68 15.27
N THR E 155 -26.29 -66.58 13.99
CA THR E 155 -27.18 -66.10 12.96
C THR E 155 -27.40 -67.19 11.91
N SER E 156 -28.66 -67.42 11.56
CA SER E 156 -29.01 -68.38 10.51
C SER E 156 -29.21 -67.68 9.17
N ASP E 157 -30.11 -66.70 9.14
CA ASP E 157 -30.36 -65.95 7.92
C ASP E 157 -29.22 -64.97 7.64
N PRO E 158 -28.93 -64.72 6.36
CA PRO E 158 -28.02 -63.60 6.02
C PRO E 158 -28.56 -62.25 6.45
N ALA E 159 -29.89 -62.06 6.40
CA ALA E 159 -30.47 -60.82 6.89
C ALA E 159 -30.48 -60.74 8.42
N MET E 160 -30.41 -61.89 9.09
CA MET E 160 -30.21 -61.91 10.54
C MET E 160 -28.84 -61.36 10.92
N LEU E 161 -27.84 -61.53 10.04
CA LEU E 161 -26.49 -61.07 10.31
C LEU E 161 -26.25 -59.65 9.81
N ALA E 162 -26.47 -59.42 8.51
CA ALA E 162 -25.97 -58.21 7.85
C ALA E 162 -26.74 -56.97 8.30
N ASP E 163 -28.06 -57.05 8.39
CA ASP E 163 -28.86 -55.91 8.83
C ASP E 163 -28.62 -55.58 10.30
N THR E 164 -28.48 -56.62 11.13
CA THR E 164 -28.16 -56.42 12.54
C THR E 164 -26.79 -55.78 12.72
N ILE E 165 -25.82 -56.19 11.90
CA ILE E 165 -24.48 -55.63 11.97
C ILE E 165 -24.48 -54.18 11.50
N ALA E 166 -25.16 -53.89 10.39
CA ALA E 166 -25.17 -52.54 9.84
C ALA E 166 -25.99 -51.59 10.71
N TYR E 167 -26.96 -52.09 11.47
CA TYR E 167 -27.57 -51.26 12.49
C TYR E 167 -26.63 -51.05 13.67
N HIS E 168 -25.94 -52.11 14.10
CA HIS E 168 -25.04 -52.00 15.24
C HIS E 168 -23.71 -51.34 14.88
N ALA E 169 -23.42 -51.15 13.58
CA ALA E 169 -22.25 -50.41 13.17
C ALA E 169 -22.50 -48.91 13.31
N THR E 170 -21.48 -48.12 12.96
CA THR E 170 -21.49 -46.67 13.21
C THR E 170 -21.11 -45.90 11.96
N TRP E 171 -22.10 -45.57 11.13
CA TRP E 171 -21.93 -44.61 10.05
C TRP E 171 -23.24 -43.85 9.85
N THR E 172 -23.35 -43.18 8.70
CA THR E 172 -24.41 -42.20 8.48
C THR E 172 -25.75 -42.87 8.20
N VAL E 173 -26.81 -42.06 8.31
CA VAL E 173 -28.17 -42.53 8.12
C VAL E 173 -28.59 -42.42 6.65
N ALA E 174 -28.03 -41.46 5.91
CA ALA E 174 -28.30 -41.34 4.49
C ALA E 174 -27.72 -42.50 3.70
N GLU E 175 -26.69 -43.15 4.22
CA GLU E 175 -26.13 -44.35 3.59
C GLU E 175 -27.02 -45.57 3.76
N LYS E 176 -28.01 -45.54 4.67
CA LYS E 176 -28.97 -46.63 4.77
C LYS E 176 -29.84 -46.73 3.52
N GLN E 177 -30.11 -45.61 2.86
CA GLN E 177 -31.00 -45.62 1.70
C GLN E 177 -30.34 -46.31 0.51
N GLU E 178 -29.03 -46.13 0.32
CA GLU E 178 -28.33 -46.83 -0.75
C GLU E 178 -28.17 -48.31 -0.43
N ILE E 179 -28.13 -48.66 0.86
CA ILE E 179 -28.04 -50.07 1.26
C ILE E 179 -29.31 -50.82 0.88
N LEU E 180 -30.47 -50.26 1.24
CA LEU E 180 -31.73 -50.93 0.95
C LEU E 180 -32.13 -50.80 -0.52
N GLU E 181 -31.81 -49.66 -1.16
CA GLU E 181 -32.13 -49.46 -2.57
C GLU E 181 -31.35 -50.42 -3.46
N LEU E 182 -30.17 -50.86 -3.02
CA LEU E 182 -29.53 -52.02 -3.62
C LEU E 182 -30.32 -53.25 -3.17
N THR E 183 -31.30 -53.67 -3.99
CA THR E 183 -32.24 -54.69 -3.57
C THR E 183 -31.61 -56.08 -3.53
N ASP E 184 -30.52 -56.31 -4.25
CA ASP E 184 -29.80 -57.56 -4.13
C ASP E 184 -29.05 -57.60 -2.80
N LEU E 185 -29.12 -58.75 -2.13
CA LEU E 185 -28.47 -58.88 -0.83
C LEU E 185 -26.96 -58.97 -0.96
N GLU E 186 -26.45 -59.42 -2.11
CA GLU E 186 -25.02 -59.34 -2.37
C GLU E 186 -24.56 -57.89 -2.47
N ALA E 187 -25.35 -57.05 -3.12
CA ALA E 187 -25.01 -55.62 -3.22
C ALA E 187 -25.09 -54.94 -1.86
N ARG E 188 -26.10 -55.27 -1.06
CA ARG E 188 -26.19 -54.74 0.29
C ARG E 188 -25.03 -55.20 1.16
N LEU E 189 -24.66 -56.49 1.07
CA LEU E 189 -23.56 -57.03 1.85
C LEU E 189 -22.24 -56.40 1.45
N LYS E 190 -22.02 -56.21 0.15
CA LYS E 190 -20.79 -55.58 -0.33
C LYS E 190 -20.73 -54.11 0.06
N LYS E 191 -21.87 -53.41 0.04
CA LYS E 191 -21.90 -52.01 0.42
C LYS E 191 -21.66 -51.83 1.92
N VAL E 192 -22.28 -52.68 2.75
CA VAL E 192 -22.07 -52.63 4.19
C VAL E 192 -20.63 -53.01 4.54
N LEU E 193 -20.06 -53.99 3.81
CA LEU E 193 -18.66 -54.35 3.99
C LEU E 193 -17.73 -53.21 3.62
N GLY E 194 -18.05 -52.49 2.54
CA GLY E 194 -17.25 -51.33 2.16
C GLY E 194 -17.31 -50.20 3.17
N LEU E 195 -18.51 -49.95 3.73
CA LEU E 195 -18.64 -48.90 4.74
C LEU E 195 -17.96 -49.31 6.04
N LEU E 196 -18.04 -50.60 6.40
CA LEU E 196 -17.33 -51.12 7.57
C LEU E 196 -15.83 -50.97 7.41
N SER E 197 -15.30 -51.29 6.21
CA SER E 197 -13.88 -51.13 5.94
C SER E 197 -13.47 -49.66 5.93
N ARG E 198 -14.33 -48.78 5.40
CA ARG E 198 -14.03 -47.35 5.38
C ARG E 198 -13.94 -46.79 6.80
N ASP E 199 -14.88 -47.16 7.66
CA ASP E 199 -14.85 -46.66 9.03
C ASP E 199 -13.75 -47.32 9.85
N LEU E 200 -13.41 -48.58 9.54
CA LEU E 200 -12.26 -49.21 10.17
C LEU E 200 -10.96 -48.50 9.80
N GLU E 201 -10.79 -48.16 8.53
CA GLU E 201 -9.58 -47.45 8.10
C GLU E 201 -9.52 -46.04 8.70
N ARG E 202 -10.67 -45.38 8.83
CA ARG E 202 -10.73 -44.14 9.60
C ARG E 202 -10.33 -44.37 11.05
N PHE E 203 -10.68 -45.54 11.61
CA PHE E 203 -10.28 -45.83 12.98
C PHE E 203 -8.76 -45.99 13.13
N GLU E 204 -8.13 -46.68 12.18
CA GLU E 204 -6.65 -46.84 12.22
C GLU E 204 -5.99 -45.48 12.02
N LEU E 205 -6.58 -44.62 11.16
CA LEU E 205 -6.04 -43.28 10.92
C LEU E 205 -6.07 -42.44 12.19
N ASP E 206 -7.23 -42.39 12.85
CA ASP E 206 -7.34 -41.66 14.11
C ASP E 206 -6.51 -42.30 15.22
N LYS E 207 -6.37 -43.64 15.18
CA LYS E 207 -5.64 -44.36 16.19
C LYS E 207 -4.13 -44.13 16.05
N ARG E 208 -3.62 -44.13 14.82
CA ARG E 208 -2.21 -43.86 14.59
C ARG E 208 -1.86 -42.40 14.84
N VAL E 209 -2.80 -41.47 14.62
CA VAL E 209 -2.44 -40.10 14.97
C VAL E 209 -2.62 -39.85 16.47
N ALA E 210 -3.45 -40.64 17.16
CA ALA E 210 -3.49 -40.56 18.61
C ALA E 210 -2.20 -41.09 19.23
N GLN E 211 -1.67 -42.20 18.70
CA GLN E 211 -0.36 -42.65 19.15
C GLN E 211 0.75 -41.72 18.71
N ARG E 212 0.58 -41.01 17.59
CA ARG E 212 1.54 -39.98 17.21
C ARG E 212 1.53 -38.83 18.21
N VAL E 213 0.34 -38.44 18.68
CA VAL E 213 0.22 -37.42 19.71
C VAL E 213 0.87 -37.87 21.01
N LYS E 214 0.63 -39.12 21.42
CA LYS E 214 1.22 -39.54 22.69
C LYS E 214 2.72 -39.79 22.57
N GLU E 215 3.23 -40.17 21.39
CA GLU E 215 4.68 -40.34 21.27
C GLU E 215 5.39 -39.00 21.14
N GLN E 216 4.76 -37.99 20.51
CA GLN E 216 5.37 -36.68 20.55
C GLN E 216 5.22 -36.04 21.91
N MET E 217 4.19 -36.43 22.67
CA MET E 217 4.10 -36.03 24.08
C MET E 217 5.25 -36.63 24.89
N ASP E 218 5.56 -37.90 24.65
CA ASP E 218 6.67 -38.56 25.35
C ASP E 218 8.01 -37.96 24.99
N THR E 219 8.27 -37.73 23.69
CA THR E 219 9.58 -37.23 23.30
C THR E 219 9.74 -35.76 23.66
N ASN E 220 8.66 -34.95 23.60
CA ASN E 220 8.77 -33.58 24.05
C ASN E 220 8.85 -33.50 25.57
N GLN E 221 8.21 -34.44 26.29
CA GLN E 221 8.32 -34.50 27.74
C GLN E 221 9.75 -34.81 28.17
N ARG E 222 10.36 -35.84 27.58
CA ARG E 222 11.70 -36.20 28.01
C ARG E 222 12.76 -35.27 27.46
N GLU E 223 12.57 -34.72 26.25
CA GLU E 223 13.45 -33.68 25.74
C GLU E 223 13.38 -32.43 26.61
N SER E 224 12.18 -32.05 27.05
CA SER E 224 12.02 -30.95 27.98
C SER E 224 12.55 -31.31 29.36
N TYR E 225 12.55 -32.59 29.72
CA TYR E 225 13.06 -33.01 31.03
C TYR E 225 14.58 -32.91 31.10
N LEU E 226 15.27 -33.39 30.06
CA LEU E 226 16.70 -33.15 29.94
C LEU E 226 17.01 -31.67 29.76
N ARG E 227 16.16 -30.96 29.02
CA ARG E 227 16.36 -29.54 28.81
C ARG E 227 16.10 -28.75 30.09
N GLU E 228 15.23 -29.23 31.00
CA GLU E 228 15.10 -28.55 32.27
C GLU E 228 16.15 -28.98 33.27
N GLN E 229 16.83 -30.11 33.05
CA GLN E 229 18.09 -30.30 33.76
C GLN E 229 19.11 -29.25 33.34
N MET E 230 19.17 -28.95 32.04
CA MET E 230 19.99 -27.83 31.58
C MET E 230 19.51 -26.48 32.13
N LYS E 231 18.21 -26.22 32.11
CA LYS E 231 17.69 -24.97 32.66
C LYS E 231 17.72 -24.97 34.18
N ALA E 232 17.94 -26.12 34.81
CA ALA E 232 18.16 -26.20 36.25
C ALA E 232 19.59 -25.85 36.59
N ILE E 233 20.54 -26.26 35.75
CA ILE E 233 21.90 -25.76 35.86
C ILE E 233 21.93 -24.27 35.56
N GLN E 234 21.16 -23.84 34.57
CA GLN E 234 21.03 -22.41 34.28
C GLN E 234 20.28 -21.67 35.37
N LYS E 235 19.44 -22.37 36.14
CA LYS E 235 18.89 -21.81 37.37
C LYS E 235 19.97 -21.70 38.43
N GLU E 236 20.94 -22.61 38.40
CA GLU E 236 21.92 -22.77 39.47
C GLU E 236 23.25 -22.11 39.11
N LEU E 237 23.79 -22.39 37.92
CA LEU E 237 25.17 -21.99 37.62
C LEU E 237 25.23 -20.97 36.48
N GLY E 238 24.44 -21.17 35.43
CA GLY E 238 24.51 -20.27 34.28
C GLY E 238 23.85 -18.91 34.52
N GLY E 239 22.71 -18.92 35.22
CA GLY E 239 22.07 -17.66 35.57
C GLY E 239 22.89 -16.85 36.55
N GLU E 240 23.64 -17.53 37.43
CA GLU E 240 24.56 -16.83 38.31
C GLU E 240 25.70 -16.19 37.52
N ASP E 241 26.12 -16.81 36.42
CA ASP E 241 27.18 -16.22 35.60
C ASP E 241 26.67 -15.03 34.80
N GLY E 242 25.44 -15.12 34.29
CA GLY E 242 24.82 -13.97 33.65
C GLY E 242 24.62 -12.81 34.61
N LEU E 243 24.12 -13.10 35.82
CA LEU E 243 23.99 -12.09 36.85
C LEU E 243 25.35 -11.64 37.39
N SER E 244 26.41 -12.42 37.18
CA SER E 244 27.75 -11.95 37.53
C SER E 244 28.27 -10.94 36.51
N ASP E 245 27.93 -11.15 35.23
CA ASP E 245 28.15 -10.10 34.22
C ASP E 245 27.39 -8.84 34.60
N LEU E 246 26.12 -9.00 35.00
CA LEU E 246 25.34 -7.86 35.45
C LEU E 246 25.87 -7.25 36.74
N GLU E 247 26.49 -8.06 37.60
CA GLU E 247 27.11 -7.57 38.82
C GLU E 247 28.38 -6.76 38.52
N ALA E 248 29.17 -7.20 37.55
CA ALA E 248 30.36 -6.44 37.14
C ALA E 248 29.97 -5.10 36.54
N LEU E 249 28.95 -5.09 35.69
CA LEU E 249 28.54 -3.80 35.13
C LEU E 249 27.81 -2.94 36.14
N ARG E 250 27.13 -3.54 37.13
CA ARG E 250 26.55 -2.76 38.23
C ARG E 250 27.62 -2.22 39.14
N LYS E 251 28.74 -2.93 39.27
CA LYS E 251 29.88 -2.34 39.98
C LYS E 251 30.47 -1.19 39.19
N LYS E 252 30.41 -1.26 37.86
CA LYS E 252 30.83 -0.11 37.08
C LYS E 252 29.82 1.04 37.20
N ILE E 253 28.53 0.70 37.37
CA ILE E 253 27.52 1.70 37.78
C ILE E 253 27.92 2.39 39.08
N GLU E 254 28.31 1.64 40.10
CA GLU E 254 28.68 2.38 41.31
C GLU E 254 30.11 2.93 41.29
N GLU E 255 30.91 2.67 40.26
CA GLU E 255 32.17 3.43 40.25
C GLU E 255 32.08 4.69 39.40
N VAL E 256 31.36 4.70 38.28
CA VAL E 256 31.18 5.99 37.60
C VAL E 256 30.00 6.75 38.20
N GLY E 257 28.84 6.13 38.37
CA GLY E 257 27.72 6.75 39.05
C GLY E 257 26.58 7.11 38.12
N MET E 258 25.55 6.28 38.09
CA MET E 258 24.41 6.60 37.23
C MET E 258 23.60 7.71 37.87
N PRO E 259 22.82 8.44 37.08
CA PRO E 259 21.62 9.05 37.65
C PRO E 259 20.70 7.95 38.15
N GLU E 260 20.02 8.21 39.27
CA GLU E 260 19.28 7.14 39.93
C GLU E 260 18.06 6.69 39.15
N ALA E 261 17.58 7.50 38.20
CA ALA E 261 16.60 7.00 37.24
C ALA E 261 17.23 6.03 36.25
N VAL E 262 18.50 6.23 35.90
CA VAL E 262 19.19 5.28 35.03
C VAL E 262 19.53 4.00 35.79
N LYS E 263 19.87 4.14 37.07
CA LYS E 263 19.99 2.99 37.96
C LYS E 263 18.66 2.24 38.06
N THR E 264 17.56 3.00 38.13
CA THR E 264 16.23 2.41 38.15
C THR E 264 15.92 1.69 36.84
N LYS E 265 16.41 2.21 35.72
CA LYS E 265 16.18 1.54 34.44
C LYS E 265 17.07 0.32 34.25
N ALA E 266 18.28 0.36 34.81
CA ALA E 266 19.09 -0.84 34.90
C ALA E 266 18.39 -1.91 35.72
N LEU E 267 17.76 -1.50 36.82
CA LEU E 267 16.92 -2.41 37.60
C LEU E 267 15.67 -2.83 36.84
N LYS E 268 15.13 -1.97 35.98
CA LYS E 268 13.91 -2.29 35.25
C LYS E 268 14.17 -3.33 34.16
N GLU E 269 15.24 -3.15 33.41
CA GLU E 269 15.58 -4.17 32.43
C GLU E 269 16.37 -5.30 33.06
N LEU E 270 16.71 -5.19 34.34
CA LEU E 270 17.05 -6.29 35.22
C LEU E 270 15.82 -7.00 35.76
N ASP E 271 14.63 -6.39 35.66
CA ASP E 271 13.41 -7.15 35.80
C ASP E 271 13.05 -7.84 34.49
N ARG E 272 13.37 -7.20 33.37
CA ARG E 272 13.37 -7.92 32.10
C ARG E 272 14.46 -8.99 32.09
N LEU E 273 15.60 -8.70 32.72
CA LEU E 273 16.57 -9.73 33.07
C LEU E 273 16.22 -10.39 34.40
N GLU E 274 17.20 -11.05 35.01
CA GLU E 274 17.03 -11.92 36.19
C GLU E 274 15.98 -12.99 35.91
N ARG E 275 16.03 -13.54 34.69
CA ARG E 275 15.08 -14.51 34.20
C ARG E 275 15.70 -15.88 34.39
N MET E 276 15.54 -16.44 35.60
CA MET E 276 16.08 -17.77 35.89
C MET E 276 15.34 -18.88 35.14
N GLN E 277 14.15 -18.61 34.61
CA GLN E 277 13.36 -19.67 33.99
C GLN E 277 13.98 -20.14 32.66
N GLN E 278 14.58 -19.22 31.90
CA GLN E 278 15.20 -19.58 30.64
C GLN E 278 16.21 -18.50 30.25
N GLY E 279 17.26 -18.92 29.56
CA GLY E 279 18.23 -17.99 29.00
C GLY E 279 17.73 -17.38 27.70
N SER E 280 16.82 -16.43 27.83
CA SER E 280 16.05 -15.94 26.69
C SER E 280 16.91 -15.07 25.78
N PRO E 281 16.59 -15.04 24.48
CA PRO E 281 17.16 -13.99 23.61
C PRO E 281 16.81 -12.59 24.05
N GLU E 282 15.65 -12.39 24.68
CA GLU E 282 15.37 -11.14 25.37
C GLU E 282 16.35 -10.90 26.51
N ALA E 283 16.72 -11.97 27.22
CA ALA E 283 17.72 -11.83 28.28
C ALA E 283 19.10 -11.54 27.70
N THR E 284 19.42 -12.12 26.54
CA THR E 284 20.67 -11.76 25.86
C THR E 284 20.67 -10.30 25.43
N VAL E 285 19.57 -9.82 24.85
CA VAL E 285 19.57 -8.44 24.37
C VAL E 285 19.46 -7.45 25.53
N ALA E 286 18.90 -7.85 26.67
CA ALA E 286 18.94 -6.98 27.83
C ALA E 286 20.30 -7.03 28.53
N ARG E 287 21.04 -8.14 28.40
CA ARG E 287 22.43 -8.14 28.83
C ARG E 287 23.27 -7.25 27.93
N THR E 288 22.98 -7.22 26.63
CA THR E 288 23.59 -6.20 25.77
C THR E 288 23.15 -4.81 26.20
N TYR E 289 21.90 -4.65 26.64
CA TYR E 289 21.44 -3.34 27.11
C TYR E 289 22.20 -2.90 28.34
N LEU E 290 22.41 -3.79 29.28
CA LEU E 290 23.17 -3.47 30.46
C LEU E 290 24.66 -3.40 30.17
N ASP E 291 25.10 -3.90 29.02
CA ASP E 291 26.43 -3.54 28.52
C ASP E 291 26.43 -2.10 28.01
N TRP E 292 25.48 -1.75 27.13
CA TRP E 292 25.51 -0.48 26.42
C TRP E 292 24.93 0.66 27.23
N LEU E 293 24.47 0.42 28.46
CA LEU E 293 23.99 1.50 29.33
C LEU E 293 24.95 1.82 30.46
N THR E 294 25.65 0.81 30.95
CA THR E 294 26.35 0.84 32.22
C THR E 294 27.85 0.79 32.08
N GLU E 295 28.36 0.05 31.09
CA GLU E 295 29.75 0.22 30.69
C GLU E 295 29.94 1.51 29.90
N VAL E 296 28.87 2.05 29.36
CA VAL E 296 28.78 3.48 29.09
C VAL E 296 28.99 4.15 30.45
N PRO E 297 29.98 5.04 30.59
CA PRO E 297 30.16 5.73 31.87
C PRO E 297 29.20 6.90 31.99
N TRP E 298 28.75 7.12 33.21
CA TRP E 298 27.91 8.26 33.55
C TRP E 298 28.54 8.90 34.77
N SER E 299 28.74 10.22 34.72
CA SER E 299 29.39 11.04 35.77
C SER E 299 30.83 10.58 36.05
N LYS E 300 31.70 10.74 35.05
CA LYS E 300 33.13 10.51 35.26
C LYS E 300 33.96 11.47 34.41
N ALA E 301 34.63 12.41 35.06
CA ALA E 301 35.26 13.52 34.34
C ALA E 301 36.70 13.18 33.93
N ASP E 302 37.37 14.19 33.36
CA ASP E 302 38.76 14.20 32.93
C ASP E 302 39.32 15.57 33.25
N PRO E 303 40.60 15.67 33.61
CA PRO E 303 41.14 16.98 33.98
C PRO E 303 41.42 17.84 32.77
N GLU E 304 40.53 18.79 32.51
CA GLU E 304 40.71 19.72 31.41
C GLU E 304 41.83 20.69 31.73
N VAL E 305 42.34 21.33 30.69
CA VAL E 305 43.30 22.41 30.84
C VAL E 305 42.53 23.72 30.69
N LEU E 306 42.60 24.56 31.72
CA LEU E 306 41.93 25.85 31.70
C LEU E 306 42.55 26.79 30.66
N ASP E 307 43.87 26.71 30.49
CA ASP E 307 44.62 27.68 29.70
C ASP E 307 44.58 27.29 28.22
N ILE E 308 44.06 28.20 27.40
CA ILE E 308 44.03 28.01 25.96
C ILE E 308 45.44 28.06 25.37
N ASN E 309 46.37 28.78 26.01
CA ASN E 309 47.70 28.91 25.44
C ASN E 309 48.51 27.61 25.56
N HIS E 310 48.45 26.96 26.73
CA HIS E 310 49.06 25.64 26.87
C HIS E 310 48.39 24.63 25.95
N THR E 311 47.07 24.72 25.84
CA THR E 311 46.30 23.91 24.91
C THR E 311 46.78 24.11 23.47
N ARG E 312 47.09 25.36 23.13
CA ARG E 312 47.63 25.68 21.82
C ARG E 312 49.00 25.07 21.63
N GLN E 313 49.82 25.06 22.68
CA GLN E 313 51.12 24.41 22.59
C GLN E 313 50.96 22.92 22.37
N VAL E 314 50.01 22.31 23.08
CA VAL E 314 49.69 20.89 22.91
C VAL E 314 49.20 20.61 21.50
N LEU E 315 48.44 21.53 20.92
CA LEU E 315 48.00 21.35 19.55
C LEU E 315 49.13 21.54 18.54
N ASP E 316 49.97 22.55 18.75
CA ASP E 316 50.93 22.94 17.74
C ASP E 316 52.21 22.13 17.80
N GLU E 317 52.43 21.35 18.87
CA GLU E 317 53.61 20.50 18.88
C GLU E 317 53.49 19.36 17.87
N ASP E 318 52.27 18.89 17.61
CA ASP E 318 52.08 17.75 16.73
C ASP E 318 51.27 18.06 15.48
N HIS E 319 50.21 18.87 15.59
CA HIS E 319 49.34 19.10 14.45
C HIS E 319 48.85 20.53 14.41
N TYR E 320 49.81 21.46 14.46
CA TYR E 320 49.56 22.86 14.14
C TYR E 320 48.79 23.01 12.83
N GLY E 321 47.56 23.51 12.91
CA GLY E 321 46.85 24.00 11.75
C GLY E 321 47.06 25.49 11.59
N LEU E 322 46.42 26.05 10.58
CA LEU E 322 46.48 27.49 10.39
C LEU E 322 45.67 28.17 11.48
N LYS E 323 45.90 29.48 11.64
CA LYS E 323 45.41 30.19 12.82
C LYS E 323 43.89 30.29 12.85
N ASP E 324 43.25 30.28 11.68
CA ASP E 324 41.81 30.33 11.63
C ASP E 324 41.19 29.06 12.21
N VAL E 325 41.65 27.90 11.77
CA VAL E 325 41.00 26.66 12.16
C VAL E 325 41.35 26.26 13.57
N LYS E 326 42.43 26.80 14.14
CA LYS E 326 42.70 26.56 15.55
C LYS E 326 41.98 27.59 16.41
N GLU E 327 42.22 28.87 16.15
CA GLU E 327 41.66 29.92 16.99
C GLU E 327 40.16 30.02 16.90
N ARG E 328 39.54 29.48 15.85
CA ARG E 328 38.08 29.41 15.82
C ARG E 328 37.57 28.43 16.87
N ILE E 329 38.28 27.32 17.05
CA ILE E 329 37.99 26.40 18.15
C ILE E 329 38.29 27.07 19.48
N LEU E 330 39.42 27.76 19.55
CA LEU E 330 39.84 28.38 20.80
C LEU E 330 38.90 29.51 21.22
N GLU E 331 38.24 30.14 20.25
CA GLU E 331 37.25 31.15 20.59
C GLU E 331 36.03 30.51 21.22
N TYR E 332 35.65 29.32 20.77
CA TYR E 332 34.61 28.57 21.48
C TYR E 332 35.08 28.17 22.87
N LEU E 333 36.35 27.80 22.99
CA LEU E 333 36.88 27.44 24.28
C LEU E 333 36.99 28.63 25.22
N ALA E 334 36.96 29.85 24.67
CA ALA E 334 36.86 31.03 25.53
C ALA E 334 35.57 31.03 26.33
N VAL E 335 34.43 30.76 25.68
CA VAL E 335 33.19 30.70 26.45
C VAL E 335 33.14 29.41 27.24
N ARG E 336 33.92 28.40 26.85
CA ARG E 336 34.05 27.24 27.71
C ARG E 336 34.75 27.59 29.01
N GLN E 337 35.54 28.66 29.03
CA GLN E 337 36.00 29.29 30.25
C GLN E 337 35.17 30.48 30.67
N LEU E 338 34.13 30.84 29.93
CA LEU E 338 33.39 32.07 30.22
C LEU E 338 31.88 31.91 30.02
N THR E 339 31.29 30.85 30.58
CA THR E 339 29.83 30.84 30.64
C THR E 339 29.33 31.88 31.63
N GLN E 340 28.01 32.12 31.64
CA GLN E 340 27.44 33.31 32.30
C GLN E 340 27.59 33.19 33.82
N GLY E 341 28.56 33.91 34.35
CA GLY E 341 28.95 33.71 35.73
C GLY E 341 29.70 32.43 35.98
N LEU E 342 30.31 31.85 34.93
CA LEU E 342 30.96 30.54 34.94
C LEU E 342 30.03 29.44 35.45
N ASP E 343 28.80 29.47 34.98
CA ASP E 343 27.81 28.45 35.30
C ASP E 343 27.94 27.28 34.33
N VAL E 344 26.95 26.39 34.33
CA VAL E 344 26.91 25.26 33.42
C VAL E 344 25.85 25.56 32.36
N ARG E 345 26.28 26.14 31.25
CA ARG E 345 25.42 26.33 30.09
C ARG E 345 26.32 26.39 28.87
N ASN E 346 25.70 26.28 27.69
CA ASN E 346 26.25 26.88 26.49
C ASN E 346 25.28 27.91 25.93
N LYS E 347 24.05 27.49 25.64
CA LYS E 347 23.10 28.19 24.77
C LYS E 347 23.80 28.55 23.46
N ALA E 348 24.55 27.60 22.93
CA ALA E 348 25.64 27.85 22.00
C ALA E 348 25.94 26.56 21.24
N PRO E 349 26.45 26.64 20.01
CA PRO E 349 26.62 25.43 19.19
C PRO E 349 27.64 24.41 19.67
N ILE E 350 27.76 23.32 18.91
CA ILE E 350 28.53 22.16 19.33
C ILE E 350 29.77 21.94 18.47
N LEU E 351 30.20 23.00 17.77
CA LEU E 351 31.57 23.13 17.22
C LEU E 351 31.86 22.05 16.18
N VAL E 352 31.16 22.15 15.06
CA VAL E 352 31.08 21.08 14.07
C VAL E 352 32.06 21.34 12.93
N LEU E 353 32.70 20.29 12.46
CA LEU E 353 33.72 20.37 11.43
C LEU E 353 33.13 20.10 10.05
N VAL E 354 33.84 20.59 9.03
CA VAL E 354 33.53 20.25 7.64
C VAL E 354 34.81 20.42 6.83
N GLY E 355 34.96 19.59 5.79
CA GLY E 355 36.10 19.66 4.92
C GLY E 355 36.24 18.36 4.16
N PRO E 356 37.11 18.34 3.14
CA PRO E 356 37.26 17.13 2.33
C PRO E 356 37.82 15.99 3.16
N PRO E 357 37.52 14.73 2.79
CA PRO E 357 37.75 13.62 3.73
C PRO E 357 39.19 13.26 4.04
N GLY E 358 40.15 14.07 3.61
CA GLY E 358 41.53 13.82 3.91
C GLY E 358 42.12 14.62 5.04
N VAL E 359 41.43 15.67 5.47
CA VAL E 359 41.99 16.55 6.48
C VAL E 359 41.90 15.87 7.85
N GLY E 360 42.84 16.18 8.71
CA GLY E 360 43.12 15.33 9.85
C GLY E 360 42.23 15.41 11.06
N LYS E 361 40.91 15.40 10.84
CA LYS E 361 39.94 15.63 11.91
C LYS E 361 39.99 14.56 12.99
N THR E 362 40.41 13.35 12.63
CA THR E 362 40.63 12.29 13.61
C THR E 362 41.70 12.66 14.62
N SER E 363 42.94 12.83 14.17
CA SER E 363 43.98 13.14 15.12
C SER E 363 43.93 14.57 15.61
N LEU E 364 43.18 15.44 14.93
CA LEU E 364 42.86 16.72 15.53
C LEU E 364 41.96 16.55 16.75
N GLY E 365 40.95 15.70 16.66
CA GLY E 365 40.16 15.37 17.84
C GLY E 365 40.98 14.67 18.90
N ARG E 366 41.94 13.84 18.47
CA ARG E 366 42.85 13.23 19.42
C ARG E 366 43.74 14.27 20.10
N SER E 367 44.14 15.31 19.36
CA SER E 367 44.91 16.39 19.93
C SER E 367 44.09 17.18 20.94
N ILE E 368 42.80 17.34 20.68
CA ILE E 368 41.90 17.95 21.66
C ILE E 368 41.82 17.07 22.91
N ALA E 369 41.74 15.75 22.71
CA ALA E 369 41.69 14.81 23.81
C ALA E 369 42.95 14.86 24.65
N ARG E 370 44.10 14.94 23.98
CA ARG E 370 45.38 15.05 24.65
C ARG E 370 45.53 16.38 25.35
N SER E 371 44.86 17.41 24.83
CA SER E 371 44.92 18.74 25.43
C SER E 371 44.16 18.78 26.75
N MET E 372 42.88 18.41 26.72
CA MET E 372 42.04 18.47 27.91
C MET E 372 42.14 17.23 28.76
N ASN E 373 43.15 16.39 28.51
CA ASN E 373 43.30 15.06 29.12
C ASN E 373 42.06 14.19 28.88
N ARG E 374 41.40 14.38 27.74
CA ARG E 374 40.23 13.61 27.42
C ARG E 374 40.65 12.35 26.68
N LYS E 375 39.70 11.46 26.46
CA LYS E 375 39.93 10.31 25.60
C LYS E 375 39.43 10.66 24.21
N PHE E 376 39.76 9.80 23.24
CA PHE E 376 39.30 10.04 21.88
C PHE E 376 38.84 8.69 21.33
N HIS E 377 37.55 8.42 21.44
CA HIS E 377 36.95 7.28 20.77
C HIS E 377 36.10 7.85 19.64
N ARG E 378 36.67 7.88 18.44
CA ARG E 378 35.85 8.25 17.31
C ARG E 378 34.90 7.11 16.95
N ILE E 379 33.86 7.47 16.21
CA ILE E 379 32.84 6.53 15.77
C ILE E 379 32.14 7.05 14.53
N SER E 380 32.18 6.26 13.48
CA SER E 380 31.44 6.60 12.28
C SER E 380 29.99 6.14 12.41
N LEU E 381 29.14 6.78 11.63
CA LEU E 381 27.73 6.44 11.54
C LEU E 381 27.23 6.55 10.10
N GLY E 382 28.13 6.41 9.13
CA GLY E 382 27.78 6.67 7.75
C GLY E 382 26.88 5.61 7.15
N GLY E 383 26.10 6.03 6.16
CA GLY E 383 25.26 5.13 5.39
C GLY E 383 24.11 4.51 6.14
N VAL E 384 23.75 5.07 7.29
CA VAL E 384 22.78 4.43 8.17
C VAL E 384 21.37 4.80 7.73
N ARG E 385 20.54 3.79 7.49
CA ARG E 385 19.18 3.99 7.01
C ARG E 385 18.16 4.10 8.13
N ASP E 386 18.43 3.51 9.29
CA ASP E 386 17.46 3.48 10.37
C ASP E 386 17.73 4.62 11.33
N GLU E 387 16.67 5.14 11.94
CA GLU E 387 16.89 5.73 13.25
C GLU E 387 17.24 4.64 14.24
N ALA E 388 16.69 3.45 14.05
CA ALA E 388 16.97 2.26 14.86
C ALA E 388 18.40 1.72 14.71
N GLU E 389 19.22 2.41 13.92
CA GLU E 389 20.65 2.01 13.76
C GLU E 389 21.49 3.02 14.54
N ILE E 390 21.16 4.31 14.42
CA ILE E 390 21.85 5.35 15.25
C ILE E 390 21.24 5.26 16.65
N ARG E 391 19.92 5.04 16.74
CA ARG E 391 19.25 4.85 18.05
C ARG E 391 19.37 3.36 18.40
N GLY E 392 18.79 2.96 19.54
CA GLY E 392 18.79 1.53 19.91
C GLY E 392 17.56 0.83 19.36
N HIS E 393 17.20 -0.33 19.94
CA HIS E 393 15.98 -1.05 19.52
C HIS E 393 15.11 -1.34 20.74
N ARG E 394 14.13 -2.25 20.61
CA ARG E 394 13.34 -2.63 21.76
C ARG E 394 13.80 -3.99 22.25
N ARG E 395 13.92 -4.13 23.57
CA ARG E 395 14.42 -5.37 24.16
C ARG E 395 13.41 -6.50 24.13
N THR E 396 12.21 -6.28 23.60
CA THR E 396 11.17 -7.30 23.51
C THR E 396 11.42 -8.35 22.43
N TYR E 397 12.56 -8.32 21.75
CA TYR E 397 12.87 -9.29 20.71
C TYR E 397 14.38 -9.40 20.55
N ILE E 398 14.79 -10.26 19.63
CA ILE E 398 16.18 -10.40 19.23
C ILE E 398 16.26 -10.04 17.76
N GLY E 399 17.48 -9.75 17.31
CA GLY E 399 17.67 -8.85 16.20
C GLY E 399 17.66 -7.40 16.64
N ALA E 400 17.54 -7.16 17.94
CA ALA E 400 17.53 -5.83 18.52
C ALA E 400 18.96 -5.41 18.82
N MET E 401 19.32 -4.22 18.36
CA MET E 401 20.71 -3.79 18.37
C MET E 401 20.77 -2.29 18.66
N PRO E 402 21.83 -1.82 19.31
CA PRO E 402 21.88 -0.41 19.70
C PRO E 402 22.24 0.49 18.55
N GLY E 403 22.46 1.76 18.83
CA GLY E 403 23.21 2.57 17.91
C GLY E 403 24.66 2.16 17.88
N LYS E 404 25.35 2.57 16.80
CA LYS E 404 26.81 2.50 16.80
C LYS E 404 27.39 3.38 17.89
N LEU E 405 26.73 4.49 18.17
CA LEU E 405 27.22 5.48 19.13
C LEU E 405 27.13 4.94 20.55
N ILE E 406 26.09 4.16 20.84
CA ILE E 406 25.92 3.60 22.18
C ILE E 406 27.00 2.57 22.47
N HIS E 407 27.26 1.70 21.49
CA HIS E 407 28.38 0.77 21.55
C HIS E 407 29.71 1.50 21.65
N ALA E 408 29.83 2.64 20.96
CA ALA E 408 31.05 3.45 21.03
C ALA E 408 31.26 4.01 22.42
N MET E 409 30.21 4.52 23.03
CA MET E 409 30.29 5.10 24.35
C MET E 409 30.45 4.03 25.42
N LYS E 410 30.11 2.78 25.09
CA LYS E 410 30.38 1.65 25.97
C LYS E 410 31.88 1.48 26.22
N GLN E 411 32.70 1.82 25.22
CA GLN E 411 34.14 1.59 25.30
C GLN E 411 34.80 2.47 26.35
N VAL E 412 34.46 3.76 26.39
CA VAL E 412 35.17 4.72 27.23
C VAL E 412 34.79 4.54 28.70
N GLY E 413 35.53 5.18 29.58
CA GLY E 413 35.29 5.09 31.00
C GLY E 413 35.06 6.46 31.63
N VAL E 414 35.00 7.49 30.79
CA VAL E 414 34.79 8.87 31.22
C VAL E 414 33.67 9.50 30.42
N ILE E 415 33.08 10.57 30.98
CA ILE E 415 31.99 11.24 30.28
C ILE E 415 32.47 12.48 29.54
N ASN E 416 33.76 12.73 29.53
CA ASN E 416 34.32 13.67 28.59
C ASN E 416 35.45 13.00 27.83
N PRO E 417 35.11 12.14 26.84
CA PRO E 417 36.09 11.89 25.78
C PRO E 417 35.82 12.77 24.58
N VAL E 418 36.82 12.93 23.71
CA VAL E 418 36.51 13.54 22.42
C VAL E 418 35.76 12.49 21.61
N ILE E 419 34.46 12.72 21.44
CA ILE E 419 33.60 11.84 20.67
C ILE E 419 33.40 12.47 19.30
N LEU E 420 33.91 11.80 18.28
CA LEU E 420 33.97 12.36 16.95
C LEU E 420 32.79 11.84 16.14
N LEU E 421 32.11 12.74 15.46
CA LEU E 421 30.95 12.39 14.65
C LEU E 421 31.30 12.66 13.19
N ASP E 422 30.80 11.81 12.30
CA ASP E 422 31.40 11.67 10.97
C ASP E 422 30.40 11.84 9.83
N GLU E 423 30.51 12.99 9.16
CA GLU E 423 29.96 13.25 7.82
C GLU E 423 28.44 13.06 7.75
N ILE E 424 27.76 13.95 8.48
CA ILE E 424 26.30 14.00 8.46
C ILE E 424 25.77 14.60 7.16
N ASP E 425 26.63 15.27 6.39
CA ASP E 425 26.25 15.74 5.06
C ASP E 425 25.93 14.58 4.12
N LYS E 426 26.49 13.41 4.38
CA LYS E 426 26.31 12.25 3.52
C LYS E 426 25.43 11.20 4.20
N MET E 427 24.36 11.66 4.84
CA MET E 427 23.37 10.80 5.45
C MET E 427 22.07 10.88 4.67
N SER E 428 21.20 9.91 4.88
CA SER E 428 19.88 9.93 4.25
C SER E 428 18.90 9.13 5.10
N SER E 429 17.63 9.49 4.99
CA SER E 429 16.54 8.79 5.66
C SER E 429 15.90 7.83 4.67
N ASP E 430 15.95 6.55 4.97
CA ASP E 430 15.45 5.52 4.07
C ASP E 430 14.36 4.66 4.68
N TRP E 431 14.47 4.36 5.96
CA TRP E 431 13.53 3.52 6.68
C TRP E 431 12.63 4.41 7.53
N ARG E 432 11.58 3.83 8.09
CA ARG E 432 10.65 4.57 8.94
C ARG E 432 11.35 5.10 10.20
N GLY E 433 11.33 6.42 10.34
CA GLY E 433 12.11 7.05 11.37
C GLY E 433 13.39 7.65 10.82
N ASP E 434 13.46 8.97 10.83
CA ASP E 434 14.63 9.69 10.34
C ASP E 434 15.85 9.40 11.20
N PRO E 435 16.97 8.96 10.63
CA PRO E 435 18.18 8.70 11.42
C PRO E 435 18.77 9.92 12.12
N ALA E 436 18.54 11.13 11.59
CA ALA E 436 19.11 12.33 12.18
C ALA E 436 18.27 12.89 13.31
N SER E 437 17.17 12.24 13.67
CA SER E 437 16.34 12.70 14.78
C SER E 437 17.03 12.53 16.13
N ALA E 438 17.98 11.60 16.23
CA ALA E 438 18.77 11.47 17.45
C ALA E 438 19.65 12.69 17.68
N MET E 439 20.24 13.21 16.61
CA MET E 439 21.21 14.27 16.79
C MET E 439 20.57 15.59 17.16
N LEU E 440 19.28 15.78 16.84
CA LEU E 440 18.61 17.01 17.25
C LEU E 440 18.47 17.11 18.76
N GLU E 441 18.29 15.99 19.43
CA GLU E 441 18.35 15.97 20.89
C GLU E 441 19.75 15.68 21.42
N VAL E 442 20.72 15.42 20.54
CA VAL E 442 22.11 15.66 20.90
C VAL E 442 22.42 17.16 20.96
N LEU E 443 21.78 17.95 20.09
CA LEU E 443 22.21 19.32 19.77
C LEU E 443 22.18 20.34 20.90
N ASP E 444 21.01 20.60 21.46
CA ASP E 444 20.91 21.73 22.38
C ASP E 444 21.52 21.38 23.74
N PRO E 445 22.28 22.29 24.33
CA PRO E 445 23.08 21.94 25.52
C PRO E 445 22.27 21.77 26.79
N GLU E 446 20.97 22.03 26.76
CA GLU E 446 20.14 21.85 27.94
C GLU E 446 19.25 20.62 27.85
N GLN E 447 18.87 20.19 26.65
CA GLN E 447 18.07 18.99 26.47
C GLN E 447 18.86 17.82 25.92
N ASN E 448 20.18 17.97 25.73
CA ASN E 448 20.99 16.78 25.53
C ASN E 448 21.24 16.06 26.83
N ASN E 449 21.02 16.74 27.95
CA ASN E 449 20.75 16.09 29.22
C ASN E 449 19.58 15.13 29.12
N THR E 450 18.63 15.42 28.23
CA THR E 450 17.53 14.53 27.87
C THR E 450 17.75 13.87 26.51
N PHE E 451 18.98 13.50 26.16
CA PHE E 451 19.22 12.68 24.97
C PHE E 451 19.10 11.20 25.31
N THR E 452 18.08 10.55 24.75
CA THR E 452 17.95 9.11 24.84
C THR E 452 18.11 8.51 23.45
N ASP E 453 17.99 7.21 23.39
CA ASP E 453 17.85 6.49 22.15
C ASP E 453 16.59 5.65 22.25
N HIS E 454 16.42 4.70 21.33
CA HIS E 454 15.30 3.77 21.41
C HIS E 454 15.51 2.73 22.48
N TYR E 455 16.71 2.67 23.07
CA TYR E 455 17.17 1.52 23.81
C TYR E 455 17.49 1.86 25.26
N LEU E 456 18.34 2.86 25.52
CA LEU E 456 18.53 3.35 26.88
C LEU E 456 17.30 4.13 27.30
N ASP E 457 16.72 3.78 28.43
CA ASP E 457 15.36 4.19 28.72
C ASP E 457 15.31 5.60 29.32
N VAL E 458 16.04 5.79 30.43
CA VAL E 458 16.22 7.15 31.01
C VAL E 458 17.35 7.77 30.20
N PRO E 459 17.20 8.98 29.61
CA PRO E 459 18.17 9.55 28.67
C PRO E 459 19.55 9.76 29.25
N TYR E 460 20.51 9.92 28.34
CA TYR E 460 21.87 10.26 28.72
C TYR E 460 21.98 11.74 28.99
N ASP E 461 22.80 12.08 29.98
CA ASP E 461 23.21 13.46 30.26
C ASP E 461 24.41 13.88 29.41
N LEU E 462 24.12 14.18 28.13
CA LEU E 462 25.20 14.63 27.21
C LEU E 462 25.69 16.04 27.59
N SER E 463 24.91 16.78 28.38
CA SER E 463 25.28 18.16 28.71
C SER E 463 26.65 18.24 29.38
N LYS E 464 27.14 17.16 29.98
CA LYS E 464 28.48 17.11 30.52
C LYS E 464 29.47 16.46 29.58
N VAL E 465 29.08 16.20 28.32
CA VAL E 465 29.93 15.56 27.34
C VAL E 465 30.12 16.54 26.19
N PHE E 466 31.33 16.64 25.67
CA PHE E 466 31.50 17.45 24.48
C PHE E 466 31.61 16.60 23.24
N PHE E 467 31.11 17.14 22.13
CA PHE E 467 30.99 16.43 20.87
C PHE E 467 31.53 17.27 19.73
N ILE E 468 32.09 16.58 18.73
CA ILE E 468 32.63 17.20 17.53
C ILE E 468 32.12 16.42 16.35
N THR E 469 31.64 17.12 15.32
CA THR E 469 31.01 16.48 14.18
C THR E 469 31.65 16.95 12.89
N THR E 470 32.13 16.01 12.09
CA THR E 470 32.72 16.34 10.81
C THR E 470 31.69 16.25 9.71
N ALA E 471 32.05 16.80 8.54
CA ALA E 471 31.28 16.67 7.31
C ALA E 471 32.23 16.97 6.15
N ASN E 472 31.68 16.96 4.93
CA ASN E 472 32.46 17.35 3.77
C ASN E 472 31.72 18.39 2.94
N THR E 473 30.40 18.41 3.05
CA THR E 473 29.54 19.30 2.26
C THR E 473 28.72 20.14 3.22
N LEU E 474 28.44 21.39 2.84
CA LEU E 474 27.52 22.22 3.60
C LEU E 474 26.10 22.11 3.08
N GLN E 475 25.94 21.94 1.76
CA GLN E 475 24.62 21.96 1.14
C GLN E 475 23.83 20.72 1.51
N THR E 476 24.48 19.58 1.63
CA THR E 476 23.79 18.33 1.91
C THR E 476 23.75 18.02 3.40
N ILE E 477 24.17 18.95 4.26
CA ILE E 477 23.78 18.90 5.66
C ILE E 477 22.26 18.98 5.73
N PRO E 478 21.58 18.14 6.50
CA PRO E 478 20.12 18.24 6.60
C PRO E 478 19.70 19.52 7.30
N ARG E 479 18.75 20.22 6.67
CA ARG E 479 18.33 21.55 7.12
C ARG E 479 17.76 21.64 8.54
N PRO E 480 16.96 20.70 9.07
CA PRO E 480 16.54 20.82 10.48
C PRO E 480 17.68 20.74 11.48
N LEU E 481 18.83 20.23 11.07
CA LEU E 481 19.96 20.07 11.96
C LEU E 481 20.80 21.34 12.05
N LEU E 482 20.38 22.41 11.37
CA LEU E 482 21.17 23.63 11.26
C LEU E 482 21.28 24.40 12.55
N ASP E 483 20.41 24.13 13.53
CA ASP E 483 20.60 24.67 14.86
C ASP E 483 21.86 24.08 15.48
N ARG E 484 22.48 24.88 16.35
CA ARG E 484 23.65 24.48 17.14
C ARG E 484 24.81 24.03 16.26
N MET E 485 25.00 24.73 15.15
CA MET E 485 26.11 24.52 14.23
C MET E 485 27.13 25.63 14.40
N GLU E 486 28.32 25.28 14.86
CA GLU E 486 29.48 26.16 14.80
C GLU E 486 30.37 25.51 13.75
N VAL E 487 30.12 25.90 12.50
CA VAL E 487 30.79 25.27 11.37
C VAL E 487 32.26 25.66 11.36
N ILE E 488 33.12 24.65 11.26
CA ILE E 488 34.55 24.85 11.22
C ILE E 488 35.00 24.28 9.88
N GLU E 489 35.16 25.15 8.89
CA GLU E 489 35.63 24.69 7.59
C GLU E 489 37.10 24.31 7.69
N ILE E 490 37.40 23.08 7.30
CA ILE E 490 38.78 22.61 7.30
C ILE E 490 39.22 22.53 5.84
N PRO E 491 40.12 23.41 5.40
CA PRO E 491 40.47 23.46 3.98
C PRO E 491 41.29 22.25 3.55
N GLY E 492 40.91 21.69 2.41
CA GLY E 492 41.76 20.72 1.75
C GLY E 492 43.02 21.41 1.30
N TYR E 493 44.18 20.93 1.77
CA TYR E 493 45.40 21.72 1.88
C TYR E 493 45.94 22.15 0.53
N THR E 494 46.63 23.29 0.54
CA THR E 494 47.46 23.71 -0.58
C THR E 494 48.55 22.67 -0.81
N ASN E 495 48.97 22.51 -2.06
CA ASN E 495 49.96 21.49 -2.38
C ASN E 495 51.30 21.78 -1.71
N MET E 496 51.70 23.05 -1.63
CA MET E 496 52.86 23.36 -0.79
C MET E 496 52.54 23.12 0.68
N GLU E 497 51.31 23.41 1.10
CA GLU E 497 50.93 23.07 2.47
C GLU E 497 50.82 21.56 2.63
N LYS E 498 50.44 20.85 1.56
CA LYS E 498 50.40 19.38 1.59
C LYS E 498 51.77 18.80 1.86
N GLN E 499 52.77 19.21 1.06
CA GLN E 499 54.11 18.68 1.28
C GLN E 499 54.70 19.22 2.57
N ALA E 500 54.27 20.41 2.98
CA ALA E 500 54.71 20.98 4.25
C ALA E 500 54.28 20.12 5.42
N ILE E 501 52.98 19.77 5.47
CA ILE E 501 52.51 18.97 6.59
C ILE E 501 52.89 17.51 6.42
N ALA E 502 53.21 17.08 5.20
CA ALA E 502 53.70 15.72 5.02
C ALA E 502 55.11 15.58 5.57
N ARG E 503 56.03 16.40 5.06
CA ARG E 503 57.40 16.42 5.52
C ARG E 503 57.51 16.84 6.99
N GLN E 504 56.59 17.69 7.43
CA GLN E 504 56.56 18.21 8.78
C GLN E 504 56.03 17.17 9.74
N TYR E 505 54.78 16.76 9.54
CA TYR E 505 54.17 15.74 10.39
C TYR E 505 54.28 14.38 9.75
N LEU E 506 53.65 14.21 8.58
CA LEU E 506 53.13 12.92 8.18
C LEU E 506 54.20 11.96 7.72
N TRP E 507 55.20 12.44 6.98
CA TRP E 507 56.27 11.52 6.58
C TRP E 507 57.11 11.04 7.75
N PRO E 508 57.52 11.88 8.73
CA PRO E 508 58.10 11.30 9.96
C PRO E 508 57.16 10.38 10.72
N LYS E 509 55.84 10.61 10.64
CA LYS E 509 54.90 9.70 11.26
C LYS E 509 54.93 8.33 10.58
N GLN E 510 54.99 8.31 9.24
CA GLN E 510 55.08 7.05 8.53
C GLN E 510 56.46 6.41 8.69
N VAL E 511 57.47 7.24 8.94
CA VAL E 511 58.76 6.73 9.38
C VAL E 511 58.63 5.96 10.68
N ARG E 512 57.89 6.53 11.63
CA ARG E 512 57.69 5.88 12.92
C ARG E 512 56.91 4.57 12.77
N GLU E 513 55.77 4.61 12.08
CA GLU E 513 54.82 3.52 12.21
C GLU E 513 55.14 2.34 11.30
N SER E 514 55.65 2.58 10.10
CA SER E 514 55.66 1.57 9.06
C SER E 514 56.96 0.77 9.00
N GLY E 515 57.76 0.77 10.06
CA GLY E 515 58.99 0.02 10.05
C GLY E 515 60.13 0.64 9.26
N MET E 516 59.81 1.66 8.45
CA MET E 516 60.84 2.41 7.69
C MET E 516 61.36 3.54 8.59
N GLU E 517 61.89 3.17 9.75
CA GLU E 517 62.42 4.14 10.72
C GLU E 517 63.80 4.60 10.26
N GLY E 518 63.84 5.72 9.54
CA GLY E 518 65.10 6.35 9.17
C GLY E 518 65.87 5.65 8.08
N ARG E 519 65.27 4.68 7.40
CA ARG E 519 65.95 3.90 6.38
C ARG E 519 65.76 4.47 4.98
N ILE E 520 64.92 5.48 4.83
CA ILE E 520 64.58 6.06 3.54
C ILE E 520 64.71 7.57 3.65
N GLU E 521 65.43 8.19 2.72
CA GLU E 521 65.30 9.62 2.51
C GLU E 521 64.34 9.84 1.36
N VAL E 522 63.28 10.58 1.58
CA VAL E 522 62.52 11.14 0.48
C VAL E 522 62.95 12.59 0.33
N THR E 523 62.99 13.05 -0.91
CA THR E 523 62.90 14.46 -1.14
C THR E 523 61.44 14.86 -1.11
N ASP E 524 61.18 16.12 -0.81
CA ASP E 524 59.84 16.63 -1.03
C ASP E 524 59.53 16.75 -2.51
N ALA E 525 60.55 16.77 -3.37
CA ALA E 525 60.35 16.65 -4.81
C ALA E 525 59.70 15.32 -5.17
N ALA E 526 60.17 14.23 -4.54
CA ALA E 526 59.55 12.92 -4.74
C ALA E 526 58.12 12.89 -4.23
N ILE E 527 57.89 13.51 -3.06
CA ILE E 527 56.56 13.53 -2.47
C ILE E 527 55.61 14.35 -3.34
N LEU E 528 56.07 15.48 -3.87
CA LEU E 528 55.20 16.28 -4.72
C LEU E 528 55.00 15.62 -6.07
N ARG E 529 55.97 14.82 -6.53
CA ARG E 529 55.75 13.99 -7.71
C ARG E 529 54.64 12.98 -7.45
N VAL E 530 54.65 12.37 -6.26
CA VAL E 530 53.61 11.42 -5.85
C VAL E 530 52.25 12.10 -5.80
N ILE E 531 52.21 13.31 -5.21
CA ILE E 531 50.97 14.06 -5.12
C ILE E 531 50.46 14.47 -6.50
N SER E 532 51.34 15.05 -7.31
CA SER E 532 50.95 15.64 -8.58
C SER E 532 50.62 14.59 -9.64
N GLU E 533 51.12 13.37 -9.49
CA GLU E 533 50.92 12.36 -10.51
C GLU E 533 50.21 11.11 -10.02
N TYR E 534 49.82 11.05 -8.74
CA TYR E 534 49.25 9.81 -8.24
C TYR E 534 47.93 10.01 -7.51
N THR E 535 47.80 11.10 -6.75
CA THR E 535 46.54 11.40 -6.06
C THR E 535 46.44 12.91 -5.89
N ARG E 536 45.52 13.54 -6.62
CA ARG E 536 45.34 14.98 -6.62
C ARG E 536 44.29 15.43 -5.61
N GLU E 537 44.17 14.71 -4.49
CA GLU E 537 43.12 14.95 -3.51
C GLU E 537 43.27 16.31 -2.85
N ALA E 538 42.13 16.94 -2.56
CA ALA E 538 42.14 18.14 -1.74
C ALA E 538 42.67 17.85 -0.35
N GLY E 539 42.13 16.82 0.29
CA GLY E 539 42.69 16.31 1.52
C GLY E 539 43.90 15.44 1.25
N VAL E 540 44.31 14.70 2.27
CA VAL E 540 45.51 13.90 2.14
C VAL E 540 45.33 12.45 2.58
N ARG E 541 44.08 12.00 2.76
CA ARG E 541 43.88 10.61 3.15
C ARG E 541 44.20 9.65 2.02
N GLY E 542 43.78 9.97 0.80
CA GLY E 542 44.28 9.25 -0.36
C GLY E 542 45.77 9.45 -0.53
N LEU E 543 46.28 10.63 -0.17
CA LEU E 543 47.71 10.81 -0.15
C LEU E 543 48.36 10.15 1.07
N GLU E 544 47.61 9.88 2.14
CA GLU E 544 48.15 9.06 3.20
C GLU E 544 48.25 7.61 2.78
N ARG E 545 47.30 7.16 1.96
CA ARG E 545 47.44 5.88 1.28
C ARG E 545 48.66 5.89 0.37
N GLU E 546 48.86 6.99 -0.36
CA GLU E 546 50.02 7.15 -1.23
C GLU E 546 51.31 7.10 -0.43
N LEU E 547 51.34 7.77 0.72
CA LEU E 547 52.52 7.82 1.57
C LEU E 547 52.78 6.49 2.27
N GLY E 548 51.71 5.79 2.66
CA GLY E 548 51.90 4.44 3.17
C GLY E 548 52.41 3.49 2.10
N LYS E 549 51.93 3.65 0.87
CA LYS E 549 52.43 2.88 -0.26
C LYS E 549 53.89 3.21 -0.53
N ILE E 550 54.26 4.49 -0.36
CA ILE E 550 55.66 4.91 -0.46
C ILE E 550 56.50 4.21 0.60
N ALA E 551 56.00 4.21 1.83
CA ALA E 551 56.73 3.63 2.96
C ALA E 551 56.86 2.12 2.80
N ARG E 552 55.82 1.48 2.26
CA ARG E 552 55.89 0.06 2.00
C ARG E 552 56.85 -0.24 0.86
N LYS E 553 56.71 0.48 -0.27
CA LYS E 553 57.50 0.22 -1.45
C LYS E 553 58.99 0.49 -1.22
N GLY E 554 59.31 1.53 -0.44
CA GLY E 554 60.68 1.66 0.02
C GLY E 554 61.05 0.60 1.05
N ALA E 555 60.07 0.17 1.85
CA ALA E 555 60.35 -0.71 2.99
C ALA E 555 60.72 -2.12 2.58
N LYS E 556 60.44 -2.51 1.33
CA LYS E 556 60.88 -3.81 0.84
C LYS E 556 62.33 -3.81 0.40
N PHE E 557 63.01 -2.66 0.42
CA PHE E 557 64.34 -2.62 -0.16
C PHE E 557 65.44 -2.91 0.85
N TRP E 558 65.22 -2.59 2.13
CA TRP E 558 66.33 -2.50 3.07
C TRP E 558 66.77 -3.87 3.57
N LEU E 559 65.81 -4.76 3.87
CA LEU E 559 66.17 -6.03 4.48
C LEU E 559 66.75 -7.00 3.46
N GLU E 560 66.68 -6.68 2.15
CA GLU E 560 67.35 -7.39 1.06
C GLU E 560 68.88 -7.27 1.08
N GLY E 561 69.44 -6.60 2.09
CA GLY E 561 70.82 -6.18 2.14
C GLY E 561 70.82 -4.70 2.43
N ALA E 562 71.44 -4.31 3.54
CA ALA E 562 71.43 -2.92 3.98
C ALA E 562 72.50 -2.16 3.20
N TRP E 563 72.20 -1.91 1.92
CA TRP E 563 73.11 -1.15 1.08
C TRP E 563 73.17 0.31 1.51
N GLU E 564 72.07 0.84 2.03
CA GLU E 564 72.07 2.18 2.60
C GLU E 564 71.27 2.15 3.90
N GLY E 565 71.79 2.84 4.90
CA GLY E 565 71.02 3.07 6.12
C GLY E 565 69.98 4.16 5.99
N LEU E 566 70.01 4.89 4.88
CA LEU E 566 69.02 5.92 4.60
C LEU E 566 69.00 6.06 3.08
N ARG E 567 67.98 5.51 2.44
CA ARG E 567 67.97 5.42 0.98
C ARG E 567 67.40 6.71 0.43
N THR E 568 68.24 7.47 -0.27
CA THR E 568 67.80 8.70 -0.91
C THR E 568 66.87 8.37 -2.06
N ILE E 569 65.64 8.84 -1.96
CA ILE E 569 64.63 8.63 -3.00
C ILE E 569 64.15 9.99 -3.48
N ASP E 570 64.22 10.17 -4.79
CA ASP E 570 63.83 11.43 -5.43
C ASP E 570 62.99 11.06 -6.64
N ALA E 571 62.78 12.03 -7.54
CA ALA E 571 62.10 11.79 -8.80
C ALA E 571 62.87 10.90 -9.76
N SER E 572 64.15 10.62 -9.47
CA SER E 572 64.93 9.75 -10.34
C SER E 572 64.62 8.28 -10.11
N ASP E 573 64.52 7.86 -8.85
CA ASP E 573 64.38 6.43 -8.56
C ASP E 573 62.95 6.03 -8.19
N ILE E 574 62.07 6.98 -7.91
CA ILE E 574 60.66 6.67 -7.72
C ILE E 574 59.95 6.14 -8.98
N PRO E 575 60.34 6.41 -10.25
CA PRO E 575 59.68 5.66 -11.34
C PRO E 575 60.02 4.18 -11.37
N THR E 576 61.15 3.77 -10.77
CA THR E 576 61.35 2.36 -10.50
C THR E 576 60.32 1.86 -9.49
N TYR E 577 59.93 2.72 -8.57
CA TYR E 577 59.15 2.31 -7.41
C TYR E 577 57.66 2.52 -7.63
N LEU E 578 57.28 3.63 -8.27
CA LEU E 578 55.90 3.89 -8.60
C LEU E 578 55.66 3.95 -10.11
N GLY E 579 56.38 4.81 -10.83
CA GLY E 579 56.24 4.86 -12.27
C GLY E 579 56.21 6.24 -12.90
N ILE E 580 55.31 6.44 -13.85
CA ILE E 580 55.31 7.60 -14.73
C ILE E 580 54.43 8.69 -14.12
N PRO E 581 54.32 9.88 -14.74
CA PRO E 581 53.17 10.73 -14.43
C PRO E 581 51.88 10.10 -14.92
N ARG E 582 51.10 9.53 -14.01
CA ARG E 582 49.75 9.09 -14.34
C ARG E 582 48.84 10.29 -14.52
N TYR E 583 49.12 11.35 -13.79
CA TYR E 583 48.50 12.64 -13.99
C TYR E 583 49.59 13.62 -14.35
N ARG E 584 49.24 14.61 -15.17
CA ARG E 584 50.14 15.71 -15.52
C ARG E 584 50.58 16.46 -14.27
N PRO E 585 51.85 16.43 -13.91
CA PRO E 585 52.30 17.18 -12.73
C PRO E 585 52.23 18.67 -13.00
N ASP E 586 51.87 19.43 -11.96
CA ASP E 586 51.68 20.88 -12.01
C ASP E 586 50.65 21.27 -13.06
N LYS E 587 49.35 21.03 -12.79
CA LYS E 587 48.28 21.15 -13.78
C LYS E 587 47.95 22.58 -14.20
N ALA E 588 48.82 23.53 -13.88
CA ALA E 588 48.99 24.74 -14.67
C ALA E 588 48.97 24.42 -16.16
N GLU E 589 49.90 23.59 -16.61
CA GLU E 589 49.93 23.17 -18.01
C GLU E 589 48.92 22.05 -18.20
N THR E 590 47.95 22.28 -19.07
CA THR E 590 46.90 21.32 -19.40
C THR E 590 47.00 20.97 -20.88
N GLU E 591 45.96 20.33 -21.38
CA GLU E 591 45.74 20.26 -22.82
C GLU E 591 45.67 21.67 -23.39
N PRO E 592 46.27 21.92 -24.57
CA PRO E 592 46.07 23.20 -25.24
C PRO E 592 44.60 23.47 -25.55
N GLN E 593 44.05 24.47 -24.87
CA GLN E 593 42.60 24.62 -24.76
C GLN E 593 42.03 25.39 -25.95
N VAL E 594 42.21 24.77 -27.13
CA VAL E 594 41.73 25.34 -28.38
C VAL E 594 40.21 25.38 -28.43
N GLY E 595 39.54 24.55 -27.61
CA GLY E 595 38.10 24.60 -27.54
C GLY E 595 37.55 24.41 -26.14
N THR E 596 38.41 24.49 -25.13
CA THR E 596 38.02 24.16 -23.76
C THR E 596 38.75 25.11 -22.82
N ALA E 597 38.79 24.75 -21.53
CA ALA E 597 39.48 25.52 -20.51
C ALA E 597 39.86 24.60 -19.36
N GLN E 598 40.72 25.11 -18.46
CA GLN E 598 40.95 24.42 -17.19
C GLN E 598 39.69 24.39 -16.36
N GLY E 599 39.30 23.19 -15.95
CA GLY E 599 38.29 23.07 -14.93
C GLY E 599 38.81 23.60 -13.60
N LEU E 600 37.87 24.13 -12.81
CA LEU E 600 38.19 24.56 -11.46
C LEU E 600 36.89 24.49 -10.67
N ALA E 601 36.71 23.41 -9.92
CA ALA E 601 35.43 23.17 -9.27
C ALA E 601 35.67 22.55 -7.91
N TRP E 602 34.67 22.69 -7.05
CA TRP E 602 34.73 22.13 -5.72
C TRP E 602 33.73 20.99 -5.60
N THR E 603 34.13 19.97 -4.86
CA THR E 603 33.33 18.78 -4.61
C THR E 603 33.32 18.50 -3.12
N PRO E 604 32.49 17.55 -2.65
CA PRO E 604 32.67 17.04 -1.28
C PRO E 604 34.05 16.51 -1.00
N VAL E 605 34.67 15.84 -1.97
CA VAL E 605 36.07 15.46 -1.82
C VAL E 605 36.99 16.61 -2.17
N GLY E 606 36.46 17.69 -2.72
CA GLY E 606 37.24 18.91 -2.80
C GLY E 606 37.57 19.41 -4.19
N GLY E 607 38.85 19.70 -4.38
CA GLY E 607 39.29 20.39 -5.59
C GLY E 607 39.23 19.48 -6.80
N THR E 608 38.45 19.86 -7.80
CA THR E 608 38.32 19.11 -9.03
C THR E 608 38.48 20.04 -10.22
N LEU E 609 39.23 19.60 -11.20
CA LEU E 609 39.42 20.35 -12.44
C LEU E 609 38.40 19.82 -13.44
N LEU E 610 37.13 20.21 -13.23
CA LEU E 610 36.07 19.73 -14.10
C LEU E 610 36.16 20.43 -15.44
N THR E 611 37.03 19.93 -16.32
CA THR E 611 37.30 20.55 -17.61
C THR E 611 36.09 20.36 -18.50
N ILE E 612 35.39 21.45 -18.78
CA ILE E 612 34.11 21.36 -19.46
C ILE E 612 34.29 21.00 -20.91
N GLU E 613 33.55 20.01 -21.36
CA GLU E 613 33.47 19.68 -22.77
C GLU E 613 32.33 20.49 -23.37
N VAL E 614 32.65 21.33 -24.34
CA VAL E 614 31.65 22.13 -25.05
C VAL E 614 31.89 21.96 -26.54
N ALA E 615 30.88 21.50 -27.25
CA ALA E 615 30.94 21.38 -28.71
C ALA E 615 30.12 22.52 -29.31
N ALA E 616 30.81 23.48 -29.92
CA ALA E 616 30.16 24.61 -30.56
C ALA E 616 29.98 24.33 -32.05
N VAL E 617 29.12 23.36 -32.32
CA VAL E 617 28.85 22.88 -33.67
C VAL E 617 27.81 23.77 -34.34
N PRO E 618 27.83 23.90 -35.66
CA PRO E 618 26.77 24.66 -36.35
C PRO E 618 25.43 23.93 -36.30
N GLY E 619 24.37 24.70 -36.49
CA GLY E 619 23.03 24.18 -36.37
C GLY E 619 21.98 25.27 -36.41
N SER E 620 21.09 25.26 -35.42
CA SER E 620 20.07 26.29 -35.26
C SER E 620 20.39 27.29 -34.17
N GLY E 621 21.54 27.14 -33.51
CA GLY E 621 21.80 27.91 -32.31
C GLY E 621 21.18 27.34 -31.06
N LYS E 622 20.67 26.11 -31.12
CA LYS E 622 19.94 25.53 -30.00
C LYS E 622 20.88 24.84 -29.02
N LEU E 623 20.35 24.54 -27.84
CA LEU E 623 21.08 23.90 -26.76
C LEU E 623 20.95 22.39 -26.84
N SER E 624 21.98 21.70 -26.34
CA SER E 624 21.89 20.28 -26.04
C SER E 624 22.86 19.96 -24.92
N LEU E 625 22.32 19.53 -23.79
CA LEU E 625 23.09 19.33 -22.58
C LEU E 625 23.33 17.84 -22.34
N THR E 626 24.53 17.51 -21.85
CA THR E 626 24.91 16.13 -21.58
C THR E 626 25.61 16.03 -20.23
N GLY E 627 24.99 15.30 -19.30
CA GLY E 627 25.53 15.02 -18.00
C GLY E 627 24.53 15.39 -16.92
N GLN E 628 24.97 15.33 -15.66
CA GLN E 628 24.15 15.80 -14.56
C GLN E 628 24.13 17.31 -14.55
N LEU E 629 23.40 17.92 -15.48
CA LEU E 629 23.55 19.32 -15.78
C LEU E 629 22.27 20.05 -15.39
N GLY E 630 22.38 20.98 -14.45
CA GLY E 630 21.25 21.80 -14.09
C GLY E 630 20.87 22.73 -15.22
N GLU E 631 19.58 23.04 -15.31
CA GLU E 631 19.13 23.97 -16.34
C GLU E 631 19.41 25.41 -15.97
N VAL E 632 19.60 25.70 -14.68
CA VAL E 632 20.13 26.99 -14.27
C VAL E 632 21.58 27.12 -14.74
N MET E 633 22.30 26.00 -14.83
CA MET E 633 23.67 26.05 -15.31
C MET E 633 23.66 26.34 -16.80
N LYS E 634 22.67 25.80 -17.50
CA LYS E 634 22.52 26.05 -18.91
C LYS E 634 22.04 27.47 -19.17
N GLU E 635 21.27 28.03 -18.24
CA GLU E 635 20.88 29.42 -18.40
C GLU E 635 22.05 30.34 -18.08
N SER E 636 22.94 29.92 -17.19
CA SER E 636 24.21 30.63 -17.03
C SER E 636 25.03 30.59 -18.32
N ALA E 637 25.03 29.42 -18.97
CA ALA E 637 25.68 29.32 -20.27
C ALA E 637 25.01 30.22 -21.30
N GLN E 638 23.69 30.32 -21.24
CA GLN E 638 22.97 31.20 -22.15
C GLN E 638 23.20 32.66 -21.82
N ALA E 639 23.44 32.98 -20.56
CA ALA E 639 23.77 34.35 -20.20
C ALA E 639 25.16 34.71 -20.68
N ALA E 640 26.08 33.74 -20.64
CA ALA E 640 27.38 33.93 -21.23
C ALA E 640 27.28 34.08 -22.74
N LEU E 641 26.40 33.30 -23.36
CA LEU E 641 26.11 33.43 -24.78
C LEU E 641 25.59 34.82 -25.09
N THR E 642 24.69 35.30 -24.26
CA THR E 642 24.09 36.61 -24.42
C THR E 642 25.13 37.70 -24.26
N TYR E 643 26.08 37.47 -23.36
CA TYR E 643 27.24 38.33 -23.27
C TYR E 643 28.04 38.30 -24.56
N LEU E 644 28.31 37.11 -25.07
CA LEU E 644 28.95 37.02 -26.38
C LEU E 644 28.01 37.37 -27.52
N ARG E 645 26.70 37.38 -27.28
CA ARG E 645 25.79 37.96 -28.27
C ARG E 645 25.98 39.47 -28.37
N ALA E 646 26.50 40.10 -27.32
CA ALA E 646 26.99 41.46 -27.40
C ALA E 646 28.44 41.53 -27.81
N HIS E 647 29.10 40.40 -28.01
CA HIS E 647 30.55 40.35 -28.16
C HIS E 647 30.97 39.43 -29.29
N THR E 648 30.43 39.65 -30.49
CA THR E 648 30.68 38.73 -31.58
C THR E 648 31.93 39.09 -32.39
N GLN E 649 31.95 40.26 -33.01
CA GLN E 649 33.00 40.58 -33.97
C GLN E 649 34.31 40.93 -33.26
N ASP E 650 34.22 41.59 -32.12
CA ASP E 650 35.40 41.88 -31.32
C ASP E 650 36.05 40.63 -30.75
N TYR E 651 35.29 39.55 -30.61
CA TYR E 651 35.83 38.27 -30.18
C TYR E 651 36.19 37.38 -31.38
N GLY E 652 36.19 37.95 -32.58
CA GLY E 652 36.51 37.19 -33.79
C GLY E 652 35.47 36.16 -34.15
N LEU E 653 34.19 36.48 -33.99
CA LEU E 653 33.11 35.55 -34.27
C LEU E 653 32.13 36.20 -35.23
N PRO E 654 31.42 35.41 -36.03
CA PRO E 654 30.30 35.96 -36.80
C PRO E 654 29.19 36.46 -35.90
N GLU E 655 28.46 37.47 -36.39
CA GLU E 655 27.36 38.03 -35.61
C GLU E 655 26.22 37.02 -35.43
N ASP E 656 26.06 36.11 -36.36
CA ASP E 656 25.01 35.11 -36.31
C ASP E 656 25.58 33.78 -35.79
N PHE E 657 25.26 33.44 -34.56
CA PHE E 657 25.48 32.08 -34.08
C PHE E 657 24.31 31.50 -33.30
N TYR E 658 23.51 32.31 -32.62
CA TYR E 658 22.35 31.84 -31.89
C TYR E 658 21.23 31.40 -32.81
N ASN E 659 21.32 31.75 -34.08
CA ASN E 659 20.47 31.23 -35.12
C ASN E 659 21.11 30.09 -35.90
N LYS E 660 22.44 29.95 -35.85
CA LYS E 660 23.12 29.08 -36.79
C LYS E 660 24.20 28.19 -36.18
N VAL E 661 24.64 28.42 -34.95
CA VAL E 661 25.69 27.60 -34.33
C VAL E 661 25.11 26.99 -33.07
N ASP E 662 24.82 25.69 -33.12
CA ASP E 662 24.16 24.98 -32.02
C ASP E 662 25.09 24.82 -30.83
N LEU E 663 24.50 24.34 -29.73
CA LEU E 663 25.24 24.09 -28.51
C LEU E 663 25.19 22.60 -28.18
N HIS E 664 26.36 22.03 -27.92
CA HIS E 664 26.45 20.74 -27.25
C HIS E 664 27.48 20.86 -26.16
N VAL E 665 27.13 20.41 -24.96
CA VAL E 665 27.88 20.76 -23.76
C VAL E 665 27.93 19.57 -22.81
N HIS E 666 29.08 19.39 -22.16
CA HIS E 666 29.24 18.24 -21.23
C HIS E 666 30.08 18.67 -20.02
N VAL E 667 29.42 18.92 -18.88
CA VAL E 667 30.18 19.25 -17.64
C VAL E 667 30.49 17.94 -16.92
N PRO E 668 31.76 17.65 -16.54
CA PRO E 668 32.09 16.38 -15.91
C PRO E 668 31.07 16.03 -14.82
N ASP E 669 30.37 14.91 -14.99
CA ASP E 669 29.35 14.48 -13.99
C ASP E 669 28.39 15.65 -13.71
N GLY E 670 28.20 16.01 -12.44
CA GLY E 670 27.33 17.15 -12.10
C GLY E 670 27.93 18.47 -12.56
N ALA E 671 27.09 19.41 -12.96
CA ALA E 671 27.59 20.73 -13.43
C ALA E 671 28.44 21.37 -12.33
N THR E 672 27.87 21.52 -11.13
CA THR E 672 28.63 22.09 -9.97
C THR E 672 28.03 21.55 -8.67
N PRO E 673 28.77 20.78 -7.85
CA PRO E 673 28.26 20.32 -6.55
C PRO E 673 27.80 21.47 -5.66
N LYS E 674 28.43 22.64 -5.79
CA LYS E 674 27.82 23.86 -5.30
C LYS E 674 26.52 24.11 -6.06
N ASP E 675 25.44 24.36 -5.34
CA ASP E 675 24.22 24.78 -6.00
C ASP E 675 24.40 26.21 -6.47
N GLY E 676 24.41 26.39 -7.79
CA GLY E 676 24.89 27.61 -8.37
C GLY E 676 26.21 27.37 -9.06
N PRO E 677 26.50 28.13 -10.09
CA PRO E 677 27.70 27.84 -10.86
C PRO E 677 28.96 28.38 -10.20
N SER E 678 29.73 27.53 -9.53
CA SER E 678 31.13 27.87 -9.33
C SER E 678 31.85 27.87 -10.68
N ALA E 679 31.49 26.92 -11.52
CA ALA E 679 32.11 26.70 -12.82
C ALA E 679 31.39 27.39 -13.95
N GLY E 680 30.66 28.48 -13.66
CA GLY E 680 29.94 29.17 -14.71
C GLY E 680 30.87 29.81 -15.71
N ILE E 681 31.93 30.47 -15.22
CA ILE E 681 32.92 30.98 -16.14
C ILE E 681 33.80 29.86 -16.67
N THR E 682 33.84 28.72 -16.00
CA THR E 682 34.60 27.59 -16.53
C THR E 682 33.90 27.03 -17.76
N MET E 683 32.58 26.82 -17.63
CA MET E 683 31.75 26.47 -18.78
C MET E 683 31.86 27.53 -19.86
N ALA E 684 31.77 28.80 -19.47
CA ALA E 684 31.77 29.91 -20.42
C ALA E 684 33.08 30.02 -21.16
N THR E 685 34.21 29.74 -20.51
CA THR E 685 35.49 29.82 -21.19
C THR E 685 35.66 28.64 -22.13
N ALA E 686 35.15 27.47 -21.74
CA ALA E 686 35.13 26.34 -22.67
C ALA E 686 34.24 26.62 -23.88
N ILE E 687 33.11 27.28 -23.65
CA ILE E 687 32.22 27.71 -24.73
C ILE E 687 32.92 28.69 -25.66
N ALA E 688 33.58 29.69 -25.07
CA ALA E 688 34.21 30.73 -25.87
C ALA E 688 35.37 30.20 -26.68
N SER E 689 36.13 29.27 -26.10
CA SER E 689 37.20 28.63 -26.86
C SER E 689 36.63 27.72 -27.93
N ALA E 690 35.51 27.04 -27.64
CA ALA E 690 34.88 26.18 -28.63
C ALA E 690 34.32 27.00 -29.79
N LEU E 691 33.76 28.17 -29.49
CA LEU E 691 33.30 29.07 -30.54
C LEU E 691 34.46 29.62 -31.36
N SER E 692 35.53 30.03 -30.69
CA SER E 692 36.63 30.68 -31.38
C SER E 692 37.57 29.72 -32.07
N ARG E 693 37.58 28.45 -31.65
CA ARG E 693 38.60 27.45 -32.02
C ARG E 693 40.01 27.98 -31.74
N ARG E 694 40.16 28.66 -30.60
CA ARG E 694 41.38 29.34 -30.21
C ARG E 694 41.81 28.88 -28.82
N PRO E 695 43.12 28.85 -28.56
CA PRO E 695 43.59 28.35 -27.26
C PRO E 695 43.26 29.26 -26.08
N ALA E 696 42.44 28.77 -25.15
CA ALA E 696 42.44 29.36 -23.83
C ALA E 696 43.78 29.07 -23.17
N ARG E 697 44.35 30.10 -22.55
CA ARG E 697 45.76 30.05 -22.21
C ARG E 697 46.01 29.26 -20.92
N MET E 698 47.25 28.82 -20.75
CA MET E 698 47.61 27.87 -19.71
C MET E 698 47.74 28.55 -18.36
N ASP E 699 47.63 27.72 -17.30
CA ASP E 699 47.66 27.99 -15.86
C ASP E 699 46.39 28.66 -15.36
N ILE E 700 45.64 29.28 -16.29
CA ILE E 700 44.46 30.09 -15.88
C ILE E 700 43.21 29.23 -15.67
N ALA E 701 42.95 28.86 -14.41
CA ALA E 701 41.73 28.14 -14.08
C ALA E 701 40.62 29.10 -13.69
N MET E 702 39.39 28.63 -13.81
CA MET E 702 38.20 29.46 -13.91
C MET E 702 37.22 29.12 -12.79
N THR E 703 36.93 30.10 -11.94
CA THR E 703 35.85 29.95 -10.97
C THR E 703 35.01 31.22 -10.92
N GLY E 704 33.70 31.04 -10.85
CA GLY E 704 32.75 32.14 -10.90
C GLY E 704 31.71 31.91 -11.96
N GLU E 705 30.83 32.90 -12.12
CA GLU E 705 29.75 32.79 -13.09
C GLU E 705 29.33 34.19 -13.54
N VAL E 706 28.50 34.21 -14.57
CA VAL E 706 28.14 35.39 -15.34
C VAL E 706 26.83 35.96 -14.82
N SER E 707 26.70 37.28 -14.88
CA SER E 707 25.42 37.92 -14.63
C SER E 707 24.67 38.13 -15.93
N LEU E 708 23.44 38.62 -15.83
CA LEU E 708 22.73 38.99 -17.06
C LEU E 708 23.21 40.33 -17.60
N ARG E 709 23.91 41.13 -16.79
CA ARG E 709 24.74 42.19 -17.32
C ARG E 709 26.14 41.71 -17.63
N GLY E 710 26.39 40.42 -17.43
CA GLY E 710 27.68 39.85 -17.73
C GLY E 710 28.72 40.27 -16.72
N LYS E 711 28.53 39.89 -15.48
CA LYS E 711 29.48 40.20 -14.42
C LYS E 711 29.89 38.94 -13.70
N VAL E 712 31.16 38.88 -13.34
CA VAL E 712 31.66 37.80 -12.47
C VAL E 712 31.43 38.30 -11.05
N MET E 713 30.22 38.10 -10.57
CA MET E 713 29.85 38.52 -9.23
C MET E 713 30.55 37.65 -8.19
N PRO E 714 30.67 38.13 -6.94
CA PRO E 714 31.25 37.31 -5.87
C PRO E 714 30.52 35.99 -5.67
N ILE E 715 31.29 34.95 -5.39
CA ILE E 715 30.84 33.59 -5.65
C ILE E 715 30.46 32.84 -4.39
N GLY E 716 31.10 33.13 -3.26
CA GLY E 716 30.96 32.26 -2.11
C GLY E 716 31.80 31.00 -2.24
N GLY E 717 32.48 30.61 -1.17
CA GLY E 717 33.37 29.46 -1.25
C GLY E 717 34.58 29.71 -2.11
N VAL E 718 35.04 30.96 -2.16
CA VAL E 718 36.20 31.35 -2.97
C VAL E 718 37.47 30.66 -2.49
N LYS E 719 37.60 30.46 -1.17
CA LYS E 719 38.76 29.80 -0.60
C LYS E 719 38.91 28.39 -1.13
N GLU E 720 37.78 27.68 -1.25
CA GLU E 720 37.80 26.31 -1.75
C GLU E 720 38.24 26.23 -3.20
N LYS E 721 37.87 27.19 -4.04
CA LYS E 721 38.35 27.12 -5.40
C LYS E 721 39.79 27.63 -5.56
N LEU E 722 40.29 28.47 -4.65
CA LEU E 722 41.73 28.69 -4.64
C LEU E 722 42.48 27.46 -4.15
N LEU E 723 41.89 26.70 -3.22
CA LEU E 723 42.42 25.38 -2.87
C LEU E 723 42.46 24.50 -4.09
N ALA E 724 41.34 24.44 -4.83
CA ALA E 724 41.23 23.66 -6.07
C ALA E 724 42.26 24.08 -7.10
N ALA E 725 42.62 25.37 -7.12
CA ALA E 725 43.71 25.84 -7.98
C ALA E 725 45.04 25.25 -7.52
N HIS E 726 45.45 25.53 -6.30
CA HIS E 726 46.82 25.18 -5.94
C HIS E 726 47.02 23.70 -5.64
N GLN E 727 45.96 22.96 -5.38
CA GLN E 727 46.04 21.50 -5.29
C GLN E 727 46.47 20.91 -6.62
N ALA E 728 45.99 21.50 -7.72
CA ALA E 728 46.45 21.15 -9.05
C ALA E 728 47.81 21.73 -9.39
N GLY E 729 48.35 22.63 -8.55
CA GLY E 729 49.49 23.40 -8.96
C GLY E 729 49.16 24.51 -9.94
N ILE E 730 47.87 24.80 -10.13
CA ILE E 730 47.45 25.92 -10.92
C ILE E 730 47.77 27.20 -10.17
N HIS E 731 48.38 28.15 -10.86
CA HIS E 731 48.83 29.38 -10.23
C HIS E 731 48.24 30.62 -10.88
N LYS E 732 47.28 30.47 -11.80
CA LYS E 732 46.64 31.62 -12.42
C LYS E 732 45.12 31.49 -12.28
N ILE E 733 44.49 32.53 -11.74
CA ILE E 733 43.08 32.50 -11.34
C ILE E 733 42.42 33.81 -11.76
N VAL E 734 41.27 33.70 -12.41
CA VAL E 734 40.36 34.82 -12.60
C VAL E 734 39.34 34.80 -11.47
N LEU E 735 39.18 35.93 -10.78
CA LEU E 735 38.37 35.97 -9.57
C LEU E 735 37.68 37.33 -9.43
N PRO E 736 36.51 37.38 -8.79
CA PRO E 736 35.87 38.67 -8.53
C PRO E 736 36.68 39.57 -7.59
N LYS E 737 36.54 40.87 -7.83
CA LYS E 737 37.15 41.88 -6.98
C LYS E 737 36.53 41.87 -5.59
N ASP E 738 35.27 41.50 -5.48
CA ASP E 738 34.70 41.31 -4.16
C ASP E 738 35.30 40.09 -3.47
N ASN E 739 35.75 39.11 -4.24
CA ASN E 739 36.55 38.07 -3.61
C ASN E 739 37.98 38.51 -3.32
N GLU E 740 38.54 39.48 -4.06
CA GLU E 740 39.74 40.18 -3.57
C GLU E 740 39.54 40.82 -2.22
N ALA E 741 38.34 41.35 -1.95
CA ALA E 741 38.05 41.74 -0.57
C ALA E 741 38.11 40.54 0.35
N GLN E 742 37.58 39.40 -0.08
CA GLN E 742 37.65 38.21 0.75
C GLN E 742 38.97 37.48 0.64
N LEU E 743 39.84 37.84 -0.32
CA LEU E 743 41.13 37.15 -0.41
C LEU E 743 42.07 37.52 0.72
N GLU E 744 42.00 38.75 1.23
CA GLU E 744 42.91 39.13 2.30
C GLU E 744 42.52 38.44 3.60
N GLU E 745 41.26 38.00 3.71
CA GLU E 745 40.83 37.16 4.82
C GLU E 745 41.57 35.84 4.84
N LEU E 746 41.99 35.37 3.67
CA LEU E 746 42.53 34.02 3.57
C LEU E 746 43.94 33.97 4.12
N PRO E 747 44.33 32.88 4.78
CA PRO E 747 45.71 32.74 5.25
C PRO E 747 46.66 32.60 4.07
N LYS E 748 47.64 33.50 3.99
CA LYS E 748 48.44 33.69 2.78
C LYS E 748 49.45 32.58 2.52
N GLU E 749 49.63 31.64 3.45
CA GLU E 749 50.41 30.44 3.14
C GLU E 749 49.73 29.66 2.03
N VAL E 750 48.40 29.66 2.02
CA VAL E 750 47.63 29.14 0.89
C VAL E 750 47.90 29.96 -0.35
N LEU E 751 47.82 31.28 -0.23
CA LEU E 751 47.79 32.16 -1.39
C LEU E 751 49.15 32.37 -2.04
N GLU E 752 50.21 31.83 -1.44
CA GLU E 752 51.48 31.76 -2.13
C GLU E 752 51.36 30.83 -3.33
N GLY E 753 52.02 31.21 -4.42
CA GLY E 753 51.91 30.46 -5.65
C GLY E 753 50.58 30.58 -6.35
N LEU E 754 49.89 31.71 -6.18
CA LEU E 754 48.56 31.90 -6.78
C LEU E 754 48.48 33.33 -7.32
N GLU E 755 48.81 33.50 -8.60
CA GLU E 755 48.55 34.78 -9.27
C GLU E 755 47.06 34.84 -9.56
N ILE E 756 46.40 35.88 -9.07
CA ILE E 756 44.94 35.96 -9.11
C ILE E 756 44.54 37.25 -9.82
N LYS E 757 43.63 37.12 -10.78
CA LYS E 757 43.12 38.23 -11.57
C LYS E 757 41.78 38.66 -11.02
N LEU E 758 41.67 39.95 -10.74
CA LEU E 758 40.65 40.49 -9.84
C LEU E 758 39.63 41.19 -10.72
N VAL E 759 38.63 40.45 -11.14
CA VAL E 759 37.73 40.91 -12.16
C VAL E 759 36.45 41.35 -11.46
N GLU E 760 35.53 41.89 -12.23
CA GLU E 760 34.13 41.84 -11.84
C GLU E 760 33.38 41.49 -13.11
N ASP E 761 34.01 41.77 -14.24
CA ASP E 761 33.40 41.59 -15.53
C ASP E 761 33.79 40.24 -16.12
N VAL E 762 32.89 39.68 -16.92
CA VAL E 762 33.22 38.49 -17.70
C VAL E 762 34.05 38.87 -18.91
N GLY E 763 33.98 40.11 -19.36
CA GLY E 763 34.81 40.55 -20.47
C GLY E 763 36.28 40.60 -20.14
N GLU E 764 36.64 40.76 -18.85
CA GLU E 764 38.04 40.82 -18.46
C GLU E 764 38.73 39.48 -18.64
N VAL E 765 38.08 38.39 -18.23
CA VAL E 765 38.63 37.08 -18.56
C VAL E 765 38.46 36.79 -20.05
N LEU E 766 37.38 37.29 -20.65
CA LEU E 766 37.16 37.06 -22.07
C LEU E 766 38.10 37.85 -22.98
N GLU E 767 38.82 38.82 -22.45
CA GLU E 767 39.95 39.39 -23.16
C GLU E 767 41.27 38.82 -22.69
N TYR E 768 41.26 37.88 -21.75
CA TYR E 768 42.48 37.41 -21.12
C TYR E 768 42.99 36.11 -21.74
N LEU E 769 42.17 35.07 -21.77
CA LEU E 769 42.61 33.78 -22.29
C LEU E 769 42.45 33.67 -23.79
N LEU E 770 41.86 34.69 -24.42
CA LEU E 770 41.60 34.72 -25.85
C LEU E 770 42.72 35.43 -26.63
N LEU E 771 43.90 35.57 -26.02
CA LEU E 771 45.02 36.22 -26.70
C LEU E 771 45.48 35.51 -27.97
N PRO E 772 45.56 34.16 -28.06
CA PRO E 772 45.80 33.64 -29.42
C PRO E 772 44.53 33.48 -30.24
N GLU E 773 43.84 34.59 -30.46
CA GLU E 773 42.89 34.66 -31.56
C GLU E 773 43.55 34.46 -32.92
N PRO E 774 44.74 35.05 -33.22
CA PRO E 774 45.38 34.49 -34.42
C PRO E 774 46.03 33.15 -34.11
N SER F 21 34.14 -44.41 24.55
CA SER F 21 34.96 -44.13 23.39
C SER F 21 35.42 -42.68 23.40
N ASP F 22 34.56 -41.79 22.88
CA ASP F 22 34.87 -40.37 22.88
C ASP F 22 34.81 -39.76 24.28
N LEU F 23 34.06 -40.38 25.20
CA LEU F 23 33.96 -39.86 26.56
C LEU F 23 35.29 -39.97 27.31
N GLU F 24 36.11 -40.96 26.96
CA GLU F 24 37.42 -41.12 27.58
C GLU F 24 38.53 -40.45 26.79
N ALA F 25 38.43 -40.44 25.46
CA ALA F 25 39.45 -39.81 24.63
C ALA F 25 39.38 -38.30 24.71
N LEU F 26 38.16 -37.75 24.67
CA LEU F 26 37.98 -36.30 24.80
C LEU F 26 38.24 -35.79 26.22
N ARG F 27 38.11 -36.65 27.24
CA ARG F 27 38.53 -36.26 28.59
C ARG F 27 40.03 -36.03 28.69
N LYS F 28 40.83 -36.81 27.97
CA LYS F 28 42.28 -36.73 28.07
C LYS F 28 42.92 -35.95 26.92
N LYS F 29 42.18 -35.59 25.88
CA LYS F 29 42.75 -34.70 24.88
C LYS F 29 42.44 -33.22 25.17
N ILE F 30 42.07 -32.89 26.41
CA ILE F 30 41.95 -31.48 26.80
C ILE F 30 43.28 -30.95 27.32
N GLU F 31 43.89 -31.66 28.28
CA GLU F 31 44.99 -31.09 29.04
C GLU F 31 46.39 -31.54 28.60
N GLU F 32 46.51 -32.63 27.82
CA GLU F 32 47.81 -32.93 27.24
C GLU F 32 47.90 -32.45 25.80
N VAL F 33 46.79 -32.42 25.06
CA VAL F 33 46.78 -31.76 23.75
C VAL F 33 46.84 -30.26 24.00
N GLY F 34 47.95 -29.65 23.60
CA GLY F 34 48.22 -28.25 23.86
C GLY F 34 47.25 -27.29 23.19
N MET F 35 46.80 -26.30 23.94
CA MET F 35 45.64 -25.52 23.58
C MET F 35 45.74 -24.20 24.34
N PRO F 36 45.39 -23.07 23.71
CA PRO F 36 45.60 -21.78 24.37
C PRO F 36 44.66 -21.56 25.54
N GLU F 37 45.04 -20.61 26.40
CA GLU F 37 44.35 -20.39 27.67
C GLU F 37 42.95 -19.81 27.47
N ALA F 38 42.71 -19.15 26.34
CA ALA F 38 41.34 -18.76 26.01
C ALA F 38 40.51 -19.96 25.60
N VAL F 39 41.15 -21.07 25.23
CA VAL F 39 40.44 -22.23 24.68
C VAL F 39 40.54 -23.37 25.68
N LYS F 40 41.63 -23.40 26.46
CA LYS F 40 41.78 -24.39 27.52
C LYS F 40 40.72 -24.18 28.61
N THR F 41 40.31 -22.93 28.81
CA THR F 41 39.26 -22.61 29.78
C THR F 41 37.92 -23.21 29.35
N LYS F 42 37.55 -23.07 28.08
CA LYS F 42 36.30 -23.68 27.64
C LYS F 42 36.42 -25.18 27.47
N ALA F 43 37.61 -25.70 27.16
CA ALA F 43 37.81 -27.15 27.14
C ALA F 43 37.65 -27.74 28.54
N LEU F 44 38.12 -27.03 29.57
CA LEU F 44 37.90 -27.48 30.93
C LEU F 44 36.46 -27.25 31.39
N LYS F 45 35.81 -26.18 30.91
CA LYS F 45 34.42 -25.95 31.29
C LYS F 45 33.48 -26.92 30.58
N GLU F 46 33.92 -27.53 29.48
CA GLU F 46 33.16 -28.61 28.88
C GLU F 46 33.64 -29.98 29.36
N LEU F 47 34.83 -30.05 29.96
CA LEU F 47 35.17 -31.22 30.76
C LEU F 47 34.28 -31.32 31.98
N ASP F 48 33.98 -30.18 32.60
CA ASP F 48 33.05 -30.11 33.72
C ASP F 48 31.60 -30.09 33.28
N ARG F 49 31.29 -29.52 32.11
CA ARG F 49 29.93 -29.54 31.59
C ARG F 49 29.53 -30.94 31.15
N LEU F 50 30.44 -31.64 30.47
CA LEU F 50 30.25 -33.05 30.19
C LEU F 50 30.87 -33.84 31.32
N GLU F 51 30.98 -35.16 31.13
CA GLU F 51 31.38 -36.16 32.12
C GLU F 51 30.46 -36.21 33.33
N ARG F 52 29.30 -35.53 33.26
CA ARG F 52 28.32 -35.52 34.33
C ARG F 52 27.36 -36.66 34.07
N MET F 53 27.82 -37.86 34.41
CA MET F 53 26.99 -39.07 34.53
C MET F 53 26.40 -39.46 33.18
N GLN F 54 27.15 -39.16 32.11
CA GLN F 54 26.65 -39.14 30.73
C GLN F 54 25.40 -38.27 30.62
N GLN F 55 25.63 -36.96 30.79
CA GLN F 55 24.57 -35.96 30.76
C GLN F 55 23.83 -35.96 29.44
N GLY F 56 22.50 -36.07 29.52
CA GLY F 56 21.68 -36.23 28.33
C GLY F 56 20.93 -35.00 27.91
N SER F 57 21.25 -33.84 28.50
CA SER F 57 20.61 -32.59 28.13
C SER F 57 21.00 -32.21 26.68
N PRO F 58 20.13 -31.52 25.93
CA PRO F 58 20.47 -31.14 24.55
C PRO F 58 21.70 -30.26 24.43
N GLU F 59 21.93 -29.39 25.42
CA GLU F 59 23.17 -28.64 25.47
C GLU F 59 24.37 -29.56 25.70
N ALA F 60 24.19 -30.63 26.48
CA ALA F 60 25.28 -31.60 26.64
C ALA F 60 25.53 -32.39 25.36
N THR F 61 24.51 -32.64 24.55
CA THR F 61 24.75 -33.33 23.28
C THR F 61 25.46 -32.44 22.27
N VAL F 62 25.03 -31.18 22.18
CA VAL F 62 25.75 -30.28 21.27
C VAL F 62 27.11 -29.90 21.86
N ALA F 63 27.30 -30.00 23.17
CA ALA F 63 28.63 -29.84 23.76
C ALA F 63 29.49 -31.08 23.55
N ARG F 64 28.87 -32.26 23.42
CA ARG F 64 29.59 -33.46 22.99
C ARG F 64 30.12 -33.28 21.58
N THR F 65 29.31 -32.67 20.72
CA THR F 65 29.81 -32.25 19.40
C THR F 65 30.92 -31.20 19.55
N TYR F 66 30.67 -30.18 20.38
CA TYR F 66 31.49 -28.98 20.45
C TYR F 66 32.87 -29.24 21.05
N LEU F 67 32.96 -30.17 22.01
CA LEU F 67 34.25 -30.55 22.58
C LEU F 67 35.10 -31.27 21.55
N ASP F 68 34.48 -32.04 20.66
CA ASP F 68 35.20 -32.58 19.52
C ASP F 68 35.59 -31.47 18.56
N TRP F 69 34.76 -30.44 18.43
CA TRP F 69 35.14 -29.27 17.62
C TRP F 69 36.31 -28.50 18.25
N LEU F 70 36.47 -28.59 19.56
CA LEU F 70 37.36 -27.69 20.28
C LEU F 70 38.61 -28.38 20.80
N THR F 71 38.85 -29.64 20.43
CA THR F 71 40.08 -30.30 20.79
C THR F 71 40.99 -30.57 19.60
N GLU F 72 40.42 -30.95 18.46
CA GLU F 72 41.19 -31.07 17.22
C GLU F 72 41.35 -29.74 16.51
N VAL F 73 40.93 -28.64 17.11
CA VAL F 73 41.41 -27.34 16.67
C VAL F 73 42.93 -27.25 16.90
N PRO F 74 43.71 -26.95 15.87
CA PRO F 74 45.15 -27.23 15.93
C PRO F 74 45.93 -26.18 16.68
N TRP F 75 46.46 -26.57 17.84
CA TRP F 75 47.23 -25.65 18.66
C TRP F 75 48.36 -26.43 19.33
N SER F 76 49.36 -25.67 19.78
CA SER F 76 50.70 -26.17 20.17
C SER F 76 51.34 -26.97 19.05
N LYS F 77 51.08 -26.58 17.80
CA LYS F 77 51.66 -27.26 16.64
C LYS F 77 52.01 -26.25 15.55
N ALA F 78 52.63 -25.14 15.94
CA ALA F 78 53.17 -24.22 14.96
C ALA F 78 54.37 -24.85 14.27
N ASP F 79 54.60 -24.42 13.03
CA ASP F 79 55.72 -24.91 12.25
C ASP F 79 56.57 -23.72 11.82
N PRO F 80 57.91 -23.91 11.69
CA PRO F 80 58.84 -22.78 11.87
C PRO F 80 58.70 -21.67 10.84
N GLU F 81 58.63 -20.45 11.37
CA GLU F 81 58.34 -19.27 10.59
C GLU F 81 59.63 -18.48 10.36
N VAL F 82 59.63 -17.67 9.31
CA VAL F 82 60.81 -16.93 8.88
C VAL F 82 60.46 -15.45 8.80
N LEU F 83 61.26 -14.62 9.49
CA LEU F 83 61.06 -13.17 9.50
C LEU F 83 62.15 -12.44 8.72
N ASP F 84 62.60 -13.00 7.61
CA ASP F 84 63.53 -12.34 6.71
C ASP F 84 62.89 -12.18 5.34
N ILE F 85 63.26 -11.10 4.65
CA ILE F 85 62.71 -10.83 3.33
C ILE F 85 63.31 -11.74 2.25
N ASN F 86 64.48 -12.33 2.52
CA ASN F 86 65.21 -13.06 1.50
C ASN F 86 64.64 -14.46 1.29
N HIS F 87 64.35 -15.17 2.38
CA HIS F 87 63.62 -16.43 2.29
C HIS F 87 62.16 -16.19 1.88
N THR F 88 61.61 -15.02 2.21
CA THR F 88 60.27 -14.66 1.73
C THR F 88 60.24 -14.53 0.21
N ARG F 89 61.34 -14.07 -0.39
CA ARG F 89 61.40 -13.91 -1.84
C ARG F 89 61.33 -15.25 -2.58
N GLN F 90 62.21 -16.18 -2.23
CA GLN F 90 62.44 -17.33 -3.10
C GLN F 90 61.40 -18.43 -2.96
N VAL F 91 60.71 -18.53 -1.83
CA VAL F 91 59.65 -19.54 -1.73
C VAL F 91 58.46 -19.16 -2.59
N LEU F 92 58.09 -17.88 -2.61
CA LEU F 92 57.07 -17.46 -3.58
C LEU F 92 57.62 -17.41 -4.99
N ASP F 93 58.94 -17.32 -5.17
CA ASP F 93 59.51 -17.56 -6.49
C ASP F 93 59.29 -19.00 -6.93
N GLU F 94 59.37 -19.95 -6.00
CA GLU F 94 59.03 -21.34 -6.29
C GLU F 94 57.53 -21.57 -6.44
N ASP F 95 56.70 -20.72 -5.81
CA ASP F 95 55.26 -20.90 -5.87
C ASP F 95 54.69 -20.53 -7.24
N HIS F 96 55.13 -19.40 -7.82
CA HIS F 96 54.50 -18.86 -9.01
C HIS F 96 55.57 -18.52 -10.03
N TYR F 97 55.12 -18.30 -11.27
CA TYR F 97 56.00 -17.75 -12.30
C TYR F 97 56.46 -16.35 -11.95
N GLY F 98 55.52 -15.46 -11.65
CA GLY F 98 55.87 -14.09 -11.42
C GLY F 98 54.84 -13.33 -10.61
N LEU F 99 55.32 -12.60 -9.61
CA LEU F 99 54.50 -11.71 -8.79
C LEU F 99 55.11 -10.33 -8.96
N LYS F 100 54.62 -9.60 -9.97
CA LYS F 100 55.19 -8.29 -10.29
C LYS F 100 54.87 -7.26 -9.22
N ASP F 101 53.74 -7.41 -8.52
CA ASP F 101 53.42 -6.57 -7.38
C ASP F 101 53.08 -7.36 -6.12
N VAL F 102 52.72 -8.64 -6.24
CA VAL F 102 52.40 -9.44 -5.06
C VAL F 102 53.64 -9.73 -4.24
N LYS F 103 54.78 -9.95 -4.91
CA LYS F 103 56.06 -10.16 -4.22
C LYS F 103 56.42 -8.98 -3.35
N GLU F 104 56.19 -7.76 -3.84
CA GLU F 104 56.33 -6.54 -3.03
C GLU F 104 55.53 -6.65 -1.74
N ARG F 105 54.29 -7.14 -1.83
CA ARG F 105 53.39 -7.04 -0.71
C ARG F 105 53.64 -8.14 0.32
N ILE F 106 54.00 -9.35 -0.12
CA ILE F 106 54.38 -10.41 0.83
C ILE F 106 55.74 -10.10 1.45
N LEU F 107 56.65 -9.54 0.66
CA LEU F 107 57.99 -9.24 1.16
C LEU F 107 57.97 -8.11 2.18
N GLU F 108 57.08 -7.14 2.03
CA GLU F 108 56.85 -6.21 3.13
C GLU F 108 55.99 -6.81 4.23
N TYR F 109 55.14 -7.80 3.91
CA TYR F 109 54.33 -8.46 4.92
C TYR F 109 55.18 -9.26 5.89
N LEU F 110 56.37 -9.69 5.47
CA LEU F 110 57.28 -10.39 6.36
C LEU F 110 58.46 -9.53 6.82
N ALA F 111 58.95 -8.63 5.96
CA ALA F 111 60.11 -7.81 6.31
C ALA F 111 59.77 -6.73 7.31
N VAL F 112 58.50 -6.37 7.43
CA VAL F 112 58.08 -5.35 8.37
C VAL F 112 57.30 -6.00 9.51
N ARG F 113 56.86 -7.26 9.34
CA ARG F 113 56.37 -8.06 10.47
C ARG F 113 57.44 -8.22 11.53
N GLN F 114 58.70 -8.34 11.13
CA GLN F 114 59.81 -8.28 12.06
C GLN F 114 60.20 -6.86 12.44
N LEU F 115 59.47 -5.86 11.93
CA LEU F 115 59.92 -4.46 12.14
C LEU F 115 58.81 -3.57 12.72
N THR F 116 57.54 -3.92 12.53
CA THR F 116 56.49 -3.11 13.15
C THR F 116 56.62 -3.13 14.67
N GLN F 117 55.57 -2.65 15.32
CA GLN F 117 55.61 -2.35 16.74
C GLN F 117 55.16 -3.51 17.61
N GLY F 118 54.84 -4.66 17.02
CA GLY F 118 54.38 -5.81 17.78
C GLY F 118 55.18 -7.08 17.59
N LEU F 119 55.83 -7.21 16.42
CA LEU F 119 56.81 -8.23 16.03
C LEU F 119 56.18 -9.60 15.76
N ASP F 120 54.90 -9.77 16.11
CA ASP F 120 54.19 -11.01 15.91
C ASP F 120 52.99 -10.79 15.01
N VAL F 121 52.40 -11.88 14.56
CA VAL F 121 51.17 -11.80 13.76
C VAL F 121 50.02 -11.73 14.76
N ARG F 122 49.79 -10.51 15.27
CA ARG F 122 48.56 -10.20 16.00
C ARG F 122 47.94 -8.97 15.36
N ASN F 123 47.39 -9.18 14.16
CA ASN F 123 46.45 -8.33 13.41
C ASN F 123 46.63 -6.82 13.50
N LYS F 124 47.86 -6.32 13.48
CA LYS F 124 48.07 -4.88 13.42
C LYS F 124 47.99 -4.34 12.01
N ALA F 125 48.77 -4.91 11.11
CA ALA F 125 48.82 -4.64 9.68
C ALA F 125 47.90 -5.63 8.97
N PRO F 126 47.28 -5.24 7.84
CA PRO F 126 46.28 -6.11 7.21
C PRO F 126 46.83 -7.42 6.67
N ILE F 127 45.99 -8.45 6.75
CA ILE F 127 46.29 -9.80 6.30
C ILE F 127 46.37 -9.88 4.80
N LEU F 128 46.90 -10.98 4.28
CA LEU F 128 47.03 -11.18 2.84
C LEU F 128 45.71 -11.67 2.27
N VAL F 129 44.74 -10.76 2.23
CA VAL F 129 43.50 -11.06 1.54
C VAL F 129 43.73 -11.05 0.04
N LEU F 130 43.31 -12.12 -0.62
CA LEU F 130 43.45 -12.20 -2.07
C LEU F 130 42.18 -11.64 -2.71
N VAL F 131 42.11 -10.31 -2.71
CA VAL F 131 40.94 -9.61 -3.20
C VAL F 131 40.87 -9.71 -4.72
N GLY F 132 39.65 -9.83 -5.23
CA GLY F 132 39.43 -9.97 -6.65
C GLY F 132 38.62 -11.22 -6.95
N PRO F 133 38.66 -11.65 -8.21
CA PRO F 133 37.97 -12.89 -8.60
C PRO F 133 38.72 -14.10 -8.09
N PRO F 134 38.11 -15.30 -8.11
CA PRO F 134 38.82 -16.52 -7.72
C PRO F 134 39.70 -17.11 -8.81
N GLY F 135 40.03 -16.32 -9.82
CA GLY F 135 40.52 -16.76 -11.13
C GLY F 135 41.87 -17.48 -11.14
N VAL F 136 42.54 -17.65 -10.01
CA VAL F 136 43.78 -18.44 -9.99
C VAL F 136 43.51 -19.63 -9.06
N GLY F 137 44.33 -20.67 -9.20
CA GLY F 137 44.26 -21.78 -8.26
C GLY F 137 44.63 -21.33 -6.87
N LYS F 138 43.61 -21.16 -6.03
CA LYS F 138 43.80 -20.71 -4.65
C LYS F 138 44.28 -21.83 -3.76
N THR F 139 44.18 -23.07 -4.24
CA THR F 139 44.66 -24.22 -3.50
C THR F 139 46.19 -24.25 -3.45
N SER F 140 46.83 -24.24 -4.62
CA SER F 140 48.27 -24.51 -4.72
C SER F 140 49.12 -23.42 -4.12
N LEU F 141 48.67 -22.17 -4.16
CA LEU F 141 49.36 -21.10 -3.44
C LEU F 141 49.35 -21.36 -1.94
N GLY F 142 48.21 -21.80 -1.40
CA GLY F 142 48.14 -22.17 -0.01
C GLY F 142 48.96 -23.40 0.32
N ARG F 143 49.05 -24.34 -0.62
CA ARG F 143 49.95 -25.48 -0.48
C ARG F 143 51.40 -25.02 -0.36
N SER F 144 51.80 -24.05 -1.20
CA SER F 144 53.19 -23.61 -1.15
C SER F 144 53.46 -22.70 0.04
N ILE F 145 52.42 -22.09 0.62
CA ILE F 145 52.64 -21.37 1.87
C ILE F 145 52.72 -22.35 3.04
N ALA F 146 51.95 -23.44 2.98
CA ALA F 146 52.15 -24.54 3.90
C ALA F 146 53.51 -25.21 3.71
N ARG F 147 54.09 -25.12 2.52
CA ARG F 147 55.48 -25.49 2.30
C ARG F 147 56.45 -24.42 2.82
N SER F 148 55.99 -23.16 2.87
CA SER F 148 56.90 -22.06 3.14
C SER F 148 57.33 -22.04 4.59
N MET F 149 56.39 -21.79 5.50
CA MET F 149 56.67 -21.81 6.93
C MET F 149 56.40 -23.18 7.53
N ASN F 150 56.45 -24.23 6.70
CA ASN F 150 56.28 -25.64 7.05
C ASN F 150 54.89 -25.98 7.58
N ARG F 151 53.91 -25.12 7.37
CA ARG F 151 52.60 -25.21 8.01
C ARG F 151 51.70 -26.21 7.30
N LYS F 152 50.41 -26.17 7.63
CA LYS F 152 49.39 -26.92 6.90
C LYS F 152 48.35 -25.97 6.34
N PHE F 153 47.67 -26.45 5.30
CA PHE F 153 46.78 -25.65 4.49
C PHE F 153 45.42 -26.33 4.44
N HIS F 154 44.35 -25.54 4.54
CA HIS F 154 43.01 -26.09 4.45
C HIS F 154 42.09 -25.21 3.60
N ARG F 155 41.22 -25.89 2.85
CA ARG F 155 40.24 -25.27 1.97
C ARG F 155 38.86 -25.29 2.62
N ILE F 156 38.22 -24.13 2.68
CA ILE F 156 36.80 -24.03 3.02
C ILE F 156 36.03 -23.26 1.97
N SER F 157 34.76 -23.02 2.25
CA SER F 157 33.88 -22.35 1.32
C SER F 157 32.77 -21.69 2.13
N LEU F 158 32.79 -20.36 2.24
CA LEU F 158 31.65 -19.63 2.77
C LEU F 158 30.60 -19.34 1.69
N GLY F 159 30.59 -20.10 0.60
CA GLY F 159 29.49 -20.03 -0.34
C GLY F 159 28.22 -20.58 0.26
N GLY F 160 27.10 -19.97 -0.10
CA GLY F 160 25.81 -20.31 0.47
C GLY F 160 25.58 -19.79 1.86
N VAL F 161 26.48 -18.95 2.39
CA VAL F 161 26.54 -18.65 3.81
C VAL F 161 26.31 -17.16 4.02
N ARG F 162 25.26 -16.82 4.77
CA ARG F 162 25.00 -15.39 5.10
C ARG F 162 24.38 -15.29 6.50
N ASP F 163 24.84 -16.13 7.43
CA ASP F 163 24.23 -16.13 8.75
C ASP F 163 25.21 -16.63 9.80
N GLU F 164 25.05 -16.11 11.02
CA GLU F 164 25.87 -16.51 12.17
C GLU F 164 25.74 -18.00 12.48
N ALA F 165 24.61 -18.61 12.11
CA ALA F 165 24.46 -20.06 12.19
C ALA F 165 25.53 -20.78 11.38
N GLU F 166 25.88 -20.22 10.21
CA GLU F 166 26.84 -20.85 9.32
C GLU F 166 28.11 -20.02 9.12
N ILE F 167 28.22 -18.85 9.74
CA ILE F 167 29.56 -18.35 10.05
C ILE F 167 30.08 -19.01 11.33
N ARG F 168 29.28 -18.95 12.38
CA ARG F 168 29.77 -19.24 13.72
C ARG F 168 29.05 -20.40 14.38
N GLY F 169 27.72 -20.39 14.37
CA GLY F 169 26.96 -21.43 15.01
C GLY F 169 25.64 -20.89 15.51
N HIS F 170 24.91 -21.75 16.21
CA HIS F 170 23.61 -21.40 16.77
C HIS F 170 23.76 -21.17 18.27
N ARG F 171 22.67 -20.74 18.91
CA ARG F 171 22.70 -20.43 20.34
C ARG F 171 22.86 -21.69 21.18
N ARG F 172 23.43 -21.51 22.37
CA ARG F 172 23.70 -22.60 23.30
C ARG F 172 22.62 -22.68 24.37
N THR F 173 21.40 -22.98 23.91
CA THR F 173 20.31 -23.33 24.83
C THR F 173 19.40 -24.43 24.29
N TYR F 174 19.77 -25.08 23.17
CA TYR F 174 19.05 -26.23 22.64
C TYR F 174 20.02 -27.05 21.78
N ILE F 175 19.49 -27.99 21.01
CA ILE F 175 20.27 -28.87 20.14
C ILE F 175 20.00 -28.49 18.69
N GLY F 176 21.05 -28.46 17.88
CA GLY F 176 20.93 -28.15 16.48
C GLY F 176 22.02 -27.21 16.02
N ALA F 177 22.92 -26.88 16.93
CA ALA F 177 23.99 -25.93 16.64
C ALA F 177 25.09 -26.64 15.86
N MET F 178 25.09 -26.41 14.57
CA MET F 178 26.26 -26.69 13.78
C MET F 178 27.10 -25.42 13.64
N PRO F 179 28.42 -25.50 13.75
CA PRO F 179 29.24 -24.30 13.56
C PRO F 179 29.33 -23.94 12.09
N GLY F 180 30.05 -22.87 11.82
CA GLY F 180 30.31 -22.44 10.47
C GLY F 180 31.66 -22.89 9.97
N LYS F 181 32.06 -22.32 8.83
CA LYS F 181 33.28 -22.73 8.15
C LYS F 181 34.54 -22.31 8.88
N LEU F 182 34.43 -21.49 9.92
CA LEU F 182 35.60 -21.10 10.69
C LEU F 182 36.12 -22.26 11.54
N ILE F 183 35.24 -22.96 12.24
CA ILE F 183 35.71 -24.02 13.12
C ILE F 183 35.81 -25.31 12.32
N HIS F 184 35.09 -25.41 11.21
CA HIS F 184 35.40 -26.42 10.19
C HIS F 184 36.78 -26.17 9.60
N ALA F 185 37.13 -24.89 9.40
CA ALA F 185 38.40 -24.52 8.81
C ALA F 185 39.55 -24.84 9.74
N MET F 186 39.45 -24.38 10.96
CA MET F 186 40.48 -24.63 11.95
C MET F 186 40.03 -25.82 12.82
N LYS F 187 39.35 -26.78 12.19
CA LYS F 187 39.31 -28.15 12.64
C LYS F 187 40.13 -29.04 11.72
N GLN F 188 39.93 -28.87 10.40
CA GLN F 188 40.49 -29.73 9.36
C GLN F 188 41.82 -29.23 8.82
N VAL F 189 42.60 -28.56 9.66
CA VAL F 189 43.97 -28.15 9.37
C VAL F 189 44.79 -28.52 10.60
N GLY F 190 46.12 -28.50 10.47
CA GLY F 190 46.90 -29.07 11.53
C GLY F 190 48.04 -28.26 12.11
N VAL F 191 47.97 -26.94 12.04
CA VAL F 191 48.96 -26.08 12.67
C VAL F 191 48.29 -24.92 13.40
N ILE F 192 49.08 -24.30 14.29
CA ILE F 192 48.69 -23.07 14.98
C ILE F 192 48.35 -21.96 13.99
N ASN F 193 49.12 -21.86 12.92
CA ASN F 193 49.19 -20.67 12.08
C ASN F 193 48.76 -20.95 10.64
N PRO F 194 47.56 -21.49 10.43
CA PRO F 194 47.29 -22.20 9.18
C PRO F 194 47.02 -21.31 7.99
N VAL F 195 47.11 -21.93 6.83
CA VAL F 195 46.64 -21.31 5.60
C VAL F 195 45.21 -21.79 5.40
N ILE F 196 44.25 -20.93 5.73
CA ILE F 196 42.84 -21.29 5.69
C ILE F 196 42.25 -20.67 4.43
N LEU F 197 41.79 -21.50 3.51
CA LEU F 197 41.39 -20.99 2.20
C LEU F 197 39.93 -20.57 2.29
N LEU F 198 39.72 -19.37 2.82
CA LEU F 198 38.40 -18.79 3.03
C LEU F 198 37.80 -18.41 1.70
N ASP F 199 36.97 -19.31 1.14
CA ASP F 199 36.40 -19.10 -0.18
C ASP F 199 34.99 -18.55 -0.09
N GLU F 200 34.65 -17.70 -1.07
CA GLU F 200 33.33 -17.10 -1.26
C GLU F 200 32.89 -16.31 -0.03
N ILE F 201 33.69 -15.31 0.29
CA ILE F 201 33.41 -14.41 1.40
C ILE F 201 32.54 -13.26 0.93
N ASP F 202 32.56 -12.95 -0.38
CA ASP F 202 31.98 -11.76 -0.97
C ASP F 202 30.45 -11.76 -1.00
N LYS F 203 29.81 -12.91 -0.84
CA LYS F 203 28.36 -13.01 -1.06
C LYS F 203 27.56 -12.64 0.17
N MET F 204 28.10 -11.79 1.02
CA MET F 204 27.69 -11.71 2.42
C MET F 204 26.56 -10.70 2.59
N SER F 205 25.53 -11.10 3.32
CA SER F 205 24.48 -10.20 3.75
C SER F 205 24.17 -10.48 5.21
N SER F 206 23.73 -9.44 5.92
CA SER F 206 23.28 -9.56 7.29
C SER F 206 21.78 -9.86 7.23
N ASP F 207 21.43 -11.14 7.29
CA ASP F 207 20.06 -11.57 7.03
C ASP F 207 19.21 -11.71 8.28
N TRP F 208 19.73 -12.37 9.32
CA TRP F 208 18.97 -12.54 10.54
C TRP F 208 19.90 -12.63 11.74
N ARG F 209 19.33 -12.32 12.91
CA ARG F 209 20.02 -12.16 14.19
C ARG F 209 21.18 -11.16 14.08
N GLY F 210 20.80 -9.92 13.78
CA GLY F 210 21.79 -8.86 13.70
C GLY F 210 22.67 -8.99 12.48
N ASP F 211 23.97 -8.82 12.69
CA ASP F 211 24.94 -8.81 11.61
C ASP F 211 25.92 -9.98 11.69
N PRO F 212 25.77 -11.00 10.82
CA PRO F 212 26.83 -11.99 10.65
C PRO F 212 28.03 -11.49 9.86
N ALA F 213 28.00 -10.25 9.33
CA ALA F 213 29.20 -9.63 8.83
C ALA F 213 30.16 -9.29 9.97
N SER F 214 29.61 -8.95 11.14
CA SER F 214 30.42 -8.74 12.33
C SER F 214 31.09 -10.02 12.79
N ALA F 215 30.57 -11.18 12.38
CA ALA F 215 31.25 -12.44 12.67
C ALA F 215 32.56 -12.56 11.91
N MET F 216 32.61 -12.15 10.64
CA MET F 216 33.91 -12.14 9.96
C MET F 216 34.75 -10.96 10.39
N LEU F 217 34.12 -9.91 10.92
CA LEU F 217 34.91 -8.91 11.63
C LEU F 217 35.62 -9.53 12.82
N GLU F 218 34.90 -10.35 13.59
CA GLU F 218 35.48 -11.13 14.68
C GLU F 218 36.53 -12.13 14.20
N VAL F 219 36.43 -12.61 12.96
CA VAL F 219 37.56 -13.33 12.40
C VAL F 219 38.74 -12.40 12.19
N LEU F 220 38.44 -11.16 11.77
CA LEU F 220 39.40 -10.27 11.14
C LEU F 220 40.16 -9.38 12.12
N ASP F 221 39.47 -8.77 13.09
CA ASP F 221 40.06 -7.70 13.87
C ASP F 221 41.06 -8.25 14.90
N PRO F 222 41.98 -7.41 15.37
CA PRO F 222 42.82 -7.85 16.50
C PRO F 222 42.07 -8.09 17.80
N GLU F 223 40.98 -7.37 18.02
CA GLU F 223 40.37 -7.38 19.34
C GLU F 223 39.39 -8.54 19.52
N GLN F 224 38.60 -8.85 18.50
CA GLN F 224 37.58 -9.88 18.61
C GLN F 224 37.96 -11.19 17.94
N ASN F 225 39.24 -11.41 17.65
CA ASN F 225 39.66 -12.72 17.19
C ASN F 225 40.36 -13.52 18.29
N ASN F 226 40.95 -12.83 19.25
CA ASN F 226 41.33 -13.46 20.51
C ASN F 226 40.20 -13.39 21.52
N THR F 227 39.31 -12.41 21.39
CA THR F 227 38.03 -12.45 22.07
C THR F 227 36.97 -12.84 21.03
N PHE F 228 37.08 -14.09 20.57
CA PHE F 228 36.21 -14.51 19.48
C PHE F 228 34.84 -14.91 20.00
N THR F 229 33.94 -13.93 20.06
CA THR F 229 32.56 -14.17 20.47
C THR F 229 31.86 -14.97 19.38
N ASP F 230 31.43 -16.17 19.73
CA ASP F 230 30.81 -17.09 18.80
C ASP F 230 29.55 -17.61 19.45
N HIS F 231 28.56 -17.95 18.61
CA HIS F 231 27.37 -18.60 19.14
C HIS F 231 27.65 -20.04 19.52
N TYR F 232 28.43 -20.75 18.70
CA TYR F 232 28.80 -22.12 19.02
C TYR F 232 29.86 -22.20 20.11
N LEU F 233 30.73 -21.18 20.15
CA LEU F 233 31.82 -21.13 21.15
C LEU F 233 31.50 -20.02 22.14
N ASP F 234 31.01 -20.38 23.33
CA ASP F 234 30.58 -19.40 24.32
C ASP F 234 31.77 -18.62 24.87
N VAL F 235 32.74 -19.31 25.44
CA VAL F 235 34.00 -18.65 25.80
C VAL F 235 34.76 -18.30 24.52
N PRO F 236 35.39 -17.13 24.46
CA PRO F 236 36.10 -16.71 23.24
C PRO F 236 37.21 -17.64 22.78
N TYR F 237 37.23 -17.90 21.48
CA TYR F 237 38.37 -18.52 20.82
C TYR F 237 39.48 -17.50 20.65
N ASP F 238 40.73 -17.98 20.53
CA ASP F 238 41.80 -17.11 20.07
C ASP F 238 42.12 -17.45 18.62
N LEU F 239 41.95 -16.47 17.73
CA LEU F 239 42.53 -16.52 16.39
C LEU F 239 43.84 -15.74 16.39
N SER F 240 44.70 -16.09 17.34
CA SER F 240 45.80 -15.21 17.69
C SER F 240 46.95 -15.30 16.69
N LYS F 241 47.60 -16.46 16.63
CA LYS F 241 48.66 -16.67 15.65
C LYS F 241 48.12 -17.31 14.39
N VAL F 242 46.80 -17.48 14.30
CA VAL F 242 46.16 -17.99 13.10
C VAL F 242 46.43 -17.03 11.95
N PHE F 243 47.16 -17.51 10.95
CA PHE F 243 47.29 -16.75 9.72
C PHE F 243 45.96 -16.75 8.97
N PHE F 244 45.62 -15.60 8.41
CA PHE F 244 44.38 -15.44 7.67
C PHE F 244 44.73 -15.11 6.22
N ILE F 245 44.41 -16.01 5.32
CA ILE F 245 44.35 -15.70 3.90
C ILE F 245 42.88 -15.81 3.49
N THR F 246 42.45 -14.90 2.62
CA THR F 246 41.03 -14.78 2.32
C THR F 246 40.82 -14.64 0.82
N THR F 247 39.92 -15.44 0.28
CA THR F 247 39.60 -15.46 -1.13
C THR F 247 38.11 -15.19 -1.33
N ALA F 248 37.77 -13.94 -1.56
CA ALA F 248 36.42 -13.57 -1.94
C ALA F 248 36.36 -13.55 -3.47
N ASN F 249 35.22 -13.18 -4.01
CA ASN F 249 35.04 -13.22 -5.46
C ASN F 249 34.73 -11.86 -6.06
N THR F 250 33.95 -11.04 -5.37
CA THR F 250 33.62 -9.70 -5.83
C THR F 250 34.04 -8.69 -4.77
N LEU F 251 34.35 -7.47 -5.22
CA LEU F 251 34.87 -6.45 -4.34
C LEU F 251 33.81 -5.47 -3.87
N GLN F 252 32.77 -5.23 -4.67
CA GLN F 252 31.73 -4.28 -4.28
C GLN F 252 30.79 -4.86 -3.23
N THR F 253 30.71 -6.18 -3.11
CA THR F 253 29.73 -6.83 -2.25
C THR F 253 30.31 -7.22 -0.90
N ILE F 254 31.52 -6.80 -0.59
CA ILE F 254 32.14 -7.19 0.69
C ILE F 254 31.63 -6.24 1.78
N PRO F 255 31.40 -6.73 3.01
CA PRO F 255 30.93 -5.83 4.07
C PRO F 255 32.01 -4.84 4.52
N ARG F 256 31.55 -3.72 5.06
CA ARG F 256 32.45 -2.79 5.72
C ARG F 256 33.15 -3.35 6.97
N PRO F 257 32.49 -4.10 7.89
CA PRO F 257 33.29 -4.78 8.93
C PRO F 257 34.27 -5.80 8.37
N LEU F 258 34.02 -6.33 7.18
CA LEU F 258 35.06 -7.02 6.43
C LEU F 258 36.02 -6.06 5.74
N LEU F 259 35.56 -4.86 5.35
CA LEU F 259 36.48 -3.88 4.76
C LEU F 259 37.43 -3.26 5.77
N ASP F 260 37.22 -3.52 7.06
CA ASP F 260 38.21 -3.24 8.08
C ASP F 260 39.52 -3.95 7.76
N ARG F 261 40.61 -3.18 7.82
CA ARG F 261 41.99 -3.70 7.84
C ARG F 261 42.30 -4.52 6.57
N MET F 262 42.21 -3.85 5.43
CA MET F 262 42.44 -4.42 4.11
C MET F 262 43.69 -3.86 3.46
N GLU F 263 44.51 -4.76 2.92
CA GLU F 263 45.56 -4.43 1.97
C GLU F 263 45.29 -5.18 0.67
N VAL F 264 45.54 -4.54 -0.45
CA VAL F 264 45.08 -5.04 -1.74
C VAL F 264 46.13 -5.96 -2.34
N ILE F 265 45.70 -7.11 -2.84
CA ILE F 265 46.51 -8.00 -3.66
C ILE F 265 45.82 -8.15 -5.01
N GLU F 266 46.50 -7.74 -6.08
CA GLU F 266 45.90 -7.60 -7.40
C GLU F 266 45.67 -8.95 -8.07
N ILE F 267 44.86 -8.95 -9.13
CA ILE F 267 44.57 -10.13 -9.92
C ILE F 267 44.79 -9.79 -11.39
N PRO F 268 45.73 -10.44 -12.09
CA PRO F 268 45.99 -10.13 -13.50
C PRO F 268 45.25 -11.05 -14.47
N GLY F 269 45.33 -10.68 -15.75
CA GLY F 269 44.88 -11.51 -16.84
C GLY F 269 46.03 -11.82 -17.82
N TYR F 270 45.73 -12.65 -18.82
CA TYR F 270 46.80 -13.21 -19.64
C TYR F 270 46.38 -13.23 -21.12
N THR F 271 47.37 -13.14 -22.00
CA THR F 271 47.18 -13.17 -23.44
C THR F 271 46.98 -14.61 -23.93
N ASN F 272 46.77 -14.76 -25.24
CA ASN F 272 46.66 -16.10 -25.83
C ASN F 272 47.95 -16.89 -25.68
N MET F 273 49.09 -16.27 -25.97
CA MET F 273 50.38 -16.92 -25.77
C MET F 273 50.67 -17.14 -24.29
N GLU F 274 50.22 -16.23 -23.41
CA GLU F 274 50.46 -16.42 -21.99
C GLU F 274 49.55 -17.49 -21.40
N LYS F 275 48.27 -17.52 -21.81
CA LYS F 275 47.40 -18.61 -21.38
C LYS F 275 47.86 -19.94 -21.96
N GLN F 276 48.43 -19.92 -23.17
CA GLN F 276 49.01 -21.13 -23.76
C GLN F 276 50.19 -21.65 -22.96
N ALA F 277 51.13 -20.77 -22.61
CA ALA F 277 52.32 -21.17 -21.87
C ALA F 277 51.96 -21.62 -20.45
N ILE F 278 51.02 -20.93 -19.80
CA ILE F 278 50.64 -21.34 -18.45
C ILE F 278 49.76 -22.59 -18.48
N ALA F 279 48.95 -22.78 -19.53
CA ALA F 279 48.21 -24.03 -19.67
C ALA F 279 49.14 -25.20 -19.95
N ARG F 280 50.31 -24.93 -20.57
CA ARG F 280 51.34 -25.96 -20.60
C ARG F 280 51.96 -26.19 -19.23
N GLN F 281 52.35 -25.11 -18.55
CA GLN F 281 53.26 -25.20 -17.40
C GLN F 281 52.56 -25.32 -16.06
N TYR F 282 51.80 -24.30 -15.68
CA TYR F 282 51.39 -24.10 -14.29
C TYR F 282 50.00 -24.62 -13.96
N LEU F 283 49.24 -25.11 -14.94
CA LEU F 283 47.86 -25.51 -14.69
C LEU F 283 47.53 -26.93 -15.13
N TRP F 284 48.19 -27.44 -16.17
CA TRP F 284 48.02 -28.84 -16.57
C TRP F 284 48.36 -29.89 -15.51
N PRO F 285 49.43 -29.76 -14.68
CA PRO F 285 49.63 -30.76 -13.62
C PRO F 285 48.51 -30.86 -12.59
N LYS F 286 47.82 -29.76 -12.26
CA LYS F 286 46.73 -29.82 -11.29
C LYS F 286 45.58 -30.68 -11.80
N GLN F 287 45.22 -30.51 -13.08
CA GLN F 287 44.11 -31.27 -13.65
C GLN F 287 44.50 -32.72 -13.92
N VAL F 288 45.75 -32.99 -14.31
CA VAL F 288 46.13 -34.40 -14.47
C VAL F 288 46.49 -35.06 -13.14
N ARG F 289 46.63 -34.27 -12.06
CA ARG F 289 46.63 -34.86 -10.73
C ARG F 289 45.22 -35.22 -10.28
N GLU F 290 44.25 -34.36 -10.62
CA GLU F 290 42.86 -34.66 -10.28
C GLU F 290 42.35 -35.87 -11.05
N SER F 291 42.73 -36.01 -12.33
CA SER F 291 42.42 -37.26 -13.02
C SER F 291 43.33 -38.39 -12.58
N GLY F 292 44.57 -38.08 -12.20
CA GLY F 292 45.49 -39.07 -11.69
C GLY F 292 46.49 -39.63 -12.68
N MET F 293 46.73 -38.96 -13.80
CA MET F 293 47.72 -39.41 -14.79
C MET F 293 48.66 -38.27 -15.21
N GLU F 294 49.75 -38.14 -14.44
CA GLU F 294 50.77 -37.15 -14.74
C GLU F 294 51.60 -37.60 -15.95
N GLY F 295 51.43 -36.94 -17.08
CA GLY F 295 52.21 -37.20 -18.26
C GLY F 295 51.56 -38.13 -19.27
N ARG F 296 50.53 -38.88 -18.88
CA ARG F 296 49.83 -39.73 -19.83
C ARG F 296 49.01 -38.90 -20.81
N ILE F 297 48.46 -37.78 -20.33
CA ILE F 297 47.69 -36.89 -21.20
C ILE F 297 48.65 -35.99 -21.96
N GLU F 298 48.55 -36.01 -23.29
CA GLU F 298 49.27 -35.07 -24.13
C GLU F 298 48.26 -34.17 -24.82
N VAL F 299 48.39 -32.87 -24.60
CA VAL F 299 47.62 -31.86 -25.31
C VAL F 299 48.66 -30.97 -25.99
N THR F 300 48.77 -31.06 -27.31
CA THR F 300 49.80 -30.36 -28.05
C THR F 300 49.53 -28.85 -28.05
N ASP F 301 50.57 -28.09 -28.42
CA ASP F 301 50.46 -26.63 -28.45
C ASP F 301 49.42 -26.17 -29.45
N ALA F 302 49.31 -26.86 -30.60
CA ALA F 302 48.20 -26.63 -31.51
C ALA F 302 46.87 -26.97 -30.84
N ALA F 303 46.82 -28.08 -30.11
CA ALA F 303 45.60 -28.43 -29.39
C ALA F 303 45.36 -27.51 -28.19
N ILE F 304 46.43 -27.03 -27.56
CA ILE F 304 46.28 -26.08 -26.44
C ILE F 304 45.69 -24.77 -26.94
N LEU F 305 46.23 -24.24 -28.06
CA LEU F 305 45.66 -23.01 -28.62
C LEU F 305 44.27 -23.25 -29.21
N ARG F 306 44.01 -24.48 -29.68
CA ARG F 306 42.68 -24.83 -30.18
C ARG F 306 41.65 -24.81 -29.06
N VAL F 307 42.01 -25.28 -27.86
CA VAL F 307 41.12 -25.18 -26.72
C VAL F 307 41.01 -23.73 -26.25
N ILE F 308 42.13 -23.01 -26.20
CA ILE F 308 42.14 -21.71 -25.53
C ILE F 308 41.49 -20.63 -26.39
N SER F 309 41.91 -20.50 -27.65
CA SER F 309 41.38 -19.45 -28.52
C SER F 309 39.94 -19.72 -28.97
N GLU F 310 39.42 -20.92 -28.74
CA GLU F 310 38.03 -21.23 -29.08
C GLU F 310 37.14 -21.47 -27.86
N TYR F 311 37.70 -21.42 -26.64
CA TYR F 311 36.85 -21.71 -25.49
C TYR F 311 36.93 -20.65 -24.39
N THR F 312 38.08 -20.00 -24.20
CA THR F 312 38.27 -19.04 -23.12
C THR F 312 38.75 -17.70 -23.66
N ARG F 313 38.25 -16.62 -23.06
CA ARG F 313 38.68 -15.28 -23.46
C ARG F 313 39.03 -14.43 -22.24
N GLU F 314 38.39 -14.69 -21.11
CA GLU F 314 38.49 -13.77 -20.00
C GLU F 314 39.78 -13.97 -19.21
N ALA F 315 39.92 -13.14 -18.17
CA ALA F 315 41.20 -12.99 -17.47
C ALA F 315 41.53 -14.17 -16.57
N GLY F 316 40.54 -14.73 -15.87
CA GLY F 316 40.82 -15.75 -14.86
C GLY F 316 41.26 -17.07 -15.48
N VAL F 317 42.17 -17.73 -14.78
CA VAL F 317 42.69 -19.02 -15.24
C VAL F 317 42.22 -20.18 -14.38
N ARG F 318 41.53 -19.93 -13.25
CA ARG F 318 40.67 -20.96 -12.68
C ARG F 318 39.49 -21.24 -13.61
N GLY F 319 39.05 -20.23 -14.37
CA GLY F 319 38.15 -20.48 -15.47
C GLY F 319 38.77 -21.34 -16.55
N LEU F 320 40.08 -21.19 -16.78
CA LEU F 320 40.80 -22.05 -17.71
C LEU F 320 41.06 -23.45 -17.14
N GLU F 321 40.97 -23.61 -15.81
CA GLU F 321 41.20 -24.91 -15.19
C GLU F 321 40.14 -25.92 -15.60
N ARG F 322 38.89 -25.48 -15.79
CA ARG F 322 37.80 -26.40 -16.09
C ARG F 322 37.90 -26.98 -17.50
N GLU F 323 38.44 -26.20 -18.44
CA GLU F 323 38.53 -26.67 -19.83
C GLU F 323 39.52 -27.81 -19.97
N LEU F 324 40.61 -27.78 -19.20
CA LEU F 324 41.50 -28.92 -19.14
C LEU F 324 41.04 -29.97 -18.14
N GLY F 325 40.19 -29.57 -17.18
CA GLY F 325 39.64 -30.54 -16.24
C GLY F 325 38.67 -31.51 -16.88
N LYS F 326 37.82 -31.01 -17.79
CA LYS F 326 36.94 -31.92 -18.53
C LYS F 326 37.75 -32.79 -19.49
N ILE F 327 38.86 -32.27 -20.02
CA ILE F 327 39.77 -33.07 -20.86
C ILE F 327 40.38 -34.18 -20.03
N ALA F 328 40.79 -33.87 -18.80
CA ALA F 328 41.36 -34.87 -17.90
C ALA F 328 40.31 -35.89 -17.46
N ARG F 329 39.06 -35.46 -17.26
CA ARG F 329 37.99 -36.39 -16.89
C ARG F 329 37.67 -37.34 -18.04
N LYS F 330 37.63 -36.84 -19.28
CA LYS F 330 37.42 -37.72 -20.42
C LYS F 330 38.63 -38.60 -20.68
N GLY F 331 39.83 -38.13 -20.34
CA GLY F 331 41.01 -38.99 -20.41
C GLY F 331 40.95 -40.11 -19.39
N ALA F 332 40.46 -39.81 -18.18
CA ALA F 332 40.23 -40.86 -17.19
C ALA F 332 39.13 -41.83 -17.65
N LYS F 333 38.11 -41.31 -18.31
CA LYS F 333 37.04 -42.14 -18.86
C LYS F 333 37.57 -43.08 -19.94
N PHE F 334 38.45 -42.59 -20.80
CA PHE F 334 39.06 -43.44 -21.81
C PHE F 334 40.09 -44.39 -21.20
N TRP F 335 40.70 -43.99 -20.07
CA TRP F 335 41.72 -44.80 -19.43
C TRP F 335 41.13 -45.96 -18.64
N LEU F 336 39.95 -45.78 -18.04
CA LEU F 336 39.34 -46.86 -17.27
C LEU F 336 38.84 -47.98 -18.16
N GLU F 337 38.50 -47.68 -19.42
CA GLU F 337 38.10 -48.72 -20.37
C GLU F 337 39.27 -49.56 -20.85
N GLY F 338 40.51 -49.13 -20.60
CA GLY F 338 41.68 -49.86 -21.03
C GLY F 338 42.75 -48.93 -21.55
N ALA F 339 43.98 -49.13 -21.11
CA ALA F 339 45.10 -48.29 -21.55
C ALA F 339 45.77 -48.92 -22.76
N TRP F 340 45.11 -48.80 -23.91
CA TRP F 340 45.63 -49.37 -25.14
C TRP F 340 46.79 -48.56 -25.71
N GLU F 341 46.85 -47.25 -25.42
CA GLU F 341 47.93 -46.39 -25.87
C GLU F 341 48.52 -45.66 -24.68
N GLY F 342 49.86 -45.68 -24.59
CA GLY F 342 50.53 -44.85 -23.61
C GLY F 342 50.40 -43.38 -23.92
N LEU F 343 50.43 -43.03 -25.20
CA LEU F 343 50.17 -41.67 -25.66
C LEU F 343 49.10 -41.72 -26.75
N ARG F 344 48.18 -40.76 -26.71
CA ARG F 344 47.11 -40.65 -27.69
C ARG F 344 47.31 -39.34 -28.44
N THR F 345 47.53 -39.44 -29.75
CA THR F 345 47.78 -38.25 -30.57
C THR F 345 46.47 -37.50 -30.73
N ILE F 346 46.27 -36.49 -29.90
CA ILE F 346 45.08 -35.65 -30.03
C ILE F 346 45.34 -34.71 -31.20
N ASP F 347 44.86 -35.10 -32.37
CA ASP F 347 45.02 -34.33 -33.59
C ASP F 347 43.90 -33.29 -33.68
N ALA F 348 43.71 -32.72 -34.85
CA ALA F 348 42.58 -31.83 -35.08
C ALA F 348 41.27 -32.59 -35.28
N SER F 349 41.31 -33.92 -35.31
CA SER F 349 40.10 -34.70 -35.57
C SER F 349 39.24 -34.82 -34.32
N ASP F 350 39.83 -35.23 -33.21
CA ASP F 350 39.05 -35.60 -32.03
C ASP F 350 38.63 -34.41 -31.17
N ILE F 351 39.14 -33.22 -31.43
CA ILE F 351 38.78 -32.05 -30.64
C ILE F 351 37.37 -31.52 -30.97
N PRO F 352 36.92 -31.43 -32.24
CA PRO F 352 35.48 -31.14 -32.44
C PRO F 352 34.56 -32.28 -32.06
N THR F 353 35.09 -33.50 -31.88
CA THR F 353 34.28 -34.59 -31.35
C THR F 353 33.88 -34.33 -29.91
N TYR F 354 34.78 -33.75 -29.13
CA TYR F 354 34.49 -33.43 -27.73
C TYR F 354 33.82 -32.06 -27.67
N LEU F 355 32.66 -31.98 -27.01
CA LEU F 355 31.94 -30.68 -26.84
C LEU F 355 31.29 -30.22 -28.16
N GLY F 356 31.39 -31.01 -29.23
CA GLY F 356 30.76 -30.66 -30.49
C GLY F 356 31.32 -29.38 -31.08
N ILE F 357 30.45 -28.40 -31.27
CA ILE F 357 30.89 -27.09 -31.76
C ILE F 357 31.64 -26.38 -30.63
N PRO F 358 32.85 -25.89 -30.87
CA PRO F 358 33.55 -25.10 -29.86
C PRO F 358 32.84 -23.78 -29.58
N ARG F 359 33.10 -23.25 -28.40
CA ARG F 359 32.31 -22.13 -27.88
C ARG F 359 32.59 -20.83 -28.64
N TYR F 360 33.76 -20.72 -29.28
CA TYR F 360 34.08 -19.55 -30.09
C TYR F 360 34.31 -19.97 -31.54
N ARG F 361 33.70 -19.22 -32.46
CA ARG F 361 34.07 -19.28 -33.86
C ARG F 361 35.51 -18.78 -34.01
N PRO F 362 36.32 -19.39 -34.87
CA PRO F 362 37.67 -18.88 -35.13
C PRO F 362 37.65 -17.48 -35.73
N ASP F 363 38.81 -16.83 -35.63
CA ASP F 363 38.91 -15.38 -35.65
C ASP F 363 38.60 -14.80 -37.03
N LYS F 364 38.41 -13.48 -37.04
CA LYS F 364 38.11 -12.61 -38.18
C LYS F 364 36.77 -12.93 -38.84
N ALA F 365 35.88 -13.64 -38.15
CA ALA F 365 34.49 -13.77 -38.57
C ALA F 365 33.58 -12.81 -37.81
N GLU F 366 33.92 -12.51 -36.55
CA GLU F 366 33.36 -11.33 -35.91
C GLU F 366 34.03 -10.08 -36.45
N THR F 367 35.29 -10.19 -36.86
CA THR F 367 35.96 -9.13 -37.61
C THR F 367 35.85 -9.41 -39.11
N GLU F 368 34.61 -9.62 -39.55
CA GLU F 368 34.28 -9.53 -40.95
C GLU F 368 34.10 -8.06 -41.32
N PRO F 369 34.39 -7.68 -42.56
CA PRO F 369 34.20 -6.27 -42.94
C PRO F 369 32.72 -5.93 -43.04
N GLN F 370 32.21 -5.20 -42.05
CA GLN F 370 30.79 -4.94 -41.95
C GLN F 370 30.54 -3.47 -41.74
N VAL F 371 29.41 -2.99 -42.28
CA VAL F 371 28.97 -1.63 -42.05
C VAL F 371 28.48 -1.46 -40.62
N GLY F 372 27.68 -2.41 -40.13
CA GLY F 372 27.04 -2.31 -38.84
C GLY F 372 27.80 -2.86 -37.66
N THR F 373 28.99 -3.42 -37.87
CA THR F 373 29.73 -3.99 -36.75
C THR F 373 30.42 -2.89 -35.96
N ALA F 374 30.84 -3.26 -34.74
CA ALA F 374 31.70 -2.43 -33.91
C ALA F 374 32.80 -3.34 -33.38
N GLN F 375 33.87 -3.50 -34.16
CA GLN F 375 34.97 -4.36 -33.75
C GLN F 375 35.95 -3.51 -32.95
N GLY F 376 35.78 -3.50 -31.64
CA GLY F 376 36.63 -2.73 -30.76
C GLY F 376 36.79 -3.39 -29.42
N LEU F 377 37.16 -2.63 -28.40
CA LEU F 377 37.43 -3.17 -27.06
C LEU F 377 36.54 -2.47 -26.03
N ALA F 378 35.47 -3.12 -25.62
CA ALA F 378 34.63 -2.63 -24.54
C ALA F 378 35.15 -3.14 -23.20
N TRP F 379 34.49 -2.74 -22.12
CA TRP F 379 34.96 -3.06 -20.77
C TRP F 379 33.81 -3.64 -19.96
N THR F 380 34.03 -4.83 -19.40
CA THR F 380 33.13 -5.51 -18.48
C THR F 380 33.79 -5.63 -17.11
N PRO F 381 33.00 -5.75 -16.03
CA PRO F 381 33.61 -5.98 -14.71
C PRO F 381 34.38 -7.28 -14.59
N VAL F 382 34.05 -8.31 -15.37
CA VAL F 382 34.88 -9.51 -15.38
C VAL F 382 36.22 -9.23 -16.05
N GLY F 383 36.25 -8.32 -17.02
CA GLY F 383 37.49 -7.93 -17.64
C GLY F 383 37.23 -7.19 -18.93
N GLY F 384 38.32 -6.85 -19.61
CA GLY F 384 38.21 -6.25 -20.92
C GLY F 384 37.58 -7.23 -21.90
N THR F 385 36.77 -6.70 -22.82
CA THR F 385 35.99 -7.52 -23.72
C THR F 385 35.95 -6.87 -25.10
N LEU F 386 35.35 -7.60 -26.04
CA LEU F 386 34.99 -7.06 -27.34
C LEU F 386 33.50 -7.28 -27.56
N LEU F 387 32.81 -6.23 -28.00
CA LEU F 387 31.36 -6.26 -28.15
C LEU F 387 30.99 -5.54 -29.44
N THR F 388 30.09 -6.15 -30.21
CA THR F 388 29.62 -5.58 -31.46
C THR F 388 28.34 -4.80 -31.19
N ILE F 389 28.43 -3.48 -31.29
CA ILE F 389 27.27 -2.60 -31.13
C ILE F 389 26.56 -2.51 -32.46
N LYS F 390 25.29 -2.89 -32.48
CA LYS F 390 24.53 -2.86 -33.72
C LYS F 390 24.13 -1.43 -34.03
N VAL F 391 24.79 -0.82 -35.01
CA VAL F 391 24.46 0.52 -35.47
C VAL F 391 23.59 0.41 -36.71
N ALA F 392 22.46 1.11 -36.70
CA ALA F 392 21.60 1.23 -37.88
C ALA F 392 21.31 2.71 -38.03
N ALA F 393 22.22 3.42 -38.69
CA ALA F 393 22.05 4.85 -38.97
C ALA F 393 21.24 5.01 -40.26
N VAL F 394 19.97 4.62 -40.17
CA VAL F 394 19.07 4.64 -41.31
C VAL F 394 18.62 6.07 -41.59
N PRO F 395 18.36 6.42 -42.84
CA PRO F 395 17.82 7.76 -43.13
C PRO F 395 16.36 7.89 -42.71
N GLY F 396 16.12 8.62 -41.62
CA GLY F 396 14.77 8.83 -41.14
C GLY F 396 14.46 10.30 -40.93
N SER F 397 14.10 10.66 -39.70
CA SER F 397 13.89 12.06 -39.32
C SER F 397 14.93 12.53 -38.32
N GLY F 398 16.10 11.90 -38.33
CA GLY F 398 17.16 12.26 -37.41
C GLY F 398 16.94 11.84 -35.99
N LYS F 399 15.99 10.95 -35.75
CA LYS F 399 15.56 10.62 -34.40
C LYS F 399 16.52 9.61 -33.76
N LEU F 400 16.85 9.85 -32.49
CA LEU F 400 17.83 9.05 -31.76
C LEU F 400 17.09 7.93 -31.03
N SER F 401 17.15 6.73 -31.59
CA SER F 401 16.40 5.59 -31.09
C SER F 401 17.37 4.56 -30.53
N LEU F 402 17.25 4.26 -29.24
CA LEU F 402 18.19 3.40 -28.54
C LEU F 402 17.44 2.36 -27.71
N THR F 403 17.85 1.11 -27.82
CA THR F 403 17.26 0.00 -27.08
C THR F 403 18.35 -0.92 -26.58
N GLY F 404 18.01 -1.72 -25.56
CA GLY F 404 18.96 -2.65 -24.99
C GLY F 404 19.20 -2.50 -23.50
N GLN F 405 18.19 -2.01 -22.76
CA GLN F 405 18.30 -1.61 -21.35
C GLN F 405 19.42 -0.58 -21.18
N LEU F 406 19.40 0.43 -22.04
CA LEU F 406 20.54 1.33 -22.17
C LEU F 406 20.50 2.41 -21.10
N GLY F 407 21.66 2.64 -20.47
CA GLY F 407 21.78 3.66 -19.45
C GLY F 407 22.06 5.03 -20.02
N GLU F 408 22.15 6.01 -19.12
CA GLU F 408 22.35 7.39 -19.53
C GLU F 408 23.78 7.64 -20.00
N VAL F 409 24.72 6.82 -19.56
CA VAL F 409 26.09 6.90 -20.07
C VAL F 409 26.17 6.49 -21.52
N MET F 410 25.26 5.62 -21.98
CA MET F 410 25.21 5.29 -23.40
C MET F 410 24.80 6.49 -24.24
N LYS F 411 23.82 7.27 -23.77
CA LYS F 411 23.47 8.50 -24.45
C LYS F 411 24.59 9.53 -24.36
N GLU F 412 25.25 9.61 -23.20
CA GLU F 412 26.34 10.54 -23.00
C GLU F 412 27.54 10.24 -23.89
N SER F 413 27.75 8.96 -24.21
CA SER F 413 28.72 8.58 -25.23
C SER F 413 28.19 8.86 -26.63
N ALA F 414 26.92 8.54 -26.87
CA ALA F 414 26.37 8.49 -28.22
C ALA F 414 26.23 9.88 -28.81
N GLN F 415 25.64 10.80 -28.06
CA GLN F 415 25.54 12.17 -28.54
C GLN F 415 26.89 12.87 -28.58
N ALA F 416 27.85 12.45 -27.75
CA ALA F 416 29.20 13.00 -27.85
C ALA F 416 29.86 12.59 -29.16
N ALA F 417 29.79 11.31 -29.51
CA ALA F 417 30.36 10.84 -30.76
C ALA F 417 29.58 11.39 -31.96
N LEU F 418 28.26 11.51 -31.81
CA LEU F 418 27.42 12.09 -32.85
C LEU F 418 27.78 13.54 -33.08
N THR F 419 28.05 14.29 -32.02
CA THR F 419 28.37 15.69 -32.19
C THR F 419 29.81 15.86 -32.64
N TYR F 420 30.67 14.89 -32.36
CA TYR F 420 31.98 14.89 -33.01
C TYR F 420 31.84 14.71 -34.51
N LEU F 421 30.97 13.80 -34.93
CA LEU F 421 30.75 13.63 -36.36
C LEU F 421 29.96 14.78 -36.96
N ARG F 422 29.22 15.51 -36.14
CA ARG F 422 28.72 16.82 -36.54
C ARG F 422 29.87 17.77 -36.81
N ALA F 423 30.89 17.75 -35.94
CA ALA F 423 32.08 18.57 -36.11
C ALA F 423 33.08 17.97 -37.09
N HIS F 424 32.92 16.70 -37.46
CA HIS F 424 33.79 16.07 -38.45
C HIS F 424 32.89 15.32 -39.43
N THR F 425 32.43 16.03 -40.47
CA THR F 425 31.46 15.48 -41.40
C THR F 425 31.98 15.41 -42.83
N GLN F 426 32.48 16.52 -43.37
CA GLN F 426 32.68 16.65 -44.81
C GLN F 426 33.98 16.03 -45.31
N ASP F 427 34.75 15.37 -44.44
CA ASP F 427 36.00 14.75 -44.87
C ASP F 427 35.75 13.54 -45.76
N TYR F 428 34.60 12.89 -45.62
CA TYR F 428 34.35 11.62 -46.29
C TYR F 428 33.17 11.70 -47.26
N GLY F 429 32.82 12.91 -47.71
CA GLY F 429 31.70 13.06 -48.60
C GLY F 429 30.34 12.93 -47.96
N LEU F 430 30.27 12.98 -46.63
CA LEU F 430 28.99 12.92 -45.94
C LEU F 430 28.20 14.20 -46.20
N PRO F 431 26.87 14.14 -46.22
CA PRO F 431 26.07 15.33 -46.52
C PRO F 431 26.10 16.35 -45.40
N GLU F 432 25.60 17.54 -45.72
CA GLU F 432 25.77 18.71 -44.85
C GLU F 432 25.00 18.58 -43.55
N ASP F 433 23.89 17.83 -43.55
CA ASP F 433 23.09 17.63 -42.35
C ASP F 433 22.62 16.18 -42.27
N PHE F 434 22.90 15.54 -41.14
CA PHE F 434 22.50 14.15 -40.94
C PHE F 434 21.68 13.96 -39.67
N TYR F 435 21.99 14.69 -38.61
CA TYR F 435 21.32 14.53 -37.32
C TYR F 435 19.88 14.98 -37.35
N ASN F 436 19.49 15.73 -38.37
CA ASN F 436 18.10 16.06 -38.63
C ASN F 436 17.39 15.05 -39.51
N LYS F 437 18.13 14.14 -40.16
CA LYS F 437 17.48 13.24 -41.14
C LYS F 437 17.88 11.77 -40.94
N VAL F 438 19.02 11.49 -40.32
CA VAL F 438 19.48 10.11 -40.19
C VAL F 438 18.98 9.59 -38.85
N ASP F 439 18.00 8.69 -38.89
CA ASP F 439 17.51 8.08 -37.67
C ASP F 439 18.54 7.09 -37.15
N LEU F 440 19.09 7.38 -35.98
CA LEU F 440 20.07 6.50 -35.36
C LEU F 440 19.34 5.40 -34.61
N HIS F 441 19.48 4.17 -35.10
CA HIS F 441 19.05 2.99 -34.37
C HIS F 441 20.31 2.24 -33.98
N VAL F 442 20.90 2.68 -32.88
CA VAL F 442 22.09 2.05 -32.32
C VAL F 442 21.66 1.17 -31.17
N HIS F 443 22.14 -0.07 -31.17
CA HIS F 443 21.77 -1.03 -30.16
C HIS F 443 23.03 -1.61 -29.54
N VAL F 444 23.35 -1.17 -28.33
CA VAL F 444 24.30 -1.94 -27.53
C VAL F 444 23.63 -3.24 -27.11
N PRO F 445 24.23 -4.39 -27.39
CA PRO F 445 23.63 -5.67 -26.95
C PRO F 445 23.53 -5.81 -25.45
N ASP F 446 24.42 -5.19 -24.69
CA ASP F 446 24.38 -5.23 -23.24
C ASP F 446 23.60 -4.02 -22.71
N GLY F 447 23.46 -3.96 -21.39
CA GLY F 447 22.76 -2.85 -20.77
C GLY F 447 23.53 -1.55 -20.81
N ALA F 448 24.63 -1.46 -20.07
CA ALA F 448 25.45 -0.26 -20.03
C ALA F 448 26.85 -0.63 -19.58
N THR F 449 27.79 0.31 -19.79
CA THR F 449 29.15 0.03 -19.38
C THR F 449 29.58 0.97 -18.26
N PRO F 450 30.20 0.44 -17.20
CA PRO F 450 30.68 1.32 -16.12
C PRO F 450 31.95 2.08 -16.45
N LYS F 451 32.56 1.84 -17.61
CA LYS F 451 33.67 2.66 -18.05
C LYS F 451 33.17 4.07 -18.34
N ASP F 452 33.99 5.07 -17.96
CA ASP F 452 33.53 6.44 -17.70
C ASP F 452 32.98 7.09 -18.95
N GLY F 453 31.68 7.41 -18.91
CA GLY F 453 30.98 7.87 -20.09
C GLY F 453 30.91 6.77 -21.11
N PRO F 454 31.68 6.93 -22.19
CA PRO F 454 31.87 5.82 -23.13
C PRO F 454 32.65 4.68 -22.51
N SER F 455 32.40 3.47 -23.03
CA SER F 455 33.33 2.38 -22.78
C SER F 455 34.56 2.53 -23.66
N ALA F 456 34.35 2.47 -24.97
CA ALA F 456 35.33 2.85 -25.97
C ALA F 456 34.52 3.66 -26.97
N GLY F 457 34.48 4.98 -26.78
CA GLY F 457 33.71 5.84 -27.67
C GLY F 457 34.21 5.85 -29.09
N ILE F 458 35.49 5.50 -29.29
CA ILE F 458 36.01 5.37 -30.64
C ILE F 458 35.61 4.05 -31.29
N THR F 459 35.25 3.03 -30.51
CA THR F 459 34.69 1.81 -31.09
C THR F 459 33.31 2.08 -31.71
N MET F 460 32.42 2.70 -30.93
CA MET F 460 31.13 3.08 -31.48
C MET F 460 31.26 4.21 -32.50
N ALA F 461 32.30 5.04 -32.39
CA ALA F 461 32.53 6.07 -33.39
C ALA F 461 32.94 5.46 -34.73
N THR F 462 33.77 4.41 -34.70
CA THR F 462 34.10 3.70 -35.93
C THR F 462 32.89 2.97 -36.49
N ALA F 463 32.03 2.43 -35.60
CA ALA F 463 30.80 1.79 -36.04
C ALA F 463 29.85 2.78 -36.73
N ILE F 464 29.68 3.95 -36.12
CA ILE F 464 28.79 4.97 -36.66
C ILE F 464 29.38 5.61 -37.90
N ALA F 465 30.71 5.74 -37.97
CA ALA F 465 31.33 6.27 -39.18
C ALA F 465 31.24 5.27 -40.33
N SER F 466 31.33 3.97 -40.02
CA SER F 466 31.06 2.94 -41.02
C SER F 466 29.61 2.99 -41.48
N ALA F 467 28.69 3.21 -40.53
CA ALA F 467 27.27 3.31 -40.84
C ALA F 467 26.95 4.52 -41.71
N LEU F 468 27.57 5.66 -41.40
CA LEU F 468 27.36 6.88 -42.18
C LEU F 468 28.03 6.79 -43.54
N SER F 469 29.19 6.13 -43.60
CA SER F 469 29.86 5.91 -44.87
C SER F 469 29.21 4.81 -45.70
N ARG F 470 28.38 3.97 -45.06
CA ARG F 470 27.83 2.72 -45.63
C ARG F 470 28.95 1.79 -46.11
N ARG F 471 30.07 1.75 -45.40
CA ARG F 471 31.23 1.02 -45.89
C ARG F 471 31.67 -0.05 -44.89
N PRO F 472 32.20 -1.18 -45.38
CA PRO F 472 32.60 -2.27 -44.49
C PRO F 472 33.86 -1.96 -43.70
N ALA F 473 34.05 -2.73 -42.63
CA ALA F 473 35.11 -2.53 -41.64
C ALA F 473 36.45 -3.11 -42.06
N ARG F 474 37.39 -3.18 -41.11
CA ARG F 474 38.79 -3.55 -41.38
C ARG F 474 39.17 -4.86 -40.66
N MET F 475 40.46 -5.20 -40.76
CA MET F 475 41.02 -6.47 -40.32
C MET F 475 41.97 -6.28 -39.13
N ASP F 476 41.94 -7.25 -38.22
CA ASP F 476 42.93 -7.45 -37.14
C ASP F 476 43.03 -6.27 -36.19
N ILE F 477 41.98 -5.47 -36.07
CA ILE F 477 42.04 -4.26 -35.26
C ILE F 477 40.81 -4.16 -34.38
N ALA F 478 41.03 -3.89 -33.11
CA ALA F 478 39.98 -3.60 -32.15
C ALA F 478 40.44 -2.41 -31.32
N MET F 479 39.71 -1.31 -31.41
CA MET F 479 40.15 -0.04 -30.85
C MET F 479 39.48 0.25 -29.52
N THR F 480 40.11 1.09 -28.72
CA THR F 480 39.62 1.42 -27.40
C THR F 480 40.00 2.85 -27.03
N GLY F 481 39.08 3.54 -26.38
CA GLY F 481 39.26 4.94 -26.03
C GLY F 481 37.96 5.70 -26.05
N GLU F 482 37.76 6.59 -25.09
CA GLU F 482 36.50 7.32 -25.02
C GLU F 482 36.61 8.62 -25.83
N VAL F 483 35.48 9.28 -26.01
CA VAL F 483 35.34 10.41 -26.92
C VAL F 483 35.16 11.70 -26.14
N SER F 484 35.82 12.76 -26.59
CA SER F 484 35.61 14.11 -26.09
C SER F 484 34.73 14.91 -27.04
N LEU F 485 34.09 15.95 -26.49
CA LEU F 485 33.40 16.91 -27.33
C LEU F 485 34.36 17.78 -28.12
N ARG F 486 35.62 17.86 -27.70
CA ARG F 486 36.64 18.62 -28.41
C ARG F 486 37.36 17.79 -29.46
N GLY F 487 36.88 16.58 -29.73
CA GLY F 487 37.48 15.74 -30.74
C GLY F 487 38.69 14.98 -30.27
N LYS F 488 38.92 14.91 -28.97
CA LYS F 488 40.09 14.25 -28.42
C LYS F 488 39.69 12.86 -27.92
N VAL F 489 40.65 11.96 -27.89
CA VAL F 489 40.47 10.68 -27.21
C VAL F 489 41.25 10.83 -25.91
N MET F 490 40.55 11.08 -24.82
CA MET F 490 41.24 11.24 -23.54
C MET F 490 41.83 9.92 -23.09
N PRO F 491 42.94 9.96 -22.35
CA PRO F 491 43.57 8.73 -21.87
C PRO F 491 42.67 7.98 -20.89
N ILE F 492 42.57 6.68 -21.13
CA ILE F 492 41.68 5.82 -20.37
C ILE F 492 42.50 4.93 -19.47
N GLY F 493 41.92 4.54 -18.35
CA GLY F 493 42.57 3.60 -17.46
C GLY F 493 42.17 2.17 -17.74
N GLY F 494 42.99 1.25 -17.23
CA GLY F 494 42.75 -0.17 -17.44
C GLY F 494 42.91 -0.61 -18.87
N VAL F 495 43.94 -0.10 -19.57
CA VAL F 495 44.17 -0.46 -20.96
C VAL F 495 44.72 -1.87 -21.10
N LYS F 496 45.25 -2.43 -20.00
CA LYS F 496 45.76 -3.80 -20.00
C LYS F 496 44.66 -4.79 -20.33
N GLU F 497 43.48 -4.63 -19.73
CA GLU F 497 42.40 -5.58 -19.96
C GLU F 497 41.87 -5.53 -21.38
N LYS F 498 41.82 -4.33 -21.98
CA LYS F 498 41.45 -4.20 -23.38
C LYS F 498 42.48 -4.87 -24.28
N LEU F 499 43.78 -4.69 -23.97
CA LEU F 499 44.83 -5.31 -24.77
C LEU F 499 44.78 -6.83 -24.65
N LEU F 500 44.49 -7.34 -23.45
CA LEU F 500 44.33 -8.78 -23.24
C LEU F 500 43.12 -9.31 -24.00
N ALA F 501 42.03 -8.52 -24.05
CA ALA F 501 40.85 -8.92 -24.80
C ALA F 501 41.13 -9.01 -26.29
N ALA F 502 41.90 -8.06 -26.83
CA ALA F 502 42.21 -8.10 -28.25
C ALA F 502 43.19 -9.22 -28.59
N HIS F 503 44.17 -9.46 -27.71
CA HIS F 503 45.08 -10.59 -27.90
C HIS F 503 44.33 -11.91 -27.82
N GLN F 504 43.37 -12.02 -26.90
CA GLN F 504 42.52 -13.20 -26.81
C GLN F 504 41.58 -13.34 -28.00
N ALA F 505 41.32 -12.26 -28.72
CA ALA F 505 40.52 -12.31 -29.94
C ALA F 505 41.37 -12.57 -31.18
N GLY F 506 42.68 -12.75 -31.03
CA GLY F 506 43.56 -12.86 -32.18
C GLY F 506 43.84 -11.56 -32.86
N ILE F 507 43.43 -10.45 -32.26
CA ILE F 507 43.53 -9.12 -32.85
C ILE F 507 44.81 -8.46 -32.37
N HIS F 508 45.64 -8.02 -33.31
CA HIS F 508 46.96 -7.54 -32.99
C HIS F 508 47.17 -6.05 -33.26
N LYS F 509 46.12 -5.31 -33.58
CA LYS F 509 46.22 -3.86 -33.74
C LYS F 509 45.29 -3.19 -32.74
N ILE F 510 45.87 -2.39 -31.83
CA ILE F 510 45.13 -1.71 -30.77
C ILE F 510 45.65 -0.29 -30.70
N VAL F 511 44.80 0.68 -30.97
CA VAL F 511 45.20 2.07 -30.77
C VAL F 511 44.94 2.48 -29.33
N LEU F 512 45.65 3.51 -28.88
CA LEU F 512 45.55 4.00 -27.52
C LEU F 512 45.88 5.49 -27.50
N PRO F 513 45.38 6.24 -26.53
CA PRO F 513 45.81 7.64 -26.36
C PRO F 513 47.28 7.74 -25.97
N LYS F 514 47.80 8.97 -26.03
CA LYS F 514 49.24 9.18 -25.92
C LYS F 514 49.73 8.95 -24.49
N ASP F 515 48.95 9.33 -23.49
CA ASP F 515 49.31 8.93 -22.13
C ASP F 515 49.04 7.45 -21.90
N ASN F 516 48.14 6.84 -22.68
CA ASN F 516 48.11 5.38 -22.68
C ASN F 516 49.26 4.79 -23.50
N GLU F 517 49.84 5.54 -24.43
CA GLU F 517 51.13 5.12 -24.97
C GLU F 517 52.26 5.28 -23.95
N ALA F 518 52.08 6.12 -22.94
CA ALA F 518 52.96 6.07 -21.79
C ALA F 518 52.61 4.91 -20.86
N GLN F 519 51.33 4.53 -20.82
CA GLN F 519 50.93 3.34 -20.08
C GLN F 519 51.47 2.07 -20.70
N LEU F 520 51.77 2.11 -22.01
CA LEU F 520 52.60 1.08 -22.65
C LEU F 520 53.90 0.87 -21.90
N GLU F 521 54.59 1.96 -21.56
CA GLU F 521 55.79 1.83 -20.75
C GLU F 521 55.46 1.53 -19.29
N GLU F 522 54.25 1.85 -18.83
CA GLU F 522 53.83 1.37 -17.52
C GLU F 522 53.56 -0.13 -17.53
N LEU F 523 52.94 -0.63 -18.59
CA LEU F 523 52.52 -2.02 -18.61
C LEU F 523 53.72 -2.94 -18.82
N PRO F 524 53.71 -4.13 -18.23
CA PRO F 524 54.79 -5.10 -18.49
C PRO F 524 54.76 -5.60 -19.93
N LYS F 525 55.95 -5.93 -20.43
CA LYS F 525 56.13 -6.22 -21.85
C LYS F 525 55.96 -7.69 -22.18
N GLU F 526 55.76 -8.56 -21.19
CA GLU F 526 55.46 -9.96 -21.48
C GLU F 526 54.07 -10.10 -22.10
N VAL F 527 53.13 -9.25 -21.67
CA VAL F 527 51.81 -9.20 -22.29
C VAL F 527 51.90 -8.65 -23.70
N LEU F 528 52.67 -7.57 -23.88
CA LEU F 528 52.60 -6.70 -25.05
C LEU F 528 53.38 -7.21 -26.26
N GLU F 529 53.92 -8.43 -26.21
CA GLU F 529 54.77 -8.91 -27.30
C GLU F 529 53.96 -9.27 -28.54
N GLY F 530 52.77 -9.83 -28.37
CA GLY F 530 52.02 -10.34 -29.50
C GLY F 530 51.23 -9.32 -30.30
N LEU F 531 51.27 -8.04 -29.93
CA LEU F 531 50.41 -7.03 -30.52
C LEU F 531 51.23 -5.89 -31.12
N GLU F 532 50.55 -5.10 -31.96
CA GLU F 532 51.09 -3.88 -32.54
C GLU F 532 50.15 -2.74 -32.18
N ILE F 533 50.71 -1.57 -31.85
CA ILE F 533 49.94 -0.47 -31.28
C ILE F 533 50.27 0.83 -32.00
N LYS F 534 49.24 1.54 -32.44
CA LYS F 534 49.37 2.78 -33.19
C LYS F 534 49.21 4.00 -32.29
N LEU F 535 49.63 5.15 -32.81
CA LEU F 535 49.71 6.41 -32.06
C LEU F 535 48.51 7.28 -32.44
N VAL F 536 47.52 7.36 -31.56
CA VAL F 536 46.37 8.23 -31.77
C VAL F 536 46.16 9.08 -30.52
N GLU F 537 45.57 10.26 -30.73
CA GLU F 537 45.02 11.04 -29.63
C GLU F 537 43.66 11.65 -29.96
N ASP F 538 43.32 11.84 -31.22
CA ASP F 538 42.04 12.40 -31.62
C ASP F 538 41.14 11.33 -32.21
N VAL F 539 39.83 11.62 -32.20
CA VAL F 539 38.83 10.63 -32.59
C VAL F 539 38.86 10.38 -34.10
N GLY F 540 39.25 11.38 -34.89
CA GLY F 540 39.34 11.18 -36.33
C GLY F 540 40.55 10.38 -36.78
N GLU F 541 41.51 10.14 -35.88
CA GLU F 541 42.67 9.32 -36.23
C GLU F 541 42.29 7.86 -36.39
N VAL F 542 41.30 7.40 -35.61
CA VAL F 542 40.96 5.98 -35.58
C VAL F 542 39.84 5.61 -36.53
N LEU F 543 39.15 6.59 -37.12
CA LEU F 543 38.00 6.28 -37.96
C LEU F 543 38.44 5.70 -39.31
N GLU F 544 39.66 6.03 -39.74
CA GLU F 544 40.24 5.39 -40.91
C GLU F 544 40.60 3.93 -40.64
N TYR F 545 40.72 3.55 -39.38
CA TYR F 545 41.28 2.26 -39.00
C TYR F 545 40.25 1.14 -38.88
N LEU F 546 38.98 1.40 -39.16
CA LEU F 546 37.97 0.35 -39.22
C LEU F 546 37.09 0.53 -40.45
N LEU F 547 37.72 0.71 -41.61
CA LEU F 547 36.97 0.83 -42.85
C LEU F 547 37.74 0.20 -43.99
N LEU F 548 37.09 -0.72 -44.70
CA LEU F 548 37.72 -1.36 -45.86
C LEU F 548 38.07 -0.37 -46.97
N PRO F 549 37.21 0.59 -47.39
CA PRO F 549 37.74 1.65 -48.25
C PRO F 549 38.16 2.88 -47.47
N GLU F 550 38.99 3.72 -48.07
CA GLU F 550 39.37 4.97 -47.43
C GLU F 550 38.23 6.01 -47.37
N PRO F 551 37.28 6.06 -48.34
CA PRO F 551 36.14 6.97 -48.25
C PRO F 551 35.14 6.47 -47.20
PB ADP G . -31.11 5.97 -22.73
O1B ADP G . -31.31 6.27 -24.18
O2B ADP G . -30.88 4.53 -22.39
O3B ADP G . -30.18 6.92 -22.02
PA ADP G . -32.99 5.60 -20.76
O1A ADP G . -33.43 4.18 -21.03
O2A ADP G . -31.89 5.86 -19.75
O3A ADP G . -32.56 6.28 -22.13
O5' ADP G . -34.28 6.48 -20.37
C5' ADP G . -35.05 7.10 -21.39
C4' ADP G . -36.51 6.76 -21.14
O4' ADP G . -37.36 6.96 -22.27
C3' ADP G . -36.65 5.29 -20.80
O3' ADP G . -36.73 5.14 -19.38
C2' ADP G . -37.93 4.85 -21.46
O2' ADP G . -38.83 4.32 -20.48
C1' ADP G . -38.50 6.13 -22.03
N9 ADP G . -39.36 5.85 -23.21
C8 ADP G . -40.70 5.98 -23.20
N7 ADP G . -41.25 5.65 -24.39
C5 ADP G . -40.24 5.28 -25.20
C6 ADP G . -40.14 4.81 -26.60
N6 ADP G . -41.24 4.67 -27.37
N1 ADP G . -38.90 4.51 -27.06
C2 ADP G . -37.81 4.65 -26.29
N3 ADP G . -37.84 5.07 -25.02
C4 ADP G . -39.00 5.40 -24.42
PB ADP H . -23.69 28.77 4.86
O1B ADP H . -25.09 28.21 4.85
O2B ADP H . -22.92 28.37 6.10
O3B ADP H . -22.91 28.61 3.59
PA ADP H . -23.24 31.16 6.22
O1A ADP H . -23.91 30.67 7.48
O2A ADP H . -21.75 31.06 6.09
O3A ADP H . -23.88 30.36 4.97
O5' ADP H . -23.62 32.72 6.02
C5' ADP H . -24.92 33.15 5.62
C4' ADP H . -25.75 33.54 6.84
O4' ADP H . -26.55 34.69 6.55
C3' ADP H . -26.71 32.42 7.17
O3' ADP H . -26.32 31.79 8.40
C2' ADP H . -28.07 33.05 7.31
O2' ADP H . -28.62 32.79 8.60
C1' ADP H . -27.85 34.54 7.13
N9 ADP H . -28.89 35.04 6.22
C8 ADP H . -30.00 35.73 6.54
N7 ADP H . -30.74 36.02 5.45
C5 ADP H . -30.10 35.50 4.39
C6 ADP H . -30.33 35.44 2.93
N6 ADP H . -31.42 36.01 2.37
N1 ADP H . -29.41 34.80 2.19
C2 ADP H . -28.32 34.23 2.73
N3 ADP H . -28.05 34.25 4.03
C4 ADP H . -28.89 34.86 4.90
PB ADP I . 10.81 33.83 17.44
O1B ADP I . 10.27 34.10 16.06
O2B ADP I . 10.56 34.93 18.44
O3B ADP I . 10.44 32.45 17.94
PA ADP I . 13.30 34.91 16.65
O1A ADP I . 12.73 35.35 15.33
O2A ADP I . 14.75 34.51 16.70
O3A ADP I . 12.40 33.72 17.24
O5' ADP I . 13.13 36.12 17.68
C5' ADP I . 14.28 36.76 18.21
C4' ADP I . 14.03 37.22 19.64
O4' ADP I . 14.09 38.64 19.78
C3' ADP I . 12.65 36.84 20.15
O3' ADP I . 12.63 35.51 20.66
C2' ADP I . 12.41 37.85 21.23
O2' ADP I . 12.69 37.23 22.49
C1' ADP I . 13.42 38.96 21.01
N9 ADP I . 12.74 40.28 21.04
C8 ADP I . 12.14 40.81 22.12
N7 ADP I . 11.59 42.03 21.85
C5 ADP I . 11.84 42.30 20.57
C6 ADP I . 11.55 43.41 19.64
N6 ADP I . 10.87 44.51 20.05
N1 ADP I . 11.99 43.29 18.38
C2 ADP I . 12.68 42.23 17.97
N3 ADP I . 12.97 41.18 18.74
C4 ADP I . 12.59 41.15 20.03
PB ADP J . 38.15 13.39 7.49
O1B ADP J . 37.24 12.44 6.75
O2B ADP J . 38.51 14.65 6.77
O3B ADP J . 37.76 13.56 8.94
PA ADP J . 40.12 11.99 8.89
O1A ADP J . 39.25 10.81 9.25
O2A ADP J . 40.38 13.03 9.96
O3A ADP J . 39.55 12.61 7.52
O5' ADP J . 41.54 11.41 8.43
C5' ADP J . 42.59 12.24 7.98
C4' ADP J . 43.83 11.81 8.73
O4' ADP J . 44.87 12.79 8.71
C3' ADP J . 43.50 11.60 10.20
O3' ADP J . 43.23 10.23 10.46
C2' ADP J . 44.72 12.07 10.96
O2' ADP J . 45.33 10.95 11.60
C1' ADP J . 45.64 12.67 9.91
N9 ADP J . 46.08 14.00 10.37
C8 ADP J . 46.07 14.44 11.63
N7 ADP J . 46.52 15.70 11.74
C5 ADP J . 46.85 16.11 10.51
C6 ADP J . 47.40 17.35 9.92
N6 ADP J . 47.70 18.42 10.68
N1 ADP J . 47.59 17.34 8.58
C2 ADP J . 47.28 16.28 7.82
N3 ADP J . 46.79 15.12 8.29
C4 ADP J . 46.56 14.98 9.61
#